data_5O7Z
#
_entry.id   5O7Z
#
_cell.length_a   173.750
_cell.length_b   173.750
_cell.length_c   272.090
_cell.angle_alpha   90.000
_cell.angle_beta   90.000
_cell.angle_gamma   90.000
#
_symmetry.space_group_name_H-M   'P 43 21 2'
#
loop_
_entity.id
_entity.type
_entity.pdbx_description
1 polymer 'Intracellular exo-alpha-(1->5)-L-arabinofuranosidase'
2 non-polymer '1,4-DIETHYLENE DIOXIDE'
3 water water
#
_entity_poly.entity_id   1
_entity_poly.type   'polypeptide(L)'
_entity_poly.pdbx_seq_one_letter_code
;KKARMTVDKDYKIAEIDKRIYGSFVEHLGRAVYDGLYQPGNSKSDEDGFRKDVIELVKELNVPIIAYPGGNFVSNYFWED
GVGPVEDRPRRLDLAWKSIEPNQVGINEFAKWCKKVNAEIMMAVNLGTRGISDACNLLEYCNHPGGSKYSDMRIKHGVKE
PHNIKVWCLGNEMDGPWQVGHKTMDEYGRIAEETARAMKMIDPSIELVACGSSSKDMPTFPQWEATVLDYAYDYVDYISL
HQYYGNKENDTADFLAKSDDLDDFIRSVIATCDYIKAKKRSKKDIYLSFDEWNVWYHSNNEDANIMQNEPWRIAPPLLED
IYTFEDALLVGLMLITLMKHADRIKIACLAQLINVIAPIVTERNGGAAWRQTIFYPFMHASKYGRGIVLQPVINSPLHDT
SKHEDVTDIESVAIYNEEKEEVTIFAVNRNIHEDIVLVSDVRGMKDYRLLEHIVLEHQDLKIRNSVNGEEVYPKNSDKSS
FDDGILTSMLRRASWNVIRIG
;
_entity_poly.pdbx_strand_id   A,B,C,D,E,F
#
loop_
_chem_comp.id
_chem_comp.type
_chem_comp.name
_chem_comp.formula
DIO non-polymer '1,4-DIETHYLENE DIOXIDE' 'C4 H8 O2'
#
# COMPACT_ATOMS: atom_id res chain seq x y z
N LYS A 1 23.08 -51.53 -13.04
CA LYS A 1 24.15 -52.00 -13.94
C LYS A 1 23.97 -51.53 -15.39
N LYS A 2 22.74 -51.45 -15.87
CA LYS A 2 22.49 -51.05 -17.25
C LYS A 2 22.04 -49.60 -17.40
N ALA A 3 22.85 -48.79 -18.10
CA ALA A 3 22.47 -47.41 -18.39
C ALA A 3 22.24 -47.19 -19.88
N ARG A 4 21.03 -46.76 -20.20
CA ARG A 4 20.68 -46.49 -21.60
C ARG A 4 20.28 -45.04 -21.85
N MET A 5 20.94 -44.44 -22.82
CA MET A 5 20.59 -43.12 -23.30
C MET A 5 20.78 -43.11 -24.81
N THR A 6 20.20 -42.11 -25.48
CA THR A 6 20.22 -42.09 -26.94
C THR A 6 20.46 -40.69 -27.52
N VAL A 7 21.68 -40.50 -28.03
CA VAL A 7 22.08 -39.30 -28.73
C VAL A 7 21.32 -39.22 -30.06
N ASP A 8 21.15 -38.01 -30.59
CA ASP A 8 20.58 -37.82 -31.92
C ASP A 8 20.88 -36.40 -32.40
N LYS A 9 21.68 -36.25 -33.45
CA LYS A 9 22.07 -34.92 -33.93
C LYS A 9 20.87 -34.02 -34.31
N ASP A 10 19.76 -34.64 -34.71
CA ASP A 10 18.58 -33.89 -35.15
C ASP A 10 17.71 -33.44 -33.98
N TYR A 11 17.92 -34.07 -32.82
CA TYR A 11 17.15 -33.77 -31.62
C TYR A 11 17.97 -32.83 -30.70
N LYS A 12 17.86 -31.52 -30.94
CA LYS A 12 18.69 -30.50 -30.29
C LYS A 12 18.01 -29.81 -29.11
N ILE A 13 18.84 -29.23 -28.23
CA ILE A 13 18.35 -28.36 -27.16
C ILE A 13 18.75 -26.92 -27.47
N ALA A 14 20.04 -26.68 -27.68
CA ALA A 14 20.54 -25.34 -27.95
C ALA A 14 21.98 -25.36 -28.35
N GLU A 15 22.46 -24.26 -28.95
CA GLU A 15 23.90 -24.05 -29.14
C GLU A 15 24.49 -23.52 -27.84
N ILE A 16 25.61 -24.10 -27.45
CA ILE A 16 26.28 -23.70 -26.23
C ILE A 16 26.78 -22.30 -26.40
N ASP A 17 26.43 -21.42 -25.47
CA ASP A 17 27.07 -20.10 -25.42
C ASP A 17 28.32 -20.26 -24.59
N LYS A 18 29.47 -20.02 -25.20
CA LYS A 18 30.74 -20.21 -24.51
C LYS A 18 30.83 -19.44 -23.20
N ARG A 19 29.94 -18.48 -23.01
CA ARG A 19 29.97 -17.74 -21.75
C ARG A 19 29.42 -18.52 -20.55
N ILE A 20 28.94 -19.76 -20.77
CA ILE A 20 28.70 -20.63 -19.63
C ILE A 20 30.00 -21.18 -19.05
N TYR A 21 31.13 -20.86 -19.68
CA TYR A 21 32.42 -21.28 -19.13
C TYR A 21 33.21 -20.07 -18.65
N GLY A 22 32.50 -19.13 -18.04
CA GLY A 22 33.14 -17.96 -17.46
C GLY A 22 33.53 -18.19 -16.01
N SER A 23 34.37 -17.30 -15.49
CA SER A 23 34.72 -17.32 -14.08
C SER A 23 34.75 -15.90 -13.54
N PHE A 24 35.45 -15.67 -12.42
CA PHE A 24 35.14 -14.54 -11.58
C PHE A 24 36.27 -14.29 -10.56
N VAL A 25 36.85 -13.09 -10.63
CA VAL A 25 37.82 -12.65 -9.64
C VAL A 25 37.26 -11.50 -8.81
N GLU A 26 37.11 -11.72 -7.51
CA GLU A 26 36.72 -10.64 -6.62
C GLU A 26 37.97 -10.10 -5.91
N HIS A 27 37.99 -8.82 -5.55
CA HIS A 27 39.00 -8.30 -4.64
C HIS A 27 38.71 -8.84 -3.24
N LEU A 28 39.04 -10.12 -3.06
CA LEU A 28 38.74 -10.85 -1.85
C LEU A 28 39.94 -11.72 -1.56
N GLY A 29 40.35 -11.77 -0.29
CA GLY A 29 41.41 -12.65 0.16
C GLY A 29 42.66 -12.58 -0.68
N ARG A 30 43.13 -13.74 -1.14
CA ARG A 30 44.37 -13.80 -1.92
C ARG A 30 44.14 -13.92 -3.42
N ALA A 31 42.93 -13.62 -3.88
CA ALA A 31 42.60 -13.70 -5.30
C ALA A 31 43.49 -12.83 -6.16
N VAL A 32 43.68 -11.58 -5.76
CA VAL A 32 44.51 -10.69 -6.56
C VAL A 32 45.89 -10.62 -5.93
N TYR A 33 45.94 -10.06 -4.72
CA TYR A 33 47.18 -9.95 -3.95
C TYR A 33 47.63 -11.30 -3.41
N ASP A 34 48.89 -11.64 -3.70
CA ASP A 34 49.45 -12.96 -3.37
C ASP A 34 48.60 -14.04 -4.04
N GLY A 35 48.23 -13.75 -5.28
CA GLY A 35 47.49 -14.65 -6.13
C GLY A 35 47.88 -14.27 -7.55
N LEU A 36 46.92 -13.80 -8.34
CA LEU A 36 47.19 -13.56 -9.75
C LEU A 36 48.22 -12.46 -9.95
N TYR A 37 48.38 -11.62 -8.93
CA TYR A 37 49.26 -10.44 -8.97
C TYR A 37 50.32 -10.44 -7.85
N GLN A 38 51.58 -10.66 -8.23
CA GLN A 38 52.69 -10.68 -7.27
C GLN A 38 53.88 -9.91 -7.87
N PRO A 39 53.91 -8.58 -7.67
CA PRO A 39 54.80 -7.70 -8.46
C PRO A 39 56.31 -7.95 -8.32
N GLY A 40 56.74 -8.55 -7.21
CA GLY A 40 58.15 -8.85 -7.03
C GLY A 40 58.59 -10.24 -7.49
N ASN A 41 57.79 -11.25 -7.16
CA ASN A 41 58.05 -12.66 -7.48
C ASN A 41 58.71 -12.94 -8.85
N SER A 42 59.45 -14.04 -8.92
CA SER A 42 60.26 -14.39 -10.09
C SER A 42 59.45 -14.95 -11.25
N LYS A 43 58.24 -15.42 -10.94
CA LYS A 43 57.36 -15.95 -11.98
C LYS A 43 56.49 -14.85 -12.63
N SER A 44 56.61 -13.61 -12.13
CA SER A 44 55.73 -12.53 -12.56
C SER A 44 56.32 -11.67 -13.67
N ASP A 45 55.55 -11.48 -14.75
CA ASP A 45 55.96 -10.64 -15.88
C ASP A 45 56.26 -9.17 -15.52
N GLU A 46 56.32 -8.31 -16.53
CA GLU A 46 56.67 -6.89 -16.30
C GLU A 46 55.57 -6.12 -15.56
N ASP A 47 54.34 -6.62 -15.66
CA ASP A 47 53.22 -5.97 -14.99
C ASP A 47 53.09 -6.42 -13.53
N GLY A 48 53.45 -7.68 -13.29
CA GLY A 48 53.42 -8.21 -11.94
C GLY A 48 52.59 -9.47 -11.82
N PHE A 49 52.24 -10.03 -12.96
CA PHE A 49 51.33 -11.16 -13.01
C PHE A 49 52.05 -12.49 -13.05
N ARG A 50 51.72 -13.38 -12.12
CA ARG A 50 52.23 -14.75 -12.13
C ARG A 50 51.91 -15.45 -13.44
N LYS A 51 52.97 -15.78 -14.21
CA LYS A 51 52.82 -16.34 -15.55
C LYS A 51 52.41 -17.80 -15.52
N ASP A 52 52.72 -18.47 -14.42
CA ASP A 52 52.29 -19.86 -14.24
C ASP A 52 50.77 -19.88 -14.08
N VAL A 53 50.29 -18.92 -13.28
CA VAL A 53 48.87 -18.67 -13.08
C VAL A 53 48.21 -18.27 -14.39
N ILE A 54 48.85 -17.37 -15.12
CA ILE A 54 48.32 -17.00 -16.43
C ILE A 54 48.23 -18.23 -17.36
N GLU A 55 49.20 -19.12 -17.28
CA GLU A 55 49.16 -20.31 -18.12
C GLU A 55 48.04 -21.27 -17.72
N LEU A 56 47.86 -21.45 -16.41
CA LEU A 56 46.76 -22.26 -15.90
C LEU A 56 45.34 -21.75 -16.28
N VAL A 57 45.12 -20.45 -16.17
CA VAL A 57 43.82 -19.88 -16.53
C VAL A 57 43.50 -20.22 -17.98
N LYS A 58 44.48 -19.98 -18.87
CA LYS A 58 44.37 -20.30 -20.29
C LYS A 58 44.00 -21.74 -20.55
N GLU A 59 44.47 -22.64 -19.68
CA GLU A 59 44.17 -24.06 -19.81
C GLU A 59 42.67 -24.25 -19.71
N LEU A 60 42.01 -23.38 -18.94
CA LEU A 60 40.59 -23.55 -18.66
C LEU A 60 39.72 -22.91 -19.73
N ASN A 61 40.35 -22.20 -20.66
CA ASN A 61 39.62 -21.55 -21.77
C ASN A 61 38.43 -20.77 -21.25
N VAL A 62 38.72 -19.71 -20.49
CA VAL A 62 37.69 -18.93 -19.84
C VAL A 62 37.45 -17.66 -20.65
N PRO A 63 36.31 -17.61 -21.37
CA PRO A 63 36.10 -16.49 -22.28
C PRO A 63 35.74 -15.22 -21.56
N ILE A 64 35.13 -15.32 -20.38
CA ILE A 64 34.59 -14.14 -19.68
C ILE A 64 34.79 -14.21 -18.16
N ILE A 65 35.11 -13.07 -17.56
CA ILE A 65 35.41 -13.03 -16.13
C ILE A 65 34.77 -11.86 -15.38
N ALA A 66 33.92 -12.20 -14.41
CA ALA A 66 33.27 -11.20 -13.58
C ALA A 66 34.31 -10.45 -12.75
N TYR A 67 34.06 -9.17 -12.51
CA TYR A 67 34.99 -8.32 -11.78
C TYR A 67 34.32 -6.98 -11.48
N PRO A 68 34.60 -6.37 -10.31
CA PRO A 68 35.47 -6.81 -9.22
C PRO A 68 34.74 -7.42 -8.03
N GLY A 69 33.45 -7.71 -8.19
CA GLY A 69 32.69 -8.40 -7.16
C GLY A 69 31.34 -8.83 -7.67
N GLY A 70 30.54 -9.50 -6.83
CA GLY A 70 30.92 -9.86 -5.47
C GLY A 70 30.66 -8.75 -4.46
N ASN A 71 30.53 -9.15 -3.19
CA ASN A 71 30.24 -8.21 -2.10
C ASN A 71 31.12 -6.96 -2.07
N PHE A 72 32.35 -7.12 -2.54
CA PHE A 72 33.30 -6.02 -2.63
C PHE A 72 32.75 -4.79 -3.40
N VAL A 73 31.97 -5.01 -4.45
CA VAL A 73 31.63 -3.90 -5.35
C VAL A 73 30.63 -2.91 -4.71
N SER A 74 29.79 -3.43 -3.81
CA SER A 74 28.77 -2.62 -3.16
C SER A 74 29.27 -1.40 -2.39
N ASN A 75 30.55 -1.37 -2.05
CA ASN A 75 31.14 -0.17 -1.43
C ASN A 75 32.46 0.28 -2.07
N TYR A 76 32.69 -0.17 -3.29
CA TYR A 76 33.88 0.16 -4.06
C TYR A 76 33.70 1.49 -4.77
N PHE A 77 34.79 2.25 -4.89
CA PHE A 77 34.77 3.47 -5.68
C PHE A 77 35.81 3.35 -6.78
N TRP A 78 35.33 3.06 -7.99
CA TRP A 78 36.19 2.67 -9.09
C TRP A 78 37.34 3.64 -9.38
N GLU A 79 37.14 4.94 -9.09
CA GLU A 79 38.15 5.95 -9.41
C GLU A 79 39.44 5.72 -8.62
N ASP A 80 39.31 5.04 -7.48
CA ASP A 80 40.43 4.64 -6.63
C ASP A 80 41.36 3.59 -7.27
N GLY A 81 40.89 2.86 -8.26
CA GLY A 81 41.69 1.82 -8.90
C GLY A 81 42.29 2.26 -10.23
N VAL A 82 42.26 3.55 -10.53
CA VAL A 82 42.81 4.03 -11.80
C VAL A 82 43.63 5.31 -11.59
N GLY A 83 44.34 5.75 -12.64
CA GLY A 83 45.28 6.85 -12.52
C GLY A 83 46.57 6.42 -11.85
N PRO A 84 47.53 7.35 -11.70
CA PRO A 84 48.81 7.08 -11.02
C PRO A 84 48.66 6.31 -9.70
N VAL A 85 49.37 5.20 -9.60
CA VAL A 85 49.29 4.27 -8.47
C VAL A 85 49.76 4.89 -7.17
N GLU A 86 50.57 5.93 -7.29
CA GLU A 86 51.12 6.62 -6.11
C GLU A 86 50.03 7.47 -5.47
N ASP A 87 48.99 7.76 -6.26
CA ASP A 87 47.92 8.63 -5.83
C ASP A 87 46.62 7.90 -5.59
N ARG A 88 46.67 6.58 -5.63
CA ARG A 88 45.54 5.74 -5.27
C ARG A 88 45.51 5.55 -3.76
N PRO A 89 44.34 5.69 -3.15
CA PRO A 89 44.15 5.59 -1.70
C PRO A 89 43.96 4.16 -1.28
N ARG A 90 44.19 3.86 0.00
CA ARG A 90 43.84 2.56 0.55
C ARG A 90 42.48 2.71 1.18
N ARG A 91 41.64 1.69 1.06
CA ARG A 91 40.25 1.78 1.54
C ARG A 91 39.87 0.60 2.44
N LEU A 92 39.06 0.86 3.45
CA LEU A 92 38.42 -0.22 4.19
C LEU A 92 37.46 -0.92 3.23
N ASP A 93 37.57 -2.24 3.16
CA ASP A 93 36.55 -3.03 2.50
C ASP A 93 35.66 -3.63 3.54
N LEU A 94 34.43 -3.14 3.63
CA LEU A 94 33.58 -3.55 4.71
C LEU A 94 33.17 -4.98 4.51
N ALA A 95 33.01 -5.35 3.24
CA ALA A 95 32.54 -6.69 2.90
C ALA A 95 33.34 -7.77 3.62
N TRP A 96 34.66 -7.62 3.58
CA TRP A 96 35.56 -8.68 4.04
C TRP A 96 36.56 -8.22 5.10
N LYS A 97 36.28 -7.09 5.73
CA LYS A 97 37.11 -6.55 6.81
C LYS A 97 38.59 -6.62 6.47
N SER A 98 38.97 -5.99 5.36
CA SER A 98 40.32 -6.05 4.83
C SER A 98 40.70 -4.70 4.25
N ILE A 99 41.99 -4.44 4.13
CA ILE A 99 42.45 -3.20 3.54
C ILE A 99 42.73 -3.40 2.06
N GLU A 100 42.09 -2.57 1.24
CA GLU A 100 42.24 -2.66 -0.20
C GLU A 100 43.20 -1.57 -0.68
N PRO A 101 44.40 -1.97 -1.12
CA PRO A 101 45.45 -1.03 -1.51
C PRO A 101 45.19 -0.42 -2.87
N ASN A 102 44.31 -1.06 -3.65
CA ASN A 102 43.93 -0.60 -5.00
C ASN A 102 45.07 -0.54 -6.01
N GLN A 103 46.10 -1.34 -5.81
CA GLN A 103 47.24 -1.34 -6.72
C GLN A 103 46.88 -2.04 -8.03
N VAL A 104 45.83 -2.85 -7.95
CA VAL A 104 45.19 -3.41 -9.15
C VAL A 104 43.83 -2.78 -9.32
N GLY A 105 43.57 -2.24 -10.50
CA GLY A 105 42.25 -1.74 -10.80
C GLY A 105 41.97 -1.59 -12.27
N ILE A 106 40.82 -2.13 -12.67
CA ILE A 106 40.23 -1.92 -13.98
C ILE A 106 41.24 -1.96 -15.12
N ASN A 107 42.01 -0.88 -15.28
CA ASN A 107 43.00 -0.87 -16.35
C ASN A 107 44.05 -1.96 -16.20
N GLU A 108 44.47 -2.23 -14.96
CA GLU A 108 45.42 -3.31 -14.69
C GLU A 108 44.77 -4.67 -14.89
N PHE A 109 43.51 -4.83 -14.47
CA PHE A 109 42.82 -6.13 -14.57
C PHE A 109 42.36 -6.40 -16.01
N ALA A 110 42.26 -5.34 -16.80
CA ALA A 110 41.87 -5.51 -18.20
C ALA A 110 43.08 -5.97 -19.01
N LYS A 111 44.28 -5.59 -18.57
CA LYS A 111 45.51 -6.10 -19.17
C LYS A 111 45.62 -7.61 -18.88
N TRP A 112 45.39 -7.96 -17.62
CA TRP A 112 45.44 -9.36 -17.20
C TRP A 112 44.50 -10.20 -18.03
N CYS A 113 43.30 -9.68 -18.30
CA CYS A 113 42.31 -10.46 -19.04
C CYS A 113 42.73 -10.71 -20.50
N LYS A 114 43.45 -9.75 -21.10
CA LYS A 114 43.94 -9.90 -22.46
C LYS A 114 44.85 -11.11 -22.53
N LYS A 115 45.66 -11.25 -21.48
CA LYS A 115 46.71 -12.26 -21.41
C LYS A 115 46.20 -13.67 -21.11
N VAL A 116 44.94 -13.76 -20.71
CA VAL A 116 44.35 -15.06 -20.41
C VAL A 116 43.25 -15.33 -21.41
N ASN A 117 43.21 -14.48 -22.44
CA ASN A 117 42.23 -14.60 -23.52
C ASN A 117 40.78 -14.47 -23.04
N ALA A 118 40.59 -13.60 -22.05
CA ALA A 118 39.26 -13.36 -21.46
C ALA A 118 38.81 -11.90 -21.58
N GLU A 119 37.51 -11.68 -21.41
CA GLU A 119 36.96 -10.33 -21.34
C GLU A 119 36.48 -10.07 -19.92
N ILE A 120 36.38 -8.81 -19.54
CA ILE A 120 35.74 -8.43 -18.28
C ILE A 120 34.21 -8.39 -18.43
N MET A 121 33.51 -9.03 -17.50
CA MET A 121 32.10 -8.69 -17.21
C MET A 121 32.06 -7.80 -15.97
N MET A 122 31.83 -6.51 -16.16
CA MET A 122 31.97 -5.52 -15.09
C MET A 122 30.74 -5.32 -14.20
N ALA A 123 30.93 -5.42 -12.89
CA ALA A 123 29.90 -5.03 -11.93
C ALA A 123 30.07 -3.56 -11.59
N VAL A 124 28.96 -2.89 -11.31
CA VAL A 124 29.00 -1.50 -10.89
C VAL A 124 28.54 -1.40 -9.45
N ASN A 125 29.02 -0.38 -8.72
CA ASN A 125 28.57 -0.15 -7.34
C ASN A 125 27.16 0.42 -7.31
N LEU A 126 26.19 -0.39 -6.85
CA LEU A 126 24.84 0.12 -6.61
C LEU A 126 24.42 0.02 -5.13
N GLY A 127 25.35 -0.34 -4.26
CA GLY A 127 25.08 -0.28 -2.84
C GLY A 127 25.14 1.14 -2.29
N THR A 128 26.28 1.81 -2.45
CA THR A 128 26.43 3.16 -1.91
C THR A 128 26.59 4.20 -3.00
N ARG A 129 26.46 3.76 -4.25
CA ARG A 129 26.44 4.69 -5.38
C ARG A 129 25.28 4.39 -6.33
N GLY A 130 25.14 5.19 -7.39
CA GLY A 130 23.97 5.13 -8.23
C GLY A 130 24.22 5.45 -9.69
N ILE A 131 23.17 6.00 -10.30
CA ILE A 131 23.12 6.20 -11.74
C ILE A 131 24.33 6.92 -12.33
N SER A 132 24.68 8.08 -11.81
CA SER A 132 25.70 8.86 -12.49
C SER A 132 27.10 8.21 -12.42
N ASP A 133 27.34 7.45 -11.35
CA ASP A 133 28.62 6.74 -11.17
C ASP A 133 28.72 5.59 -12.13
N ALA A 134 27.58 4.93 -12.37
CA ALA A 134 27.53 3.87 -13.34
C ALA A 134 27.76 4.50 -14.70
N CYS A 135 27.29 5.73 -14.89
CA CYS A 135 27.44 6.38 -16.17
C CYS A 135 28.91 6.72 -16.43
N ASN A 136 29.60 7.26 -15.43
CA ASN A 136 31.00 7.63 -15.60
C ASN A 136 31.86 6.40 -15.92
N LEU A 137 31.65 5.33 -15.18
CA LEU A 137 32.42 4.12 -15.41
C LEU A 137 32.22 3.57 -16.81
N LEU A 138 30.98 3.58 -17.31
CA LEU A 138 30.71 3.12 -18.67
C LEU A 138 31.38 3.99 -19.73
N GLU A 139 31.29 5.30 -19.57
CA GLU A 139 31.94 6.24 -20.46
C GLU A 139 33.48 6.04 -20.49
N TYR A 140 34.07 5.92 -19.30
CA TYR A 140 35.50 5.63 -19.11
C TYR A 140 35.95 4.38 -19.85
N CYS A 141 35.11 3.33 -19.83
CA CYS A 141 35.45 2.05 -20.47
C CYS A 141 35.08 1.92 -21.94
N ASN A 142 33.95 2.50 -22.35
CA ASN A 142 33.36 2.14 -23.65
C ASN A 142 33.31 3.27 -24.67
N HIS A 143 33.46 4.51 -24.19
CA HIS A 143 33.42 5.65 -25.09
C HIS A 143 34.83 5.97 -25.61
N PRO A 144 34.97 6.09 -26.94
CA PRO A 144 36.26 6.16 -27.66
C PRO A 144 37.14 7.33 -27.20
N GLY A 145 36.55 8.52 -27.11
CA GLY A 145 37.30 9.71 -26.73
C GLY A 145 36.52 10.99 -26.96
N GLY A 146 37.08 12.11 -26.50
CA GLY A 146 36.49 13.41 -26.76
C GLY A 146 35.51 13.89 -25.70
N SER A 147 35.50 13.21 -24.56
CA SER A 147 34.66 13.55 -23.41
C SER A 147 35.41 13.26 -22.11
N LYS A 148 34.96 13.90 -21.03
CA LYS A 148 35.67 13.88 -19.75
C LYS A 148 36.21 12.51 -19.32
N TYR A 149 35.34 11.51 -19.24
CA TYR A 149 35.76 10.21 -18.70
C TYR A 149 36.49 9.30 -19.71
N SER A 150 36.24 9.50 -21.00
CA SER A 150 37.04 8.81 -21.99
C SER A 150 38.45 9.43 -22.07
N ASP A 151 38.52 10.75 -22.23
CA ASP A 151 39.82 11.43 -22.29
C ASP A 151 40.58 11.07 -21.03
N MET A 152 39.85 10.88 -19.93
CA MET A 152 40.47 10.49 -18.68
C MET A 152 41.15 9.14 -18.75
N ARG A 153 40.48 8.16 -19.36
CA ARG A 153 41.05 6.83 -19.52
C ARG A 153 42.34 6.97 -20.32
N ILE A 154 42.24 7.71 -21.43
CA ILE A 154 43.38 7.94 -22.31
C ILE A 154 44.56 8.50 -21.52
N LYS A 155 44.30 9.50 -20.70
CA LYS A 155 45.31 10.10 -19.85
C LYS A 155 45.93 9.08 -18.87
N HIS A 156 45.29 7.93 -18.72
CA HIS A 156 45.69 6.94 -17.73
C HIS A 156 46.47 5.75 -18.31
N GLY A 157 46.72 5.78 -19.62
CA GLY A 157 47.52 4.76 -20.26
C GLY A 157 46.79 3.89 -21.27
N VAL A 158 45.49 4.05 -21.39
CA VAL A 158 44.71 3.16 -22.25
C VAL A 158 44.00 3.92 -23.35
N LYS A 159 44.57 3.86 -24.56
CA LYS A 159 44.13 4.69 -25.68
C LYS A 159 42.82 4.20 -26.28
N GLU A 160 42.70 2.89 -26.46
CA GLU A 160 41.46 2.34 -27.00
C GLU A 160 40.53 1.96 -25.84
N PRO A 161 39.21 2.02 -26.08
CA PRO A 161 38.24 1.62 -25.06
C PRO A 161 38.28 0.12 -24.76
N HIS A 162 38.08 -0.26 -23.51
CA HIS A 162 37.96 -1.67 -23.18
C HIS A 162 36.73 -2.26 -23.86
N ASN A 163 35.78 -1.40 -24.24
CA ASN A 163 34.49 -1.82 -24.82
C ASN A 163 33.92 -3.06 -24.12
N ILE A 164 33.67 -2.93 -22.83
CA ILE A 164 33.11 -4.01 -22.03
C ILE A 164 31.67 -4.32 -22.43
N LYS A 165 31.41 -5.58 -22.70
CA LYS A 165 30.17 -6.00 -23.33
C LYS A 165 29.03 -6.39 -22.39
N VAL A 166 29.33 -6.75 -21.16
CA VAL A 166 28.28 -7.17 -20.24
C VAL A 166 28.47 -6.50 -18.88
N TRP A 167 27.39 -5.95 -18.32
CA TRP A 167 27.51 -5.25 -17.05
C TRP A 167 26.55 -5.80 -16.01
N CYS A 168 26.99 -5.81 -14.74
CA CYS A 168 26.12 -6.22 -13.65
C CYS A 168 25.68 -5.05 -12.83
N LEU A 169 24.37 -4.88 -12.78
CA LEU A 169 23.76 -3.78 -12.08
C LEU A 169 23.76 -4.10 -10.61
N GLY A 170 24.90 -3.84 -9.97
CA GLY A 170 25.11 -4.07 -8.55
C GLY A 170 25.40 -5.51 -8.15
N ASN A 171 25.58 -5.75 -6.85
CA ASN A 171 25.74 -7.13 -6.41
C ASN A 171 24.84 -7.54 -5.25
N GLU A 172 24.11 -8.62 -5.48
CA GLU A 172 23.35 -9.34 -4.46
C GLU A 172 22.94 -8.56 -3.25
N MET A 173 21.98 -7.67 -3.47
CA MET A 173 21.62 -6.72 -2.45
C MET A 173 20.42 -7.08 -1.61
N ASP A 174 19.95 -8.32 -1.72
CA ASP A 174 18.82 -8.74 -0.87
C ASP A 174 19.30 -9.11 0.51
N GLY A 175 20.61 -9.33 0.65
CA GLY A 175 21.13 -9.90 1.87
C GLY A 175 21.46 -8.88 2.94
N PRO A 176 21.15 -9.21 4.20
CA PRO A 176 21.46 -8.34 5.34
C PRO A 176 22.97 -8.20 5.65
N TRP A 177 23.82 -8.87 4.87
CA TRP A 177 25.26 -8.76 5.00
C TRP A 177 25.81 -7.73 4.00
N GLN A 178 25.01 -7.43 2.99
CA GLN A 178 25.50 -6.59 1.91
C GLN A 178 25.50 -5.12 2.36
N VAL A 179 26.58 -4.40 2.09
CA VAL A 179 26.57 -2.96 2.30
C VAL A 179 25.62 -2.35 1.30
N GLY A 180 24.74 -1.46 1.75
CA GLY A 180 23.79 -0.84 0.85
C GLY A 180 22.69 -1.78 0.40
N HIS A 181 22.37 -2.74 1.26
CA HIS A 181 21.24 -3.66 1.06
C HIS A 181 19.97 -2.91 0.65
N LYS A 182 19.29 -3.44 -0.38
CA LYS A 182 18.06 -2.83 -0.90
C LYS A 182 16.88 -3.79 -0.80
N THR A 183 15.66 -3.25 -0.76
CA THR A 183 14.47 -4.09 -0.88
C THR A 183 14.26 -4.36 -2.35
N MET A 184 13.44 -5.34 -2.67
CA MET A 184 13.16 -5.66 -4.06
C MET A 184 12.67 -4.45 -4.86
N ASP A 185 11.97 -3.53 -4.20
CA ASP A 185 11.47 -2.36 -4.91
C ASP A 185 12.51 -1.28 -5.15
N GLU A 186 13.30 -1.01 -4.14
CA GLU A 186 14.41 -0.10 -4.26
C GLU A 186 15.37 -0.60 -5.33
N TYR A 187 15.70 -1.88 -5.30
CA TYR A 187 16.67 -2.37 -6.28
C TYR A 187 16.08 -2.35 -7.68
N GLY A 188 14.84 -2.81 -7.79
CA GLY A 188 14.16 -2.82 -9.06
C GLY A 188 14.18 -1.45 -9.72
N ARG A 189 14.03 -0.41 -8.91
CA ARG A 189 13.92 0.93 -9.45
C ARG A 189 15.29 1.48 -9.84
N ILE A 190 16.27 1.30 -8.94
CA ILE A 190 17.61 1.73 -9.25
C ILE A 190 18.16 0.95 -10.47
N ALA A 191 17.84 -0.34 -10.55
CA ALA A 191 18.30 -1.16 -11.66
C ALA A 191 17.71 -0.68 -13.01
N GLU A 192 16.40 -0.44 -13.01
CA GLU A 192 15.72 0.12 -14.18
C GLU A 192 16.35 1.46 -14.63
N GLU A 193 16.57 2.36 -13.69
CA GLU A 193 17.06 3.67 -14.05
C GLU A 193 18.52 3.65 -14.46
N THR A 194 19.32 2.85 -13.77
CA THR A 194 20.72 2.70 -14.14
C THR A 194 20.84 2.11 -15.54
N ALA A 195 20.03 1.10 -15.82
CA ALA A 195 20.07 0.46 -17.13
C ALA A 195 19.62 1.41 -18.24
N ARG A 196 18.56 2.18 -17.98
CA ARG A 196 18.04 3.17 -18.93
C ARG A 196 19.10 4.18 -19.34
N ALA A 197 19.87 4.64 -18.35
CA ALA A 197 20.90 5.64 -18.59
C ALA A 197 22.07 5.05 -19.36
N MET A 198 22.53 3.89 -18.91
CA MET A 198 23.69 3.25 -19.54
C MET A 198 23.42 3.00 -21.02
N LYS A 199 22.26 2.43 -21.33
CA LYS A 199 21.93 2.15 -22.72
C LYS A 199 21.86 3.43 -23.61
N MET A 200 21.69 4.60 -22.99
CA MET A 200 21.80 5.84 -23.75
C MET A 200 23.25 6.15 -24.09
N ILE A 201 24.17 5.82 -23.18
CA ILE A 201 25.58 5.97 -23.47
C ILE A 201 26.11 4.95 -24.51
N ASP A 202 25.82 3.67 -24.32
CA ASP A 202 26.26 2.63 -25.23
C ASP A 202 25.14 1.59 -25.43
N PRO A 203 24.46 1.65 -26.58
CA PRO A 203 23.39 0.67 -26.82
C PRO A 203 23.87 -0.77 -27.07
N SER A 204 25.17 -0.98 -27.29
CA SER A 204 25.66 -2.35 -27.56
C SER A 204 25.84 -3.23 -26.34
N ILE A 205 25.92 -2.64 -25.15
CA ILE A 205 26.13 -3.43 -23.94
C ILE A 205 24.92 -4.32 -23.60
N GLU A 206 25.16 -5.31 -22.76
CA GLU A 206 24.09 -6.11 -22.20
C GLU A 206 24.13 -5.94 -20.69
N LEU A 207 23.00 -6.10 -20.04
CA LEU A 207 22.93 -5.85 -18.60
C LEU A 207 22.36 -7.03 -17.82
N VAL A 208 22.87 -7.21 -16.62
CA VAL A 208 22.39 -8.28 -15.73
C VAL A 208 21.76 -7.68 -14.47
N ALA A 209 20.51 -8.01 -14.22
CA ALA A 209 19.86 -7.60 -12.98
C ALA A 209 20.07 -8.71 -11.95
N CYS A 210 20.24 -8.33 -10.69
CA CYS A 210 20.54 -9.30 -9.66
C CYS A 210 19.31 -10.07 -9.29
N GLY A 211 19.45 -11.38 -9.17
CA GLY A 211 18.41 -12.20 -8.58
C GLY A 211 18.66 -12.32 -7.09
N SER A 212 18.03 -13.30 -6.47
CA SER A 212 18.29 -13.59 -5.07
C SER A 212 19.72 -14.13 -4.87
N SER A 213 20.29 -13.84 -3.71
CA SER A 213 21.61 -14.37 -3.33
C SER A 213 21.60 -15.90 -3.34
N SER A 214 20.46 -16.50 -3.00
CA SER A 214 20.27 -17.93 -3.16
C SER A 214 18.79 -18.26 -3.25
N LYS A 215 18.47 -19.49 -3.67
CA LYS A 215 17.09 -19.95 -3.70
C LYS A 215 16.49 -20.10 -2.30
N ASP A 216 17.32 -19.95 -1.29
CA ASP A 216 16.86 -20.17 0.07
C ASP A 216 16.44 -18.88 0.74
N MET A 217 16.71 -17.76 0.07
CA MET A 217 16.27 -16.46 0.58
C MET A 217 14.74 -16.46 0.67
N PRO A 218 14.21 -15.88 1.74
CA PRO A 218 12.74 -15.92 1.85
C PRO A 218 12.07 -15.08 0.75
N THR A 219 12.77 -14.06 0.24
CA THR A 219 12.24 -13.22 -0.82
C THR A 219 12.45 -13.77 -2.22
N PHE A 220 12.78 -15.06 -2.32
CA PHE A 220 12.88 -15.69 -3.62
C PHE A 220 11.60 -16.48 -3.85
N PRO A 221 11.05 -16.43 -5.07
CA PRO A 221 11.50 -15.72 -6.27
C PRO A 221 10.75 -14.43 -6.54
N GLN A 222 10.06 -13.90 -5.53
CA GLN A 222 9.35 -12.65 -5.74
C GLN A 222 10.33 -11.50 -6.03
N TRP A 223 11.55 -11.61 -5.51
CA TRP A 223 12.57 -10.62 -5.79
C TRP A 223 12.74 -10.50 -7.30
N GLU A 224 12.95 -11.65 -7.93
CA GLU A 224 13.24 -11.76 -9.35
C GLU A 224 12.05 -11.23 -10.16
N ALA A 225 10.85 -11.67 -9.78
CA ALA A 225 9.63 -11.28 -10.46
C ALA A 225 9.48 -9.77 -10.40
N THR A 226 9.65 -9.23 -9.21
CA THR A 226 9.54 -7.79 -9.02
C THR A 226 10.60 -7.00 -9.76
N VAL A 227 11.85 -7.42 -9.66
CA VAL A 227 12.93 -6.66 -10.27
C VAL A 227 12.78 -6.65 -11.78
N LEU A 228 12.36 -7.78 -12.33
CA LEU A 228 12.15 -7.87 -13.77
C LEU A 228 10.92 -7.06 -14.22
N ASP A 229 9.88 -7.03 -13.40
CA ASP A 229 8.69 -6.23 -13.73
C ASP A 229 9.05 -4.74 -13.89
N TYR A 230 10.09 -4.30 -13.19
CA TYR A 230 10.53 -2.92 -13.29
C TYR A 230 11.41 -2.74 -14.51
N ALA A 231 12.41 -3.60 -14.64
CA ALA A 231 13.52 -3.35 -15.57
C ALA A 231 13.48 -4.15 -16.87
N TYR A 232 12.46 -4.99 -17.04
CA TYR A 232 12.32 -5.87 -18.21
C TYR A 232 12.87 -5.33 -19.54
N ASP A 233 12.48 -4.11 -19.89
CA ASP A 233 12.86 -3.55 -21.19
C ASP A 233 14.31 -3.07 -21.27
N TYR A 234 15.02 -3.00 -20.15
CA TYR A 234 16.38 -2.46 -20.23
C TYR A 234 17.48 -3.46 -19.81
N VAL A 235 17.08 -4.62 -19.30
CA VAL A 235 18.05 -5.63 -18.89
C VAL A 235 17.93 -6.89 -19.75
N ASP A 236 18.98 -7.71 -19.75
CA ASP A 236 19.03 -8.86 -20.65
C ASP A 236 19.12 -10.17 -19.90
N TYR A 237 19.48 -10.11 -18.62
CA TYR A 237 19.74 -11.31 -17.85
C TYR A 237 19.28 -11.11 -16.44
N ILE A 238 18.94 -12.22 -15.79
CA ILE A 238 18.73 -12.24 -14.36
C ILE A 238 19.80 -13.18 -13.75
N SER A 239 20.30 -12.87 -12.56
CA SER A 239 21.36 -13.71 -12.00
C SER A 239 20.84 -14.83 -11.09
N LEU A 240 21.63 -15.89 -11.00
CA LEU A 240 21.41 -16.97 -10.06
C LEU A 240 22.72 -17.23 -9.36
N HIS A 241 22.64 -17.53 -8.07
CA HIS A 241 23.80 -17.86 -7.25
C HIS A 241 23.49 -19.15 -6.48
N GLN A 242 24.39 -20.12 -6.53
CA GLN A 242 24.21 -21.37 -5.80
C GLN A 242 25.55 -22.02 -5.39
N TYR A 243 25.68 -22.34 -4.11
CA TYR A 243 26.84 -23.09 -3.64
C TYR A 243 26.37 -24.35 -2.90
N TYR A 244 27.18 -25.40 -2.93
CA TYR A 244 26.88 -26.58 -2.13
C TYR A 244 28.03 -26.92 -1.18
N GLY A 245 27.69 -27.65 -0.12
CA GLY A 245 28.67 -28.14 0.82
C GLY A 245 28.30 -29.52 1.33
N ASN A 246 29.32 -30.26 1.77
CA ASN A 246 29.10 -31.60 2.34
C ASN A 246 29.46 -31.73 3.83
N LYS A 247 29.11 -30.74 4.63
CA LYS A 247 29.29 -30.83 6.09
C LYS A 247 28.58 -32.03 6.72
N GLU A 248 27.55 -32.56 6.08
CA GLU A 248 26.80 -33.68 6.65
C GLU A 248 27.58 -35.00 6.51
N ASN A 249 28.65 -34.95 5.72
CA ASN A 249 29.46 -36.12 5.37
C ASN A 249 28.70 -37.22 4.65
N ASP A 250 27.59 -36.86 4.01
CA ASP A 250 26.84 -37.82 3.22
C ASP A 250 27.11 -37.63 1.73
N THR A 251 27.87 -38.55 1.16
CA THR A 251 28.37 -38.36 -0.20
C THR A 251 27.30 -38.58 -1.27
N ALA A 252 26.47 -39.60 -1.07
CA ALA A 252 25.44 -39.93 -2.05
C ALA A 252 24.38 -38.83 -2.13
N ASP A 253 24.17 -38.15 -0.99
CA ASP A 253 23.24 -37.04 -0.93
C ASP A 253 23.87 -35.82 -1.58
N PHE A 254 25.15 -35.59 -1.27
CA PHE A 254 25.92 -34.48 -1.79
C PHE A 254 25.95 -34.43 -3.33
N LEU A 255 26.18 -35.57 -3.96
CA LEU A 255 26.22 -35.62 -5.42
C LEU A 255 24.83 -35.47 -6.04
N ALA A 256 23.80 -35.61 -5.22
CA ALA A 256 22.42 -35.57 -5.70
C ALA A 256 21.93 -34.13 -5.73
N LYS A 257 22.69 -33.21 -5.15
CA LYS A 257 22.26 -31.84 -5.02
C LYS A 257 22.20 -31.10 -6.35
N SER A 258 22.65 -31.73 -7.43
CA SER A 258 22.53 -31.08 -8.74
C SER A 258 21.08 -31.16 -9.26
N ASP A 259 20.27 -31.97 -8.59
CA ASP A 259 18.84 -32.04 -8.88
C ASP A 259 18.20 -30.78 -8.31
N ASP A 260 18.65 -30.39 -7.12
CA ASP A 260 18.22 -29.12 -6.57
C ASP A 260 18.62 -27.97 -7.47
N LEU A 261 19.79 -28.10 -8.09
CA LEU A 261 20.23 -27.07 -9.04
C LEU A 261 19.27 -26.95 -10.24
N ASP A 262 18.83 -28.11 -10.75
CA ASP A 262 17.87 -28.16 -11.85
C ASP A 262 16.58 -27.44 -11.47
N ASP A 263 16.03 -27.79 -10.32
CA ASP A 263 14.82 -27.15 -9.84
C ASP A 263 14.94 -25.65 -9.67
N PHE A 264 16.10 -25.20 -9.22
CA PHE A 264 16.33 -23.79 -8.98
C PHE A 264 16.21 -23.08 -10.32
N ILE A 265 16.94 -23.60 -11.31
CA ILE A 265 16.94 -23.06 -12.66
C ILE A 265 15.54 -23.00 -13.28
N ARG A 266 14.76 -24.07 -13.14
CA ARG A 266 13.43 -24.10 -13.73
C ARG A 266 12.53 -23.07 -13.11
N SER A 267 12.65 -22.91 -11.79
CA SER A 267 11.91 -21.88 -11.08
C SER A 267 12.20 -20.49 -11.61
N VAL A 268 13.47 -20.19 -11.83
CA VAL A 268 13.82 -18.87 -12.35
C VAL A 268 13.26 -18.69 -13.77
N ILE A 269 13.28 -19.76 -14.56
CA ILE A 269 12.77 -19.70 -15.93
C ILE A 269 11.25 -19.49 -15.90
N ALA A 270 10.58 -20.20 -15.00
CA ALA A 270 9.14 -20.01 -14.83
C ALA A 270 8.82 -18.57 -14.40
N THR A 271 9.60 -18.06 -13.46
CA THR A 271 9.46 -16.68 -13.05
C THR A 271 9.63 -15.68 -14.22
N CYS A 272 10.64 -15.89 -15.04
CA CYS A 272 10.84 -15.04 -16.20
C CYS A 272 9.68 -15.17 -17.17
N ASP A 273 9.21 -16.40 -17.35
CA ASP A 273 8.17 -16.64 -18.31
C ASP A 273 6.87 -15.94 -17.90
N TYR A 274 6.65 -15.87 -16.58
CA TYR A 274 5.48 -15.20 -16.04
C TYR A 274 5.52 -13.69 -16.27
N ILE A 275 6.63 -13.05 -15.96
CA ILE A 275 6.74 -11.61 -16.20
C ILE A 275 6.63 -11.34 -17.71
N LYS A 276 7.19 -12.24 -18.52
CA LYS A 276 7.11 -12.12 -19.97
C LYS A 276 5.66 -12.03 -20.47
N ALA A 277 4.80 -12.87 -19.90
CA ALA A 277 3.40 -12.88 -20.25
C ALA A 277 2.77 -11.59 -19.75
N LYS A 278 3.13 -11.21 -18.52
CA LYS A 278 2.65 -9.99 -17.89
C LYS A 278 2.91 -8.75 -18.76
N LYS A 279 4.07 -8.74 -19.43
CA LYS A 279 4.51 -7.59 -20.22
C LYS A 279 4.09 -7.74 -21.67
N ARG A 280 3.54 -8.92 -21.98
CA ARG A 280 3.24 -9.26 -23.37
C ARG A 280 4.45 -9.01 -24.26
N SER A 281 5.62 -9.47 -23.82
CA SER A 281 6.86 -9.19 -24.52
C SER A 281 7.24 -10.33 -25.44
N LYS A 282 7.99 -9.99 -26.49
CA LYS A 282 8.47 -11.00 -27.43
C LYS A 282 9.86 -11.43 -27.01
N LYS A 283 10.42 -10.72 -26.02
CA LYS A 283 11.77 -10.99 -25.54
C LYS A 283 11.79 -11.98 -24.38
N ASP A 284 12.70 -12.94 -24.42
CA ASP A 284 12.99 -13.80 -23.28
C ASP A 284 14.16 -13.25 -22.46
N ILE A 285 13.99 -13.19 -21.15
CA ILE A 285 15.15 -12.89 -20.31
C ILE A 285 16.04 -14.11 -20.24
N TYR A 286 17.33 -13.91 -20.40
CA TYR A 286 18.28 -15.01 -20.29
C TYR A 286 18.94 -15.10 -18.90
N LEU A 287 19.60 -16.22 -18.63
CA LEU A 287 20.09 -16.49 -17.28
C LEU A 287 21.58 -16.40 -17.21
N SER A 288 22.06 -15.55 -16.30
CA SER A 288 23.48 -15.44 -16.00
C SER A 288 23.76 -16.06 -14.64
N PHE A 289 24.32 -17.25 -14.64
CA PHE A 289 24.66 -17.90 -13.37
C PHE A 289 26.04 -17.43 -12.87
N ASP A 290 26.17 -16.14 -12.60
CA ASP A 290 27.46 -15.54 -12.31
C ASP A 290 28.08 -15.87 -10.95
N GLU A 291 27.52 -16.83 -10.22
CA GLU A 291 28.21 -17.43 -9.07
C GLU A 291 27.77 -18.88 -8.86
N TRP A 292 28.67 -19.83 -9.15
CA TRP A 292 28.44 -21.22 -8.74
C TRP A 292 29.74 -21.93 -8.38
N ASN A 293 29.63 -22.89 -7.46
CA ASN A 293 30.73 -23.72 -6.99
C ASN A 293 30.33 -24.54 -5.79
N VAL A 294 31.19 -25.49 -5.43
CA VAL A 294 31.16 -26.09 -4.09
C VAL A 294 31.88 -25.11 -3.12
N TRP A 295 31.35 -24.95 -1.92
CA TRP A 295 31.97 -24.04 -0.94
C TRP A 295 31.54 -24.47 0.44
N TYR A 296 32.51 -24.74 1.32
CA TYR A 296 32.23 -25.17 2.71
C TYR A 296 33.46 -25.42 3.60
N HIS A 297 34.59 -25.76 2.98
CA HIS A 297 35.73 -26.22 3.76
C HIS A 297 36.31 -25.17 4.72
N SER A 298 36.38 -23.92 4.27
CA SER A 298 37.07 -22.87 5.03
C SER A 298 36.19 -21.99 5.95
N ASN A 299 34.94 -22.42 6.17
CA ASN A 299 33.99 -21.64 6.94
C ASN A 299 34.45 -21.25 8.34
N ASN A 300 35.01 -22.22 9.06
CA ASN A 300 35.52 -21.95 10.41
C ASN A 300 36.65 -20.92 10.41
N GLU A 301 37.70 -21.20 9.65
CA GLU A 301 38.86 -20.31 9.59
C GLU A 301 38.52 -18.94 9.01
N ASP A 302 37.52 -18.88 8.13
CA ASP A 302 37.08 -17.61 7.52
C ASP A 302 36.55 -16.64 8.58
N ALA A 303 35.74 -17.16 9.51
CA ALA A 303 35.20 -16.38 10.61
C ALA A 303 36.28 -15.99 11.64
N ASN A 304 37.24 -16.89 11.87
CA ASN A 304 38.35 -16.64 12.77
C ASN A 304 39.02 -15.29 12.48
N ILE A 305 39.32 -15.07 11.20
CA ILE A 305 40.04 -13.87 10.74
C ILE A 305 39.19 -12.59 10.79
N MET A 306 37.86 -12.75 10.83
CA MET A 306 36.95 -11.61 10.98
C MET A 306 35.94 -11.89 12.10
N GLN A 307 36.10 -11.22 13.23
CA GLN A 307 37.11 -10.18 13.37
C GLN A 307 37.96 -10.48 14.59
N ASN A 308 39.08 -11.17 14.36
CA ASN A 308 40.12 -11.32 15.35
C ASN A 308 41.45 -10.82 14.76
N GLU A 309 41.54 -10.82 13.44
CA GLU A 309 42.65 -10.16 12.74
C GLU A 309 42.13 -9.29 11.57
N PRO A 310 41.34 -8.26 11.89
CA PRO A 310 40.71 -7.44 10.85
C PRO A 310 41.69 -6.50 10.17
N TRP A 311 41.29 -5.99 9.02
CA TRP A 311 42.05 -4.98 8.28
C TRP A 311 43.47 -5.39 7.92
N ARG A 312 43.66 -6.66 7.60
CA ARG A 312 44.91 -7.10 6.98
C ARG A 312 44.79 -6.85 5.49
N ILE A 313 45.91 -6.77 4.78
CA ILE A 313 45.85 -6.79 3.32
C ILE A 313 45.96 -8.23 2.89
N ALA A 314 45.07 -8.67 2.02
CA ALA A 314 45.09 -10.03 1.49
C ALA A 314 45.23 -11.18 2.50
N PRO A 315 44.28 -11.29 3.46
CA PRO A 315 44.19 -12.46 4.34
C PRO A 315 43.77 -13.73 3.56
N PRO A 316 43.98 -14.93 4.14
CA PRO A 316 43.69 -16.18 3.42
C PRO A 316 42.21 -16.63 3.49
N LEU A 317 41.32 -15.78 3.01
CA LEU A 317 39.88 -16.00 3.11
C LEU A 317 39.38 -16.97 2.06
N LEU A 318 38.41 -17.80 2.45
CA LEU A 318 37.70 -18.70 1.53
C LEU A 318 38.60 -19.70 0.79
N GLU A 319 39.71 -20.08 1.41
CA GLU A 319 40.60 -21.00 0.72
C GLU A 319 40.17 -22.44 0.97
N ASP A 320 39.03 -22.80 0.40
CA ASP A 320 38.58 -24.18 0.41
C ASP A 320 39.62 -25.06 -0.30
N ILE A 321 39.94 -26.20 0.31
CA ILE A 321 40.84 -27.17 -0.33
C ILE A 321 39.99 -28.29 -0.85
N TYR A 322 40.02 -28.52 -2.16
CA TYR A 322 39.02 -29.41 -2.76
C TYR A 322 39.38 -30.89 -2.77
N THR A 323 38.36 -31.71 -2.51
CA THR A 323 38.48 -33.15 -2.58
C THR A 323 37.95 -33.67 -3.91
N PHE A 324 37.91 -34.99 -4.03
CA PHE A 324 37.54 -35.62 -5.28
C PHE A 324 36.03 -35.63 -5.42
N GLU A 325 35.33 -35.87 -4.32
CA GLU A 325 33.88 -35.88 -4.36
C GLU A 325 33.36 -34.47 -4.75
N ASP A 326 34.05 -33.44 -4.26
CA ASP A 326 33.75 -32.08 -4.68
C ASP A 326 33.83 -31.97 -6.20
N ALA A 327 34.85 -32.60 -6.77
CA ALA A 327 35.04 -32.50 -8.22
C ALA A 327 33.93 -33.18 -9.00
N LEU A 328 33.33 -34.24 -8.43
CA LEU A 328 32.22 -34.88 -9.11
C LEU A 328 30.96 -33.99 -9.10
N LEU A 329 30.69 -33.32 -7.98
CA LEU A 329 29.54 -32.43 -7.92
C LEU A 329 29.72 -31.25 -8.89
N VAL A 330 30.91 -30.67 -8.92
CA VAL A 330 31.21 -29.62 -9.88
C VAL A 330 30.98 -30.13 -11.30
N GLY A 331 31.29 -31.39 -11.53
CA GLY A 331 31.11 -32.00 -12.84
C GLY A 331 29.64 -32.12 -13.19
N LEU A 332 28.85 -32.58 -12.22
CA LEU A 332 27.40 -32.71 -12.34
C LEU A 332 26.73 -31.34 -12.56
N MET A 333 27.21 -30.34 -11.83
CA MET A 333 26.71 -28.98 -11.96
C MET A 333 26.93 -28.48 -13.39
N LEU A 334 28.11 -28.71 -13.94
CA LEU A 334 28.40 -28.33 -15.32
C LEU A 334 27.48 -29.03 -16.32
N ILE A 335 27.15 -30.29 -16.04
CA ILE A 335 26.23 -31.07 -16.85
C ILE A 335 24.85 -30.41 -16.80
N THR A 336 24.40 -30.07 -15.58
CA THR A 336 23.11 -29.40 -15.39
C THR A 336 23.10 -28.03 -16.09
N LEU A 337 24.21 -27.30 -15.98
CA LEU A 337 24.35 -26.04 -16.69
C LEU A 337 24.16 -26.26 -18.18
N MET A 338 24.95 -27.17 -18.75
CA MET A 338 24.89 -27.49 -20.18
C MET A 338 23.47 -27.90 -20.63
N LYS A 339 22.81 -28.73 -19.83
CA LYS A 339 21.44 -29.18 -20.12
C LYS A 339 20.48 -28.01 -20.30
N HIS A 340 20.76 -26.89 -19.65
CA HIS A 340 19.88 -25.74 -19.76
C HIS A 340 20.51 -24.62 -20.57
N ALA A 341 21.22 -25.00 -21.62
CA ALA A 341 21.92 -24.04 -22.45
C ALA A 341 20.98 -23.17 -23.33
N ASP A 342 19.70 -23.53 -23.36
CA ASP A 342 18.72 -22.75 -24.12
C ASP A 342 18.32 -21.48 -23.39
N ARG A 343 18.48 -21.44 -22.07
CA ARG A 343 18.19 -20.23 -21.30
C ARG A 343 19.39 -19.65 -20.54
N ILE A 344 20.33 -20.51 -20.13
CA ILE A 344 21.57 -20.05 -19.46
C ILE A 344 22.64 -19.74 -20.48
N LYS A 345 22.97 -18.46 -20.65
CA LYS A 345 23.93 -18.04 -21.65
C LYS A 345 25.24 -17.55 -21.05
N ILE A 346 25.26 -17.28 -19.76
CA ILE A 346 26.47 -16.89 -19.07
C ILE A 346 26.49 -17.68 -17.77
N ALA A 347 27.68 -18.10 -17.35
CA ALA A 347 27.84 -18.76 -16.06
C ALA A 347 29.26 -18.54 -15.57
N CYS A 348 29.42 -18.38 -14.26
CA CYS A 348 30.72 -18.10 -13.69
C CYS A 348 31.02 -19.01 -12.54
N LEU A 349 32.09 -19.80 -12.68
CA LEU A 349 32.62 -20.56 -11.55
C LEU A 349 33.19 -19.55 -10.55
N ALA A 350 32.65 -19.59 -9.34
CA ALA A 350 33.08 -18.67 -8.30
C ALA A 350 33.99 -19.40 -7.33
N GLN A 351 35.29 -19.07 -7.29
CA GLN A 351 35.92 -18.01 -8.07
C GLN A 351 37.18 -18.59 -8.76
N LEU A 352 37.96 -17.75 -9.43
CA LEU A 352 39.02 -18.24 -10.30
C LEU A 352 40.35 -18.58 -9.57
N ILE A 353 40.78 -17.67 -8.70
CA ILE A 353 42.09 -17.72 -8.08
C ILE A 353 42.03 -17.71 -6.57
N ASN A 354 42.59 -18.75 -5.93
CA ASN A 354 42.68 -18.89 -4.46
C ASN A 354 41.38 -19.01 -3.67
N VAL A 355 40.44 -18.14 -4.01
CA VAL A 355 39.18 -18.03 -3.33
C VAL A 355 38.21 -19.03 -3.94
N ILE A 356 37.79 -20.01 -3.14
CA ILE A 356 37.03 -21.18 -3.61
C ILE A 356 37.30 -21.46 -5.07
N ALA A 357 38.56 -21.74 -5.36
CA ALA A 357 39.06 -21.70 -6.73
C ALA A 357 39.57 -23.05 -7.23
N PRO A 358 39.64 -23.23 -8.55
CA PRO A 358 40.30 -24.40 -9.12
C PRO A 358 41.83 -24.21 -9.10
N ILE A 359 42.29 -22.96 -9.03
CA ILE A 359 43.72 -22.65 -9.05
C ILE A 359 44.20 -22.07 -7.73
N VAL A 360 45.36 -22.53 -7.27
CA VAL A 360 45.89 -22.10 -5.97
C VAL A 360 47.37 -21.71 -6.03
N THR A 361 47.75 -20.64 -5.33
CA THR A 361 49.14 -20.32 -5.05
C THR A 361 49.32 -20.30 -3.52
N GLU A 362 50.47 -20.77 -3.03
CA GLU A 362 50.58 -21.17 -1.62
C GLU A 362 50.39 -20.12 -0.53
N ARG A 363 51.09 -18.99 -0.65
CA ARG A 363 51.16 -17.94 0.38
C ARG A 363 52.56 -17.37 0.33
N ASN A 364 52.66 -16.06 0.31
CA ASN A 364 53.95 -15.38 0.35
C ASN A 364 54.92 -15.84 -0.73
N GLY A 365 54.38 -16.13 -1.92
CA GLY A 365 55.21 -16.43 -3.08
C GLY A 365 54.76 -17.69 -3.78
N GLY A 366 53.91 -18.44 -3.11
CA GLY A 366 53.14 -19.51 -3.76
C GLY A 366 53.89 -20.70 -4.31
N ALA A 367 53.47 -21.14 -5.49
CA ALA A 367 54.06 -22.26 -6.24
C ALA A 367 53.16 -22.57 -7.41
N ALA A 368 51.85 -22.62 -7.14
CA ALA A 368 50.78 -22.78 -8.14
C ALA A 368 50.42 -24.21 -8.57
N TRP A 369 49.23 -24.65 -8.20
CA TRP A 369 48.77 -26.00 -8.48
C TRP A 369 47.27 -26.09 -8.76
N ARG A 370 46.85 -27.19 -9.39
CA ARG A 370 45.44 -27.40 -9.76
C ARG A 370 44.65 -28.21 -8.72
N GLN A 371 43.55 -27.64 -8.24
CA GLN A 371 42.66 -28.37 -7.33
C GLN A 371 41.88 -29.45 -8.09
N THR A 372 41.20 -30.34 -7.37
CA THR A 372 40.44 -31.40 -8.00
C THR A 372 39.43 -30.82 -9.00
N ILE A 373 38.70 -29.79 -8.57
CA ILE A 373 37.64 -29.23 -9.40
C ILE A 373 38.13 -28.57 -10.70
N PHE A 374 39.42 -28.33 -10.80
CA PHE A 374 40.01 -27.79 -12.03
C PHE A 374 39.64 -28.67 -13.24
N TYR A 375 39.62 -29.99 -13.03
CA TYR A 375 39.57 -30.90 -14.18
C TYR A 375 38.23 -31.06 -14.90
N PRO A 376 37.13 -31.25 -14.14
CA PRO A 376 35.85 -31.23 -14.86
C PRO A 376 35.63 -29.89 -15.57
N PHE A 377 35.88 -28.76 -14.91
CA PHE A 377 35.75 -27.48 -15.58
C PHE A 377 36.61 -27.38 -16.82
N MET A 378 37.81 -27.94 -16.76
CA MET A 378 38.69 -27.94 -17.91
C MET A 378 38.06 -28.69 -19.10
N HIS A 379 37.54 -29.89 -18.82
CA HIS A 379 36.97 -30.73 -19.87
C HIS A 379 35.76 -30.07 -20.49
N ALA A 380 34.82 -29.72 -19.63
CA ALA A 380 33.61 -29.01 -20.02
C ALA A 380 33.97 -27.84 -20.93
N SER A 381 34.83 -26.95 -20.47
CA SER A 381 35.19 -25.79 -21.26
C SER A 381 35.85 -26.15 -22.61
N LYS A 382 36.61 -27.24 -22.65
CA LYS A 382 37.41 -27.60 -23.82
C LYS A 382 36.64 -28.38 -24.91
N TYR A 383 35.85 -29.36 -24.47
CA TYR A 383 35.12 -30.24 -25.40
C TYR A 383 33.62 -29.94 -25.42
N GLY A 384 33.22 -28.88 -24.73
CA GLY A 384 31.79 -28.60 -24.57
C GLY A 384 31.22 -27.45 -25.38
N ARG A 385 31.92 -27.04 -26.45
CA ARG A 385 31.44 -26.01 -27.35
C ARG A 385 30.67 -26.73 -28.47
N GLY A 386 29.72 -26.03 -29.10
CA GLY A 386 28.86 -26.65 -30.10
C GLY A 386 27.42 -26.76 -29.63
N ILE A 387 26.74 -27.85 -30.00
CA ILE A 387 25.31 -27.96 -29.74
C ILE A 387 24.94 -29.02 -28.70
N VAL A 388 24.28 -28.60 -27.62
CA VAL A 388 23.76 -29.56 -26.66
C VAL A 388 22.64 -30.32 -27.32
N LEU A 389 22.70 -31.64 -27.27
CA LEU A 389 21.64 -32.47 -27.85
C LEU A 389 20.75 -33.01 -26.75
N GLN A 390 19.48 -33.18 -27.06
CA GLN A 390 18.52 -33.60 -26.05
C GLN A 390 18.88 -34.95 -25.46
N PRO A 391 18.99 -35.02 -24.13
CA PRO A 391 19.24 -36.28 -23.47
C PRO A 391 17.95 -37.08 -23.20
N VAL A 392 17.76 -38.14 -23.98
CA VAL A 392 16.73 -39.11 -23.64
C VAL A 392 17.45 -40.25 -22.96
N ILE A 393 17.32 -40.31 -21.63
CA ILE A 393 18.10 -41.27 -20.87
C ILE A 393 17.20 -42.12 -19.99
N ASN A 394 17.39 -43.43 -20.08
CA ASN A 394 16.79 -44.31 -19.11
C ASN A 394 17.87 -44.79 -18.15
N SER A 395 17.93 -44.16 -16.99
CA SER A 395 18.94 -44.50 -15.99
C SER A 395 18.32 -45.27 -14.85
N PRO A 396 19.12 -46.17 -14.25
CA PRO A 396 18.75 -46.74 -12.96
C PRO A 396 18.61 -45.59 -11.98
N LEU A 397 17.80 -45.79 -10.94
CA LEU A 397 17.62 -44.74 -9.98
C LEU A 397 18.11 -45.21 -8.62
N HIS A 398 18.14 -44.30 -7.66
CA HIS A 398 18.48 -44.63 -6.30
C HIS A 398 18.07 -43.50 -5.36
N ASP A 399 17.51 -43.85 -4.21
CA ASP A 399 17.23 -42.85 -3.19
C ASP A 399 18.51 -42.46 -2.46
N THR A 400 18.43 -41.41 -1.64
CA THR A 400 19.49 -41.03 -0.71
C THR A 400 18.76 -40.55 0.52
N SER A 401 19.51 -39.96 1.45
CA SER A 401 18.93 -39.59 2.74
C SER A 401 18.02 -38.38 2.66
N LYS A 402 18.21 -37.54 1.65
CA LYS A 402 17.42 -36.32 1.54
C LYS A 402 16.91 -36.05 0.11
N HIS A 403 17.01 -37.05 -0.75
CA HIS A 403 16.59 -36.94 -2.14
C HIS A 403 16.02 -38.28 -2.59
N GLU A 404 15.14 -38.25 -3.58
CA GLU A 404 14.50 -39.47 -4.05
C GLU A 404 14.59 -39.58 -5.55
N ASP A 405 14.77 -40.82 -6.01
CA ASP A 405 14.78 -41.13 -7.43
C ASP A 405 15.87 -40.34 -8.17
N VAL A 406 17.08 -40.38 -7.63
CA VAL A 406 18.23 -39.70 -8.20
C VAL A 406 18.87 -40.60 -9.24
N THR A 407 19.09 -40.06 -10.44
CA THR A 407 19.67 -40.86 -11.50
C THR A 407 21.04 -41.36 -11.08
N ASP A 408 21.34 -42.59 -11.44
CA ASP A 408 22.66 -43.15 -11.21
C ASP A 408 23.60 -42.48 -12.18
N ILE A 409 23.16 -42.39 -13.43
CA ILE A 409 23.99 -41.76 -14.44
C ILE A 409 23.37 -40.43 -14.81
N GLU A 410 24.22 -39.42 -14.91
CA GLU A 410 23.77 -38.12 -15.35
C GLU A 410 24.62 -37.79 -16.57
N SER A 411 23.97 -37.56 -17.69
CA SER A 411 24.73 -37.48 -18.94
C SER A 411 24.17 -36.43 -19.90
N VAL A 412 25.03 -35.93 -20.78
CA VAL A 412 24.70 -34.89 -21.75
C VAL A 412 25.63 -35.03 -22.94
N ALA A 413 25.11 -34.86 -24.16
CA ALA A 413 25.99 -34.87 -25.34
C ALA A 413 26.10 -33.49 -25.98
N ILE A 414 27.30 -33.16 -26.44
CA ILE A 414 27.57 -31.87 -27.08
C ILE A 414 28.26 -32.11 -28.42
N TYR A 415 27.65 -31.63 -29.50
CA TYR A 415 28.12 -31.92 -30.85
C TYR A 415 28.75 -30.72 -31.54
N ASN A 416 30.04 -30.80 -31.80
CA ASN A 416 30.74 -29.77 -32.56
C ASN A 416 30.77 -30.15 -34.02
N GLU A 417 30.04 -29.39 -34.84
CA GLU A 417 29.97 -29.65 -36.27
C GLU A 417 31.27 -29.30 -36.97
N GLU A 418 31.93 -28.25 -36.49
CA GLU A 418 33.18 -27.77 -37.09
C GLU A 418 34.34 -28.76 -36.93
N LYS A 419 34.14 -29.80 -36.11
CA LYS A 419 35.17 -30.80 -35.88
C LYS A 419 34.63 -32.21 -36.11
N GLU A 420 33.31 -32.28 -36.30
CA GLU A 420 32.58 -33.53 -36.48
C GLU A 420 32.77 -34.49 -35.31
N GLU A 421 33.07 -33.92 -34.15
CA GLU A 421 33.15 -34.65 -32.90
C GLU A 421 31.83 -34.58 -32.14
N VAL A 422 31.65 -35.52 -31.22
CA VAL A 422 30.52 -35.49 -30.31
C VAL A 422 30.99 -35.94 -28.93
N THR A 423 31.20 -34.98 -28.03
CA THR A 423 31.64 -35.33 -26.68
C THR A 423 30.45 -35.75 -25.84
N ILE A 424 30.69 -36.67 -24.91
CA ILE A 424 29.64 -37.18 -24.04
C ILE A 424 30.10 -37.09 -22.61
N PHE A 425 29.48 -36.21 -21.85
CA PHE A 425 29.84 -36.01 -20.46
C PHE A 425 28.90 -36.85 -19.63
N ALA A 426 29.46 -37.62 -18.69
CA ALA A 426 28.63 -38.43 -17.82
C ALA A 426 29.27 -38.58 -16.44
N VAL A 427 28.43 -38.51 -15.42
CA VAL A 427 28.85 -38.76 -14.06
C VAL A 427 28.05 -39.91 -13.47
N ASN A 428 28.76 -40.86 -12.87
CA ASN A 428 28.12 -41.96 -12.18
C ASN A 428 27.99 -41.63 -10.69
N ARG A 429 26.85 -41.11 -10.29
CA ARG A 429 26.62 -40.79 -8.88
C ARG A 429 26.27 -42.02 -8.11
N ASN A 430 26.27 -43.18 -8.76
CA ASN A 430 26.16 -44.42 -8.00
C ASN A 430 27.55 -44.68 -7.43
N ILE A 431 27.70 -44.26 -6.17
CA ILE A 431 28.98 -44.27 -5.49
C ILE A 431 29.48 -45.71 -5.27
N HIS A 432 28.56 -46.66 -5.20
CA HIS A 432 28.91 -48.03 -4.89
C HIS A 432 29.04 -48.94 -6.11
N GLU A 433 28.03 -48.92 -6.98
CA GLU A 433 27.93 -49.91 -8.05
C GLU A 433 28.36 -49.36 -9.41
N ASP A 434 29.43 -49.92 -9.95
CA ASP A 434 29.85 -49.62 -11.31
C ASP A 434 28.68 -49.87 -12.29
N ILE A 435 28.63 -49.09 -13.38
CA ILE A 435 27.54 -49.15 -14.37
C ILE A 435 28.07 -48.88 -15.80
N VAL A 436 27.53 -49.60 -16.78
CA VAL A 436 27.86 -49.39 -18.19
C VAL A 436 26.80 -48.55 -18.88
N LEU A 437 27.22 -47.66 -19.76
CA LEU A 437 26.32 -46.74 -20.45
C LEU A 437 26.21 -47.10 -21.92
N VAL A 438 25.02 -47.53 -22.32
CA VAL A 438 24.79 -47.90 -23.71
C VAL A 438 24.32 -46.68 -24.51
N SER A 439 25.21 -46.16 -25.35
CA SER A 439 24.91 -44.95 -26.09
C SER A 439 24.58 -45.26 -27.53
N ASP A 440 23.29 -45.33 -27.83
CA ASP A 440 22.80 -45.47 -29.20
C ASP A 440 22.87 -44.14 -29.92
N VAL A 441 23.95 -43.92 -30.68
CA VAL A 441 24.13 -42.63 -31.35
C VAL A 441 23.81 -42.63 -32.86
N ARG A 442 22.69 -42.01 -33.21
CA ARG A 442 22.24 -41.87 -34.60
C ARG A 442 23.11 -40.88 -35.37
N GLY A 443 24.37 -41.26 -35.61
CA GLY A 443 25.36 -40.34 -36.15
C GLY A 443 25.54 -40.37 -37.66
N MET A 444 26.67 -40.86 -38.19
CA MET A 444 27.81 -41.49 -37.46
C MET A 444 27.44 -42.77 -36.72
N ARG A 448 33.26 -43.59 -35.43
CA ARG A 448 34.63 -43.73 -34.94
C ARG A 448 34.81 -43.22 -33.50
N LEU A 449 35.71 -43.86 -32.75
CA LEU A 449 35.98 -43.49 -31.35
C LEU A 449 37.33 -42.80 -31.19
N LEU A 450 37.42 -41.82 -30.28
CA LEU A 450 38.65 -41.03 -30.11
C LEU A 450 39.36 -41.20 -28.74
N GLU A 451 38.58 -41.16 -27.65
CA GLU A 451 39.06 -41.52 -26.31
C GLU A 451 37.95 -41.70 -25.28
N HIS A 452 38.33 -41.90 -24.03
CA HIS A 452 37.37 -41.97 -22.94
C HIS A 452 38.08 -41.46 -21.71
N ILE A 453 38.32 -40.15 -21.66
CA ILE A 453 39.03 -39.56 -20.52
C ILE A 453 38.24 -39.81 -19.26
N VAL A 454 38.92 -40.00 -18.15
CA VAL A 454 38.23 -40.42 -16.94
C VAL A 454 38.75 -39.67 -15.70
N LEU A 455 37.93 -39.64 -14.66
CA LEU A 455 38.32 -39.02 -13.40
C LEU A 455 37.84 -39.88 -12.25
N GLU A 456 38.72 -40.72 -11.73
CA GLU A 456 38.36 -41.63 -10.65
C GLU A 456 39.43 -41.70 -9.57
N HIS A 457 38.98 -41.99 -8.36
CA HIS A 457 39.87 -42.23 -7.25
C HIS A 457 39.08 -43.01 -6.24
N GLN A 458 39.79 -43.77 -5.40
CA GLN A 458 39.12 -44.67 -4.46
C GLN A 458 38.83 -43.95 -3.17
N ASP A 459 39.56 -42.85 -2.93
CA ASP A 459 39.30 -42.03 -1.74
C ASP A 459 38.50 -40.77 -2.10
N LEU A 460 37.25 -40.72 -1.65
CA LEU A 460 36.35 -39.59 -1.93
C LEU A 460 36.88 -38.32 -1.28
N LYS A 461 37.54 -38.47 -0.13
CA LYS A 461 38.04 -37.33 0.63
C LYS A 461 39.46 -36.94 0.23
N ILE A 462 39.99 -37.57 -0.82
CA ILE A 462 41.35 -37.28 -1.26
C ILE A 462 41.43 -35.89 -1.85
N ARG A 463 42.57 -35.23 -1.66
CA ARG A 463 42.75 -33.88 -2.13
C ARG A 463 43.98 -33.79 -3.02
N ASN A 464 44.20 -32.61 -3.59
CA ASN A 464 45.45 -32.25 -4.23
C ASN A 464 46.17 -31.27 -3.32
N SER A 465 47.36 -30.85 -3.75
CA SER A 465 48.15 -29.88 -3.01
C SER A 465 49.31 -29.42 -3.89
N VAL A 466 50.10 -28.50 -3.34
CA VAL A 466 51.29 -27.99 -4.01
C VAL A 466 52.30 -29.13 -4.26
N ASN A 467 52.22 -30.16 -3.42
CA ASN A 467 53.07 -31.33 -3.54
C ASN A 467 52.48 -32.35 -4.50
N GLY A 468 52.07 -31.90 -5.68
CA GLY A 468 51.53 -32.79 -6.69
C GLY A 468 50.07 -33.19 -6.54
N GLU A 469 49.49 -33.58 -7.68
CA GLU A 469 48.05 -33.77 -7.84
C GLU A 469 47.46 -34.89 -6.95
N GLU A 470 47.11 -36.03 -7.57
CA GLU A 470 46.35 -37.17 -6.99
C GLU A 470 45.09 -37.38 -7.82
N VAL A 471 44.33 -36.31 -7.99
CA VAL A 471 43.22 -36.32 -8.92
C VAL A 471 43.61 -35.57 -10.20
N TYR A 472 43.65 -36.31 -11.31
CA TYR A 472 44.07 -35.77 -12.60
C TYR A 472 43.49 -36.68 -13.66
N PRO A 473 43.31 -36.17 -14.88
CA PRO A 473 42.72 -36.99 -15.93
C PRO A 473 43.65 -38.11 -16.39
N LYS A 474 43.07 -39.30 -16.56
CA LYS A 474 43.79 -40.46 -17.06
C LYS A 474 43.15 -40.88 -18.38
N ASN A 475 43.93 -40.85 -19.45
CA ASN A 475 43.46 -41.19 -20.80
C ASN A 475 43.02 -42.65 -20.92
N SER A 476 42.16 -43.08 -20.01
CA SER A 476 41.91 -44.50 -19.75
C SER A 476 40.67 -45.11 -20.39
N ASP A 477 40.29 -46.28 -19.87
CA ASP A 477 39.16 -47.09 -20.37
C ASP A 477 39.42 -47.86 -21.69
N LYS A 478 38.74 -48.99 -21.99
CA LYS A 478 37.47 -49.52 -21.45
C LYS A 478 36.26 -48.74 -22.04
N SER A 479 36.46 -48.26 -23.26
CA SER A 479 35.49 -47.47 -24.01
C SER A 479 34.72 -48.27 -25.08
N SER A 480 35.27 -48.31 -26.30
CA SER A 480 34.82 -49.19 -27.41
C SER A 480 33.57 -48.78 -28.23
N PHE A 481 33.77 -48.52 -29.52
CA PHE A 481 32.70 -48.09 -30.43
C PHE A 481 32.66 -48.94 -31.72
N ASP A 482 31.52 -49.58 -31.98
CA ASP A 482 31.35 -50.42 -33.18
C ASP A 482 30.75 -49.66 -34.39
N ASP A 483 29.51 -49.97 -34.74
CA ASP A 483 28.84 -49.33 -35.89
C ASP A 483 28.14 -48.02 -35.53
N GLY A 484 27.05 -48.13 -34.79
CA GLY A 484 26.31 -46.95 -34.37
C GLY A 484 26.23 -46.88 -32.85
N ILE A 485 26.68 -47.94 -32.18
CA ILE A 485 26.50 -48.04 -30.74
C ILE A 485 27.81 -47.89 -29.94
N LEU A 486 27.78 -46.98 -28.98
CA LEU A 486 28.88 -46.81 -28.02
C LEU A 486 28.47 -47.38 -26.68
N THR A 487 29.35 -48.18 -26.09
CA THR A 487 29.05 -48.83 -24.81
C THR A 487 30.18 -48.63 -23.81
N SER A 488 29.96 -47.76 -22.83
CA SER A 488 31.03 -47.38 -21.93
C SER A 488 30.76 -47.78 -20.48
N MET A 489 31.77 -48.39 -19.85
CA MET A 489 31.70 -48.75 -18.45
C MET A 489 32.05 -47.53 -17.60
N LEU A 490 31.10 -47.11 -16.78
CA LEU A 490 31.25 -45.91 -15.96
C LEU A 490 31.50 -46.30 -14.52
N ARG A 491 32.76 -46.22 -14.09
CA ARG A 491 33.18 -46.65 -12.76
C ARG A 491 32.36 -45.92 -11.70
N ARG A 492 31.99 -46.62 -10.63
CA ARG A 492 31.24 -45.99 -9.54
C ARG A 492 31.96 -44.74 -9.04
N ALA A 493 31.20 -43.66 -8.84
CA ALA A 493 31.72 -42.37 -8.42
C ALA A 493 32.75 -41.79 -9.38
N SER A 494 32.39 -41.69 -10.66
CA SER A 494 33.33 -41.18 -11.65
C SER A 494 32.78 -40.08 -12.58
N TRP A 495 33.72 -39.31 -13.09
CA TRP A 495 33.47 -38.31 -14.10
C TRP A 495 34.03 -38.92 -15.38
N ASN A 496 33.33 -38.70 -16.49
CA ASN A 496 33.67 -39.34 -17.75
C ASN A 496 33.52 -38.39 -18.93
N VAL A 497 34.54 -38.35 -19.78
CA VAL A 497 34.52 -37.56 -21.00
C VAL A 497 34.77 -38.48 -22.20
N ILE A 498 33.70 -38.80 -22.92
CA ILE A 498 33.75 -39.83 -23.96
C ILE A 498 33.57 -39.25 -25.38
N ARG A 499 34.61 -39.33 -26.20
CA ARG A 499 34.63 -38.66 -27.50
C ARG A 499 34.43 -39.57 -28.74
N ILE A 500 34.12 -38.95 -29.87
CA ILE A 500 33.72 -39.66 -31.08
C ILE A 500 34.26 -38.95 -32.33
N GLY A 501 34.70 -39.71 -33.34
CA GLY A 501 35.19 -39.14 -34.58
C GLY A 501 34.38 -39.57 -35.80
N LYS B 1 -21.63 32.67 -41.98
CA LYS B 1 -21.32 33.96 -42.58
C LYS B 1 -21.07 35.07 -41.56
N LYS B 2 -21.90 35.14 -40.52
CA LYS B 2 -21.78 36.22 -39.54
C LYS B 2 -21.44 35.72 -38.14
N ALA B 3 -20.53 36.41 -37.46
CA ALA B 3 -20.20 36.08 -36.08
C ALA B 3 -20.29 37.31 -35.18
N ARG B 4 -20.82 37.11 -33.97
CA ARG B 4 -21.12 38.21 -33.05
C ARG B 4 -20.52 37.98 -31.66
N MET B 5 -19.85 38.99 -31.13
CA MET B 5 -19.36 38.92 -29.76
C MET B 5 -19.47 40.30 -29.13
N THR B 6 -19.82 40.36 -27.85
CA THR B 6 -19.89 41.64 -27.18
C THR B 6 -18.65 41.83 -26.28
N VAL B 7 -18.18 43.07 -26.18
CA VAL B 7 -16.93 43.38 -25.48
C VAL B 7 -17.11 44.44 -24.40
N ASP B 8 -16.87 44.07 -23.14
CA ASP B 8 -17.18 44.94 -22.01
C ASP B 8 -16.12 44.90 -20.91
N LYS B 9 -15.45 46.03 -20.68
CA LYS B 9 -14.38 46.12 -19.67
C LYS B 9 -14.81 45.68 -18.26
N ASP B 10 -16.11 45.68 -18.01
CA ASP B 10 -16.63 45.24 -16.71
C ASP B 10 -16.42 43.76 -16.53
N TYR B 11 -16.58 43.02 -17.62
CA TYR B 11 -16.56 41.57 -17.56
C TYR B 11 -15.13 41.02 -17.72
N LYS B 12 -14.34 41.11 -16.65
CA LYS B 12 -12.93 40.74 -16.69
C LYS B 12 -12.71 39.22 -16.55
N ILE B 13 -11.55 38.76 -17.00
CA ILE B 13 -11.04 37.46 -16.63
C ILE B 13 -9.84 37.63 -15.68
N ALA B 14 -8.80 38.34 -16.13
CA ALA B 14 -7.68 38.75 -15.26
C ALA B 14 -6.70 39.67 -15.97
N GLU B 15 -5.69 40.11 -15.23
CA GLU B 15 -4.62 40.89 -15.80
C GLU B 15 -3.55 39.97 -16.39
N ILE B 16 -3.07 40.30 -17.57
CA ILE B 16 -2.07 39.49 -18.21
C ILE B 16 -0.71 39.67 -17.53
N ASP B 17 -0.12 38.54 -17.14
CA ASP B 17 1.24 38.49 -16.67
C ASP B 17 2.10 38.33 -17.93
N LYS B 18 2.98 39.30 -18.14
CA LYS B 18 3.77 39.37 -19.35
C LYS B 18 4.65 38.14 -19.47
N ARG B 19 4.81 37.42 -18.37
CA ARG B 19 5.59 36.19 -18.38
C ARG B 19 4.94 35.06 -19.16
N ILE B 20 3.74 35.28 -19.68
CA ILE B 20 3.15 34.31 -20.62
C ILE B 20 3.67 34.52 -22.03
N TYR B 21 4.55 35.51 -22.21
CA TYR B 21 5.24 35.68 -23.49
C TYR B 21 6.71 35.33 -23.32
N GLY B 22 6.95 34.29 -22.54
CA GLY B 22 8.29 33.77 -22.35
C GLY B 22 8.65 32.71 -23.39
N SER B 23 9.90 32.28 -23.31
CA SER B 23 10.40 31.26 -24.20
C SER B 23 11.45 30.46 -23.45
N PHE B 24 12.33 29.80 -24.19
CA PHE B 24 13.04 28.67 -23.65
C PHE B 24 14.24 28.43 -24.57
N VAL B 25 15.42 28.34 -23.98
CA VAL B 25 16.55 27.82 -24.71
C VAL B 25 17.14 26.61 -24.01
N GLU B 26 17.27 25.51 -24.74
CA GLU B 26 17.89 24.28 -24.24
C GLU B 26 19.21 24.07 -24.96
N HIS B 27 20.19 23.48 -24.29
CA HIS B 27 21.39 22.97 -24.96
C HIS B 27 21.04 21.79 -25.87
N LEU B 28 20.44 22.11 -27.01
CA LEU B 28 19.87 21.13 -27.91
C LEU B 28 20.16 21.63 -29.31
N GLY B 29 20.65 20.75 -30.18
CA GLY B 29 20.89 21.09 -31.56
C GLY B 29 21.71 22.34 -31.77
N ARG B 30 21.17 23.28 -32.53
CA ARG B 30 21.86 24.53 -32.81
C ARG B 30 21.27 25.72 -32.04
N ALA B 31 20.57 25.45 -30.93
CA ALA B 31 19.97 26.53 -30.16
C ALA B 31 21.05 27.50 -29.69
N VAL B 32 22.15 26.96 -29.19
CA VAL B 32 23.24 27.76 -28.66
C VAL B 32 24.41 27.80 -29.64
N TYR B 33 24.99 26.65 -29.90
CA TYR B 33 26.14 26.58 -30.80
C TYR B 33 25.64 26.58 -32.23
N ASP B 34 26.24 27.45 -33.06
CA ASP B 34 25.77 27.69 -34.43
C ASP B 34 24.33 28.23 -34.37
N GLY B 35 24.08 29.01 -33.33
CA GLY B 35 22.79 29.60 -33.07
C GLY B 35 22.99 30.95 -32.41
N LEU B 36 22.64 31.06 -31.13
CA LEU B 36 22.81 32.34 -30.43
C LEU B 36 24.29 32.67 -30.22
N TYR B 37 25.11 31.64 -30.14
CA TYR B 37 26.53 31.76 -29.83
C TYR B 37 27.42 31.28 -30.99
N GLN B 38 28.05 32.23 -31.67
CA GLN B 38 28.97 31.91 -32.78
C GLN B 38 30.21 32.79 -32.73
N PRO B 39 31.18 32.44 -31.86
CA PRO B 39 32.39 33.19 -31.47
C PRO B 39 33.11 34.05 -32.54
N GLY B 40 33.56 33.45 -33.64
CA GLY B 40 34.37 34.22 -34.59
C GLY B 40 33.60 34.85 -35.75
N ASN B 41 32.29 34.95 -35.60
CA ASN B 41 31.42 35.36 -36.69
C ASN B 41 31.36 36.89 -36.84
N SER B 42 31.16 37.35 -38.08
CA SER B 42 31.18 38.77 -38.38
C SER B 42 30.02 39.50 -37.71
N LYS B 43 28.93 38.77 -37.50
CA LYS B 43 27.76 39.35 -36.86
C LYS B 43 27.78 39.13 -35.34
N SER B 44 28.89 38.61 -34.82
CA SER B 44 29.01 38.33 -33.39
C SER B 44 29.81 39.38 -32.63
N ASP B 45 29.27 39.82 -31.50
CA ASP B 45 29.95 40.75 -30.62
C ASP B 45 31.16 40.11 -29.93
N GLU B 46 31.52 40.71 -28.79
CA GLU B 46 32.69 40.32 -28.00
C GLU B 46 32.51 38.97 -27.32
N ASP B 47 31.30 38.73 -26.81
CA ASP B 47 30.98 37.50 -26.12
C ASP B 47 30.68 36.33 -27.08
N GLY B 48 30.69 36.62 -28.37
CA GLY B 48 30.45 35.61 -29.38
C GLY B 48 28.98 35.51 -29.72
N PHE B 49 28.21 36.50 -29.28
CA PHE B 49 26.76 36.51 -29.47
C PHE B 49 26.36 37.10 -30.84
N ARG B 50 25.61 36.34 -31.62
CA ARG B 50 25.05 36.86 -32.86
C ARG B 50 24.15 38.09 -32.64
N LYS B 51 24.63 39.27 -33.10
CA LYS B 51 23.95 40.55 -32.89
C LYS B 51 22.60 40.62 -33.59
N ASP B 52 22.49 39.94 -34.73
CA ASP B 52 21.28 39.99 -35.53
C ASP B 52 20.18 39.16 -34.87
N VAL B 53 20.61 38.12 -34.16
CA VAL B 53 19.71 37.24 -33.42
C VAL B 53 19.17 37.94 -32.17
N ILE B 54 20.05 38.64 -31.47
CA ILE B 54 19.63 39.46 -30.33
C ILE B 54 18.51 40.41 -30.73
N GLU B 55 18.71 41.12 -31.86
CA GLU B 55 17.71 42.08 -32.35
C GLU B 55 16.38 41.41 -32.63
N LEU B 56 16.41 40.28 -33.31
CA LEU B 56 15.19 39.53 -33.59
C LEU B 56 14.46 39.09 -32.30
N VAL B 57 15.22 38.71 -31.27
CA VAL B 57 14.60 38.31 -30.01
C VAL B 57 13.91 39.51 -29.34
N LYS B 58 14.57 40.67 -29.30
CA LYS B 58 13.95 41.89 -28.74
C LYS B 58 12.65 42.23 -29.47
N GLU B 59 12.50 41.77 -30.70
CA GLU B 59 11.29 42.04 -31.45
C GLU B 59 10.08 41.34 -30.85
N LEU B 60 10.33 40.22 -30.18
CA LEU B 60 9.24 39.42 -29.61
C LEU B 60 8.92 39.83 -28.19
N ASN B 61 9.73 40.72 -27.62
CA ASN B 61 9.51 41.20 -26.25
C ASN B 61 9.38 40.06 -25.27
N VAL B 62 10.35 39.15 -25.28
CA VAL B 62 10.36 38.02 -24.38
C VAL B 62 10.99 38.43 -23.04
N PRO B 63 10.19 38.48 -21.97
CA PRO B 63 10.66 38.87 -20.63
C PRO B 63 11.34 37.73 -19.83
N ILE B 64 11.04 36.47 -20.13
CA ILE B 64 11.58 35.37 -19.35
C ILE B 64 11.93 34.17 -20.23
N ILE B 65 13.11 33.59 -20.02
CA ILE B 65 13.57 32.44 -20.81
C ILE B 65 14.00 31.23 -19.96
N ALA B 66 13.28 30.12 -20.11
CA ALA B 66 13.62 28.90 -19.38
C ALA B 66 14.98 28.40 -19.85
N TYR B 67 15.76 27.84 -18.94
CA TYR B 67 17.14 27.43 -19.24
C TYR B 67 17.70 26.53 -18.13
N PRO B 68 18.52 25.51 -18.48
CA PRO B 68 19.01 25.12 -19.80
C PRO B 68 18.33 23.86 -20.38
N GLY B 69 17.16 23.52 -19.89
CA GLY B 69 16.42 22.38 -20.38
C GLY B 69 15.08 22.32 -19.68
N GLY B 70 14.22 21.39 -20.08
CA GLY B 70 14.52 20.46 -21.16
C GLY B 70 15.22 19.18 -20.69
N ASN B 71 15.10 18.11 -21.46
CA ASN B 71 15.71 16.84 -21.09
C ASN B 71 17.19 16.96 -20.75
N PHE B 72 17.84 17.94 -21.36
CA PHE B 72 19.25 18.19 -21.15
C PHE B 72 19.62 18.34 -19.67
N VAL B 73 18.75 18.97 -18.89
CA VAL B 73 19.05 19.32 -17.51
C VAL B 73 19.09 18.12 -16.58
N SER B 74 18.38 17.05 -16.96
CA SER B 74 18.25 15.90 -16.09
C SER B 74 19.56 15.16 -15.84
N ASN B 75 20.61 15.52 -16.56
CA ASN B 75 21.92 14.88 -16.36
C ASN B 75 23.08 15.85 -16.56
N TYR B 76 22.79 17.12 -16.25
CA TYR B 76 23.73 18.21 -16.37
C TYR B 76 24.34 18.52 -15.02
N PHE B 77 25.62 18.85 -15.04
CA PHE B 77 26.33 19.24 -13.84
C PHE B 77 26.80 20.68 -14.05
N TRP B 78 26.07 21.63 -13.45
CA TRP B 78 26.22 23.06 -13.69
C TRP B 78 27.65 23.59 -13.50
N GLU B 79 28.43 22.92 -12.65
CA GLU B 79 29.82 23.31 -12.45
C GLU B 79 30.64 23.15 -13.74
N ASP B 80 30.24 22.21 -14.59
CA ASP B 80 30.88 22.02 -15.90
C ASP B 80 30.82 23.23 -16.82
N GLY B 81 29.88 24.15 -16.55
CA GLY B 81 29.67 25.27 -17.43
C GLY B 81 30.08 26.60 -16.84
N VAL B 82 30.82 26.57 -15.75
CA VAL B 82 31.29 27.83 -15.17
C VAL B 82 32.76 27.77 -14.86
N GLY B 83 33.31 28.93 -14.53
CA GLY B 83 34.72 29.05 -14.27
C GLY B 83 35.47 29.13 -15.59
N PRO B 84 36.81 29.21 -15.51
CA PRO B 84 37.76 29.25 -16.62
C PRO B 84 37.35 28.30 -17.74
N VAL B 85 37.10 28.81 -18.95
CA VAL B 85 36.56 27.96 -19.99
C VAL B 85 37.52 26.82 -20.32
N GLU B 86 38.81 27.08 -20.13
CA GLU B 86 39.86 26.12 -20.41
C GLU B 86 39.68 24.84 -19.57
N ASP B 87 39.14 25.01 -18.37
CA ASP B 87 38.95 23.90 -17.42
C ASP B 87 37.54 23.29 -17.42
N ARG B 88 36.73 23.65 -18.42
CA ARG B 88 35.40 23.09 -18.57
C ARG B 88 35.51 21.85 -19.43
N PRO B 89 34.83 20.78 -19.02
CA PRO B 89 34.91 19.48 -19.69
C PRO B 89 33.90 19.34 -20.80
N ARG B 90 34.10 18.30 -21.60
CA ARG B 90 33.15 17.95 -22.62
C ARG B 90 32.37 16.77 -22.07
N ARG B 91 31.04 16.86 -22.11
CA ARG B 91 30.21 15.82 -21.52
C ARG B 91 29.33 15.17 -22.56
N LEU B 92 29.06 13.89 -22.37
CA LEU B 92 28.04 13.24 -23.14
C LEU B 92 26.72 13.81 -22.68
N ASP B 93 25.92 14.25 -23.63
CA ASP B 93 24.55 14.62 -23.35
C ASP B 93 23.72 13.42 -23.74
N LEU B 94 23.22 12.69 -22.74
CA LEU B 94 22.48 11.46 -23.01
C LEU B 94 21.13 11.74 -23.64
N ALA B 95 20.55 12.87 -23.30
CA ALA B 95 19.21 13.19 -23.81
C ALA B 95 19.20 13.21 -25.34
N TRP B 96 20.13 13.97 -25.91
CA TRP B 96 20.08 14.24 -27.32
C TRP B 96 21.28 13.65 -28.09
N LYS B 97 21.94 12.67 -27.47
CA LYS B 97 23.11 11.99 -28.05
C LYS B 97 24.10 12.93 -28.73
N SER B 98 24.52 13.96 -28.00
CA SER B 98 25.43 14.97 -28.51
C SER B 98 26.58 15.13 -27.56
N ILE B 99 27.58 15.91 -27.97
CA ILE B 99 28.65 16.26 -27.06
C ILE B 99 28.46 17.70 -26.62
N GLU B 100 28.45 17.93 -25.32
CA GLU B 100 28.30 19.27 -24.80
C GLU B 100 29.67 19.80 -24.38
N PRO B 101 30.14 20.85 -25.08
CA PRO B 101 31.46 21.44 -24.85
C PRO B 101 31.46 22.43 -23.69
N ASN B 102 30.27 22.80 -23.24
CA ASN B 102 30.11 23.70 -22.08
C ASN B 102 30.82 25.04 -22.21
N GLN B 103 30.93 25.55 -23.43
CA GLN B 103 31.52 26.87 -23.64
C GLN B 103 30.53 27.99 -23.35
N VAL B 104 29.26 27.61 -23.24
CA VAL B 104 28.26 28.51 -22.71
C VAL B 104 27.62 27.86 -21.48
N GLY B 105 27.78 28.49 -20.32
CA GLY B 105 27.14 28.02 -19.10
C GLY B 105 26.33 29.13 -18.45
N ILE B 106 26.04 28.96 -17.17
CA ILE B 106 25.21 29.93 -16.44
C ILE B 106 25.60 31.40 -16.64
N ASN B 107 26.87 31.75 -16.49
CA ASN B 107 27.28 33.15 -16.65
C ASN B 107 27.19 33.70 -18.08
N GLU B 108 27.60 32.90 -19.05
CA GLU B 108 27.51 33.33 -20.43
C GLU B 108 26.05 33.56 -20.82
N PHE B 109 25.18 32.61 -20.49
CA PHE B 109 23.77 32.73 -20.86
C PHE B 109 23.14 33.90 -20.12
N ALA B 110 23.58 34.10 -18.88
CA ALA B 110 23.07 35.17 -18.05
C ALA B 110 23.29 36.52 -18.73
N LYS B 111 24.47 36.73 -19.31
CA LYS B 111 24.73 38.00 -19.98
C LYS B 111 24.06 38.07 -21.35
N TRP B 112 23.82 36.93 -21.97
CA TRP B 112 23.06 36.92 -23.21
C TRP B 112 21.66 37.42 -22.93
N CYS B 113 21.17 37.12 -21.74
CA CYS B 113 19.78 37.40 -21.37
C CYS B 113 19.54 38.87 -21.08
N LYS B 114 20.57 39.55 -20.59
CA LYS B 114 20.49 41.00 -20.42
C LYS B 114 20.35 41.63 -21.80
N LYS B 115 21.21 41.20 -22.71
CA LYS B 115 21.26 41.73 -24.06
C LYS B 115 19.95 41.59 -24.84
N VAL B 116 19.04 40.73 -24.41
CA VAL B 116 17.77 40.62 -25.11
C VAL B 116 16.63 41.03 -24.19
N ASN B 117 17.01 41.70 -23.10
CA ASN B 117 16.05 42.22 -22.12
C ASN B 117 15.15 41.13 -21.53
N ALA B 118 15.77 40.04 -21.10
CA ALA B 118 15.06 38.97 -20.42
C ALA B 118 15.79 38.61 -19.13
N GLU B 119 15.28 37.60 -18.46
CA GLU B 119 16.00 37.03 -17.37
C GLU B 119 15.78 35.56 -17.40
N ILE B 120 16.64 34.85 -16.68
CA ILE B 120 16.59 33.41 -16.68
C ILE B 120 15.46 32.91 -15.80
N MET B 121 14.82 31.84 -16.27
CA MET B 121 14.10 30.90 -15.41
C MET B 121 14.97 29.65 -15.39
N MET B 122 15.59 29.35 -14.25
CA MET B 122 16.57 28.26 -14.16
C MET B 122 15.99 26.91 -13.87
N ALA B 123 16.38 25.91 -14.66
CA ALA B 123 16.08 24.50 -14.34
C ALA B 123 17.22 23.87 -13.53
N VAL B 124 16.89 23.04 -12.55
CA VAL B 124 17.93 22.30 -11.82
C VAL B 124 17.84 20.81 -12.13
N ASN B 125 18.97 20.13 -12.05
CA ASN B 125 19.01 18.68 -12.26
C ASN B 125 18.40 17.89 -11.10
N LEU B 126 17.26 17.27 -11.30
CA LEU B 126 16.74 16.35 -10.30
C LEU B 126 16.62 14.91 -10.83
N GLY B 127 17.23 14.65 -11.97
CA GLY B 127 17.32 13.30 -12.49
C GLY B 127 18.43 12.50 -11.84
N THR B 128 19.67 12.95 -12.03
CA THR B 128 20.81 12.25 -11.43
C THR B 128 21.42 13.00 -10.26
N ARG B 129 20.93 14.21 -10.02
CA ARG B 129 21.37 15.00 -8.88
C ARG B 129 20.17 15.31 -7.96
N GLY B 130 20.41 16.03 -6.87
CA GLY B 130 19.38 16.26 -5.87
C GLY B 130 19.46 17.54 -5.05
N ILE B 131 19.05 17.45 -3.78
CA ILE B 131 18.84 18.63 -2.90
C ILE B 131 20.04 19.54 -2.73
N SER B 132 21.16 18.98 -2.29
CA SER B 132 22.37 19.76 -2.07
C SER B 132 22.94 20.44 -3.33
N ASP B 133 22.91 19.76 -4.46
CA ASP B 133 23.34 20.40 -5.71
C ASP B 133 22.41 21.55 -6.13
N ALA B 134 21.11 21.38 -5.89
CA ALA B 134 20.18 22.49 -6.11
C ALA B 134 20.51 23.67 -5.20
N CYS B 135 20.83 23.38 -3.94
CA CYS B 135 21.20 24.45 -3.00
C CYS B 135 22.49 25.17 -3.42
N ASN B 136 23.51 24.42 -3.84
CA ASN B 136 24.74 25.03 -4.30
C ASN B 136 24.44 26.00 -5.42
N LEU B 137 23.71 25.52 -6.42
CA LEU B 137 23.40 26.33 -7.60
C LEU B 137 22.65 27.61 -7.20
N LEU B 138 21.65 27.48 -6.33
CA LEU B 138 20.86 28.63 -5.87
C LEU B 138 21.73 29.67 -5.16
N GLU B 139 22.66 29.18 -4.34
CA GLU B 139 23.57 30.03 -3.58
C GLU B 139 24.51 30.75 -4.53
N TYR B 140 25.09 29.97 -5.45
CA TYR B 140 25.93 30.51 -6.49
C TYR B 140 25.24 31.67 -7.22
N CYS B 141 23.97 31.51 -7.53
CA CYS B 141 23.28 32.50 -8.35
C CYS B 141 22.68 33.65 -7.58
N ASN B 142 22.18 33.36 -6.37
CA ASN B 142 21.37 34.34 -5.64
C ASN B 142 21.94 34.90 -4.34
N HIS B 143 22.91 34.22 -3.76
CA HIS B 143 23.49 34.73 -2.54
C HIS B 143 24.61 35.70 -2.90
N PRO B 144 24.68 36.84 -2.19
CA PRO B 144 25.54 37.98 -2.57
C PRO B 144 27.06 37.76 -2.44
N GLY B 145 27.52 37.13 -1.36
CA GLY B 145 28.94 36.85 -1.20
C GLY B 145 29.27 36.35 0.19
N GLY B 146 30.52 35.93 0.41
CA GLY B 146 30.96 35.56 1.73
C GLY B 146 30.41 34.22 2.18
N SER B 147 30.06 33.38 1.20
CA SER B 147 29.80 31.96 1.46
C SER B 147 30.50 31.26 0.32
N LYS B 148 30.72 29.95 0.47
CA LYS B 148 31.50 29.21 -0.51
C LYS B 148 31.08 29.46 -1.96
N TYR B 149 29.80 29.25 -2.26
CA TYR B 149 29.37 29.31 -3.65
C TYR B 149 29.14 30.74 -4.20
N SER B 150 28.78 31.69 -3.34
CA SER B 150 28.70 33.07 -3.80
C SER B 150 30.08 33.66 -4.12
N ASP B 151 31.11 33.24 -3.38
CA ASP B 151 32.46 33.65 -3.66
C ASP B 151 32.96 32.98 -4.93
N MET B 152 32.42 31.79 -5.20
CA MET B 152 32.81 31.09 -6.42
C MET B 152 32.27 31.84 -7.63
N ARG B 153 31.08 32.43 -7.50
CA ARG B 153 30.53 33.20 -8.60
C ARG B 153 31.38 34.44 -8.83
N ILE B 154 31.59 35.18 -7.74
CA ILE B 154 32.38 36.39 -7.77
C ILE B 154 33.75 36.15 -8.42
N LYS B 155 34.44 35.10 -7.97
CA LYS B 155 35.73 34.72 -8.54
C LYS B 155 35.63 34.43 -10.05
N HIS B 156 34.51 33.86 -10.48
CA HIS B 156 34.32 33.54 -11.89
C HIS B 156 34.02 34.77 -12.77
N GLY B 157 34.05 35.96 -12.18
CA GLY B 157 33.87 37.18 -12.95
C GLY B 157 32.54 37.91 -12.79
N VAL B 158 31.62 37.34 -12.02
CA VAL B 158 30.31 37.93 -11.88
C VAL B 158 30.12 38.43 -10.45
N LYS B 159 30.34 39.73 -10.24
CA LYS B 159 30.33 40.29 -8.90
C LYS B 159 28.93 40.30 -8.28
N GLU B 160 27.95 40.78 -9.04
CA GLU B 160 26.57 40.83 -8.58
C GLU B 160 25.94 39.48 -8.81
N PRO B 161 25.13 39.04 -7.84
CA PRO B 161 24.36 37.81 -8.00
C PRO B 161 23.30 37.97 -9.09
N HIS B 162 23.11 36.94 -9.90
CA HIS B 162 22.06 36.96 -10.92
C HIS B 162 20.67 37.17 -10.32
N ASN B 163 20.47 36.75 -9.07
CA ASN B 163 19.15 36.78 -8.43
C ASN B 163 18.04 36.22 -9.31
N ILE B 164 18.11 34.93 -9.59
CA ILE B 164 17.11 34.32 -10.47
C ILE B 164 15.80 34.11 -9.72
N LYS B 165 14.73 34.62 -10.32
CA LYS B 165 13.43 34.71 -9.66
C LYS B 165 12.67 33.40 -9.61
N VAL B 166 12.67 32.67 -10.72
CA VAL B 166 11.91 31.44 -10.82
C VAL B 166 12.81 30.25 -11.15
N TRP B 167 12.61 29.15 -10.45
CA TRP B 167 13.39 27.93 -10.62
C TRP B 167 12.46 26.76 -10.90
N CYS B 168 12.89 25.83 -11.74
CA CYS B 168 12.10 24.65 -12.06
C CYS B 168 12.69 23.39 -11.45
N LEU B 169 11.87 22.67 -10.69
CA LEU B 169 12.33 21.48 -10.00
C LEU B 169 12.45 20.33 -10.96
N GLY B 170 13.59 20.26 -11.63
CA GLY B 170 13.87 19.21 -12.59
C GLY B 170 13.08 19.39 -13.88
N ASN B 171 13.01 18.32 -14.66
CA ASN B 171 12.31 18.35 -15.90
C ASN B 171 11.68 17.01 -16.21
N GLU B 172 10.38 17.05 -16.56
N GLU B 172 10.38 17.07 -16.49
CA GLU B 172 9.68 15.92 -17.19
CA GLU B 172 9.57 15.98 -17.03
C GLU B 172 10.15 14.52 -16.85
C GLU B 172 10.11 14.57 -16.83
N MET B 173 10.16 14.16 -15.58
CA MET B 173 10.69 12.88 -15.22
C MET B 173 9.68 11.76 -15.31
N ASP B 174 8.54 12.00 -15.95
CA ASP B 174 7.51 10.97 -16.10
C ASP B 174 7.81 10.02 -17.26
N GLY B 175 8.58 10.49 -18.23
CA GLY B 175 8.81 9.73 -19.44
C GLY B 175 9.93 8.70 -19.39
N PRO B 176 9.74 7.56 -20.07
CA PRO B 176 10.75 6.50 -20.18
C PRO B 176 12.00 6.92 -20.96
N TRP B 177 11.92 8.03 -21.68
CA TRP B 177 13.04 8.54 -22.45
C TRP B 177 13.96 9.46 -21.62
N GLN B 178 13.51 9.82 -20.42
CA GLN B 178 14.26 10.72 -19.55
C GLN B 178 15.34 10.02 -18.70
N VAL B 179 16.55 10.58 -18.70
CA VAL B 179 17.56 10.14 -17.74
C VAL B 179 17.04 10.52 -16.36
N GLY B 180 17.04 9.56 -15.43
CA GLY B 180 16.63 9.85 -14.07
C GLY B 180 15.11 9.88 -13.92
N HIS B 181 14.44 9.13 -14.79
CA HIS B 181 12.99 8.99 -14.73
C HIS B 181 12.51 8.59 -13.34
N LYS B 182 11.49 9.27 -12.86
CA LYS B 182 10.94 9.02 -11.52
C LYS B 182 9.46 8.58 -11.57
N THR B 183 8.99 7.92 -10.51
CA THR B 183 7.56 7.72 -10.32
C THR B 183 7.02 8.97 -9.68
N MET B 184 5.70 9.13 -9.70
CA MET B 184 5.10 10.31 -9.10
C MET B 184 5.41 10.49 -7.61
N ASP B 185 5.43 9.42 -6.83
CA ASP B 185 5.83 9.55 -5.41
C ASP B 185 7.29 9.98 -5.26
N GLU B 186 8.18 9.27 -5.94
CA GLU B 186 9.59 9.64 -6.00
C GLU B 186 9.80 11.12 -6.35
N TYR B 187 9.19 11.57 -7.44
CA TYR B 187 9.42 12.94 -7.84
C TYR B 187 8.76 13.91 -6.86
N GLY B 188 7.61 13.53 -6.34
CA GLY B 188 6.90 14.36 -5.37
C GLY B 188 7.75 14.65 -4.15
N ARG B 189 8.37 13.61 -3.64
CA ARG B 189 9.21 13.73 -2.46
C ARG B 189 10.47 14.55 -2.69
N ILE B 190 11.13 14.30 -3.81
CA ILE B 190 12.37 15.00 -4.09
C ILE B 190 12.08 16.47 -4.38
N ALA B 191 10.92 16.77 -4.96
CA ALA B 191 10.56 18.15 -5.27
C ALA B 191 10.16 18.90 -4.02
N GLU B 192 9.41 18.25 -3.14
CA GLU B 192 9.03 18.85 -1.87
C GLU B 192 10.30 19.18 -1.07
N GLU B 193 11.23 18.23 -0.99
CA GLU B 193 12.42 18.46 -0.18
C GLU B 193 13.39 19.50 -0.77
N THR B 194 13.50 19.52 -2.10
CA THR B 194 14.31 20.52 -2.77
C THR B 194 13.72 21.91 -2.57
N ALA B 195 12.41 22.01 -2.74
CA ALA B 195 11.72 23.27 -2.57
C ALA B 195 11.88 23.80 -1.16
N ARG B 196 11.71 22.91 -0.18
CA ARG B 196 11.88 23.30 1.24
C ARG B 196 13.27 23.89 1.50
N ALA B 197 14.30 23.19 1.02
CA ALA B 197 15.68 23.63 1.15
C ALA B 197 15.93 24.96 0.47
N MET B 198 15.58 25.05 -0.80
CA MET B 198 15.86 26.28 -1.57
C MET B 198 15.22 27.52 -0.94
N LYS B 199 13.98 27.39 -0.49
CA LYS B 199 13.32 28.50 0.21
C LYS B 199 14.04 28.99 1.48
N MET B 200 14.79 28.12 2.15
CA MET B 200 15.58 28.56 3.31
C MET B 200 16.77 29.43 2.92
N ILE B 201 17.27 29.24 1.71
CA ILE B 201 18.38 30.03 1.24
C ILE B 201 17.92 31.38 0.69
N ASP B 202 16.80 31.36 -0.03
CA ASP B 202 16.22 32.56 -0.62
C ASP B 202 14.68 32.46 -0.65
N PRO B 203 14.03 33.05 0.37
CA PRO B 203 12.56 33.02 0.54
C PRO B 203 11.81 33.77 -0.56
N SER B 204 12.53 34.54 -1.37
CA SER B 204 11.88 35.40 -2.33
C SER B 204 11.65 34.75 -3.70
N ILE B 205 12.33 33.62 -3.95
CA ILE B 205 12.21 32.93 -5.23
C ILE B 205 10.85 32.26 -5.39
N GLU B 206 10.53 31.89 -6.63
CA GLU B 206 9.33 31.09 -6.89
C GLU B 206 9.72 29.76 -7.51
N LEU B 207 8.90 28.74 -7.29
CA LEU B 207 9.23 27.39 -7.71
C LEU B 207 8.13 26.74 -8.57
N VAL B 208 8.57 26.07 -9.62
CA VAL B 208 7.69 25.33 -10.49
C VAL B 208 7.92 23.84 -10.27
N ALA B 209 6.85 23.13 -9.94
CA ALA B 209 6.90 21.68 -9.89
C ALA B 209 6.51 21.11 -11.28
N CYS B 210 7.13 19.99 -11.65
CA CYS B 210 6.86 19.38 -12.96
C CYS B 210 5.53 18.67 -13.04
N GLY B 211 4.74 19.06 -14.04
CA GLY B 211 3.53 18.34 -14.38
C GLY B 211 3.91 17.19 -15.29
N SER B 212 2.91 16.52 -15.83
CA SER B 212 3.14 15.49 -16.83
C SER B 212 3.82 16.07 -18.08
N SER B 213 4.50 15.19 -18.81
CA SER B 213 5.12 15.58 -20.10
C SER B 213 4.08 15.98 -21.14
N SER B 214 2.91 15.36 -21.07
CA SER B 214 1.82 15.69 -21.96
C SER B 214 0.55 15.12 -21.34
N LYS B 215 -0.60 15.59 -21.78
CA LYS B 215 -1.87 15.08 -21.25
C LYS B 215 -2.07 13.64 -21.67
N ASP B 216 -1.29 13.21 -22.64
CA ASP B 216 -1.45 11.87 -23.19
C ASP B 216 -0.72 10.77 -22.38
N MET B 217 0.05 11.20 -21.38
CA MET B 217 0.71 10.26 -20.47
C MET B 217 -0.32 9.53 -19.59
N PRO B 218 -0.17 8.21 -19.43
CA PRO B 218 -1.13 7.47 -18.60
C PRO B 218 -1.20 7.99 -17.15
N THR B 219 -0.11 8.61 -16.69
CA THR B 219 -0.04 9.16 -15.36
C THR B 219 -0.59 10.59 -15.27
N PHE B 220 -1.02 11.17 -16.40
CA PHE B 220 -1.77 12.42 -16.34
C PHE B 220 -3.21 12.10 -15.98
N PRO B 221 -3.77 12.81 -14.99
CA PRO B 221 -3.20 13.94 -14.27
C PRO B 221 -2.91 13.57 -12.82
N GLN B 222 -2.88 12.29 -12.52
CA GLN B 222 -2.58 11.85 -11.17
C GLN B 222 -1.17 12.25 -10.73
N TRP B 223 -0.27 12.31 -11.71
CA TRP B 223 1.07 12.78 -11.47
C TRP B 223 0.96 14.15 -10.79
N GLU B 224 0.20 15.04 -11.41
CA GLU B 224 0.07 16.41 -10.94
C GLU B 224 -0.52 16.47 -9.53
N ALA B 225 -1.56 15.68 -9.31
CA ALA B 225 -2.21 15.61 -8.01
C ALA B 225 -1.20 15.18 -6.94
N THR B 226 -0.58 14.02 -7.15
CA THR B 226 0.39 13.46 -6.20
C THR B 226 1.54 14.40 -5.92
N VAL B 227 2.08 14.99 -6.98
CA VAL B 227 3.19 15.93 -6.84
C VAL B 227 2.76 17.17 -6.05
N LEU B 228 1.66 17.79 -6.43
CA LEU B 228 1.12 18.89 -5.64
C LEU B 228 0.79 18.48 -4.17
N ASP B 229 0.33 17.24 -3.97
CA ASP B 229 0.01 16.79 -2.63
C ASP B 229 1.22 16.83 -1.69
N TYR B 230 2.38 16.46 -2.20
CA TYR B 230 3.59 16.52 -1.42
C TYR B 230 4.08 17.96 -1.25
N ALA B 231 4.14 18.70 -2.36
CA ALA B 231 4.92 19.91 -2.45
C ALA B 231 4.16 21.24 -2.40
N TYR B 232 2.83 21.16 -2.26
CA TYR B 232 1.98 22.36 -2.24
C TYR B 232 2.57 23.59 -1.53
N ASP B 233 2.91 23.44 -0.26
CA ASP B 233 3.25 24.59 0.58
C ASP B 233 4.57 25.24 0.22
N TYR B 234 5.34 24.63 -0.68
CA TYR B 234 6.67 25.15 -0.99
C TYR B 234 6.88 25.52 -2.47
N VAL B 235 5.85 25.36 -3.29
CA VAL B 235 5.96 25.61 -4.70
C VAL B 235 4.85 26.53 -5.17
N ASP B 236 5.05 27.19 -6.30
CA ASP B 236 4.15 28.25 -6.74
C ASP B 236 3.44 27.95 -8.07
N TYR B 237 3.98 27.02 -8.85
CA TYR B 237 3.41 26.67 -10.15
C TYR B 237 3.44 25.17 -10.41
N ILE B 238 2.50 24.70 -11.23
CA ILE B 238 2.61 23.39 -11.88
C ILE B 238 2.89 23.61 -13.40
N SER B 239 3.71 22.74 -14.00
CA SER B 239 4.07 22.90 -15.41
C SER B 239 3.15 22.11 -16.32
N LEU B 240 3.05 22.60 -17.55
CA LEU B 240 2.19 22.05 -18.58
C LEU B 240 2.98 22.05 -19.87
N HIS B 241 2.91 20.96 -20.62
CA HIS B 241 3.55 20.90 -21.91
C HIS B 241 2.56 20.45 -22.98
N GLN B 242 2.52 21.15 -24.10
CA GLN B 242 1.70 20.71 -25.24
C GLN B 242 2.35 21.05 -26.58
N TYR B 243 2.33 20.07 -27.48
CA TYR B 243 2.80 20.22 -28.86
C TYR B 243 1.75 19.64 -29.81
N TYR B 244 1.65 20.20 -31.02
CA TYR B 244 0.66 19.75 -32.02
C TYR B 244 1.30 19.50 -33.37
N GLY B 245 0.68 18.62 -34.15
CA GLY B 245 1.23 18.24 -35.43
C GLY B 245 0.16 18.05 -36.49
N ASN B 246 0.56 18.23 -37.74
CA ASN B 246 -0.32 18.01 -38.86
C ASN B 246 0.17 16.89 -39.76
N LYS B 247 0.85 15.90 -39.18
CA LYS B 247 1.32 14.77 -39.98
C LYS B 247 0.19 14.11 -40.78
N GLU B 248 -1.05 14.24 -40.33
CA GLU B 248 -2.19 13.64 -41.03
C GLU B 248 -2.73 14.53 -42.14
N ASN B 249 -2.06 15.67 -42.35
CA ASN B 249 -2.51 16.68 -43.31
C ASN B 249 -4.03 16.82 -43.37
N ASP B 250 -4.58 17.44 -42.34
CA ASP B 250 -6.01 17.64 -42.21
C ASP B 250 -6.22 19.00 -41.60
N THR B 251 -5.78 20.04 -42.30
CA THR B 251 -5.84 21.44 -41.85
C THR B 251 -7.06 21.86 -41.01
N ALA B 252 -8.26 21.45 -41.38
CA ALA B 252 -9.44 21.78 -40.55
C ALA B 252 -9.32 21.21 -39.13
N ASP B 253 -9.03 19.92 -39.04
CA ASP B 253 -8.91 19.24 -37.75
C ASP B 253 -7.65 19.69 -37.00
N PHE B 254 -6.60 20.04 -37.73
CA PHE B 254 -5.37 20.57 -37.15
C PHE B 254 -5.67 21.86 -36.35
N LEU B 255 -6.34 22.80 -37.00
CA LEU B 255 -6.71 24.08 -36.42
C LEU B 255 -7.70 23.99 -35.25
N ALA B 256 -8.32 22.83 -35.10
CA ALA B 256 -9.27 22.60 -34.02
C ALA B 256 -8.59 22.21 -32.71
N LYS B 257 -7.26 22.08 -32.75
CA LYS B 257 -6.54 21.48 -31.62
C LYS B 257 -6.38 22.41 -30.41
N SER B 258 -6.54 23.72 -30.62
CA SER B 258 -6.54 24.67 -29.50
C SER B 258 -7.73 24.44 -28.56
N ASP B 259 -8.72 23.70 -29.04
CA ASP B 259 -9.90 23.36 -28.25
C ASP B 259 -9.51 22.32 -27.22
N ASP B 260 -8.60 21.44 -27.63
CA ASP B 260 -8.05 20.42 -26.75
C ASP B 260 -7.09 21.07 -25.75
N LEU B 261 -6.48 22.18 -26.17
CA LEU B 261 -5.55 22.90 -25.32
C LEU B 261 -6.33 23.51 -24.16
N ASP B 262 -7.51 24.00 -24.50
CA ASP B 262 -8.44 24.59 -23.54
C ASP B 262 -8.86 23.51 -22.54
N ASP B 263 -9.19 22.34 -23.06
CA ASP B 263 -9.60 21.24 -22.20
C ASP B 263 -8.47 20.78 -21.28
N PHE B 264 -7.25 20.73 -21.84
CA PHE B 264 -6.06 20.32 -21.12
C PHE B 264 -5.83 21.24 -19.92
N ILE B 265 -5.72 22.52 -20.21
CA ILE B 265 -5.61 23.55 -19.19
C ILE B 265 -6.64 23.42 -18.06
N ARG B 266 -7.91 23.28 -18.41
CA ARG B 266 -8.97 23.21 -17.40
C ARG B 266 -8.78 22.03 -16.48
N SER B 267 -8.35 20.91 -17.07
CA SER B 267 -8.09 19.71 -16.31
C SER B 267 -6.99 19.93 -15.28
N VAL B 268 -6.04 20.80 -15.61
CA VAL B 268 -4.89 20.97 -14.77
C VAL B 268 -5.22 21.94 -13.66
N ILE B 269 -6.05 22.91 -14.00
CA ILE B 269 -6.64 23.83 -13.03
C ILE B 269 -7.49 23.06 -12.02
N ALA B 270 -8.32 22.13 -12.51
CA ALA B 270 -9.20 21.38 -11.64
C ALA B 270 -8.39 20.52 -10.67
N THR B 271 -7.30 19.96 -11.19
CA THR B 271 -6.42 19.12 -10.40
C THR B 271 -5.78 19.95 -9.30
N CYS B 272 -5.45 21.19 -9.60
CA CYS B 272 -4.88 22.09 -8.62
C CYS B 272 -5.83 22.37 -7.47
N ASP B 273 -7.05 22.75 -7.82
CA ASP B 273 -8.04 23.15 -6.83
C ASP B 273 -8.51 21.95 -5.97
N TYR B 274 -8.53 20.77 -6.56
CA TYR B 274 -8.73 19.53 -5.79
C TYR B 274 -7.75 19.44 -4.59
N ILE B 275 -6.45 19.57 -4.88
CA ILE B 275 -5.41 19.51 -3.87
C ILE B 275 -5.48 20.70 -2.91
N LYS B 276 -5.83 21.87 -3.46
CA LYS B 276 -6.07 23.06 -2.66
C LYS B 276 -7.09 22.75 -1.56
N ALA B 277 -8.19 22.12 -1.96
CA ALA B 277 -9.19 21.75 -0.99
C ALA B 277 -8.59 20.76 -0.02
N LYS B 278 -7.95 19.73 -0.55
CA LYS B 278 -7.30 18.71 0.28
C LYS B 278 -6.41 19.30 1.39
N LYS B 279 -5.73 20.41 1.11
CA LYS B 279 -4.79 21.00 2.05
C LYS B 279 -5.43 22.08 2.90
N ARG B 280 -6.69 22.40 2.57
CA ARG B 280 -7.37 23.55 3.13
C ARG B 280 -6.45 24.74 3.05
N SER B 281 -5.88 24.96 1.87
CA SER B 281 -4.96 26.06 1.64
C SER B 281 -5.71 27.26 1.07
N LYS B 282 -5.19 28.45 1.34
CA LYS B 282 -5.75 29.69 0.83
C LYS B 282 -5.04 30.07 -0.45
N LYS B 283 -3.85 29.49 -0.63
CA LYS B 283 -3.03 29.76 -1.80
C LYS B 283 -3.53 29.04 -3.06
N ASP B 284 -3.54 29.76 -4.18
CA ASP B 284 -3.78 29.14 -5.47
C ASP B 284 -2.45 28.76 -6.14
N ILE B 285 -2.38 27.54 -6.65
CA ILE B 285 -1.28 27.20 -7.54
C ILE B 285 -1.59 27.82 -8.90
N TYR B 286 -0.59 28.46 -9.52
CA TYR B 286 -0.76 28.96 -10.87
C TYR B 286 -0.11 28.04 -11.88
N LEU B 287 -0.45 28.20 -13.15
CA LEU B 287 0.06 27.31 -14.19
C LEU B 287 1.28 27.91 -14.85
N SER B 288 2.33 27.11 -15.02
CA SER B 288 3.44 27.51 -15.89
C SER B 288 3.43 26.68 -17.17
N PHE B 289 3.05 27.26 -18.30
CA PHE B 289 3.02 26.50 -19.57
C PHE B 289 4.39 26.54 -20.24
N ASP B 290 5.39 25.99 -19.56
CA ASP B 290 6.78 26.20 -19.96
C ASP B 290 7.29 25.36 -21.17
N GLU B 291 6.39 24.68 -21.87
CA GLU B 291 6.67 24.16 -23.22
C GLU B 291 5.43 24.13 -24.08
N TRP B 292 5.28 25.08 -24.99
CA TRP B 292 4.22 24.94 -26.00
C TRP B 292 4.75 25.34 -27.36
N ASN B 293 4.29 24.61 -28.39
CA ASN B 293 4.51 24.96 -29.81
C ASN B 293 3.82 24.01 -30.78
N VAL B 294 4.00 24.28 -32.08
CA VAL B 294 3.78 23.30 -33.12
C VAL B 294 5.10 22.53 -33.29
N TRP B 295 5.02 21.21 -33.45
CA TRP B 295 6.21 20.38 -33.58
C TRP B 295 5.86 19.09 -34.31
N TYR B 296 6.29 18.95 -35.55
CA TYR B 296 6.17 17.68 -36.26
C TYR B 296 7.10 17.55 -37.45
N HIS B 297 7.35 18.66 -38.13
CA HIS B 297 8.07 18.65 -39.41
C HIS B 297 9.35 17.82 -39.50
N SER B 298 10.19 17.89 -38.47
CA SER B 298 11.51 17.29 -38.55
C SER B 298 11.70 15.95 -37.83
N ASN B 299 10.61 15.26 -37.47
CA ASN B 299 10.75 14.04 -36.65
C ASN B 299 11.68 12.99 -37.26
N ASN B 300 11.60 12.83 -38.58
CA ASN B 300 12.37 11.81 -39.28
C ASN B 300 13.85 12.11 -39.42
N GLU B 301 14.21 13.36 -39.72
CA GLU B 301 15.64 13.69 -39.78
C GLU B 301 16.28 13.61 -38.38
N ASP B 302 15.48 13.88 -37.34
CA ASP B 302 15.94 13.68 -35.96
C ASP B 302 16.24 12.19 -35.69
N ALA B 303 15.42 11.31 -36.26
CA ALA B 303 15.62 9.86 -36.14
C ALA B 303 16.92 9.37 -36.79
N ASN B 304 17.22 9.88 -37.98
CA ASN B 304 18.47 9.53 -38.65
C ASN B 304 19.67 9.98 -37.85
N ILE B 305 19.58 11.14 -37.21
CA ILE B 305 20.73 11.70 -36.49
C ILE B 305 21.15 10.86 -35.28
N MET B 306 20.22 10.13 -34.68
CA MET B 306 20.55 9.18 -33.62
C MET B 306 19.85 7.83 -33.87
N GLN B 307 20.60 6.75 -34.08
CA GLN B 307 22.06 6.76 -34.10
C GLN B 307 22.57 7.20 -35.48
N ASN B 308 23.43 6.40 -36.11
CA ASN B 308 23.97 6.76 -37.42
C ASN B 308 24.86 8.02 -37.39
N GLU B 309 24.52 8.99 -36.53
CA GLU B 309 25.41 10.12 -36.28
C GLU B 309 25.51 10.59 -34.80
N PRO B 310 25.63 9.63 -33.86
CA PRO B 310 25.65 10.08 -32.46
C PRO B 310 26.95 10.81 -32.06
N TRP B 311 26.86 11.59 -30.98
CA TRP B 311 27.99 12.27 -30.36
C TRP B 311 28.65 13.36 -31.22
N ARG B 312 27.84 14.01 -32.04
CA ARG B 312 28.28 15.20 -32.73
C ARG B 312 28.13 16.38 -31.79
N ILE B 313 28.85 17.46 -32.07
CA ILE B 313 28.60 18.73 -31.41
C ILE B 313 27.58 19.50 -32.24
N ALA B 314 26.53 19.99 -31.59
CA ALA B 314 25.57 20.85 -32.29
C ALA B 314 24.98 20.28 -33.58
N PRO B 315 24.43 19.06 -33.54
CA PRO B 315 23.79 18.57 -34.77
C PRO B 315 22.50 19.34 -35.06
N PRO B 316 22.08 19.42 -36.33
CA PRO B 316 20.87 20.18 -36.63
C PRO B 316 19.58 19.44 -36.20
N LEU B 317 19.31 19.39 -34.90
CA LEU B 317 18.14 18.68 -34.38
C LEU B 317 16.91 19.54 -34.27
N LEU B 318 15.76 18.90 -34.42
CA LEU B 318 14.47 19.55 -34.23
C LEU B 318 14.23 20.79 -35.10
N GLU B 319 14.83 20.86 -36.28
CA GLU B 319 14.67 22.06 -37.08
C GLU B 319 13.42 22.02 -37.96
N ASP B 320 12.27 22.25 -37.34
CA ASP B 320 11.03 22.42 -38.08
C ASP B 320 11.09 23.70 -38.92
N ILE B 321 10.67 23.59 -40.17
CA ILE B 321 10.41 24.75 -41.00
C ILE B 321 8.90 24.94 -40.95
N TYR B 322 8.44 26.09 -40.45
CA TYR B 322 7.01 26.29 -40.23
C TYR B 322 6.25 26.81 -41.46
N THR B 323 4.97 26.44 -41.52
CA THR B 323 4.10 26.87 -42.60
C THR B 323 3.15 27.99 -42.17
N PHE B 324 2.24 28.37 -43.07
CA PHE B 324 1.27 29.39 -42.73
C PHE B 324 0.20 28.81 -41.80
N GLU B 325 -0.22 27.58 -42.08
CA GLU B 325 -1.22 26.94 -41.23
C GLU B 325 -0.67 26.76 -39.82
N ASP B 326 0.62 26.39 -39.71
CA ASP B 326 1.28 26.28 -38.41
C ASP B 326 1.14 27.59 -37.62
N ALA B 327 1.45 28.71 -38.27
CA ALA B 327 1.33 30.03 -37.63
C ALA B 327 -0.09 30.36 -37.21
N LEU B 328 -1.09 29.80 -37.90
CA LEU B 328 -2.46 29.98 -37.45
C LEU B 328 -2.67 29.28 -36.11
N LEU B 329 -2.21 28.04 -35.99
CA LEU B 329 -2.39 27.30 -34.74
C LEU B 329 -1.67 28.01 -33.58
N VAL B 330 -0.46 28.50 -33.83
CA VAL B 330 0.25 29.27 -32.83
C VAL B 330 -0.59 30.47 -32.37
N GLY B 331 -1.26 31.12 -33.31
CA GLY B 331 -2.11 32.24 -32.99
C GLY B 331 -3.29 31.80 -32.14
N LEU B 332 -3.86 30.66 -32.50
CA LEU B 332 -4.97 30.07 -31.76
C LEU B 332 -4.58 29.68 -30.32
N MET B 333 -3.33 29.24 -30.17
CA MET B 333 -2.82 28.80 -28.88
C MET B 333 -2.59 30.00 -27.95
N LEU B 334 -2.03 31.07 -28.50
CA LEU B 334 -1.83 32.30 -27.76
C LEU B 334 -3.18 32.81 -27.28
N ILE B 335 -4.13 32.84 -28.21
CA ILE B 335 -5.50 33.20 -27.86
C ILE B 335 -5.98 32.36 -26.67
N THR B 336 -5.78 31.05 -26.73
CA THR B 336 -6.18 30.17 -25.63
C THR B 336 -5.43 30.46 -24.33
N LEU B 337 -4.14 30.75 -24.42
CA LEU B 337 -3.37 31.12 -23.24
C LEU B 337 -3.99 32.36 -22.61
N MET B 338 -4.29 33.35 -23.44
CA MET B 338 -4.89 34.60 -22.96
C MET B 338 -6.22 34.35 -22.22
N LYS B 339 -7.12 33.57 -22.82
CA LYS B 339 -8.39 33.28 -22.15
C LYS B 339 -8.22 32.61 -20.79
N HIS B 340 -7.03 32.08 -20.51
CA HIS B 340 -6.75 31.45 -19.22
C HIS B 340 -5.67 32.19 -18.41
N ALA B 341 -5.50 33.49 -18.70
CA ALA B 341 -4.49 34.32 -18.03
C ALA B 341 -4.75 34.57 -16.54
N ASP B 342 -5.90 34.12 -16.04
CA ASP B 342 -6.17 34.18 -14.61
C ASP B 342 -5.37 33.14 -13.85
N ARG B 343 -5.10 32.01 -14.50
CA ARG B 343 -4.34 30.96 -13.86
C ARG B 343 -2.98 30.74 -14.48
N ILE B 344 -2.84 31.00 -15.77
CA ILE B 344 -1.53 30.84 -16.40
C ILE B 344 -0.74 32.14 -16.27
N LYS B 345 0.34 32.11 -15.52
CA LYS B 345 1.16 33.30 -15.30
C LYS B 345 2.53 33.22 -15.95
N ILE B 346 2.91 32.04 -16.44
CA ILE B 346 4.18 31.87 -17.16
C ILE B 346 3.91 30.92 -18.31
N ALA B 347 4.40 31.27 -19.50
CA ALA B 347 4.35 30.35 -20.64
C ALA B 347 5.62 30.49 -21.45
N CYS B 348 6.02 29.40 -22.10
CA CYS B 348 7.26 29.39 -22.85
C CYS B 348 7.07 28.77 -24.22
N LEU B 349 7.21 29.59 -25.25
CA LEU B 349 7.25 29.08 -26.61
C LEU B 349 8.50 28.23 -26.73
N ALA B 350 8.31 26.96 -27.03
CA ALA B 350 9.44 26.04 -27.14
C ALA B 350 9.80 25.76 -28.61
N GLN B 351 10.99 26.19 -29.06
CA GLN B 351 11.95 26.96 -28.28
C GLN B 351 12.28 28.23 -29.05
N LEU B 352 13.27 28.98 -28.59
CA LEU B 352 13.53 30.33 -29.10
C LEU B 352 14.41 30.36 -30.36
N ILE B 353 15.50 29.63 -30.37
CA ILE B 353 16.47 29.67 -31.47
C ILE B 353 16.67 28.32 -32.19
N ASN B 354 16.46 28.31 -33.50
CA ASN B 354 16.70 27.13 -34.34
C ASN B 354 15.88 25.88 -34.05
N VAL B 355 15.92 25.42 -32.81
CA VAL B 355 15.17 24.24 -32.37
C VAL B 355 13.70 24.61 -32.22
N ILE B 356 12.82 23.92 -32.92
CA ILE B 356 11.41 24.31 -33.08
C ILE B 356 11.12 25.80 -32.77
N ALA B 357 11.73 26.66 -33.56
CA ALA B 357 11.87 28.08 -33.21
C ALA B 357 11.25 29.04 -34.21
N PRO B 358 10.99 30.29 -33.78
CA PRO B 358 10.49 31.28 -34.74
C PRO B 358 11.65 32.07 -35.34
N ILE B 359 12.87 31.75 -34.92
CA ILE B 359 14.07 32.44 -35.36
C ILE B 359 15.12 31.42 -35.76
N VAL B 360 15.43 31.35 -37.06
CA VAL B 360 16.43 30.41 -37.59
C VAL B 360 17.67 31.18 -38.02
N THR B 361 18.85 30.60 -37.81
CA THR B 361 20.05 30.99 -38.51
C THR B 361 20.42 29.81 -39.44
N GLU B 362 21.12 30.06 -40.54
CA GLU B 362 21.21 29.02 -41.57
C GLU B 362 21.99 27.75 -41.22
N ARG B 363 23.28 27.87 -40.91
CA ARG B 363 24.17 26.72 -40.64
C ARG B 363 25.55 27.15 -41.00
N ASN B 364 26.50 26.81 -40.15
CA ASN B 364 27.88 27.22 -40.33
C ASN B 364 27.99 28.73 -40.50
N GLY B 365 27.09 29.46 -39.85
CA GLY B 365 27.22 30.89 -39.70
C GLY B 365 26.28 31.72 -40.54
N GLY B 366 25.20 31.09 -41.05
CA GLY B 366 24.25 31.73 -41.96
C GLY B 366 23.54 32.99 -41.48
N ALA B 367 22.53 33.43 -42.25
CA ALA B 367 22.10 34.83 -42.18
C ALA B 367 21.02 35.25 -41.19
N ALA B 368 20.18 34.31 -40.75
CA ALA B 368 19.11 34.59 -39.76
C ALA B 368 17.82 35.20 -40.32
N TRP B 369 16.69 34.63 -39.93
CA TRP B 369 15.42 35.04 -40.47
C TRP B 369 14.24 34.59 -39.61
N ARG B 370 13.08 35.20 -39.86
CA ARG B 370 11.87 34.87 -39.12
C ARG B 370 11.05 33.77 -39.77
N GLN B 371 10.66 32.77 -38.98
CA GLN B 371 9.76 31.74 -39.47
C GLN B 371 8.34 32.29 -39.48
N THR B 372 7.39 31.52 -40.02
CA THR B 372 6.00 31.99 -40.05
C THR B 372 5.45 32.27 -38.66
N ILE B 373 5.77 31.41 -37.69
CA ILE B 373 5.19 31.52 -36.35
C ILE B 373 5.69 32.69 -35.54
N PHE B 374 6.72 33.35 -36.04
CA PHE B 374 7.32 34.47 -35.35
C PHE B 374 6.28 35.57 -35.15
N TYR B 375 5.41 35.71 -36.14
CA TYR B 375 4.53 36.86 -36.18
C TYR B 375 3.31 36.84 -35.20
N PRO B 376 2.49 35.78 -35.24
CA PRO B 376 1.38 35.81 -34.28
C PRO B 376 1.91 35.98 -32.86
N PHE B 377 3.14 35.52 -32.63
CA PHE B 377 3.74 35.66 -31.32
C PHE B 377 4.10 37.12 -31.04
N MET B 378 4.72 37.77 -32.03
CA MET B 378 5.09 39.16 -31.88
C MET B 378 3.88 40.06 -31.53
N HIS B 379 2.77 39.84 -32.23
CA HIS B 379 1.54 40.60 -31.97
C HIS B 379 0.97 40.38 -30.57
N ALA B 380 0.84 39.10 -30.20
CA ALA B 380 0.45 38.70 -28.86
C ALA B 380 1.27 39.43 -27.81
N SER B 381 2.58 39.38 -27.93
CA SER B 381 3.43 39.94 -26.87
C SER B 381 3.39 41.45 -26.86
N LYS B 382 3.17 42.06 -28.01
CA LYS B 382 3.26 43.52 -28.12
C LYS B 382 1.96 44.24 -27.78
N TYR B 383 0.85 43.73 -28.27
CA TYR B 383 -0.45 44.39 -28.08
C TYR B 383 -1.26 43.65 -27.03
N GLY B 384 -0.64 42.65 -26.42
CA GLY B 384 -1.37 41.77 -25.51
C GLY B 384 -1.17 42.01 -24.03
N ARG B 385 -0.44 43.07 -23.67
CA ARG B 385 -0.33 43.52 -22.27
C ARG B 385 -1.61 44.27 -21.83
N GLY B 386 -2.19 43.91 -20.68
CA GLY B 386 -3.37 44.58 -20.17
C GLY B 386 -4.33 43.68 -19.42
N ILE B 387 -5.63 43.79 -19.72
CA ILE B 387 -6.67 43.04 -19.03
C ILE B 387 -7.52 42.17 -19.97
N VAL B 388 -7.61 40.89 -19.70
CA VAL B 388 -8.37 40.00 -20.56
C VAL B 388 -9.86 40.10 -20.22
N LEU B 389 -10.70 40.29 -21.23
CA LEU B 389 -12.15 40.30 -21.04
C LEU B 389 -12.74 38.95 -21.42
N GLN B 390 -13.83 38.56 -20.75
CA GLN B 390 -14.51 37.34 -21.11
C GLN B 390 -15.01 37.42 -22.53
N PRO B 391 -14.66 36.43 -23.35
CA PRO B 391 -15.17 36.39 -24.72
C PRO B 391 -16.60 35.90 -24.77
N VAL B 392 -17.57 36.79 -24.51
CA VAL B 392 -18.96 36.42 -24.73
C VAL B 392 -19.23 36.46 -26.23
N ILE B 393 -19.36 35.29 -26.82
CA ILE B 393 -19.36 35.20 -28.26
C ILE B 393 -20.27 34.09 -28.79
N ASN B 394 -21.13 34.48 -29.72
CA ASN B 394 -21.89 33.51 -30.49
C ASN B 394 -21.32 33.53 -31.90
N SER B 395 -20.81 32.37 -32.32
CA SER B 395 -20.07 32.26 -33.57
C SER B 395 -20.54 31.01 -34.30
N PRO B 396 -20.41 31.00 -35.63
CA PRO B 396 -20.77 29.79 -36.40
C PRO B 396 -19.87 28.63 -36.01
N LEU B 397 -20.39 27.41 -36.15
CA LEU B 397 -19.62 26.21 -35.85
C LEU B 397 -19.28 25.43 -37.12
N HIS B 398 -18.56 24.32 -36.95
CA HIS B 398 -18.35 23.32 -37.99
C HIS B 398 -17.76 22.07 -37.38
N ASP B 399 -17.95 20.93 -38.03
CA ASP B 399 -17.27 19.72 -37.58
C ASP B 399 -15.97 19.54 -38.37
N THR B 400 -15.05 18.74 -37.84
CA THR B 400 -13.90 18.32 -38.59
C THR B 400 -13.91 16.81 -38.50
N SER B 401 -12.88 16.16 -39.00
CA SER B 401 -12.87 14.70 -39.01
C SER B 401 -13.00 14.10 -37.62
N LYS B 402 -12.26 14.64 -36.66
CA LYS B 402 -12.17 14.06 -35.30
C LYS B 402 -12.62 14.99 -34.16
N HIS B 403 -13.09 16.20 -34.50
CA HIS B 403 -13.59 17.17 -33.53
C HIS B 403 -14.99 17.65 -33.89
N GLU B 404 -15.91 17.61 -32.93
CA GLU B 404 -17.27 18.11 -33.15
C GLU B 404 -17.47 19.55 -32.64
N ASP B 405 -18.36 20.27 -33.32
CA ASP B 405 -18.82 21.61 -32.91
C ASP B 405 -17.69 22.59 -32.64
N VAL B 406 -16.82 22.78 -33.62
CA VAL B 406 -15.69 23.69 -33.48
C VAL B 406 -16.03 25.08 -34.01
N THR B 407 -15.85 26.10 -33.18
CA THR B 407 -16.08 27.48 -33.60
C THR B 407 -15.30 27.88 -34.86
N ASP B 408 -15.93 28.65 -35.72
CA ASP B 408 -15.25 29.20 -36.89
C ASP B 408 -14.35 30.32 -36.47
N ILE B 409 -14.85 31.13 -35.54
CA ILE B 409 -14.07 32.26 -35.04
C ILE B 409 -13.65 32.00 -33.60
N GLU B 410 -12.39 32.30 -33.29
CA GLU B 410 -11.83 32.15 -31.95
C GLU B 410 -11.14 33.47 -31.63
N SER B 411 -11.63 34.16 -30.60
CA SER B 411 -11.20 35.54 -30.35
C SER B 411 -11.16 35.91 -28.85
N VAL B 412 -10.32 36.91 -28.52
CA VAL B 412 -10.20 37.42 -27.17
C VAL B 412 -9.90 38.88 -27.27
N ALA B 413 -10.48 39.66 -26.36
CA ALA B 413 -10.20 41.07 -26.27
C ALA B 413 -9.30 41.33 -25.07
N ILE B 414 -8.24 42.10 -25.26
CA ILE B 414 -7.46 42.51 -24.11
C ILE B 414 -7.31 44.04 -24.05
N TYR B 415 -7.73 44.60 -22.91
CA TYR B 415 -7.85 46.05 -22.70
C TYR B 415 -6.67 46.60 -21.92
N ASN B 416 -6.02 47.62 -22.48
CA ASN B 416 -4.90 48.29 -21.82
C ASN B 416 -5.27 49.68 -21.32
N GLU B 417 -5.77 49.76 -20.09
CA GLU B 417 -6.14 51.01 -19.46
C GLU B 417 -5.09 52.14 -19.53
N GLU B 418 -3.82 51.83 -19.27
CA GLU B 418 -2.76 52.86 -19.32
C GLU B 418 -2.48 53.42 -20.73
N LYS B 419 -3.10 52.84 -21.76
CA LYS B 419 -2.89 53.29 -23.15
C LYS B 419 -4.21 53.61 -23.87
N GLU B 420 -5.31 53.34 -23.19
CA GLU B 420 -6.66 53.57 -23.71
C GLU B 420 -6.94 52.84 -25.02
N GLU B 421 -6.31 51.66 -25.17
CA GLU B 421 -6.52 50.79 -26.32
C GLU B 421 -7.21 49.46 -25.97
N VAL B 422 -7.89 48.87 -26.94
CA VAL B 422 -8.50 47.55 -26.78
C VAL B 422 -8.18 46.70 -28.00
N THR B 423 -7.30 45.73 -27.82
CA THR B 423 -6.87 44.90 -28.93
C THR B 423 -7.72 43.64 -29.02
N ILE B 424 -8.26 43.38 -30.20
CA ILE B 424 -8.97 42.14 -30.43
C ILE B 424 -8.13 41.18 -31.25
N PHE B 425 -7.76 40.07 -30.62
CA PHE B 425 -7.06 39.00 -31.30
C PHE B 425 -8.13 38.06 -31.80
N ALA B 426 -8.09 37.75 -33.09
CA ALA B 426 -9.14 36.96 -33.70
C ALA B 426 -8.60 36.07 -34.81
N VAL B 427 -9.09 34.83 -34.84
CA VAL B 427 -8.69 33.88 -35.87
C VAL B 427 -9.89 33.18 -36.49
N ASN B 428 -9.91 33.16 -37.81
CA ASN B 428 -10.91 32.43 -38.55
C ASN B 428 -10.31 31.10 -38.92
N ARG B 429 -10.70 30.04 -38.23
CA ARG B 429 -10.19 28.72 -38.56
C ARG B 429 -11.20 27.97 -39.42
N ASN B 430 -12.16 28.72 -39.97
CA ASN B 430 -12.93 28.23 -41.09
C ASN B 430 -12.04 28.39 -42.32
N ILE B 431 -11.61 27.26 -42.84
CA ILE B 431 -10.59 27.22 -43.86
C ILE B 431 -11.14 27.68 -45.22
N HIS B 432 -12.48 27.68 -45.35
CA HIS B 432 -13.15 27.96 -46.63
C HIS B 432 -13.90 29.29 -46.71
N GLU B 433 -14.84 29.52 -45.78
CA GLU B 433 -15.68 30.73 -45.82
C GLU B 433 -15.02 31.91 -45.13
N ASP B 434 -15.25 33.11 -45.65
CA ASP B 434 -14.90 34.33 -44.94
C ASP B 434 -16.04 34.63 -44.01
N ILE B 435 -15.74 35.38 -42.96
CA ILE B 435 -16.75 35.66 -41.95
C ILE B 435 -16.62 37.09 -41.46
N VAL B 436 -17.77 37.72 -41.22
CA VAL B 436 -17.80 39.06 -40.67
C VAL B 436 -18.04 39.00 -39.16
N LEU B 437 -17.15 39.63 -38.40
CA LEU B 437 -17.25 39.65 -36.95
C LEU B 437 -17.83 40.98 -36.48
N VAL B 438 -19.03 40.91 -35.88
CA VAL B 438 -19.68 42.10 -35.32
C VAL B 438 -19.42 42.18 -33.82
N SER B 439 -18.76 43.26 -33.40
CA SER B 439 -18.31 43.37 -32.02
C SER B 439 -18.95 44.53 -31.26
N ASP B 440 -20.04 44.24 -30.56
CA ASP B 440 -20.67 45.23 -29.70
C ASP B 440 -19.70 45.60 -28.58
N VAL B 441 -18.96 46.67 -28.78
CA VAL B 441 -18.11 47.17 -27.72
C VAL B 441 -18.87 48.19 -26.88
N ARG B 442 -19.29 47.77 -25.68
CA ARG B 442 -19.87 48.65 -24.69
C ARG B 442 -18.78 49.58 -24.16
N GLY B 443 -18.27 50.44 -25.04
CA GLY B 443 -17.07 51.22 -24.78
C GLY B 443 -17.23 52.41 -23.86
N MET B 444 -16.68 53.58 -24.19
CA MET B 444 -15.79 53.89 -25.32
C MET B 444 -16.26 53.53 -26.74
N ARG B 448 -12.85 54.74 -31.27
CA ARG B 448 -12.06 55.11 -32.44
C ARG B 448 -11.09 54.00 -32.90
N LEU B 449 -11.17 53.60 -34.16
CA LEU B 449 -10.32 52.53 -34.72
C LEU B 449 -8.87 52.94 -35.06
N LEU B 450 -7.92 52.06 -34.74
CA LEU B 450 -6.49 52.34 -34.92
C LEU B 450 -5.85 51.64 -36.12
N GLU B 451 -6.14 50.35 -36.29
CA GLU B 451 -5.71 49.55 -37.45
C GLU B 451 -6.28 48.13 -37.41
N HIS B 452 -6.11 47.39 -38.51
CA HIS B 452 -6.44 45.98 -38.56
C HIS B 452 -5.25 45.26 -39.16
N ILE B 453 -4.47 44.57 -38.32
CA ILE B 453 -3.33 43.82 -38.84
C ILE B 453 -3.70 42.37 -39.13
N VAL B 454 -3.23 41.88 -40.27
CA VAL B 454 -3.67 40.60 -40.74
C VAL B 454 -2.47 39.72 -41.14
N LEU B 455 -2.59 38.44 -40.83
CA LEU B 455 -1.67 37.43 -41.33
C LEU B 455 -2.50 36.51 -42.20
N GLU B 456 -2.33 36.63 -43.52
CA GLU B 456 -3.07 35.78 -44.44
C GLU B 456 -2.20 35.29 -45.58
N HIS B 457 -2.64 34.19 -46.19
CA HIS B 457 -1.99 33.65 -47.37
C HIS B 457 -2.89 32.60 -47.99
N GLN B 458 -2.77 32.43 -49.30
CA GLN B 458 -3.65 31.53 -50.05
C GLN B 458 -3.15 30.11 -49.98
N ASP B 459 -1.84 29.98 -49.74
CA ASP B 459 -1.21 28.67 -49.65
C ASP B 459 -0.92 28.31 -48.19
N LEU B 460 -1.77 27.45 -47.64
CA LEU B 460 -1.63 27.03 -46.25
C LEU B 460 -0.25 26.44 -45.93
N LYS B 461 0.35 25.79 -46.91
CA LYS B 461 1.61 25.07 -46.71
C LYS B 461 2.84 25.95 -47.07
N ILE B 462 2.62 27.23 -47.33
CA ILE B 462 3.73 28.13 -47.67
C ILE B 462 4.66 28.38 -46.47
N ARG B 463 5.94 28.64 -46.74
CA ARG B 463 6.93 28.77 -45.67
C ARG B 463 7.69 30.07 -45.82
N ASN B 464 8.51 30.41 -44.82
CA ASN B 464 9.51 31.48 -44.96
C ASN B 464 10.87 30.85 -45.13
N SER B 465 11.89 31.67 -45.35
CA SER B 465 13.24 31.15 -45.58
C SER B 465 14.27 32.25 -45.47
N VAL B 466 15.54 31.86 -45.53
CA VAL B 466 16.63 32.83 -45.54
C VAL B 466 16.53 33.81 -46.73
N ASN B 467 15.71 33.45 -47.73
CA ASN B 467 15.63 34.25 -48.96
C ASN B 467 14.50 35.27 -49.02
N GLY B 468 13.37 34.95 -48.41
CA GLY B 468 12.27 35.88 -48.34
C GLY B 468 11.22 35.47 -47.34
N GLU B 469 10.29 36.37 -47.05
CA GLU B 469 9.36 36.15 -45.94
C GLU B 469 7.93 35.67 -46.24
N GLU B 470 7.38 35.91 -47.42
CA GLU B 470 6.04 35.33 -47.73
C GLU B 470 4.92 35.58 -46.70
N VAL B 471 5.06 35.00 -45.49
CA VAL B 471 4.17 35.32 -44.38
C VAL B 471 4.74 36.43 -43.53
N TYR B 472 4.07 37.56 -43.52
CA TYR B 472 4.49 38.70 -42.73
C TYR B 472 3.27 39.57 -42.46
N PRO B 473 3.31 40.38 -41.38
CA PRO B 473 2.12 41.19 -41.11
C PRO B 473 1.90 42.21 -42.20
N LYS B 474 0.69 42.20 -42.76
CA LYS B 474 0.27 43.21 -43.73
C LYS B 474 -0.82 44.06 -43.09
N ASN B 475 -0.58 45.38 -43.05
CA ASN B 475 -1.54 46.34 -42.49
C ASN B 475 -2.73 46.58 -43.41
N SER B 476 -3.51 45.54 -43.68
CA SER B 476 -4.57 45.63 -44.67
C SER B 476 -5.94 45.93 -44.06
N ASP B 477 -6.97 45.81 -44.91
CA ASP B 477 -8.38 45.81 -44.48
C ASP B 477 -9.04 47.23 -44.42
N LYS B 478 -10.34 47.36 -44.10
CA LYS B 478 -11.25 46.28 -43.68
C LYS B 478 -11.74 45.45 -44.85
N PHE B 481 -16.22 49.66 -37.72
CA PHE B 481 -16.47 50.57 -36.61
C PHE B 481 -17.29 51.81 -37.04
N ASP B 482 -18.49 51.95 -36.50
CA ASP B 482 -19.23 53.21 -36.65
C ASP B 482 -19.61 53.86 -35.30
N ASP B 483 -20.69 53.39 -34.68
CA ASP B 483 -21.10 53.89 -33.37
C ASP B 483 -20.18 53.36 -32.28
N GLY B 484 -20.60 52.28 -31.64
CA GLY B 484 -19.74 51.51 -30.76
C GLY B 484 -19.84 50.06 -31.20
N ILE B 485 -19.97 49.87 -32.51
CA ILE B 485 -20.07 48.54 -33.10
C ILE B 485 -18.99 48.31 -34.14
N LEU B 486 -18.04 47.45 -33.80
CA LEU B 486 -16.96 47.12 -34.71
C LEU B 486 -17.35 45.94 -35.58
N THR B 487 -17.35 46.18 -36.89
CA THR B 487 -17.61 45.12 -37.86
C THR B 487 -16.37 44.93 -38.73
N SER B 488 -15.91 43.67 -38.83
CA SER B 488 -14.68 43.35 -39.55
C SER B 488 -14.75 42.00 -40.25
N MET B 489 -14.37 41.99 -41.53
CA MET B 489 -14.36 40.77 -42.32
C MET B 489 -13.13 39.97 -41.97
N LEU B 490 -13.34 38.72 -41.56
CA LEU B 490 -12.21 37.88 -41.24
C LEU B 490 -12.01 36.90 -42.39
N ARG B 491 -10.94 37.09 -43.15
CA ARG B 491 -10.66 36.17 -44.26
C ARG B 491 -10.61 34.74 -43.75
N ARG B 492 -11.16 33.80 -44.52
CA ARG B 492 -10.95 32.38 -44.26
C ARG B 492 -9.46 32.17 -43.97
N ALA B 493 -9.18 31.36 -42.95
CA ALA B 493 -7.81 31.01 -42.56
C ALA B 493 -6.90 32.22 -42.35
N SER B 494 -7.30 33.10 -41.44
CA SER B 494 -6.53 34.32 -41.16
C SER B 494 -6.34 34.60 -39.66
N TRP B 495 -5.24 35.27 -39.36
CA TRP B 495 -4.94 35.74 -38.02
C TRP B 495 -5.18 37.24 -38.03
N ASN B 496 -5.96 37.74 -37.08
CA ASN B 496 -6.33 39.16 -37.10
C ASN B 496 -6.05 39.86 -35.78
N VAL B 497 -5.61 41.11 -35.87
CA VAL B 497 -5.30 41.89 -34.69
C VAL B 497 -5.88 43.30 -34.83
N ILE B 498 -7.08 43.50 -34.30
CA ILE B 498 -7.80 44.74 -34.52
C ILE B 498 -7.72 45.67 -33.31
N ARG B 499 -7.21 46.88 -33.50
CA ARG B 499 -7.01 47.84 -32.41
C ARG B 499 -8.01 49.02 -32.39
N ILE B 500 -8.13 49.68 -31.22
CA ILE B 500 -9.07 50.78 -30.99
C ILE B 500 -8.35 51.92 -30.24
N GLY B 501 -8.82 53.17 -30.41
CA GLY B 501 -8.28 54.30 -29.68
C GLY B 501 -9.31 55.28 -29.16
N LYS C 1 17.91 -23.41 49.21
CA LYS C 1 17.12 -23.76 50.39
C LYS C 1 16.57 -22.56 51.18
N LYS C 2 17.02 -21.35 50.87
CA LYS C 2 16.53 -20.15 51.57
C LYS C 2 16.13 -19.01 50.62
N ALA C 3 14.85 -18.63 50.63
CA ALA C 3 14.36 -17.54 49.78
C ALA C 3 13.56 -16.51 50.58
N ARG C 4 13.70 -15.24 50.20
CA ARG C 4 13.11 -14.15 50.97
C ARG C 4 12.16 -13.25 50.20
N MET C 5 11.12 -12.79 50.90
CA MET C 5 10.06 -12.02 50.30
C MET C 5 9.58 -10.96 51.28
N THR C 6 9.47 -9.71 50.81
CA THR C 6 8.95 -8.59 51.61
C THR C 6 7.49 -8.33 51.22
N VAL C 7 6.61 -8.32 52.22
CA VAL C 7 5.17 -8.16 51.99
C VAL C 7 4.59 -6.87 52.60
N ASP C 8 4.34 -5.87 51.75
CA ASP C 8 3.90 -4.55 52.20
C ASP C 8 2.49 -4.25 51.70
N LYS C 9 1.54 -4.00 52.60
CA LYS C 9 0.17 -3.69 52.18
C LYS C 9 0.09 -2.36 51.44
N ASP C 10 1.00 -1.46 51.81
CA ASP C 10 1.09 -0.16 51.15
C ASP C 10 1.96 -0.29 49.90
N TYR C 11 1.98 -1.49 49.32
CA TYR C 11 2.67 -1.69 48.06
C TYR C 11 1.80 -2.35 46.99
N LYS C 12 0.63 -1.78 46.79
CA LYS C 12 -0.40 -2.31 45.91
C LYS C 12 0.07 -2.45 44.47
N ILE C 13 -0.42 -3.49 43.80
CA ILE C 13 -0.33 -3.58 42.35
C ILE C 13 -1.69 -3.14 41.82
N ALA C 14 -2.75 -3.78 42.32
CA ALA C 14 -4.13 -3.39 42.02
C ALA C 14 -5.17 -4.22 42.79
N GLU C 15 -6.41 -3.75 42.76
CA GLU C 15 -7.50 -4.56 43.25
C GLU C 15 -7.86 -5.63 42.21
N ILE C 16 -8.20 -6.82 42.70
CA ILE C 16 -8.54 -7.94 41.86
C ILE C 16 -10.01 -7.85 41.43
N ASP C 17 -10.24 -8.03 40.13
CA ASP C 17 -11.60 -8.11 39.57
C ASP C 17 -11.95 -9.57 39.60
N LYS C 18 -13.08 -9.89 40.22
CA LYS C 18 -13.47 -11.29 40.38
C LYS C 18 -13.63 -12.01 39.03
N ARG C 19 -13.82 -11.24 37.97
CA ARG C 19 -14.00 -11.85 36.66
C ARG C 19 -12.74 -12.54 36.13
N ILE C 20 -11.65 -12.47 36.90
CA ILE C 20 -10.45 -13.22 36.53
C ILE C 20 -10.58 -14.68 36.93
N TYR C 21 -11.61 -14.98 37.71
CA TYR C 21 -11.89 -16.36 38.09
C TYR C 21 -13.02 -16.90 37.23
N GLY C 22 -13.00 -16.50 35.96
CA GLY C 22 -14.02 -16.90 35.00
C GLY C 22 -13.67 -18.21 34.31
N SER C 23 -14.67 -18.80 33.67
CA SER C 23 -14.46 -19.98 32.85
C SER C 23 -15.22 -19.86 31.53
N PHE C 24 -15.41 -20.99 30.85
CA PHE C 24 -15.72 -21.05 29.43
C PHE C 24 -16.35 -22.41 29.13
N VAL C 25 -17.57 -22.41 28.57
CA VAL C 25 -18.20 -23.62 28.04
C VAL C 25 -18.46 -23.47 26.53
N GLU C 26 -17.88 -24.38 25.74
CA GLU C 26 -18.09 -24.36 24.30
C GLU C 26 -19.01 -25.50 23.88
N HIS C 27 -19.80 -25.29 22.86
CA HIS C 27 -20.51 -26.39 22.22
C HIS C 27 -19.49 -27.28 21.53
N LEU C 28 -18.90 -28.15 22.32
CA LEU C 28 -17.71 -28.91 21.94
C LEU C 28 -17.71 -30.15 22.80
N GLY C 29 -17.40 -31.30 22.18
CA GLY C 29 -17.29 -32.56 22.89
C GLY C 29 -18.46 -32.81 23.82
N ARG C 30 -18.15 -33.26 25.02
CA ARG C 30 -19.21 -33.51 26.00
C ARG C 30 -19.33 -32.35 26.98
N ALA C 31 -19.01 -31.14 26.54
CA ALA C 31 -19.14 -29.99 27.42
C ALA C 31 -20.60 -29.81 27.82
N VAL C 32 -21.48 -29.80 26.83
CA VAL C 32 -22.89 -29.58 27.09
C VAL C 32 -23.61 -30.93 27.13
N TYR C 33 -23.69 -31.57 25.97
CA TYR C 33 -24.31 -32.90 25.83
C TYR C 33 -23.45 -34.00 26.47
N ASP C 34 -24.09 -34.79 27.33
CA ASP C 34 -23.43 -35.76 28.20
C ASP C 34 -22.37 -35.06 29.03
N GLY C 35 -22.74 -33.89 29.53
CA GLY C 35 -21.87 -33.06 30.34
C GLY C 35 -22.73 -32.32 31.33
N LEU C 36 -22.92 -31.01 31.14
CA LEU C 36 -23.78 -30.25 32.05
C LEU C 36 -25.25 -30.58 31.79
N TYR C 37 -25.56 -31.03 30.58
CA TYR C 37 -26.95 -31.27 30.15
C TYR C 37 -27.21 -32.74 29.81
N GLN C 38 -28.03 -33.39 30.64
CA GLN C 38 -28.30 -34.82 30.50
C GLN C 38 -29.75 -35.10 30.91
N PRO C 39 -30.69 -34.86 29.97
CA PRO C 39 -32.16 -34.75 30.18
C PRO C 39 -32.85 -35.89 30.93
N GLY C 40 -32.47 -37.14 30.66
CA GLY C 40 -33.15 -38.25 31.31
C GLY C 40 -32.47 -38.77 32.57
N ASN C 41 -31.22 -38.37 32.75
CA ASN C 41 -30.37 -38.86 33.83
C ASN C 41 -30.99 -38.71 35.21
N SER C 42 -30.68 -39.66 36.10
CA SER C 42 -31.23 -39.68 37.45
C SER C 42 -30.81 -38.46 38.27
N LYS C 43 -29.70 -37.84 37.89
CA LYS C 43 -29.19 -36.74 38.69
C LYS C 43 -29.65 -35.36 38.19
N SER C 44 -30.47 -35.35 37.14
CA SER C 44 -30.81 -34.10 36.43
C SER C 44 -32.19 -33.49 36.74
N ASP C 45 -32.22 -32.16 36.85
CA ASP C 45 -33.44 -31.45 37.22
C ASP C 45 -34.48 -31.35 36.10
N GLU C 46 -35.38 -30.39 36.27
CA GLU C 46 -36.49 -30.19 35.35
C GLU C 46 -36.01 -29.72 34.00
N ASP C 47 -34.86 -29.05 34.02
CA ASP C 47 -34.33 -28.42 32.81
C ASP C 47 -33.33 -29.32 32.12
N GLY C 48 -33.03 -30.46 32.74
CA GLY C 48 -32.12 -31.44 32.19
C GLY C 48 -30.70 -31.31 32.70
N PHE C 49 -30.50 -30.42 33.65
CA PHE C 49 -29.16 -30.12 34.12
C PHE C 49 -28.71 -31.07 35.23
N ARG C 50 -27.54 -31.68 35.07
CA ARG C 50 -26.95 -32.52 36.10
C ARG C 50 -26.75 -31.74 37.40
N LYS C 51 -27.54 -32.10 38.41
CA LYS C 51 -27.56 -31.40 39.69
C LYS C 51 -26.19 -31.39 40.38
N ASP C 52 -25.43 -32.47 40.21
CA ASP C 52 -24.14 -32.59 40.89
C ASP C 52 -23.06 -31.70 40.28
N VAL C 53 -23.04 -31.64 38.95
CA VAL C 53 -22.18 -30.71 38.22
C VAL C 53 -22.34 -29.27 38.73
N ILE C 54 -23.59 -28.81 38.78
CA ILE C 54 -23.91 -27.50 39.33
C ILE C 54 -23.21 -27.22 40.66
N GLU C 55 -23.27 -28.18 41.57
CA GLU C 55 -22.62 -28.04 42.87
C GLU C 55 -21.11 -27.87 42.74
N LEU C 56 -20.50 -28.66 41.87
CA LEU C 56 -19.06 -28.57 41.68
C LEU C 56 -18.63 -27.25 41.03
N VAL C 57 -19.49 -26.70 40.16
CA VAL C 57 -19.23 -25.38 39.59
C VAL C 57 -19.35 -24.30 40.66
N LYS C 58 -20.40 -24.35 41.48
CA LYS C 58 -20.51 -23.40 42.60
C LYS C 58 -19.30 -23.49 43.54
N GLU C 59 -18.69 -24.67 43.59
CA GLU C 59 -17.53 -24.88 44.42
C GLU C 59 -16.36 -24.04 43.97
N LEU C 60 -16.27 -23.81 42.66
CA LEU C 60 -15.15 -23.07 42.07
C LEU C 60 -15.37 -21.57 42.14
N ASN C 61 -16.60 -21.17 42.42
CA ASN C 61 -16.95 -19.75 42.60
C ASN C 61 -16.64 -18.90 41.36
N VAL C 62 -17.12 -19.39 40.22
CA VAL C 62 -16.94 -18.75 38.92
C VAL C 62 -18.06 -17.74 38.66
N PRO C 63 -17.71 -16.45 38.49
CA PRO C 63 -18.69 -15.36 38.34
C PRO C 63 -19.10 -15.08 36.90
N ILE C 64 -18.26 -15.46 35.95
CA ILE C 64 -18.50 -15.18 34.54
C ILE C 64 -18.04 -16.38 33.71
N ILE C 65 -18.84 -16.76 32.72
CA ILE C 65 -18.54 -17.92 31.89
C ILE C 65 -18.72 -17.58 30.40
N ALA C 66 -17.65 -17.72 29.61
CA ALA C 66 -17.73 -17.45 28.18
C ALA C 66 -18.53 -18.54 27.50
N TYR C 67 -19.34 -18.13 26.51
CA TYR C 67 -20.24 -19.04 25.81
C TYR C 67 -20.57 -18.43 24.43
N PRO C 68 -20.73 -19.26 23.38
CA PRO C 68 -20.58 -20.71 23.28
C PRO C 68 -19.36 -21.11 22.46
N GLY C 69 -18.38 -20.22 22.32
CA GLY C 69 -17.14 -20.56 21.65
C GLY C 69 -16.12 -19.44 21.85
N GLY C 70 -14.87 -19.65 21.43
CA GLY C 70 -14.44 -20.94 20.88
C GLY C 70 -14.66 -21.03 19.39
N ASN C 71 -13.95 -21.95 18.75
CA ASN C 71 -14.04 -22.15 17.30
C ASN C 71 -15.47 -22.39 16.81
N PHE C 72 -16.30 -22.93 17.69
CA PHE C 72 -17.70 -23.20 17.40
C PHE C 72 -18.50 -21.97 16.94
N VAL C 73 -18.20 -20.80 17.52
CA VAL C 73 -19.05 -19.62 17.31
C VAL C 73 -18.90 -19.07 15.89
N SER C 74 -17.75 -19.35 15.26
CA SER C 74 -17.45 -18.69 13.99
C SER C 74 -18.34 -19.11 12.81
N ASN C 75 -19.12 -20.18 13.00
CA ASN C 75 -20.05 -20.61 11.97
C ASN C 75 -21.36 -21.10 12.59
N TYR C 76 -21.70 -20.48 13.71
CA TYR C 76 -22.93 -20.73 14.46
C TYR C 76 -24.01 -19.71 14.09
N PHE C 77 -25.26 -20.15 14.11
CA PHE C 77 -26.39 -19.27 13.80
C PHE C 77 -27.37 -19.22 14.97
N TRP C 78 -27.20 -18.25 15.86
CA TRP C 78 -27.90 -18.23 17.15
C TRP C 78 -29.40 -18.58 17.11
N GLU C 79 -30.11 -18.14 16.08
CA GLU C 79 -31.53 -18.47 15.92
C GLU C 79 -31.82 -19.97 16.05
N ASP C 80 -30.87 -20.79 15.62
CA ASP C 80 -30.99 -22.25 15.67
C ASP C 80 -31.17 -22.82 17.09
N GLY C 81 -30.81 -22.03 18.10
CA GLY C 81 -30.76 -22.51 19.47
C GLY C 81 -31.82 -21.86 20.33
N VAL C 82 -32.71 -21.13 19.70
CA VAL C 82 -33.84 -20.56 20.41
C VAL C 82 -35.17 -20.96 19.81
N GLY C 83 -36.25 -20.74 20.55
CA GLY C 83 -37.58 -21.08 20.11
C GLY C 83 -37.93 -22.54 20.39
N PRO C 84 -39.11 -22.96 19.92
CA PRO C 84 -39.58 -24.33 20.11
C PRO C 84 -38.50 -25.32 19.68
N VAL C 85 -38.26 -26.28 20.55
CA VAL C 85 -37.13 -27.17 20.41
C VAL C 85 -37.29 -28.11 19.22
N GLU C 86 -38.54 -28.33 18.82
CA GLU C 86 -38.85 -29.21 17.70
C GLU C 86 -38.60 -28.53 16.37
N ASP C 87 -38.46 -27.21 16.41
CA ASP C 87 -38.16 -26.44 15.21
C ASP C 87 -36.66 -26.23 15.04
N ARG C 88 -35.92 -26.36 16.13
CA ARG C 88 -34.48 -26.18 16.05
C ARG C 88 -33.82 -27.23 15.17
N PRO C 89 -33.11 -26.77 14.14
CA PRO C 89 -32.43 -27.58 13.13
C PRO C 89 -31.18 -28.29 13.68
N ARG C 90 -30.73 -29.35 13.03
CA ARG C 90 -29.44 -29.94 13.34
C ARG C 90 -28.42 -29.44 12.31
N ARG C 91 -27.30 -28.89 12.79
CA ARG C 91 -26.31 -28.26 11.93
C ARG C 91 -24.95 -28.96 12.02
N LEU C 92 -24.20 -28.95 10.91
CA LEU C 92 -22.82 -29.41 10.96
C LEU C 92 -21.98 -28.37 11.67
N ASP C 93 -21.24 -28.80 12.67
CA ASP C 93 -20.25 -27.95 13.30
C ASP C 93 -18.91 -28.21 12.63
N LEU C 94 -18.51 -27.31 11.73
CA LEU C 94 -17.30 -27.52 10.95
C LEU C 94 -16.04 -27.50 11.82
N ALA C 95 -16.04 -26.69 12.88
CA ALA C 95 -14.87 -26.59 13.75
C ALA C 95 -14.43 -27.95 14.27
N TRP C 96 -15.37 -28.65 14.90
CA TRP C 96 -15.07 -29.91 15.60
C TRP C 96 -15.69 -31.11 14.90
N LYS C 97 -16.07 -30.92 13.63
CA LYS C 97 -16.64 -31.97 12.80
C LYS C 97 -17.66 -32.82 13.54
N SER C 98 -18.66 -32.15 14.10
CA SER C 98 -19.68 -32.79 14.92
C SER C 98 -21.05 -32.36 14.46
N ILE C 99 -22.08 -33.08 14.90
CA ILE C 99 -23.44 -32.64 14.63
C ILE C 99 -24.00 -31.91 15.85
N GLU C 100 -24.36 -30.65 15.67
CA GLU C 100 -24.93 -29.89 16.76
C GLU C 100 -26.44 -29.93 16.63
N PRO C 101 -27.10 -30.54 17.63
CA PRO C 101 -28.56 -30.72 17.64
C PRO C 101 -29.31 -29.46 18.12
N ASN C 102 -28.59 -28.56 18.78
CA ASN C 102 -29.16 -27.29 19.26
C ASN C 102 -30.25 -27.39 20.33
N GLN C 103 -30.23 -28.48 21.10
CA GLN C 103 -31.17 -28.67 22.20
C GLN C 103 -30.88 -27.69 23.32
N VAL C 104 -29.62 -27.24 23.39
CA VAL C 104 -29.25 -26.14 24.29
C VAL C 104 -28.78 -24.95 23.49
N GLY C 105 -29.52 -23.85 23.62
CA GLY C 105 -29.16 -22.60 22.98
C GLY C 105 -29.11 -21.53 24.06
N ILE C 106 -29.06 -20.26 23.68
CA ILE C 106 -28.75 -19.24 24.66
C ILE C 106 -29.69 -19.20 25.87
N ASN C 107 -30.98 -19.48 25.64
CA ASN C 107 -31.94 -19.45 26.74
C ASN C 107 -31.76 -20.57 27.79
N GLU C 108 -31.47 -21.78 27.34
CA GLU C 108 -31.19 -22.88 28.26
C GLU C 108 -29.90 -22.63 29.02
N PHE C 109 -28.87 -22.19 28.30
CA PHE C 109 -27.57 -21.96 28.93
C PHE C 109 -27.65 -20.81 29.89
N ALA C 110 -28.50 -19.84 29.57
CA ALA C 110 -28.66 -18.68 30.44
C ALA C 110 -29.23 -19.13 31.80
N LYS C 111 -30.23 -19.99 31.78
CA LYS C 111 -30.81 -20.41 33.03
C LYS C 111 -29.89 -21.40 33.79
N TRP C 112 -29.02 -22.09 33.07
CA TRP C 112 -27.99 -22.89 33.72
C TRP C 112 -27.00 -22.00 34.47
N CYS C 113 -26.65 -20.88 33.85
CA CYS C 113 -25.67 -19.97 34.45
C CYS C 113 -26.22 -19.32 35.71
N LYS C 114 -27.53 -19.10 35.75
CA LYS C 114 -28.15 -18.55 36.96
C LYS C 114 -27.99 -19.55 38.11
N LYS C 115 -28.08 -20.83 37.77
CA LYS C 115 -28.04 -21.91 38.74
C LYS C 115 -26.65 -22.11 39.31
N VAL C 116 -25.61 -21.79 38.54
CA VAL C 116 -24.26 -21.93 39.04
C VAL C 116 -23.71 -20.58 39.52
N ASN C 117 -24.62 -19.61 39.62
CA ASN C 117 -24.30 -18.26 40.11
C ASN C 117 -23.30 -17.55 39.22
N ALA C 118 -23.55 -17.57 37.91
CA ALA C 118 -22.68 -16.90 36.96
C ALA C 118 -23.46 -16.05 35.96
N GLU C 119 -22.74 -15.20 35.25
CA GLU C 119 -23.31 -14.44 34.15
C GLU C 119 -22.71 -14.95 32.85
N ILE C 120 -23.34 -14.64 31.73
CA ILE C 120 -22.79 -15.03 30.44
C ILE C 120 -21.84 -13.95 29.91
N MET C 121 -20.73 -14.40 29.35
CA MET C 121 -19.98 -13.55 28.45
C MET C 121 -20.17 -14.17 27.07
N MET C 122 -21.00 -13.51 26.27
CA MET C 122 -21.47 -14.04 24.99
C MET C 122 -20.57 -13.66 23.83
N ALA C 123 -20.24 -14.63 22.98
CA ALA C 123 -19.45 -14.35 21.78
C ALA C 123 -20.40 -14.31 20.59
N VAL C 124 -20.12 -13.46 19.61
CA VAL C 124 -20.98 -13.37 18.42
C VAL C 124 -20.24 -13.94 17.23
N ASN C 125 -20.96 -14.45 16.23
CA ASN C 125 -20.31 -15.00 15.03
C ASN C 125 -19.83 -13.87 14.13
N LEU C 126 -18.51 -13.72 13.99
CA LEU C 126 -18.00 -12.81 12.97
C LEU C 126 -17.18 -13.54 11.89
N GLY C 127 -17.32 -14.85 11.80
CA GLY C 127 -16.73 -15.62 10.74
C GLY C 127 -17.58 -15.58 9.48
N THR C 128 -18.79 -16.10 9.56
CA THR C 128 -19.68 -16.14 8.41
C THR C 128 -20.88 -15.21 8.49
N ARG C 129 -21.03 -14.50 9.61
CA ARG C 129 -22.08 -13.51 9.79
C ARG C 129 -21.45 -12.16 10.17
N GLY C 130 -22.27 -11.13 10.37
CA GLY C 130 -21.70 -9.80 10.55
C GLY C 130 -22.43 -8.88 11.51
N ILE C 131 -22.37 -7.59 11.19
CA ILE C 131 -22.94 -6.50 12.01
C ILE C 131 -24.41 -6.67 12.40
N SER C 132 -25.28 -6.77 11.41
CA SER C 132 -26.71 -6.88 11.67
C SER C 132 -27.07 -8.11 12.51
N ASP C 133 -26.36 -9.22 12.30
CA ASP C 133 -26.62 -10.40 13.12
C ASP C 133 -26.18 -10.17 14.56
N ALA C 134 -25.10 -9.43 14.77
CA ALA C 134 -24.65 -9.13 16.12
C ALA C 134 -25.69 -8.24 16.77
N CYS C 135 -26.27 -7.36 15.98
CA CYS C 135 -27.30 -6.46 16.47
C CYS C 135 -28.55 -7.23 16.84
N ASN C 136 -28.93 -8.22 16.04
CA ASN C 136 -30.13 -8.99 16.33
C ASN C 136 -30.03 -9.72 17.66
N LEU C 137 -28.88 -10.36 17.88
CA LEU C 137 -28.65 -11.16 19.08
C LEU C 137 -28.65 -10.29 20.31
N LEU C 138 -28.02 -9.12 20.16
CA LEU C 138 -27.87 -8.17 21.24
C LEU C 138 -29.24 -7.66 21.67
N GLU C 139 -30.08 -7.36 20.68
CA GLU C 139 -31.39 -6.80 20.92
C GLU C 139 -32.20 -7.86 21.66
N TYR C 140 -32.20 -9.04 21.06
CA TYR C 140 -32.78 -10.22 21.66
C TYR C 140 -32.45 -10.38 23.16
N CYS C 141 -31.19 -10.23 23.52
CA CYS C 141 -30.78 -10.51 24.90
C CYS C 141 -30.90 -9.33 25.86
N ASN C 142 -30.82 -8.11 25.32
CA ASN C 142 -30.61 -6.95 26.19
C ASN C 142 -31.69 -5.91 26.14
N HIS C 143 -32.48 -5.94 25.07
CA HIS C 143 -33.53 -4.95 24.93
C HIS C 143 -34.83 -5.45 25.56
N PRO C 144 -35.42 -4.64 26.42
CA PRO C 144 -36.59 -5.04 27.23
C PRO C 144 -37.78 -5.59 26.43
N GLY C 145 -38.24 -4.87 25.42
CA GLY C 145 -39.39 -5.32 24.67
C GLY C 145 -39.92 -4.26 23.74
N GLY C 146 -41.00 -4.58 23.04
CA GLY C 146 -41.59 -3.65 22.09
C GLY C 146 -40.80 -3.51 20.79
N SER C 147 -39.97 -4.49 20.47
CA SER C 147 -39.30 -4.52 19.19
C SER C 147 -39.21 -5.96 18.70
N LYS C 148 -38.93 -6.14 17.40
CA LYS C 148 -38.95 -7.45 16.79
C LYS C 148 -38.21 -8.55 17.55
N TYR C 149 -36.94 -8.30 17.90
CA TYR C 149 -36.11 -9.33 18.53
C TYR C 149 -36.27 -9.43 20.05
N SER C 150 -36.60 -8.33 20.71
CA SER C 150 -36.98 -8.43 22.11
C SER C 150 -38.32 -9.17 22.26
N ASP C 151 -39.32 -8.78 21.47
CA ASP C 151 -40.59 -9.48 21.52
C ASP C 151 -40.44 -10.97 21.15
N MET C 152 -39.48 -11.28 20.30
CA MET C 152 -39.25 -12.67 19.95
C MET C 152 -38.67 -13.47 21.12
N ARG C 153 -37.93 -12.80 22.01
CA ARG C 153 -37.38 -13.46 23.19
C ARG C 153 -38.51 -13.82 24.14
N ILE C 154 -39.33 -12.82 24.43
CA ILE C 154 -40.47 -12.95 25.31
C ILE C 154 -41.39 -14.10 24.87
N LYS C 155 -41.72 -14.11 23.59
CA LYS C 155 -42.48 -15.19 22.99
C LYS C 155 -41.81 -16.55 23.25
N HIS C 156 -40.48 -16.57 23.36
CA HIS C 156 -39.75 -17.82 23.54
C HIS C 156 -39.79 -18.24 25.02
N GLY C 157 -40.29 -17.34 25.86
CA GLY C 157 -40.46 -17.64 27.27
C GLY C 157 -39.55 -16.93 28.25
N VAL C 158 -38.85 -15.90 27.79
CA VAL C 158 -37.98 -15.15 28.71
C VAL C 158 -38.42 -13.69 28.76
N LYS C 159 -39.22 -13.37 29.77
CA LYS C 159 -39.81 -12.04 29.89
C LYS C 159 -38.75 -10.98 30.10
N GLU C 160 -37.89 -11.20 31.09
CA GLU C 160 -36.79 -10.26 31.34
C GLU C 160 -35.66 -10.51 30.36
N PRO C 161 -35.03 -9.43 29.89
CA PRO C 161 -33.79 -9.51 29.12
C PRO C 161 -32.68 -10.07 29.99
N HIS C 162 -31.82 -10.93 29.43
CA HIS C 162 -30.65 -11.40 30.16
C HIS C 162 -29.67 -10.26 30.51
N ASN C 163 -29.72 -9.15 29.77
CA ASN C 163 -28.79 -8.03 29.98
C ASN C 163 -27.34 -8.49 30.13
N ILE C 164 -26.83 -9.11 29.06
CA ILE C 164 -25.49 -9.65 29.03
C ILE C 164 -24.48 -8.51 28.98
N LYS C 165 -23.60 -8.47 29.98
CA LYS C 165 -22.70 -7.34 30.19
C LYS C 165 -21.52 -7.28 29.22
N VAL C 166 -20.77 -8.37 29.08
CA VAL C 166 -19.60 -8.42 28.19
C VAL C 166 -19.82 -9.29 26.93
N TRP C 167 -19.35 -8.81 25.78
CA TRP C 167 -19.53 -9.53 24.52
C TRP C 167 -18.21 -9.64 23.74
N CYS C 168 -17.96 -10.81 23.15
CA CYS C 168 -16.76 -11.01 22.31
C CYS C 168 -17.04 -10.87 20.85
N LEU C 169 -16.26 -10.02 20.19
CA LEU C 169 -16.39 -9.82 18.76
C LEU C 169 -15.69 -10.92 17.97
N GLY C 170 -16.36 -12.07 17.89
CA GLY C 170 -15.88 -13.18 17.11
C GLY C 170 -14.89 -14.02 17.88
N ASN C 171 -14.22 -14.92 17.19
CA ASN C 171 -13.29 -15.77 17.87
C ASN C 171 -12.07 -16.07 17.04
N GLU C 172 -10.90 -16.05 17.68
CA GLU C 172 -9.65 -16.54 17.11
C GLU C 172 -9.67 -16.54 15.60
N MET C 173 -9.88 -15.38 14.98
CA MET C 173 -10.01 -15.44 13.55
C MET C 173 -8.70 -15.33 12.78
N ASP C 174 -7.58 -15.30 13.50
CA ASP C 174 -6.28 -15.20 12.85
C ASP C 174 -5.80 -16.57 12.38
N GLY C 175 -6.47 -17.63 12.82
CA GLY C 175 -6.00 -18.99 12.56
C GLY C 175 -6.51 -19.63 11.29
N PRO C 176 -5.62 -20.32 10.57
CA PRO C 176 -6.03 -20.99 9.33
C PRO C 176 -6.93 -22.21 9.54
N TRP C 177 -7.21 -22.52 10.78
CA TRP C 177 -8.08 -23.65 11.11
C TRP C 177 -9.50 -23.14 11.36
N GLN C 178 -9.64 -21.82 11.41
CA GLN C 178 -10.90 -21.20 11.78
C GLN C 178 -11.79 -20.91 10.57
N VAL C 179 -13.07 -21.27 10.66
CA VAL C 179 -14.04 -20.95 9.61
C VAL C 179 -14.15 -19.45 9.54
N GLY C 180 -13.93 -18.89 8.36
CA GLY C 180 -14.11 -17.46 8.20
C GLY C 180 -12.90 -16.70 8.69
N HIS C 181 -11.74 -17.34 8.59
CA HIS C 181 -10.46 -16.68 8.89
C HIS C 181 -10.38 -15.29 8.25
N LYS C 182 -9.98 -14.28 9.02
CA LYS C 182 -9.78 -12.92 8.49
C LYS C 182 -8.34 -12.40 8.65
N THR C 183 -7.93 -11.47 7.80
CA THR C 183 -6.66 -10.81 8.03
C THR C 183 -6.85 -9.75 9.11
N MET C 184 -5.75 -9.26 9.66
CA MET C 184 -5.87 -8.33 10.79
C MET C 184 -6.64 -7.06 10.39
N ASP C 185 -6.53 -6.68 9.12
CA ASP C 185 -7.23 -5.52 8.65
C ASP C 185 -8.70 -5.83 8.48
N GLU C 186 -9.01 -7.01 7.97
CA GLU C 186 -10.42 -7.36 7.77
C GLU C 186 -11.08 -7.40 9.14
N TYR C 187 -10.44 -8.10 10.08
CA TYR C 187 -11.06 -8.27 11.39
C TYR C 187 -11.17 -6.94 12.16
N GLY C 188 -10.14 -6.12 12.07
CA GLY C 188 -10.17 -4.83 12.72
C GLY C 188 -11.33 -3.97 12.26
N ARG C 189 -11.59 -4.00 10.96
CA ARG C 189 -12.72 -3.27 10.39
C ARG C 189 -14.05 -3.89 10.84
N ILE C 190 -14.18 -5.20 10.76
CA ILE C 190 -15.44 -5.82 11.14
C ILE C 190 -15.72 -5.63 12.63
N ALA C 191 -14.68 -5.71 13.46
CA ALA C 191 -14.79 -5.51 14.90
C ALA C 191 -15.12 -4.04 15.23
N GLU C 192 -14.46 -3.12 14.54
CA GLU C 192 -14.78 -1.71 14.74
C GLU C 192 -16.28 -1.42 14.50
N GLU C 193 -16.78 -1.85 13.34
CA GLU C 193 -18.13 -1.57 12.93
C GLU C 193 -19.17 -2.31 13.76
N THR C 194 -18.88 -3.56 14.12
CA THR C 194 -19.81 -4.31 14.95
C THR C 194 -19.92 -3.65 16.32
N ALA C 195 -18.77 -3.27 16.87
CA ALA C 195 -18.76 -2.54 18.14
C ALA C 195 -19.53 -1.24 18.02
N ARG C 196 -19.28 -0.48 16.95
CA ARG C 196 -19.97 0.79 16.76
C ARG C 196 -21.49 0.61 16.78
N ALA C 197 -21.97 -0.42 16.08
CA ALA C 197 -23.40 -0.67 16.01
C ALA C 197 -23.93 -1.12 17.37
N MET C 198 -23.27 -2.12 17.96
CA MET C 198 -23.77 -2.72 19.20
C MET C 198 -23.92 -1.71 20.33
N LYS C 199 -23.00 -0.76 20.42
CA LYS C 199 -23.06 0.23 21.49
C LYS C 199 -24.16 1.28 21.30
N MET C 200 -24.66 1.41 20.06
CA MET C 200 -25.85 2.25 19.82
C MET C 200 -27.09 1.63 20.43
N ILE C 201 -27.16 0.31 20.37
CA ILE C 201 -28.30 -0.45 20.86
C ILE C 201 -28.31 -0.54 22.41
N ASP C 202 -27.13 -0.71 22.98
CA ASP C 202 -26.97 -0.76 24.43
C ASP C 202 -25.57 -0.31 24.82
N PRO C 203 -25.45 0.98 25.21
CA PRO C 203 -24.18 1.64 25.54
C PRO C 203 -23.58 1.13 26.82
N SER C 204 -24.26 0.23 27.52
CA SER C 204 -23.79 -0.19 28.83
C SER C 204 -22.94 -1.46 28.77
N ILE C 205 -22.95 -2.13 27.61
CA ILE C 205 -22.18 -3.34 27.45
C ILE C 205 -20.68 -3.03 27.32
N GLU C 206 -19.87 -4.06 27.50
CA GLU C 206 -18.44 -3.96 27.21
C GLU C 206 -18.07 -5.00 26.15
N LEU C 207 -17.12 -4.65 25.30
CA LEU C 207 -16.77 -5.46 24.14
C LEU C 207 -15.31 -5.95 24.23
N VAL C 208 -15.09 -7.19 23.82
CA VAL C 208 -13.76 -7.75 23.74
C VAL C 208 -13.38 -7.91 22.29
N ALA C 209 -12.25 -7.35 21.91
CA ALA C 209 -11.70 -7.59 20.59
C ALA C 209 -10.74 -8.78 20.66
N CYS C 210 -10.76 -9.64 19.64
CA CYS C 210 -9.89 -10.82 19.61
C CYS C 210 -8.43 -10.45 19.40
N GLY C 211 -7.57 -10.98 20.25
CA GLY C 211 -6.15 -10.85 20.03
C GLY C 211 -5.73 -12.03 19.20
N SER C 212 -4.43 -12.27 19.08
CA SER C 212 -3.89 -13.43 18.39
C SER C 212 -4.35 -14.75 19.03
N SER C 213 -4.39 -15.82 18.24
CA SER C 213 -4.69 -17.14 18.78
C SER C 213 -3.69 -17.57 19.86
N SER C 214 -2.42 -17.25 19.65
CA SER C 214 -1.39 -17.53 20.63
C SER C 214 -0.22 -16.57 20.41
N LYS C 215 0.76 -16.61 21.31
CA LYS C 215 1.89 -15.70 21.19
C LYS C 215 2.83 -16.20 20.13
N ASP C 216 2.53 -17.36 19.57
CA ASP C 216 3.41 -17.98 18.59
C ASP C 216 2.98 -17.72 17.17
N MET C 217 1.77 -17.19 17.00
CA MET C 217 1.35 -16.72 15.68
C MET C 217 2.40 -15.75 15.13
N PRO C 218 2.71 -15.87 13.83
CA PRO C 218 3.58 -14.91 13.15
C PRO C 218 2.96 -13.53 13.15
N THR C 219 1.63 -13.46 13.23
CA THR C 219 0.94 -12.17 13.21
C THR C 219 0.81 -11.54 14.60
N PHE C 220 1.25 -12.24 15.63
CA PHE C 220 1.39 -11.61 16.95
C PHE C 220 2.70 -10.81 17.05
N PRO C 221 2.65 -9.59 17.58
CA PRO C 221 1.49 -8.89 18.11
C PRO C 221 0.99 -7.79 17.17
N GLN C 222 1.37 -7.83 15.90
CA GLN C 222 0.87 -6.81 15.00
C GLN C 222 -0.64 -6.91 14.86
N TRP C 223 -1.16 -8.12 14.97
CA TRP C 223 -2.61 -8.34 14.95
C TRP C 223 -3.26 -7.46 16.01
N GLU C 224 -2.82 -7.60 17.26
CA GLU C 224 -3.31 -6.76 18.36
C GLU C 224 -3.22 -5.25 18.03
N ALA C 225 -2.08 -4.81 17.54
CA ALA C 225 -1.89 -3.40 17.26
C ALA C 225 -2.86 -2.91 16.20
N THR C 226 -2.92 -3.64 15.09
CA THR C 226 -3.80 -3.27 14.00
C THR C 226 -5.25 -3.25 14.43
N VAL C 227 -5.67 -4.28 15.15
CA VAL C 227 -7.06 -4.40 15.58
C VAL C 227 -7.49 -3.28 16.53
N LEU C 228 -6.66 -2.98 17.53
CA LEU C 228 -6.96 -1.87 18.41
C LEU C 228 -6.95 -0.52 17.65
N ASP C 229 -6.07 -0.41 16.65
CA ASP C 229 -5.95 0.82 15.89
C ASP C 229 -7.29 1.16 15.22
N TYR C 230 -7.96 0.17 14.64
CA TYR C 230 -9.32 0.39 14.15
C TYR C 230 -10.33 0.56 15.29
N ALA C 231 -10.36 -0.38 16.24
CA ALA C 231 -11.53 -0.52 17.11
C ALA C 231 -11.44 0.14 18.51
N TYR C 232 -10.28 0.72 18.82
CA TYR C 232 -9.99 1.33 20.12
C TYR C 232 -11.15 2.06 20.83
N ASP C 233 -11.75 3.03 20.15
CA ASP C 233 -12.71 3.91 20.79
C ASP C 233 -13.99 3.19 21.14
N TYR C 234 -14.19 1.99 20.61
CA TYR C 234 -15.46 1.31 20.80
C TYR C 234 -15.35 0.00 21.58
N VAL C 235 -14.14 -0.39 21.95
CA VAL C 235 -13.98 -1.66 22.65
C VAL C 235 -13.28 -1.49 23.99
N ASP C 236 -13.33 -2.51 24.83
CA ASP C 236 -12.84 -2.35 26.20
C ASP C 236 -11.69 -3.28 26.59
N TYR C 237 -11.64 -4.44 25.92
CA TYR C 237 -10.63 -5.44 26.18
C TYR C 237 -10.05 -6.01 24.88
N ILE C 238 -8.78 -6.39 24.92
CA ILE C 238 -8.16 -7.24 23.92
C ILE C 238 -8.09 -8.63 24.56
N SER C 239 -8.02 -9.71 23.77
CA SER C 239 -7.97 -11.05 24.38
C SER C 239 -6.66 -11.74 24.13
N LEU C 240 -6.27 -12.57 25.08
CA LEU C 240 -5.09 -13.42 24.97
C LEU C 240 -5.51 -14.86 25.14
N HIS C 241 -4.84 -15.76 24.42
CA HIS C 241 -5.03 -17.18 24.59
C HIS C 241 -3.68 -17.87 24.85
N GLN C 242 -3.60 -18.71 25.90
CA GLN C 242 -2.39 -19.50 26.13
C GLN C 242 -2.65 -20.93 26.61
N TYR C 243 -1.99 -21.90 25.98
CA TYR C 243 -1.99 -23.27 26.49
C TYR C 243 -0.57 -23.83 26.61
N TYR C 244 -0.36 -24.73 27.55
CA TYR C 244 0.93 -25.41 27.69
C TYR C 244 0.80 -26.93 27.77
N GLY C 245 1.79 -27.64 27.26
CA GLY C 245 1.82 -29.08 27.33
C GLY C 245 3.17 -29.61 27.75
N ASN C 246 3.18 -30.83 28.30
CA ASN C 246 4.41 -31.48 28.74
C ASN C 246 4.78 -32.71 27.90
N LYS C 247 4.72 -32.56 26.58
CA LYS C 247 4.97 -33.70 25.72
C LYS C 247 6.45 -34.08 25.58
N GLU C 248 7.34 -33.24 26.12
CA GLU C 248 8.78 -33.50 26.11
C GLU C 248 9.24 -34.23 27.38
N ASN C 249 8.28 -34.38 28.30
CA ASN C 249 8.51 -34.99 29.59
C ASN C 249 9.59 -34.36 30.45
N ASP C 250 9.87 -33.09 30.18
CA ASP C 250 10.80 -32.31 30.96
C ASP C 250 10.04 -31.50 32.01
N THR C 251 9.65 -32.16 33.10
CA THR C 251 8.88 -31.53 34.18
C THR C 251 9.45 -30.21 34.70
N ALA C 252 10.78 -30.09 34.68
CA ALA C 252 11.44 -28.88 35.16
C ALA C 252 11.18 -27.70 34.22
N ASP C 253 11.39 -27.93 32.92
CA ASP C 253 11.18 -26.93 31.89
C ASP C 253 9.68 -26.61 31.78
N PHE C 254 8.85 -27.64 31.95
CA PHE C 254 7.40 -27.50 31.88
C PHE C 254 6.91 -26.48 32.91
N LEU C 255 7.49 -26.52 34.10
CA LEU C 255 7.04 -25.70 35.21
C LEU C 255 7.59 -24.30 35.14
N ALA C 256 8.55 -24.10 34.24
CA ALA C 256 9.13 -22.79 33.99
C ALA C 256 8.30 -21.97 32.99
N LYS C 257 7.28 -22.59 32.40
CA LYS C 257 6.56 -21.96 31.28
C LYS C 257 5.69 -20.77 31.68
N SER C 258 5.36 -20.64 32.97
CA SER C 258 4.63 -19.46 33.43
C SER C 258 5.45 -18.14 33.30
N ASP C 259 6.71 -18.25 32.93
CA ASP C 259 7.55 -17.07 32.67
C ASP C 259 7.35 -16.63 31.23
N ASP C 260 6.91 -17.56 30.40
CA ASP C 260 6.57 -17.24 29.03
C ASP C 260 5.21 -16.58 29.04
N LEU C 261 4.40 -16.99 30.03
CA LEU C 261 3.07 -16.45 30.21
C LEU C 261 3.20 -14.99 30.60
N ASP C 262 4.06 -14.76 31.59
CA ASP C 262 4.37 -13.41 32.06
C ASP C 262 4.85 -12.50 30.91
N ASP C 263 5.84 -12.95 30.15
CA ASP C 263 6.35 -12.17 29.02
C ASP C 263 5.22 -11.81 28.06
N PHE C 264 4.44 -12.82 27.69
CA PHE C 264 3.27 -12.67 26.84
C PHE C 264 2.38 -11.51 27.29
N ILE C 265 1.96 -11.55 28.54
CA ILE C 265 1.11 -10.51 29.11
C ILE C 265 1.75 -9.13 28.99
N ARG C 266 3.04 -9.04 29.29
CA ARG C 266 3.75 -7.77 29.21
C ARG C 266 3.76 -7.22 27.80
N SER C 267 4.01 -8.10 26.83
CA SER C 267 3.99 -7.73 25.43
C SER C 267 2.62 -7.19 24.99
N VAL C 268 1.55 -7.84 25.44
CA VAL C 268 0.22 -7.44 25.03
C VAL C 268 -0.09 -6.08 25.62
N ILE C 269 0.29 -5.88 26.87
CA ILE C 269 0.15 -4.59 27.53
C ILE C 269 0.96 -3.50 26.82
N ALA C 270 2.21 -3.80 26.47
CA ALA C 270 3.04 -2.85 25.75
C ALA C 270 2.40 -2.43 24.41
N THR C 271 1.80 -3.41 23.74
CA THR C 271 1.13 -3.14 22.46
C THR C 271 -0.06 -2.22 22.67
N CYS C 272 -0.88 -2.53 23.67
CA CYS C 272 -2.02 -1.70 24.04
C CYS C 272 -1.61 -0.24 24.26
N ASP C 273 -0.66 -0.04 25.18
CA ASP C 273 -0.17 1.29 25.52
C ASP C 273 0.44 2.05 24.34
N TYR C 274 0.98 1.30 23.38
CA TYR C 274 1.45 1.89 22.13
C TYR C 274 0.28 2.42 21.29
N ILE C 275 -0.82 1.70 21.27
CA ILE C 275 -1.97 2.22 20.56
C ILE C 275 -2.60 3.40 21.33
N LYS C 276 -2.62 3.31 22.66
CA LYS C 276 -3.10 4.40 23.50
C LYS C 276 -2.45 5.74 23.10
N ALA C 277 -1.13 5.73 23.03
CA ALA C 277 -0.37 6.90 22.59
C ALA C 277 -0.78 7.37 21.18
N LYS C 278 -0.90 6.43 20.27
CA LYS C 278 -1.26 6.73 18.87
C LYS C 278 -2.60 7.45 18.76
N LYS C 279 -3.58 6.99 19.52
CA LYS C 279 -4.94 7.56 19.56
C LYS C 279 -5.06 8.77 20.51
N ARG C 280 -4.00 9.07 21.26
CA ARG C 280 -4.03 10.12 22.29
C ARG C 280 -5.17 9.90 23.30
N SER C 281 -5.52 8.64 23.53
CA SER C 281 -6.65 8.33 24.40
C SER C 281 -6.28 8.41 25.86
N LYS C 282 -7.30 8.55 26.71
CA LYS C 282 -7.11 8.57 28.14
C LYS C 282 -7.56 7.23 28.70
N LYS C 283 -8.25 6.47 27.85
CA LYS C 283 -8.75 5.16 28.21
C LYS C 283 -7.63 4.13 28.14
N ASP C 284 -7.63 3.20 29.08
CA ASP C 284 -6.76 2.04 29.01
C ASP C 284 -7.53 0.83 28.49
N ILE C 285 -6.92 0.08 27.57
CA ILE C 285 -7.51 -1.15 27.10
C ILE C 285 -7.21 -2.19 28.16
N TYR C 286 -8.21 -2.95 28.55
CA TYR C 286 -7.97 -3.96 29.57
C TYR C 286 -7.72 -5.33 28.92
N LEU C 287 -7.12 -6.25 29.68
CA LEU C 287 -6.84 -7.59 29.17
C LEU C 287 -7.88 -8.63 29.60
N SER C 288 -8.29 -9.45 28.64
CA SER C 288 -9.22 -10.54 28.86
C SER C 288 -8.52 -11.83 28.47
N PHE C 289 -8.06 -12.57 29.46
CA PHE C 289 -7.37 -13.83 29.19
C PHE C 289 -8.40 -14.95 29.07
N ASP C 290 -9.19 -14.92 27.99
CA ASP C 290 -10.41 -15.73 27.95
C ASP C 290 -10.21 -17.17 27.47
N GLU C 291 -8.95 -17.59 27.43
CA GLU C 291 -8.60 -18.99 27.23
C GLU C 291 -7.23 -19.27 27.82
N TRP C 292 -7.21 -20.00 28.94
CA TRP C 292 -5.97 -20.51 29.48
C TRP C 292 -6.20 -21.88 30.12
N ASN C 293 -5.23 -22.77 29.94
CA ASN C 293 -5.16 -24.03 30.67
C ASN C 293 -3.91 -24.82 30.26
N VAL C 294 -3.76 -25.99 30.86
CA VAL C 294 -2.83 -27.01 30.39
C VAL C 294 -3.62 -27.84 29.41
N TRP C 295 -3.03 -28.18 28.27
CA TRP C 295 -3.74 -28.96 27.25
C TRP C 295 -2.77 -29.72 26.33
N TYR C 296 -2.64 -31.03 26.52
CA TYR C 296 -1.77 -31.84 25.64
C TYR C 296 -2.13 -33.31 25.59
N HIS C 297 -2.66 -33.82 26.70
CA HIS C 297 -2.86 -35.26 26.87
C HIS C 297 -3.67 -35.95 25.75
N SER C 298 -4.79 -35.34 25.39
CA SER C 298 -5.79 -35.99 24.55
C SER C 298 -5.63 -35.74 23.05
N ASN C 299 -4.52 -35.14 22.65
CA ASN C 299 -4.30 -34.70 21.26
C ASN C 299 -4.48 -35.77 20.18
N ASN C 300 -3.64 -36.80 20.23
CA ASN C 300 -3.68 -37.87 19.25
C ASN C 300 -5.06 -38.54 19.15
N GLU C 301 -5.67 -38.82 20.29
CA GLU C 301 -7.02 -39.36 20.29
C GLU C 301 -8.03 -38.44 19.62
N ASP C 302 -7.92 -37.14 19.87
CA ASP C 302 -8.80 -36.15 19.24
C ASP C 302 -8.70 -36.20 17.71
N ALA C 303 -7.47 -36.10 17.19
CA ALA C 303 -7.24 -36.16 15.74
C ALA C 303 -7.43 -37.55 15.17
N ASN C 304 -8.02 -38.46 15.95
CA ASN C 304 -8.44 -39.76 15.45
C ASN C 304 -9.93 -39.69 15.17
N ILE C 305 -10.69 -39.17 16.12
CA ILE C 305 -12.13 -38.98 15.98
C ILE C 305 -12.50 -38.14 14.74
N MET C 306 -11.59 -37.25 14.36
CA MET C 306 -11.66 -36.56 13.08
C MET C 306 -10.29 -36.74 12.38
N GLN C 307 -10.28 -37.16 11.12
CA GLN C 307 -11.51 -37.45 10.39
C GLN C 307 -11.63 -38.95 10.13
N ASN C 308 -11.83 -39.72 11.20
CA ASN C 308 -12.20 -41.14 11.08
C ASN C 308 -13.64 -41.42 11.52
N GLU C 309 -14.12 -40.66 12.49
CA GLU C 309 -15.52 -40.76 12.92
C GLU C 309 -16.23 -39.39 13.00
N PRO C 310 -16.37 -38.70 11.84
CA PRO C 310 -16.90 -37.34 11.80
C PRO C 310 -18.40 -37.32 11.99
N TRP C 311 -18.92 -36.15 12.37
CA TRP C 311 -20.36 -35.93 12.46
C TRP C 311 -21.07 -36.80 13.49
N ARG C 312 -20.36 -37.15 14.56
CA ARG C 312 -21.03 -37.75 15.72
C ARG C 312 -21.58 -36.63 16.59
N ILE C 313 -22.55 -36.94 17.42
CA ILE C 313 -23.04 -35.97 18.39
C ILE C 313 -22.31 -36.16 19.70
N ALA C 314 -21.80 -35.06 20.25
CA ALA C 314 -21.06 -35.09 21.52
C ALA C 314 -19.94 -36.15 21.60
N PRO C 315 -19.03 -36.18 20.61
CA PRO C 315 -17.90 -37.10 20.75
C PRO C 315 -17.05 -36.73 21.96
N PRO C 316 -16.24 -37.66 22.49
CA PRO C 316 -15.38 -37.38 23.66
C PRO C 316 -14.09 -36.65 23.29
N LEU C 317 -14.23 -35.35 22.99
CA LEU C 317 -13.12 -34.55 22.50
C LEU C 317 -12.43 -33.78 23.61
N LEU C 318 -11.12 -33.60 23.45
CA LEU C 318 -10.31 -32.75 24.32
C LEU C 318 -10.30 -33.21 25.77
N GLU C 319 -10.55 -34.49 26.00
CA GLU C 319 -10.70 -34.98 27.36
C GLU C 319 -9.34 -35.32 27.98
N ASP C 320 -8.56 -34.28 28.26
CA ASP C 320 -7.34 -34.45 29.04
C ASP C 320 -7.64 -35.03 30.42
N ILE C 321 -6.81 -35.96 30.88
CA ILE C 321 -6.85 -36.40 32.26
C ILE C 321 -5.65 -35.81 32.97
N TYR C 322 -5.90 -34.90 33.89
CA TYR C 322 -4.83 -34.10 34.48
C TYR C 322 -4.00 -34.78 35.59
N THR C 323 -2.69 -34.51 35.56
CA THR C 323 -1.75 -35.08 36.52
C THR C 323 -1.43 -34.04 37.57
N PHE C 324 -0.59 -34.40 38.55
CA PHE C 324 -0.28 -33.47 39.64
C PHE C 324 0.59 -32.31 39.16
N GLU C 325 1.50 -32.60 38.24
CA GLU C 325 2.37 -31.57 37.73
C GLU C 325 1.56 -30.57 36.88
N ASP C 326 0.47 -31.05 36.29
CA ASP C 326 -0.42 -30.15 35.56
C ASP C 326 -1.05 -29.15 36.54
N ALA C 327 -1.48 -29.66 37.70
CA ALA C 327 -2.06 -28.83 38.74
C ALA C 327 -1.08 -27.72 39.17
N LEU C 328 0.18 -28.09 39.27
CA LEU C 328 1.20 -27.15 39.65
C LEU C 328 1.32 -26.01 38.63
N LEU C 329 1.36 -26.35 37.34
CA LEU C 329 1.45 -25.32 36.31
C LEU C 329 0.19 -24.46 36.25
N VAL C 330 -0.97 -25.06 36.52
CA VAL C 330 -2.20 -24.27 36.57
C VAL C 330 -2.09 -23.26 37.69
N GLY C 331 -1.45 -23.66 38.77
CA GLY C 331 -1.29 -22.82 39.94
C GLY C 331 -0.32 -21.67 39.71
N LEU C 332 0.82 -21.99 39.13
CA LEU C 332 1.77 -20.99 38.67
C LEU C 332 1.11 -19.96 37.71
N MET C 333 0.24 -20.43 36.82
CA MET C 333 -0.47 -19.55 35.91
C MET C 333 -1.43 -18.61 36.64
N LEU C 334 -2.13 -19.14 37.64
CA LEU C 334 -3.06 -18.31 38.41
C LEU C 334 -2.30 -17.19 39.12
N ILE C 335 -1.11 -17.54 39.59
CA ILE C 335 -0.24 -16.60 40.24
C ILE C 335 0.16 -15.49 39.28
N THR C 336 0.62 -15.87 38.10
CA THR C 336 0.97 -14.91 37.07
C THR C 336 -0.22 -14.00 36.70
N LEU C 337 -1.42 -14.53 36.72
CA LEU C 337 -2.60 -13.72 36.46
C LEU C 337 -2.87 -12.72 37.59
N MET C 338 -2.68 -13.15 38.82
CA MET C 338 -2.91 -12.27 39.96
C MET C 338 -1.87 -11.17 39.96
N LYS C 339 -0.64 -11.55 39.59
CA LYS C 339 0.49 -10.63 39.52
C LYS C 339 0.23 -9.48 38.56
N HIS C 340 -0.76 -9.68 37.70
CA HIS C 340 -1.07 -8.75 36.63
C HIS C 340 -2.50 -8.26 36.70
N ALA C 341 -3.07 -8.25 37.90
CA ALA C 341 -4.47 -7.90 38.06
C ALA C 341 -4.74 -6.42 37.80
N ASP C 342 -3.68 -5.65 37.56
CA ASP C 342 -3.87 -4.25 37.22
C ASP C 342 -4.42 -4.05 35.80
N ARG C 343 -4.00 -4.91 34.87
CA ARG C 343 -4.51 -4.84 33.50
C ARG C 343 -5.30 -6.08 33.04
N ILE C 344 -5.25 -7.16 33.82
CA ILE C 344 -6.08 -8.34 33.49
C ILE C 344 -7.29 -8.35 34.38
N LYS C 345 -8.47 -8.18 33.78
CA LYS C 345 -9.70 -7.98 34.53
C LYS C 345 -10.71 -9.08 34.27
N ILE C 346 -10.49 -9.84 33.19
CA ILE C 346 -11.29 -11.02 32.92
C ILE C 346 -10.31 -12.10 32.55
N ALA C 347 -10.55 -13.32 33.03
CA ALA C 347 -9.84 -14.49 32.53
C ALA C 347 -10.74 -15.70 32.59
N CYS C 348 -10.54 -16.65 31.68
CA CYS C 348 -11.39 -17.82 31.66
C CYS C 348 -10.54 -19.08 31.59
N LEU C 349 -10.71 -19.95 32.58
CA LEU C 349 -10.09 -21.27 32.48
C LEU C 349 -10.86 -22.04 31.40
N ALA C 350 -10.13 -22.52 30.43
CA ALA C 350 -10.72 -23.18 29.27
C ALA C 350 -10.40 -24.65 29.36
N GLN C 351 -11.39 -25.51 29.64
CA GLN C 351 -12.79 -25.12 29.77
C GLN C 351 -13.40 -25.64 31.06
N LEU C 352 -14.70 -25.42 31.26
CA LEU C 352 -15.34 -25.70 32.54
C LEU C 352 -15.77 -27.16 32.78
N ILE C 353 -16.31 -27.81 31.75
CA ILE C 353 -16.93 -29.12 31.90
C ILE C 353 -16.44 -30.09 30.84
N ASN C 354 -15.83 -31.18 31.27
CA ASN C 354 -15.36 -32.27 30.39
C ASN C 354 -14.23 -31.96 29.43
N VAL C 355 -14.32 -30.82 28.78
CA VAL C 355 -13.38 -30.43 27.74
C VAL C 355 -12.27 -29.66 28.44
N ILE C 356 -11.05 -30.21 28.40
CA ILE C 356 -9.90 -29.73 29.17
C ILE C 356 -10.35 -29.04 30.46
N ALA C 357 -11.05 -29.80 31.29
CA ALA C 357 -11.81 -29.23 32.40
C ALA C 357 -11.35 -29.71 33.78
N PRO C 358 -11.71 -28.94 34.82
CA PRO C 358 -11.46 -29.36 36.22
C PRO C 358 -12.59 -30.24 36.72
N ILE C 359 -13.67 -30.31 35.97
CA ILE C 359 -14.84 -31.06 36.38
C ILE C 359 -15.15 -32.05 35.28
N VAL C 360 -15.29 -33.32 35.62
CA VAL C 360 -15.56 -34.34 34.60
C VAL C 360 -16.73 -35.25 34.97
N THR C 361 -17.57 -35.58 33.99
CA THR C 361 -18.54 -36.67 34.17
C THR C 361 -18.11 -37.82 33.29
N GLU C 362 -18.45 -39.04 33.69
CA GLU C 362 -17.80 -40.23 33.12
C GLU C 362 -18.04 -40.52 31.63
N ARG C 363 -19.28 -40.78 31.24
CA ARG C 363 -19.62 -41.09 29.85
C ARG C 363 -20.94 -41.81 29.88
N ASN C 364 -21.85 -41.38 29.01
CA ASN C 364 -23.17 -41.96 28.93
C ASN C 364 -23.77 -42.10 30.32
N GLY C 365 -23.83 -40.99 31.04
CA GLY C 365 -24.56 -40.97 32.29
C GLY C 365 -23.69 -40.81 33.53
N GLY C 366 -22.45 -41.28 33.46
CA GLY C 366 -21.37 -40.91 34.36
C GLY C 366 -21.57 -40.64 35.85
N ALA C 367 -20.55 -40.06 36.50
CA ALA C 367 -20.63 -39.90 37.96
C ALA C 367 -20.26 -38.53 38.52
N ALA C 368 -19.40 -37.80 37.81
CA ALA C 368 -18.86 -36.49 38.26
C ALA C 368 -17.72 -36.56 39.28
N TRP C 369 -16.63 -35.89 38.94
CA TRP C 369 -15.47 -35.84 39.80
C TRP C 369 -14.52 -34.68 39.46
N ARG C 370 -13.60 -34.40 40.36
CA ARG C 370 -12.68 -33.28 40.22
C ARG C 370 -11.36 -33.78 39.71
N GLN C 371 -10.80 -33.06 38.74
CA GLN C 371 -9.44 -33.34 38.30
C GLN C 371 -8.43 -32.67 39.21
N THR C 372 -7.15 -32.97 38.99
CA THR C 372 -6.12 -32.37 39.82
C THR C 372 -6.24 -30.85 39.78
N ILE C 373 -6.38 -30.30 38.58
CA ILE C 373 -6.37 -28.85 38.40
C ILE C 373 -7.55 -28.12 39.03
N PHE C 374 -8.61 -28.85 39.37
CA PHE C 374 -9.75 -28.27 40.09
C PHE C 374 -9.31 -27.43 41.28
N TYR C 375 -8.39 -27.95 42.08
CA TYR C 375 -8.07 -27.38 43.39
C TYR C 375 -7.29 -26.06 43.45
N PRO C 376 -6.16 -25.96 42.73
CA PRO C 376 -5.48 -24.65 42.74
C PRO C 376 -6.44 -23.56 42.29
N PHE C 377 -7.29 -23.87 41.33
CA PHE C 377 -8.31 -22.92 40.93
C PHE C 377 -9.23 -22.59 42.09
N MET C 378 -9.85 -23.61 42.67
CA MET C 378 -10.83 -23.45 43.74
C MET C 378 -10.30 -22.59 44.88
N HIS C 379 -9.03 -22.79 45.20
CA HIS C 379 -8.35 -21.93 46.14
C HIS C 379 -8.34 -20.49 45.63
N ALA C 380 -7.60 -20.29 44.55
CA ALA C 380 -7.42 -19.00 43.91
C ALA C 380 -8.71 -18.19 43.86
N SER C 381 -9.80 -18.80 43.44
CA SER C 381 -11.05 -18.06 43.39
C SER C 381 -11.64 -17.75 44.76
N LYS C 382 -11.19 -18.47 45.79
CA LYS C 382 -11.82 -18.33 47.10
C LYS C 382 -11.07 -17.40 48.05
N TYR C 383 -9.74 -17.50 48.05
CA TYR C 383 -8.91 -16.71 48.94
C TYR C 383 -8.23 -15.58 48.18
N GLY C 384 -8.36 -15.62 46.85
CA GLY C 384 -7.71 -14.66 45.97
C GLY C 384 -8.51 -13.42 45.61
N ARG C 385 -9.41 -13.00 46.50
CA ARG C 385 -10.11 -11.72 46.33
C ARG C 385 -9.52 -10.68 47.29
N GLY C 386 -9.15 -9.52 46.77
CA GLY C 386 -8.56 -8.45 47.59
C GLY C 386 -7.70 -7.50 46.78
N ILE C 387 -6.51 -7.22 47.28
CA ILE C 387 -5.58 -6.36 46.58
C ILE C 387 -4.25 -7.05 46.42
N VAL C 388 -3.73 -7.05 45.20
CA VAL C 388 -2.47 -7.69 44.91
C VAL C 388 -1.29 -6.82 45.33
N LEU C 389 -0.52 -7.30 46.30
CA LEU C 389 0.67 -6.59 46.76
C LEU C 389 1.88 -6.96 45.89
N GLN C 390 2.80 -6.03 45.69
CA GLN C 390 3.98 -6.32 44.87
C GLN C 390 4.84 -7.45 45.44
N PRO C 391 5.18 -8.42 44.60
CA PRO C 391 6.10 -9.48 45.02
C PRO C 391 7.53 -8.95 45.05
N VAL C 392 7.97 -8.46 46.20
CA VAL C 392 9.40 -8.21 46.41
C VAL C 392 9.95 -9.53 46.86
N ILE C 393 10.86 -10.09 46.08
CA ILE C 393 11.33 -11.42 46.35
C ILE C 393 12.71 -11.66 45.77
N ASN C 394 13.57 -12.24 46.60
CA ASN C 394 14.80 -12.84 46.14
C ASN C 394 14.68 -14.34 46.37
N SER C 395 14.85 -15.10 45.30
CA SER C 395 14.74 -16.54 45.34
C SER C 395 15.89 -17.16 44.57
N PRO C 396 16.37 -18.32 45.03
CA PRO C 396 17.39 -19.08 44.29
C PRO C 396 16.93 -19.34 42.86
N LEU C 397 17.87 -19.50 41.94
CA LEU C 397 17.51 -19.76 40.56
C LEU C 397 17.82 -21.21 40.17
N HIS C 398 17.51 -21.55 38.93
CA HIS C 398 17.93 -22.81 38.32
C HIS C 398 17.75 -22.69 36.82
N ASP C 399 18.45 -23.54 36.07
CA ASP C 399 18.28 -23.58 34.63
C ASP C 399 17.42 -24.78 34.25
N THR C 400 16.85 -24.78 33.05
CA THR C 400 16.18 -25.96 32.52
C THR C 400 16.70 -26.20 31.12
N SER C 401 16.08 -27.12 30.38
CA SER C 401 16.58 -27.44 29.06
C SER C 401 16.42 -26.27 28.08
N LYS C 402 15.35 -25.49 28.27
CA LYS C 402 14.99 -24.43 27.32
C LYS C 402 14.72 -23.06 27.96
N HIS C 403 14.89 -22.96 29.27
CA HIS C 403 14.73 -21.67 29.97
C HIS C 403 15.94 -21.39 30.88
N GLU C 404 16.40 -20.15 30.89
CA GLU C 404 17.52 -19.81 31.76
C GLU C 404 17.09 -18.89 32.90
N ASP C 405 17.78 -19.01 34.04
CA ASP C 405 17.55 -18.17 35.22
C ASP C 405 16.09 -18.10 35.66
N VAL C 406 15.58 -19.21 36.18
CA VAL C 406 14.18 -19.36 36.53
C VAL C 406 14.03 -19.37 38.04
N THR C 407 13.03 -18.69 38.58
CA THR C 407 12.85 -18.67 40.03
C THR C 407 12.34 -20.00 40.53
N ASP C 408 12.78 -20.38 41.73
CA ASP C 408 12.36 -21.64 42.33
C ASP C 408 11.04 -21.47 43.10
N ILE C 409 10.86 -20.34 43.76
CA ILE C 409 9.57 -19.97 44.33
C ILE C 409 8.92 -18.84 43.51
N GLU C 410 7.64 -19.02 43.19
CA GLU C 410 6.86 -17.98 42.55
C GLU C 410 5.73 -17.68 43.50
N SER C 411 5.64 -16.45 43.98
CA SER C 411 4.63 -16.15 44.99
C SER C 411 3.98 -14.78 44.84
N VAL C 412 2.76 -14.65 45.37
CA VAL C 412 2.01 -13.41 45.34
C VAL C 412 1.17 -13.30 46.60
N ALA C 413 1.11 -12.10 47.15
CA ALA C 413 0.36 -11.85 48.38
C ALA C 413 -0.90 -11.05 48.08
N ILE C 414 -2.06 -11.58 48.42
CA ILE C 414 -3.25 -10.79 48.18
C ILE C 414 -4.00 -10.47 49.48
N TYR C 415 -4.24 -9.19 49.68
CA TYR C 415 -4.68 -8.64 50.96
C TYR C 415 -6.16 -8.24 50.92
N ASN C 416 -6.96 -8.85 51.79
CA ASN C 416 -8.36 -8.50 51.92
C ASN C 416 -8.54 -7.61 53.15
N GLU C 417 -8.97 -6.37 52.91
CA GLU C 417 -9.16 -5.41 53.99
C GLU C 417 -10.44 -5.74 54.76
N GLU C 418 -11.44 -6.29 54.06
CA GLU C 418 -12.73 -6.60 54.68
C GLU C 418 -12.67 -7.79 55.65
N LYS C 419 -11.89 -8.80 55.30
CA LYS C 419 -11.80 -10.01 56.12
C LYS C 419 -10.53 -10.00 56.98
N GLU C 420 -9.75 -8.94 56.80
CA GLU C 420 -8.53 -8.70 57.57
C GLU C 420 -7.52 -9.85 57.49
N GLU C 421 -7.50 -10.52 56.33
CA GLU C 421 -6.57 -11.62 56.06
C GLU C 421 -5.48 -11.26 55.05
N VAL C 422 -4.45 -12.09 54.97
CA VAL C 422 -3.45 -11.98 53.92
C VAL C 422 -3.10 -13.37 53.41
N THR C 423 -3.76 -13.80 52.34
CA THR C 423 -3.47 -15.08 51.73
C THR C 423 -2.21 -15.02 50.87
N ILE C 424 -1.24 -15.88 51.17
CA ILE C 424 -0.05 -15.99 50.33
C ILE C 424 -0.07 -17.24 49.43
N PHE C 425 -0.08 -17.01 48.12
CA PHE C 425 -0.04 -18.09 47.15
C PHE C 425 1.41 -18.36 46.71
N ALA C 426 1.87 -19.60 46.81
CA ALA C 426 3.25 -19.94 46.44
C ALA C 426 3.40 -21.32 45.83
N VAL C 427 4.29 -21.42 44.87
CA VAL C 427 4.60 -22.71 44.27
C VAL C 427 6.10 -22.94 44.33
N ASN C 428 6.51 -24.13 44.76
CA ASN C 428 7.91 -24.49 44.67
C ASN C 428 8.16 -25.21 43.36
N ARG C 429 8.68 -24.50 42.37
CA ARG C 429 8.93 -25.10 41.07
C ARG C 429 10.26 -25.81 41.06
N ASN C 430 10.88 -25.95 42.23
CA ASN C 430 12.04 -26.83 42.32
C ASN C 430 11.53 -28.24 42.55
N ILE C 431 11.74 -29.06 41.54
CA ILE C 431 11.23 -30.41 41.50
C ILE C 431 12.01 -31.28 42.49
N HIS C 432 13.24 -30.85 42.81
CA HIS C 432 14.14 -31.62 43.66
C HIS C 432 14.29 -31.06 45.08
N GLU C 433 15.02 -29.97 45.24
CA GLU C 433 15.28 -29.39 46.56
C GLU C 433 14.04 -28.79 47.21
N ASP C 434 13.91 -28.98 48.53
CA ASP C 434 12.92 -28.28 49.35
C ASP C 434 13.48 -26.93 49.75
N ILE C 435 12.59 -25.97 49.99
CA ILE C 435 13.01 -24.60 50.24
C ILE C 435 12.21 -23.97 51.38
N VAL C 436 12.81 -22.99 52.04
CA VAL C 436 12.15 -22.28 53.15
C VAL C 436 11.89 -20.81 52.79
N LEU C 437 10.69 -20.34 53.09
CA LEU C 437 10.30 -18.99 52.71
C LEU C 437 10.18 -18.06 53.90
N VAL C 438 10.99 -17.00 53.90
CA VAL C 438 10.94 -15.98 54.95
C VAL C 438 10.15 -14.78 54.43
N SER C 439 9.01 -14.50 55.08
CA SER C 439 8.11 -13.46 54.63
C SER C 439 7.98 -12.31 55.65
N ASP C 440 8.68 -11.21 55.37
CA ASP C 440 8.65 -10.01 56.22
C ASP C 440 7.37 -9.20 55.99
N VAL C 441 6.36 -9.41 56.84
CA VAL C 441 5.11 -8.66 56.71
C VAL C 441 5.13 -7.33 57.51
N ARG C 442 5.76 -6.32 56.90
CA ARG C 442 5.75 -4.96 57.43
C ARG C 442 4.30 -4.48 57.44
N GLY C 443 3.58 -4.71 58.54
CA GLY C 443 2.16 -4.47 58.53
C GLY C 443 1.44 -4.04 59.81
N MET C 444 0.84 -4.97 60.58
CA MET C 444 0.85 -6.43 60.40
C MET C 444 2.23 -7.08 60.60
N ARG C 448 -0.98 -12.87 63.06
CA ARG C 448 -1.83 -13.97 63.50
C ARG C 448 -2.08 -14.99 62.37
N LEU C 449 -1.45 -16.17 62.45
CA LEU C 449 -1.58 -17.22 61.41
C LEU C 449 -2.79 -18.16 61.57
N LEU C 450 -3.54 -18.38 60.50
CA LEU C 450 -4.80 -19.14 60.58
C LEU C 450 -4.69 -20.59 60.10
N GLU C 451 -4.04 -20.80 58.95
CA GLU C 451 -3.80 -22.15 58.40
C GLU C 451 -2.87 -22.14 57.17
N HIS C 452 -2.39 -23.32 56.79
CA HIS C 452 -1.46 -23.47 55.67
C HIS C 452 -1.91 -24.68 54.85
N ILE C 453 -2.71 -24.42 53.82
CA ILE C 453 -3.20 -25.47 52.93
C ILE C 453 -2.13 -25.84 51.90
N VAL C 454 -2.06 -27.11 51.56
CA VAL C 454 -1.00 -27.62 50.71
C VAL C 454 -1.56 -28.54 49.62
N LEU C 455 -0.81 -28.68 48.53
CA LEU C 455 -1.19 -29.58 47.46
C LEU C 455 0.11 -30.21 47.00
N GLU C 456 0.35 -31.45 47.45
CA GLU C 456 1.61 -32.12 47.18
C GLU C 456 1.40 -33.60 46.96
N HIS C 457 2.34 -34.20 46.24
CA HIS C 457 2.32 -35.62 45.99
C HIS C 457 3.71 -36.09 45.57
N GLN C 458 3.99 -37.36 45.82
CA GLN C 458 5.28 -37.96 45.50
C GLN C 458 5.35 -38.28 44.01
N ASP C 459 4.18 -38.55 43.41
CA ASP C 459 4.11 -38.90 42.00
C ASP C 459 3.59 -37.71 41.18
N LEU C 460 4.52 -37.10 40.44
CA LEU C 460 4.19 -35.95 39.60
C LEU C 460 3.16 -36.31 38.54
N LYS C 461 3.11 -37.57 38.14
CA LYS C 461 2.17 -37.99 37.11
C LYS C 461 0.90 -38.63 37.66
N ILE C 462 0.68 -38.55 38.97
CA ILE C 462 -0.52 -39.12 39.55
C ILE C 462 -1.76 -38.36 39.08
N ARG C 463 -2.87 -39.07 38.89
CA ARG C 463 -4.10 -38.49 38.35
C ARG C 463 -5.27 -38.69 39.30
N ASN C 464 -6.30 -37.86 39.18
CA ASN C 464 -7.56 -38.11 39.87
C ASN C 464 -8.42 -38.99 38.99
N SER C 465 -9.56 -39.44 39.53
CA SER C 465 -10.54 -40.20 38.75
C SER C 465 -11.82 -40.40 39.54
N VAL C 466 -12.79 -41.02 38.88
CA VAL C 466 -14.08 -41.34 39.51
C VAL C 466 -13.92 -42.31 40.70
N ASN C 467 -12.77 -42.95 40.79
CA ASN C 467 -12.52 -43.89 41.89
C ASN C 467 -11.65 -43.30 42.98
N GLY C 468 -11.61 -41.97 43.04
CA GLY C 468 -10.97 -41.31 44.15
C GLY C 468 -9.92 -40.29 43.75
N GLU C 469 -9.77 -39.30 44.61
CA GLU C 469 -8.85 -38.20 44.37
C GLU C 469 -7.52 -38.45 45.03
N GLU C 470 -6.49 -38.60 44.20
CA GLU C 470 -5.12 -38.69 44.66
C GLU C 470 -4.57 -37.29 44.97
N VAL C 471 -5.15 -36.27 44.35
CA VAL C 471 -4.73 -34.89 44.57
C VAL C 471 -5.88 -34.14 45.19
N TYR C 472 -5.62 -33.53 46.34
CA TYR C 472 -6.63 -32.85 47.12
C TYR C 472 -5.91 -32.02 48.20
N PRO C 473 -6.57 -30.95 48.66
CA PRO C 473 -5.93 -30.09 49.67
C PRO C 473 -5.79 -30.78 51.03
N LYS C 474 -4.54 -31.01 51.44
CA LYS C 474 -4.21 -31.50 52.77
C LYS C 474 -3.92 -30.30 53.67
N ASN C 475 -4.51 -30.30 54.87
CA ASN C 475 -4.37 -29.17 55.80
C ASN C 475 -3.07 -29.20 56.59
N SER C 476 -2.02 -29.70 55.95
CA SER C 476 -0.77 -30.03 56.64
C SER C 476 0.02 -28.83 57.17
N ASP C 477 1.22 -29.12 57.67
CA ASP C 477 2.31 -28.16 57.90
C ASP C 477 2.55 -27.66 59.35
N LYS C 478 3.69 -27.02 59.71
CA LYS C 478 4.95 -26.68 58.95
C LYS C 478 5.11 -25.23 58.46
N SER C 479 4.42 -24.29 59.09
CA SER C 479 4.70 -22.86 58.89
C SER C 479 4.52 -22.10 60.21
N SER C 480 5.57 -21.35 60.59
CA SER C 480 5.63 -20.74 61.92
C SER C 480 4.88 -19.40 62.07
N PHE C 481 5.57 -18.30 61.77
CA PHE C 481 5.06 -16.94 62.03
C PHE C 481 4.74 -16.67 63.50
N ASP C 482 5.67 -16.02 64.20
CA ASP C 482 5.47 -15.65 65.60
C ASP C 482 5.42 -14.13 65.78
N ASP C 483 6.48 -13.46 65.32
CA ASP C 483 6.61 -12.01 65.42
C ASP C 483 5.88 -11.34 64.27
N GLY C 484 6.65 -10.68 63.41
CA GLY C 484 6.11 -10.12 62.19
C GLY C 484 6.77 -10.78 61.00
N ILE C 485 7.43 -11.91 61.25
CA ILE C 485 8.09 -12.66 60.18
C ILE C 485 7.47 -14.05 60.00
N LEU C 486 7.13 -14.39 58.75
CA LEU C 486 6.57 -15.70 58.41
C LEU C 486 7.60 -16.62 57.78
N THR C 487 7.95 -17.67 58.50
CA THR C 487 8.87 -18.69 58.01
C THR C 487 8.07 -19.90 57.56
N SER C 488 8.07 -20.16 56.26
CA SER C 488 7.28 -21.26 55.70
C SER C 488 8.12 -22.26 54.93
N MET C 489 7.81 -23.54 55.12
CA MET C 489 8.51 -24.58 54.39
C MET C 489 7.67 -25.01 53.20
N LEU C 490 8.25 -24.83 52.03
CA LEU C 490 7.57 -25.13 50.78
C LEU C 490 8.22 -26.37 50.17
N ARG C 491 7.53 -27.50 50.32
CA ARG C 491 8.06 -28.77 49.84
C ARG C 491 8.28 -28.75 48.33
N ARG C 492 9.42 -29.28 47.88
CA ARG C 492 9.71 -29.41 46.45
C ARG C 492 8.47 -29.83 45.65
N ALA C 493 8.25 -29.17 44.53
CA ALA C 493 7.08 -29.43 43.66
C ALA C 493 5.73 -29.34 44.39
N SER C 494 5.44 -28.19 45.00
CA SER C 494 4.17 -28.04 45.70
C SER C 494 3.46 -26.69 45.49
N TRP C 495 2.14 -26.74 45.60
CA TRP C 495 1.31 -25.54 45.57
C TRP C 495 0.91 -25.30 47.01
N ASN C 496 1.17 -24.08 47.48
CA ASN C 496 0.91 -23.72 48.87
C ASN C 496 0.02 -22.49 49.00
N VAL C 497 -0.97 -22.57 49.88
CA VAL C 497 -1.82 -21.45 50.25
C VAL C 497 -1.71 -21.18 51.74
N ILE C 498 -1.16 -20.02 52.11
CA ILE C 498 -0.89 -19.70 53.51
C ILE C 498 -1.74 -18.51 53.98
N ARG C 499 -2.65 -18.74 54.92
CA ARG C 499 -3.58 -17.68 55.38
C ARG C 499 -3.24 -17.08 56.76
N ILE C 500 -3.60 -15.81 56.95
CA ILE C 500 -3.08 -15.01 58.06
C ILE C 500 -3.98 -13.82 58.36
N GLY C 501 -4.31 -13.56 59.64
CA GLY C 501 -5.15 -12.43 60.00
C GLY C 501 -5.17 -12.07 61.49
N LYS D 1 -22.99 52.59 -0.51
CA LYS D 1 -24.41 52.80 -0.73
C LYS D 1 -24.83 52.45 -2.17
N LYS D 2 -23.88 52.34 -3.09
CA LYS D 2 -24.20 52.06 -4.49
C LYS D 2 -23.64 50.73 -5.03
N ALA D 3 -24.53 49.76 -5.26
CA ALA D 3 -24.13 48.47 -5.82
C ALA D 3 -24.62 48.30 -7.25
N ARG D 4 -23.69 47.98 -8.15
CA ARG D 4 -23.96 47.91 -9.59
C ARG D 4 -23.80 46.51 -10.15
N MET D 5 -24.76 46.08 -10.97
CA MET D 5 -24.67 44.81 -11.67
C MET D 5 -25.32 44.93 -13.04
N THR D 6 -24.84 44.18 -14.02
CA THR D 6 -25.45 44.21 -15.35
C THR D 6 -26.11 42.86 -15.63
N VAL D 7 -27.13 42.89 -16.49
CA VAL D 7 -27.94 41.71 -16.73
C VAL D 7 -28.13 41.47 -18.22
N ASP D 8 -27.27 40.64 -18.78
CA ASP D 8 -27.24 40.36 -20.20
C ASP D 8 -27.55 38.90 -20.42
N LYS D 9 -28.70 38.63 -21.03
CA LYS D 9 -29.08 37.25 -21.35
C LYS D 9 -28.06 36.56 -22.27
N ASP D 10 -27.23 37.34 -22.95
CA ASP D 10 -26.13 36.79 -23.74
C ASP D 10 -25.15 36.00 -22.86
N TYR D 11 -24.90 36.47 -21.64
CA TYR D 11 -24.07 35.67 -20.75
C TYR D 11 -24.82 34.71 -19.83
N LYS D 12 -25.22 33.58 -20.38
CA LYS D 12 -25.89 32.52 -19.63
C LYS D 12 -24.92 31.72 -18.78
N ILE D 13 -25.41 31.19 -17.65
CA ILE D 13 -24.65 30.25 -16.85
C ILE D 13 -25.14 28.85 -17.17
N ALA D 14 -26.44 28.63 -16.99
CA ALA D 14 -27.13 27.42 -17.45
C ALA D 14 -28.58 27.48 -17.13
N GLU D 15 -29.32 26.55 -17.73
CA GLU D 15 -30.72 26.37 -17.45
C GLU D 15 -30.86 25.64 -16.12
N ILE D 16 -31.80 26.10 -15.31
CA ILE D 16 -32.09 25.47 -14.04
C ILE D 16 -32.83 24.15 -14.22
N ASP D 17 -32.31 23.12 -13.56
CA ASP D 17 -33.01 21.86 -13.43
C ASP D 17 -33.92 22.02 -12.22
N LYS D 18 -35.21 21.80 -12.40
CA LYS D 18 -36.17 22.11 -11.35
C LYS D 18 -35.91 21.24 -10.12
N ARG D 19 -35.14 20.18 -10.30
CA ARG D 19 -34.87 19.26 -9.21
C ARG D 19 -33.96 19.89 -8.17
N ILE D 20 -33.51 21.12 -8.41
CA ILE D 20 -32.72 21.78 -7.37
C ILE D 20 -33.62 22.38 -6.31
N TYR D 21 -34.93 22.26 -6.50
CA TYR D 21 -35.87 22.73 -5.47
C TYR D 21 -36.53 21.53 -4.80
N GLY D 22 -35.74 20.48 -4.62
CA GLY D 22 -36.22 19.27 -3.98
C GLY D 22 -36.14 19.41 -2.47
N SER D 23 -36.71 18.43 -1.79
CA SER D 23 -36.63 18.34 -0.35
C SER D 23 -36.41 16.89 0.02
N PHE D 24 -36.62 16.59 1.31
CA PHE D 24 -36.12 15.37 1.94
C PHE D 24 -37.00 15.10 3.16
N VAL D 25 -37.50 13.87 3.26
CA VAL D 25 -38.19 13.41 4.44
C VAL D 25 -37.50 12.16 4.97
N GLU D 26 -36.93 12.26 6.17
CA GLU D 26 -36.34 11.11 6.82
C GLU D 26 -37.33 10.53 7.82
N HIS D 27 -37.21 9.24 8.10
CA HIS D 27 -37.93 8.63 9.21
C HIS D 27 -37.27 9.05 10.53
N LEU D 28 -37.45 10.31 10.88
CA LEU D 28 -36.70 10.94 11.93
C LEU D 28 -37.70 11.81 12.65
N GLY D 29 -37.76 11.65 13.96
CA GLY D 29 -38.62 12.46 14.80
C GLY D 29 -40.07 12.47 14.38
N ARG D 30 -40.59 13.67 14.17
CA ARG D 30 -41.99 13.86 13.82
C ARG D 30 -42.13 14.28 12.37
N ALA D 31 -41.27 13.76 11.50
CA ALA D 31 -41.36 14.08 10.08
C ALA D 31 -42.54 13.35 9.47
N VAL D 32 -42.77 12.14 9.94
CA VAL D 32 -43.79 11.27 9.40
C VAL D 32 -44.91 11.10 10.43
N TYR D 33 -44.64 10.30 11.45
CA TYR D 33 -45.56 10.12 12.57
C TYR D 33 -45.74 11.43 13.32
N ASP D 34 -47.00 11.79 13.54
CA ASP D 34 -47.35 13.08 14.12
C ASP D 34 -46.76 14.21 13.28
N GLY D 35 -46.74 13.98 11.98
CA GLY D 35 -46.27 14.95 11.02
C GLY D 35 -47.12 14.79 9.77
N LEU D 36 -46.48 14.43 8.67
CA LEU D 36 -47.20 14.28 7.43
C LEU D 36 -48.30 13.22 7.55
N TYR D 37 -48.07 12.23 8.41
CA TYR D 37 -48.97 11.09 8.54
C TYR D 37 -49.60 11.01 9.95
N GLN D 38 -50.92 11.24 10.03
CA GLN D 38 -51.66 11.27 11.28
C GLN D 38 -53.06 10.68 11.06
N PRO D 39 -53.17 9.34 11.09
CA PRO D 39 -54.35 8.52 10.71
C PRO D 39 -55.73 9.00 11.14
N GLY D 40 -55.93 9.28 12.42
CA GLY D 40 -57.29 9.59 12.85
C GLY D 40 -57.70 11.05 12.79
N ASN D 41 -56.83 11.90 12.28
CA ASN D 41 -56.98 13.33 12.43
C ASN D 41 -58.06 13.96 11.54
N SER D 42 -58.80 14.90 12.12
CA SER D 42 -59.87 15.60 11.42
C SER D 42 -59.34 16.32 10.17
N LYS D 43 -58.05 16.67 10.21
CA LYS D 43 -57.40 17.34 9.08
C LYS D 43 -56.78 16.37 8.07
N SER D 44 -57.03 15.06 8.24
CA SER D 44 -56.41 14.05 7.37
C SER D 44 -57.36 13.42 6.35
N ASP D 45 -56.83 12.90 5.25
CA ASP D 45 -57.66 12.17 4.29
C ASP D 45 -57.97 10.77 4.82
N GLU D 46 -58.40 9.88 3.94
CA GLU D 46 -58.76 8.53 4.38
C GLU D 46 -57.51 7.70 4.61
N ASP D 47 -56.49 7.99 3.80
CA ASP D 47 -55.21 7.32 3.91
C ASP D 47 -54.36 7.82 5.11
N GLY D 48 -54.90 8.76 5.89
CA GLY D 48 -54.22 9.25 7.07
C GLY D 48 -53.28 10.43 6.89
N PHE D 49 -53.31 11.03 5.69
CA PHE D 49 -52.38 12.12 5.40
C PHE D 49 -52.98 13.47 5.72
N ARG D 50 -52.25 14.28 6.50
CA ARG D 50 -52.66 15.65 6.79
C ARG D 50 -52.81 16.52 5.53
N LYS D 51 -54.04 16.95 5.25
CA LYS D 51 -54.37 17.72 4.04
C LYS D 51 -53.74 19.11 4.01
N ASP D 52 -53.70 19.77 5.16
CA ASP D 52 -53.10 21.09 5.23
C ASP D 52 -51.62 20.97 4.98
N VAL D 53 -51.05 19.87 5.45
CA VAL D 53 -49.63 19.63 5.29
C VAL D 53 -49.33 19.45 3.82
N ILE D 54 -50.15 18.63 3.16
CA ILE D 54 -50.07 18.45 1.71
C ILE D 54 -50.11 19.79 0.99
N GLU D 55 -51.13 20.60 1.31
CA GLU D 55 -51.30 21.90 0.67
C GLU D 55 -50.08 22.79 0.81
N LEU D 56 -49.44 22.70 1.96
CA LEU D 56 -48.24 23.51 2.21
C LEU D 56 -47.06 23.05 1.37
N VAL D 57 -46.90 21.74 1.24
CA VAL D 57 -45.80 21.22 0.43
C VAL D 57 -45.97 21.74 -1.01
N LYS D 58 -47.17 21.60 -1.55
CA LYS D 58 -47.49 22.06 -2.90
C LYS D 58 -47.21 23.52 -3.16
N GLU D 59 -47.42 24.37 -2.17
CA GLU D 59 -47.02 25.79 -2.31
C GLU D 59 -45.53 25.93 -2.55
N LEU D 60 -44.75 25.01 -1.97
CA LEU D 60 -43.29 25.05 -2.12
C LEU D 60 -42.85 24.54 -3.49
N ASN D 61 -43.77 23.92 -4.23
CA ASN D 61 -43.46 23.39 -5.57
C ASN D 61 -42.24 22.49 -5.66
N VAL D 62 -42.19 21.49 -4.78
CA VAL D 62 -41.12 20.51 -4.72
C VAL D 62 -41.35 19.37 -5.73
N PRO D 63 -40.45 19.24 -6.72
CA PRO D 63 -40.55 18.21 -7.76
C PRO D 63 -40.03 16.83 -7.35
N ILE D 64 -39.16 16.78 -6.34
CA ILE D 64 -38.48 15.54 -5.95
C ILE D 64 -38.23 15.49 -4.44
N ILE D 65 -38.47 14.35 -3.82
CA ILE D 65 -38.27 14.22 -2.37
C ILE D 65 -37.43 12.99 -2.04
N ALA D 66 -36.27 13.21 -1.42
CA ALA D 66 -35.43 12.12 -0.95
C ALA D 66 -36.11 11.40 0.19
N TYR D 67 -35.93 10.09 0.22
CA TYR D 67 -36.60 9.21 1.19
C TYR D 67 -35.89 7.83 1.21
N PRO D 68 -35.78 7.17 2.38
CA PRO D 68 -36.20 7.47 3.75
C PRO D 68 -35.06 7.96 4.64
N GLY D 69 -33.89 8.27 4.07
CA GLY D 69 -32.80 8.88 4.83
C GLY D 69 -31.59 9.24 3.98
N GLY D 70 -30.57 9.85 4.57
CA GLY D 70 -30.49 10.07 6.01
C GLY D 70 -29.93 8.87 6.75
N ASN D 71 -29.39 9.12 7.94
CA ASN D 71 -28.78 8.09 8.77
C ASN D 71 -29.67 6.88 9.03
N PHE D 72 -30.98 7.11 9.00
CA PHE D 72 -31.97 6.05 9.20
C PHE D 72 -31.79 4.88 8.24
N VAL D 73 -31.34 5.14 7.02
CA VAL D 73 -31.43 4.13 5.97
C VAL D 73 -30.31 3.10 6.09
N SER D 74 -29.22 3.51 6.72
CA SER D 74 -28.04 2.65 6.85
C SER D 74 -28.26 1.38 7.69
N ASN D 75 -29.43 1.25 8.30
CA ASN D 75 -29.74 0.04 9.05
C ASN D 75 -31.22 -0.28 8.89
N TYR D 76 -31.75 0.13 7.73
CA TYR D 76 -33.17 -0.04 7.43
C TYR D 76 -33.37 -1.25 6.59
N PHE D 77 -34.44 -1.96 6.89
CA PHE D 77 -34.79 -3.15 6.11
C PHE D 77 -36.11 -2.95 5.40
N TRP D 78 -36.02 -2.50 4.15
CA TRP D 78 -37.20 -2.09 3.38
C TRP D 78 -38.39 -3.06 3.42
N GLU D 79 -38.12 -4.36 3.53
CA GLU D 79 -39.21 -5.33 3.58
C GLU D 79 -40.14 -5.07 4.76
N ASP D 80 -39.58 -4.45 5.81
CA ASP D 80 -40.32 -4.26 7.05
C ASP D 80 -41.41 -3.22 6.93
N GLY D 81 -41.46 -2.53 5.79
CA GLY D 81 -42.33 -1.38 5.64
C GLY D 81 -43.30 -1.55 4.48
N VAL D 82 -43.37 -2.78 3.97
CA VAL D 82 -44.34 -3.09 2.93
C VAL D 82 -45.14 -4.32 3.37
N GLY D 83 -46.23 -4.61 2.67
CA GLY D 83 -47.09 -5.73 3.01
C GLY D 83 -48.11 -5.41 4.09
N PRO D 84 -48.97 -6.38 4.44
CA PRO D 84 -50.00 -6.21 5.46
C PRO D 84 -49.40 -5.54 6.67
N VAL D 85 -49.91 -4.38 7.04
CA VAL D 85 -49.35 -3.61 8.14
C VAL D 85 -49.27 -4.40 9.49
N GLU D 86 -49.98 -5.52 9.61
CA GLU D 86 -50.03 -6.26 10.88
C GLU D 86 -48.79 -7.08 11.06
N ASP D 87 -48.16 -7.42 9.94
CA ASP D 87 -46.98 -8.27 9.94
C ASP D 87 -45.71 -7.44 9.85
N ARG D 88 -45.90 -6.13 9.87
CA ARG D 88 -44.78 -5.22 9.91
C ARG D 88 -44.26 -5.17 11.35
N PRO D 89 -42.95 -5.44 11.53
CA PRO D 89 -42.31 -5.50 12.85
C PRO D 89 -41.95 -4.11 13.35
N ARG D 90 -41.74 -3.97 14.64
CA ARG D 90 -41.14 -2.76 15.20
C ARG D 90 -39.63 -2.96 15.25
N ARG D 91 -38.89 -1.96 14.79
CA ARG D 91 -37.44 -2.04 14.70
C ARG D 91 -36.78 -0.96 15.53
N LEU D 92 -35.63 -1.28 16.12
CA LEU D 92 -34.81 -0.26 16.76
C LEU D 92 -34.09 0.52 15.66
N ASP D 93 -34.22 1.84 15.70
CA ASP D 93 -33.48 2.70 14.78
C ASP D 93 -32.28 3.24 15.51
N LEU D 94 -31.10 2.77 15.14
CA LEU D 94 -29.92 3.07 15.93
C LEU D 94 -29.49 4.51 15.71
N ALA D 95 -29.78 5.05 14.54
CA ALA D 95 -29.30 6.38 14.17
C ALA D 95 -29.83 7.46 15.10
N TRP D 96 -31.06 7.28 15.54
CA TRP D 96 -31.74 8.32 16.29
C TRP D 96 -32.35 7.78 17.60
N LYS D 97 -31.91 6.58 17.98
CA LYS D 97 -32.36 5.91 19.19
C LYS D 97 -33.88 5.99 19.40
N SER D 98 -34.61 5.52 18.39
CA SER D 98 -36.06 5.52 18.40
C SER D 98 -36.65 4.15 18.09
N ILE D 99 -37.95 4.01 18.25
CA ILE D 99 -38.59 2.83 17.77
C ILE D 99 -39.36 3.12 16.49
N GLU D 100 -39.05 2.35 15.47
CA GLU D 100 -39.67 2.52 14.17
C GLU D 100 -40.72 1.47 13.92
N PRO D 101 -42.00 1.89 13.92
CA PRO D 101 -43.17 1.02 13.77
C PRO D 101 -43.45 0.62 12.32
N ASN D 102 -42.85 1.32 11.37
CA ASN D 102 -42.98 0.97 9.95
C ASN D 102 -44.41 0.98 9.41
N GLN D 103 -45.24 1.86 9.97
CA GLN D 103 -46.60 1.96 9.47
C GLN D 103 -46.62 2.69 8.13
N VAL D 104 -45.71 3.65 7.97
CA VAL D 104 -45.44 4.25 6.67
C VAL D 104 -44.23 3.56 6.08
N GLY D 105 -44.25 3.26 4.79
CA GLY D 105 -43.12 2.62 4.16
C GLY D 105 -43.27 2.36 2.69
N ILE D 106 -42.62 3.19 1.89
CA ILE D 106 -42.49 2.97 0.45
C ILE D 106 -43.80 3.10 -0.32
N ASN D 107 -44.71 2.15 -0.14
CA ASN D 107 -45.99 2.23 -0.84
C ASN D 107 -46.85 3.39 -0.30
N GLU D 108 -46.83 3.59 1.02
CA GLU D 108 -47.52 4.72 1.62
C GLU D 108 -46.88 6.05 1.21
N PHE D 109 -45.55 6.13 1.30
CA PHE D 109 -44.85 7.38 0.98
C PHE D 109 -44.90 7.70 -0.52
N ALA D 110 -45.10 6.68 -1.34
CA ALA D 110 -45.20 6.91 -2.78
C ALA D 110 -46.53 7.59 -3.13
N LYS D 111 -47.62 7.16 -2.51
CA LYS D 111 -48.88 7.81 -2.81
C LYS D 111 -48.93 9.23 -2.25
N TRP D 112 -48.39 9.43 -1.06
CA TRP D 112 -48.24 10.78 -0.52
C TRP D 112 -47.51 11.68 -1.50
N CYS D 113 -46.51 11.14 -2.17
CA CYS D 113 -45.72 11.95 -3.09
C CYS D 113 -46.52 12.37 -4.33
N LYS D 114 -47.47 11.53 -4.74
CA LYS D 114 -48.35 11.86 -5.84
C LYS D 114 -49.22 13.03 -5.40
N LYS D 115 -49.70 12.94 -4.17
CA LYS D 115 -50.57 13.96 -3.61
C LYS D 115 -49.89 15.33 -3.53
N VAL D 116 -48.58 15.35 -3.33
CA VAL D 116 -47.86 16.63 -3.32
C VAL D 116 -47.17 16.90 -4.65
N ASN D 117 -47.54 16.12 -5.66
CA ASN D 117 -47.00 16.28 -7.01
C ASN D 117 -45.47 16.22 -7.07
N ALA D 118 -44.94 15.13 -6.55
CA ALA D 118 -43.50 14.94 -6.49
C ALA D 118 -43.12 13.49 -6.69
N GLU D 119 -41.82 13.28 -6.90
CA GLU D 119 -41.30 11.94 -7.06
C GLU D 119 -40.40 11.58 -5.89
N ILE D 120 -40.24 10.28 -5.67
CA ILE D 120 -39.25 9.77 -4.76
C ILE D 120 -37.86 9.74 -5.39
N MET D 121 -36.85 10.23 -4.66
CA MET D 121 -35.45 9.86 -4.87
C MET D 121 -35.11 8.88 -3.76
N MET D 122 -34.96 7.59 -4.11
CA MET D 122 -34.83 6.52 -3.12
C MET D 122 -33.39 6.24 -2.65
N ALA D 123 -33.20 6.18 -1.34
CA ALA D 123 -31.92 5.80 -0.76
C ALA D 123 -31.95 4.32 -0.40
N VAL D 124 -30.89 3.58 -0.76
CA VAL D 124 -30.79 2.15 -0.35
C VAL D 124 -29.81 1.94 0.79
N ASN D 125 -30.14 1.00 1.68
CA ASN D 125 -29.25 0.65 2.77
C ASN D 125 -27.96 0.01 2.26
N LEU D 126 -26.86 0.77 2.24
CA LEU D 126 -25.54 0.19 1.94
C LEU D 126 -24.64 0.17 3.16
N GLY D 127 -25.24 0.27 4.34
CA GLY D 127 -24.49 0.20 5.58
C GLY D 127 -24.45 -1.19 6.19
N THR D 128 -25.61 -1.79 6.44
CA THR D 128 -25.65 -3.15 6.95
C THR D 128 -26.19 -4.11 5.90
N ARG D 129 -26.43 -3.60 4.67
CA ARG D 129 -26.88 -4.43 3.54
C ARG D 129 -26.07 -4.14 2.29
N GLY D 130 -26.38 -4.77 1.17
CA GLY D 130 -25.50 -4.69 0.02
C GLY D 130 -26.15 -4.81 -1.37
N ILE D 131 -25.44 -5.44 -2.29
CA ILE D 131 -25.85 -5.44 -3.67
C ILE D 131 -27.19 -6.11 -3.88
N SER D 132 -27.32 -7.35 -3.45
CA SER D 132 -28.54 -8.09 -3.67
C SER D 132 -29.80 -7.44 -3.07
N ASP D 133 -29.67 -6.66 -2.00
CA ASP D 133 -30.86 -6.09 -1.40
C ASP D 133 -31.25 -4.84 -2.13
N ALA D 134 -30.28 -4.23 -2.79
CA ALA D 134 -30.54 -3.04 -3.57
C ALA D 134 -31.27 -3.48 -4.85
N CYS D 135 -30.90 -4.66 -5.32
CA CYS D 135 -31.46 -5.23 -6.53
C CYS D 135 -32.92 -5.61 -6.28
N ASN D 136 -33.17 -6.27 -5.15
CA ASN D 136 -34.51 -6.65 -4.77
C ASN D 136 -35.40 -5.42 -4.70
N LEU D 137 -34.93 -4.38 -4.04
CA LEU D 137 -35.72 -3.18 -3.85
C LEU D 137 -35.94 -2.43 -5.18
N LEU D 138 -34.89 -2.38 -6.01
CA LEU D 138 -35.02 -1.85 -7.34
C LEU D 138 -36.09 -2.64 -8.11
N GLU D 139 -35.98 -3.97 -8.08
CA GLU D 139 -36.92 -4.78 -8.83
C GLU D 139 -38.35 -4.54 -8.33
N TYR D 140 -38.51 -4.57 -7.01
CA TYR D 140 -39.80 -4.30 -6.39
C TYR D 140 -40.44 -2.99 -6.86
N CYS D 141 -39.62 -1.97 -7.10
CA CYS D 141 -40.12 -0.63 -7.43
C CYS D 141 -40.23 -0.35 -8.92
N ASN D 142 -39.33 -0.91 -9.73
CA ASN D 142 -39.25 -0.50 -11.12
C ASN D 142 -39.57 -1.56 -12.15
N HIS D 143 -39.58 -2.83 -11.75
CA HIS D 143 -39.94 -3.89 -12.69
C HIS D 143 -41.45 -4.09 -12.73
N PRO D 144 -42.02 -4.15 -13.96
CA PRO D 144 -43.46 -4.33 -14.24
C PRO D 144 -44.07 -5.52 -13.53
N GLY D 145 -43.58 -6.73 -13.82
CA GLY D 145 -44.15 -7.92 -13.24
C GLY D 145 -43.52 -9.19 -13.76
N GLY D 146 -43.95 -10.33 -13.21
CA GLY D 146 -43.48 -11.61 -13.69
C GLY D 146 -42.19 -12.07 -13.05
N SER D 147 -41.84 -11.45 -11.92
CA SER D 147 -40.66 -11.82 -11.16
C SER D 147 -40.96 -11.68 -9.67
N LYS D 148 -40.18 -12.37 -8.84
CA LYS D 148 -40.49 -12.50 -7.42
C LYS D 148 -40.82 -11.18 -6.75
N TYR D 149 -40.04 -10.14 -7.04
CA TYR D 149 -40.21 -8.90 -6.29
C TYR D 149 -41.24 -7.96 -6.91
N SER D 150 -41.30 -7.89 -8.24
CA SER D 150 -42.34 -7.13 -8.92
C SER D 150 -43.74 -7.65 -8.57
N ASP D 151 -43.96 -8.97 -8.65
CA ASP D 151 -45.22 -9.56 -8.24
C ASP D 151 -45.48 -9.34 -6.76
N MET D 152 -44.41 -9.30 -5.99
CA MET D 152 -44.57 -9.02 -4.57
C MET D 152 -45.20 -7.64 -4.39
N ARG D 153 -44.79 -6.67 -5.22
CA ARG D 153 -45.34 -5.32 -5.14
C ARG D 153 -46.82 -5.32 -5.51
N ILE D 154 -47.14 -6.01 -6.60
CA ILE D 154 -48.52 -6.19 -7.04
C ILE D 154 -49.39 -6.80 -5.94
N LYS D 155 -48.95 -7.92 -5.37
CA LYS D 155 -49.68 -8.58 -4.29
C LYS D 155 -49.87 -7.66 -3.07
N HIS D 156 -49.06 -6.60 -2.95
CA HIS D 156 -49.20 -5.62 -1.87
C HIS D 156 -50.16 -4.48 -2.26
N GLY D 157 -50.82 -4.60 -3.40
CA GLY D 157 -51.80 -3.62 -3.81
C GLY D 157 -51.29 -2.41 -4.57
N VAL D 158 -50.15 -2.54 -5.24
CA VAL D 158 -49.68 -1.49 -6.14
C VAL D 158 -49.37 -2.10 -7.50
N LYS D 159 -50.34 -2.02 -8.42
CA LYS D 159 -50.25 -2.74 -9.67
C LYS D 159 -49.21 -2.15 -10.60
N GLU D 160 -49.19 -0.83 -10.73
CA GLU D 160 -48.18 -0.19 -11.54
C GLU D 160 -46.92 -0.01 -10.71
N PRO D 161 -45.75 -0.11 -11.35
CA PRO D 161 -44.48 0.12 -10.65
C PRO D 161 -44.30 1.59 -10.36
N HIS D 162 -43.76 1.92 -9.19
CA HIS D 162 -43.39 3.29 -8.85
C HIS D 162 -42.43 3.96 -9.86
N ASN D 163 -41.63 3.15 -10.56
CA ASN D 163 -40.59 3.66 -11.48
C ASN D 163 -39.74 4.81 -10.96
N ILE D 164 -39.09 4.58 -9.83
CA ILE D 164 -38.26 5.62 -9.23
C ILE D 164 -37.09 5.95 -10.14
N LYS D 165 -36.83 7.23 -10.35
CA LYS D 165 -35.84 7.66 -11.34
C LYS D 165 -34.43 7.80 -10.77
N VAL D 166 -34.32 8.28 -9.55
CA VAL D 166 -33.01 8.51 -8.98
C VAL D 166 -32.80 7.80 -7.65
N TRP D 167 -31.73 7.01 -7.57
CA TRP D 167 -31.41 6.31 -6.33
C TRP D 167 -30.10 6.80 -5.75
N CYS D 168 -30.06 6.86 -4.42
CA CYS D 168 -28.86 7.23 -3.69
C CYS D 168 -28.24 5.98 -3.14
N LEU D 169 -26.97 5.76 -3.47
CA LEU D 169 -26.23 4.58 -3.04
C LEU D 169 -25.71 4.69 -1.61
N GLY D 170 -26.57 4.35 -0.66
CA GLY D 170 -26.23 4.51 0.74
C GLY D 170 -26.39 5.94 1.21
N ASN D 171 -25.97 6.20 2.44
CA ASN D 171 -26.01 7.55 2.98
C ASN D 171 -24.78 7.87 3.80
N GLU D 172 -24.30 9.10 3.66
CA GLU D 172 -23.10 9.63 4.36
C GLU D 172 -22.39 8.63 5.28
N MET D 173 -21.58 7.77 4.69
CA MET D 173 -20.98 6.70 5.44
C MET D 173 -19.54 6.96 5.90
N ASP D 174 -19.06 8.19 5.68
CA ASP D 174 -17.72 8.58 6.06
C ASP D 174 -17.60 8.95 7.54
N GLY D 175 -18.72 9.04 8.23
CA GLY D 175 -18.73 9.54 9.60
C GLY D 175 -18.82 8.50 10.70
N PRO D 176 -18.16 8.77 11.83
CA PRO D 176 -18.11 7.80 12.93
C PRO D 176 -19.44 7.66 13.68
N TRP D 177 -20.43 8.49 13.35
CA TRP D 177 -21.75 8.43 14.00
C TRP D 177 -22.67 7.45 13.29
N GLN D 178 -22.22 6.98 12.12
CA GLN D 178 -23.06 6.26 11.19
C GLN D 178 -22.96 4.73 11.31
N VAL D 179 -24.09 4.05 11.42
CA VAL D 179 -24.09 2.60 11.43
C VAL D 179 -23.61 2.10 10.08
N GLY D 180 -22.66 1.16 10.08
CA GLY D 180 -22.17 0.59 8.84
C GLY D 180 -21.19 1.49 8.11
N HIS D 181 -20.61 2.41 8.86
CA HIS D 181 -19.54 3.27 8.39
C HIS D 181 -18.47 2.51 7.59
N LYS D 182 -18.10 3.08 6.45
CA LYS D 182 -17.16 2.47 5.53
C LYS D 182 -15.96 3.40 5.35
N THR D 183 -14.80 2.85 4.99
CA THR D 183 -13.69 3.69 4.52
C THR D 183 -13.92 4.00 3.06
N MET D 184 -13.22 5.02 2.56
CA MET D 184 -13.46 5.49 1.19
C MET D 184 -13.23 4.40 0.14
N ASP D 185 -12.31 3.51 0.42
CA ASP D 185 -12.06 2.43 -0.51
C ASP D 185 -13.18 1.41 -0.44
N GLU D 186 -13.58 1.06 0.78
CA GLU D 186 -14.70 0.16 0.97
C GLU D 186 -15.98 0.70 0.31
N TYR D 187 -16.27 1.97 0.55
CA TYR D 187 -17.48 2.56 -0.02
C TYR D 187 -17.45 2.65 -1.55
N GLY D 188 -16.33 3.12 -2.09
CA GLY D 188 -16.14 3.19 -3.52
C GLY D 188 -16.44 1.86 -4.19
N ARG D 189 -15.91 0.79 -3.60
CA ARG D 189 -16.11 -0.54 -4.15
C ARG D 189 -17.58 -1.01 -4.08
N ILE D 190 -18.23 -0.78 -2.95
CA ILE D 190 -19.61 -1.22 -2.76
C ILE D 190 -20.55 -0.41 -3.71
N ALA D 191 -20.29 0.89 -3.84
CA ALA D 191 -21.09 1.75 -4.73
C ALA D 191 -20.97 1.31 -6.17
N GLU D 192 -19.74 1.11 -6.62
CA GLU D 192 -19.44 0.62 -7.95
C GLU D 192 -20.23 -0.63 -8.29
N GLU D 193 -20.07 -1.67 -7.51
CA GLU D 193 -20.73 -2.93 -7.81
C GLU D 193 -22.22 -2.80 -7.74
N THR D 194 -22.72 -1.95 -6.83
CA THR D 194 -24.17 -1.81 -6.65
C THR D 194 -24.78 -1.04 -7.81
N ALA D 195 -24.06 -0.04 -8.30
CA ALA D 195 -24.50 0.67 -9.49
C ALA D 195 -24.44 -0.25 -10.71
N ARG D 196 -23.45 -1.14 -10.75
CA ARG D 196 -23.32 -2.02 -11.91
C ARG D 196 -24.53 -2.95 -11.95
N ALA D 197 -24.90 -3.48 -10.81
CA ALA D 197 -26.00 -4.42 -10.76
C ALA D 197 -27.35 -3.74 -11.07
N MET D 198 -27.59 -2.59 -10.44
CA MET D 198 -28.86 -1.91 -10.60
C MET D 198 -29.11 -1.46 -12.04
N LYS D 199 -28.07 -0.93 -12.67
CA LYS D 199 -28.14 -0.48 -14.05
C LYS D 199 -28.39 -1.62 -15.04
N MET D 200 -28.19 -2.86 -14.60
CA MET D 200 -28.54 -4.05 -15.40
C MET D 200 -30.05 -4.35 -15.30
N ILE D 201 -30.64 -4.00 -14.17
CA ILE D 201 -32.05 -4.28 -13.94
C ILE D 201 -32.92 -3.21 -14.61
N ASP D 202 -32.40 -1.99 -14.66
CA ASP D 202 -33.13 -0.84 -15.13
C ASP D 202 -32.10 0.20 -15.54
N PRO D 203 -31.75 0.23 -16.82
CA PRO D 203 -30.73 1.14 -17.37
C PRO D 203 -31.15 2.60 -17.39
N SER D 204 -32.44 2.89 -17.14
CA SER D 204 -32.92 4.26 -17.29
C SER D 204 -32.72 5.08 -16.04
N ILE D 205 -32.50 4.41 -14.90
CA ILE D 205 -32.27 5.12 -13.65
C ILE D 205 -30.96 5.94 -13.64
N GLU D 206 -30.91 6.89 -12.71
CA GLU D 206 -29.69 7.66 -12.46
C GLU D 206 -29.30 7.42 -11.02
N LEU D 207 -27.99 7.31 -10.76
CA LEU D 207 -27.50 6.97 -9.40
C LEU D 207 -26.66 8.06 -8.80
N VAL D 208 -26.79 8.22 -7.49
CA VAL D 208 -26.00 9.21 -6.76
C VAL D 208 -24.96 8.56 -5.84
N ALA D 209 -23.69 8.88 -6.07
CA ALA D 209 -22.65 8.41 -5.18
C ALA D 209 -22.55 9.39 -4.02
N CYS D 210 -22.40 8.87 -2.80
CA CYS D 210 -22.28 9.69 -1.58
C CYS D 210 -20.98 10.45 -1.48
N GLY D 211 -21.07 11.77 -1.33
CA GLY D 211 -19.90 12.56 -1.05
C GLY D 211 -19.56 12.54 0.45
N SER D 212 -18.69 13.45 0.87
CA SER D 212 -18.41 13.62 2.28
C SER D 212 -19.65 14.14 3.00
N SER D 213 -19.79 13.75 4.28
CA SER D 213 -20.85 14.24 5.16
C SER D 213 -20.84 15.76 5.25
N SER D 214 -19.66 16.35 5.32
CA SER D 214 -19.52 17.80 5.24
C SER D 214 -18.15 18.14 4.66
N LYS D 215 -17.82 19.43 4.54
CA LYS D 215 -16.51 19.81 4.01
C LYS D 215 -15.43 19.85 5.09
N ASP D 216 -15.83 19.64 6.33
CA ASP D 216 -14.90 19.67 7.46
C ASP D 216 -14.39 18.30 7.78
N MET D 217 -15.08 17.29 7.24
CA MET D 217 -14.60 15.92 7.32
C MET D 217 -13.15 15.86 6.86
N PRO D 218 -12.30 15.26 7.69
CA PRO D 218 -10.86 15.11 7.42
C PRO D 218 -10.59 14.46 6.05
N THR D 219 -11.47 13.53 5.67
CA THR D 219 -11.38 12.86 4.38
C THR D 219 -11.99 13.60 3.18
N PHE D 220 -12.49 14.83 3.36
CA PHE D 220 -12.90 15.65 2.22
C PHE D 220 -11.66 16.34 1.63
N PRO D 221 -11.50 16.29 0.29
CA PRO D 221 -12.35 15.70 -0.74
C PRO D 221 -11.76 14.44 -1.38
N GLN D 222 -10.71 13.88 -0.78
CA GLN D 222 -10.17 12.62 -1.28
C GLN D 222 -11.28 11.55 -1.37
N TRP D 223 -12.21 11.59 -0.41
CA TRP D 223 -13.37 10.69 -0.41
C TRP D 223 -14.06 10.77 -1.75
N GLU D 224 -14.42 11.99 -2.15
CA GLU D 224 -15.06 12.22 -3.43
C GLU D 224 -14.21 11.64 -4.56
N ALA D 225 -12.92 11.99 -4.57
CA ALA D 225 -12.03 11.57 -5.64
C ALA D 225 -11.93 10.05 -5.72
N THR D 226 -11.71 9.41 -4.57
CA THR D 226 -11.54 7.96 -4.55
C THR D 226 -12.79 7.21 -5.00
N VAL D 227 -13.92 7.60 -4.45
CA VAL D 227 -15.18 6.97 -4.73
C VAL D 227 -15.53 7.12 -6.19
N LEU D 228 -15.36 8.33 -6.70
CA LEU D 228 -15.59 8.59 -8.10
C LEU D 228 -14.63 7.80 -8.97
N ASP D 229 -13.40 7.59 -8.49
CA ASP D 229 -12.43 6.83 -9.25
C ASP D 229 -12.93 5.41 -9.47
N TYR D 230 -13.60 4.86 -8.46
CA TYR D 230 -14.16 3.53 -8.59
C TYR D 230 -15.43 3.52 -9.42
N ALA D 231 -16.36 4.42 -9.12
CA ALA D 231 -17.70 4.24 -9.64
C ALA D 231 -18.05 5.06 -10.87
N TYR D 232 -17.14 5.94 -11.29
CA TYR D 232 -17.42 6.96 -12.31
C TYR D 232 -18.38 6.58 -13.44
N ASP D 233 -18.13 5.46 -14.09
CA ASP D 233 -18.86 5.06 -15.29
C ASP D 233 -20.29 4.66 -15.01
N TYR D 234 -20.57 4.34 -13.75
CA TYR D 234 -21.87 3.79 -13.37
C TYR D 234 -22.73 4.72 -12.50
N VAL D 235 -22.25 5.92 -12.19
CA VAL D 235 -23.08 6.85 -11.40
C VAL D 235 -23.20 8.19 -12.11
N ASP D 236 -24.17 9.00 -11.70
CA ASP D 236 -24.47 10.22 -12.44
C ASP D 236 -24.27 11.44 -11.59
N TYR D 237 -24.35 11.27 -10.27
CA TYR D 237 -24.18 12.38 -9.33
C TYR D 237 -23.24 12.04 -8.21
N ILE D 238 -22.56 13.08 -7.70
CA ILE D 238 -21.94 13.05 -6.37
C ILE D 238 -22.80 13.93 -5.43
N SER D 239 -22.86 13.59 -4.14
CA SER D 239 -23.68 14.36 -3.18
C SER D 239 -22.87 15.30 -2.29
N LEU D 240 -23.52 16.36 -1.80
CA LEU D 240 -22.91 17.30 -0.85
C LEU D 240 -23.90 17.60 0.26
N HIS D 241 -23.39 17.69 1.48
CA HIS D 241 -24.21 18.07 2.62
C HIS D 241 -23.57 19.26 3.28
N GLN D 242 -24.22 20.42 3.27
CA GLN D 242 -23.77 21.56 4.07
C GLN D 242 -24.85 22.11 5.03
N TYR D 243 -24.46 22.35 6.28
CA TYR D 243 -25.35 22.98 7.25
C TYR D 243 -24.69 24.20 7.87
N TYR D 244 -25.48 25.13 8.35
CA TYR D 244 -24.96 26.30 9.05
C TYR D 244 -25.70 26.59 10.36
N GLY D 245 -25.00 27.19 11.32
CA GLY D 245 -25.57 27.59 12.59
C GLY D 245 -25.06 28.95 13.02
N ASN D 246 -25.66 29.51 14.07
CA ASN D 246 -25.26 30.82 14.58
C ASN D 246 -25.07 30.85 16.10
N LYS D 247 -24.62 29.75 16.69
CA LYS D 247 -24.37 29.69 18.13
C LYS D 247 -23.42 30.78 18.64
N GLU D 248 -22.47 31.21 17.83
CA GLU D 248 -21.59 32.31 18.19
C GLU D 248 -22.38 33.61 18.34
N ASN D 249 -23.57 33.61 17.75
CA ASN D 249 -24.47 34.75 17.70
C ASN D 249 -23.81 35.94 17.05
N ASP D 250 -23.42 35.76 15.81
CA ASP D 250 -22.62 36.73 15.10
C ASP D 250 -23.27 36.96 13.73
N THR D 251 -24.45 37.57 13.73
CA THR D 251 -25.28 37.73 12.53
C THR D 251 -24.55 38.06 11.22
N ALA D 252 -23.58 38.97 11.27
CA ALA D 252 -22.89 39.38 10.05
C ALA D 252 -21.98 38.29 9.49
N ASP D 253 -21.28 37.59 10.38
CA ASP D 253 -20.43 36.47 10.01
C ASP D 253 -21.29 35.34 9.48
N PHE D 254 -22.33 35.02 10.23
CA PHE D 254 -23.30 33.99 9.89
C PHE D 254 -23.87 34.17 8.47
N LEU D 255 -24.10 35.41 8.05
CA LEU D 255 -24.65 35.66 6.72
C LEU D 255 -23.57 35.56 5.66
N ALA D 256 -22.32 35.55 6.10
CA ALA D 256 -21.19 35.43 5.18
C ALA D 256 -20.94 33.97 4.84
N LYS D 257 -21.58 33.06 5.56
CA LYS D 257 -21.31 31.63 5.39
C LYS D 257 -21.73 31.04 4.03
N SER D 258 -22.53 31.77 3.27
CA SER D 258 -22.85 31.31 1.92
C SER D 258 -21.62 31.43 0.99
N ASP D 259 -20.63 32.21 1.42
CA ASP D 259 -19.34 32.26 0.72
C ASP D 259 -18.62 30.93 0.85
N ASP D 260 -18.75 30.29 2.01
CA ASP D 260 -18.10 29.01 2.24
C ASP D 260 -18.87 27.89 1.56
N LEU D 261 -20.10 28.20 1.17
CA LEU D 261 -20.91 27.23 0.46
C LEU D 261 -20.46 27.25 -0.99
N ASP D 262 -20.14 28.45 -1.47
CA ASP D 262 -19.69 28.62 -2.84
C ASP D 262 -18.34 27.93 -3.00
N ASP D 263 -17.55 27.94 -1.95
CA ASP D 263 -16.22 27.35 -2.01
C ASP D 263 -16.32 25.82 -2.02
N PHE D 264 -17.05 25.30 -1.04
CA PHE D 264 -17.43 23.90 -0.99
C PHE D 264 -17.81 23.35 -2.36
N ILE D 265 -18.78 24.00 -3.01
CA ILE D 265 -19.25 23.60 -4.34
C ILE D 265 -18.11 23.55 -5.36
N ARG D 266 -17.36 24.64 -5.46
CA ARG D 266 -16.24 24.71 -6.41
C ARG D 266 -15.26 23.58 -6.18
N SER D 267 -14.97 23.31 -4.90
CA SER D 267 -14.08 22.23 -4.55
C SER D 267 -14.53 20.90 -5.12
N VAL D 268 -15.83 20.66 -5.02
CA VAL D 268 -16.43 19.39 -5.37
C VAL D 268 -16.47 19.22 -6.89
N ILE D 269 -16.73 20.32 -7.59
CA ILE D 269 -16.71 20.32 -9.06
C ILE D 269 -15.26 20.05 -9.54
N ALA D 270 -14.32 20.80 -8.99
CA ALA D 270 -12.91 20.57 -9.28
C ALA D 270 -12.54 19.10 -9.09
N THR D 271 -13.02 18.49 -8.01
CA THR D 271 -12.71 17.08 -7.73
C THR D 271 -13.25 16.14 -8.84
N CYS D 272 -14.50 16.38 -9.25
CA CYS D 272 -15.12 15.60 -10.33
C CYS D 272 -14.34 15.70 -11.64
N ASP D 273 -13.91 16.91 -11.98
CA ASP D 273 -13.25 17.18 -13.24
C ASP D 273 -11.84 16.55 -13.26
N TYR D 274 -11.20 16.54 -12.09
CA TYR D 274 -9.94 15.82 -11.91
C TYR D 274 -10.08 14.34 -12.25
N ILE D 275 -11.08 13.67 -11.69
CA ILE D 275 -11.32 12.27 -12.02
C ILE D 275 -11.75 12.12 -13.50
N LYS D 276 -12.47 13.12 -14.01
CA LYS D 276 -12.88 13.13 -15.42
C LYS D 276 -11.66 12.99 -16.33
N ALA D 277 -10.64 13.81 -16.08
CA ALA D 277 -9.39 13.76 -16.82
C ALA D 277 -8.73 12.38 -16.67
N LYS D 278 -8.74 11.86 -15.45
CA LYS D 278 -8.09 10.60 -15.13
C LYS D 278 -8.67 9.42 -15.90
N LYS D 279 -9.96 9.53 -16.22
CA LYS D 279 -10.69 8.46 -16.91
C LYS D 279 -10.82 8.73 -18.41
N ARG D 280 -10.36 9.91 -18.84
CA ARG D 280 -10.57 10.41 -20.20
C ARG D 280 -12.02 10.16 -20.62
N SER D 281 -12.93 10.65 -19.79
CA SER D 281 -14.35 10.41 -19.95
C SER D 281 -14.96 11.64 -20.58
N LYS D 282 -15.95 11.42 -21.43
CA LYS D 282 -16.70 12.52 -22.02
C LYS D 282 -17.85 12.93 -21.08
N LYS D 283 -18.23 12.04 -20.16
CA LYS D 283 -19.31 12.32 -19.21
C LYS D 283 -18.91 13.26 -18.05
N ASP D 284 -19.77 14.22 -17.75
CA ASP D 284 -19.54 15.12 -16.63
C ASP D 284 -20.39 14.62 -15.46
N ILE D 285 -19.80 14.57 -14.28
CA ILE D 285 -20.58 14.26 -13.09
C ILE D 285 -21.30 15.50 -12.60
N TYR D 286 -22.57 15.35 -12.30
CA TYR D 286 -23.36 16.46 -11.78
C TYR D 286 -23.47 16.41 -10.25
N LEU D 287 -23.71 17.56 -9.63
CA LEU D 287 -23.80 17.66 -8.18
C LEU D 287 -25.24 17.47 -7.68
N SER D 288 -25.44 16.57 -6.75
CA SER D 288 -26.72 16.44 -6.07
C SER D 288 -26.59 17.03 -4.66
N PHE D 289 -27.09 18.24 -4.43
CA PHE D 289 -26.93 18.86 -3.11
C PHE D 289 -28.02 18.40 -2.15
N ASP D 290 -27.98 17.13 -1.78
CA ASP D 290 -29.15 16.48 -1.23
C ASP D 290 -29.33 16.63 0.28
N GLU D 291 -28.56 17.51 0.89
CA GLU D 291 -28.84 17.97 2.24
C GLU D 291 -28.31 19.38 2.42
N TRP D 292 -29.23 20.32 2.62
CA TRP D 292 -28.83 21.69 2.94
C TRP D 292 -29.91 22.41 3.72
N ASN D 293 -29.46 23.21 4.68
CA ASN D 293 -30.32 24.00 5.54
C ASN D 293 -29.53 24.76 6.60
N VAL D 294 -30.27 25.42 7.47
CA VAL D 294 -29.74 25.96 8.69
C VAL D 294 -30.15 24.97 9.76
N TRP D 295 -29.27 24.69 10.71
CA TRP D 295 -29.56 23.71 11.73
C TRP D 295 -28.66 23.94 12.96
N TYR D 296 -29.21 24.56 14.00
CA TYR D 296 -28.47 24.81 15.24
C TYR D 296 -29.31 24.88 16.52
N HIS D 297 -30.54 25.37 16.41
CA HIS D 297 -31.37 25.70 17.61
C HIS D 297 -31.66 24.54 18.56
N SER D 298 -32.00 23.39 18.02
CA SER D 298 -32.47 22.28 18.84
C SER D 298 -31.38 21.28 19.27
N ASN D 299 -30.10 21.65 19.09
CA ASN D 299 -28.99 20.76 19.43
C ASN D 299 -29.08 20.21 20.85
N ASN D 300 -29.17 21.11 21.83
CA ASN D 300 -29.14 20.73 23.22
C ASN D 300 -30.29 19.82 23.60
N GLU D 301 -31.50 20.25 23.29
CA GLU D 301 -32.70 19.47 23.60
C GLU D 301 -32.64 18.07 22.99
N ASP D 302 -32.16 17.98 21.75
CA ASP D 302 -32.01 16.70 21.06
C ASP D 302 -31.16 15.68 21.81
N ALA D 303 -29.98 16.12 22.27
CA ALA D 303 -29.07 15.26 23.02
C ALA D 303 -29.64 14.84 24.39
N ASN D 304 -30.53 15.64 24.96
CA ASN D 304 -31.20 15.23 26.19
C ASN D 304 -32.19 14.08 25.91
N ILE D 305 -32.83 14.13 24.75
CA ILE D 305 -33.81 13.12 24.35
C ILE D 305 -33.15 11.76 24.06
N MET D 306 -31.91 11.76 23.59
CA MET D 306 -31.17 10.53 23.33
C MET D 306 -30.14 10.31 24.44
N GLN D 307 -30.18 9.16 25.10
CA GLN D 307 -29.47 9.01 26.38
C GLN D 307 -30.30 9.85 27.35
N ASN D 308 -31.04 9.18 28.23
CA ASN D 308 -32.29 9.66 28.86
C ASN D 308 -33.38 9.60 27.80
N GLU D 309 -34.58 9.17 28.20
CA GLU D 309 -35.72 9.04 27.28
C GLU D 309 -35.43 8.45 25.86
N PRO D 310 -34.68 7.32 25.77
CA PRO D 310 -34.48 6.81 24.41
C PRO D 310 -35.53 5.75 24.07
N TRP D 311 -35.59 5.33 22.80
CA TRP D 311 -36.49 4.26 22.33
C TRP D 311 -37.98 4.63 22.32
N ARG D 312 -38.27 5.90 22.12
CA ARG D 312 -39.64 6.35 21.98
C ARG D 312 -40.04 6.28 20.50
N ILE D 313 -41.35 6.19 20.25
CA ILE D 313 -41.86 6.36 18.88
C ILE D 313 -42.01 7.84 18.61
N ALA D 314 -41.45 8.27 17.49
CA ALA D 314 -41.62 9.64 17.01
C ALA D 314 -41.42 10.74 18.05
N PRO D 315 -40.22 10.82 18.66
CA PRO D 315 -39.94 11.89 19.63
C PRO D 315 -39.61 13.22 18.93
N PRO D 316 -39.79 14.35 19.61
CA PRO D 316 -39.64 15.64 18.91
C PRO D 316 -38.19 16.03 18.63
N LEU D 317 -37.57 15.35 17.69
CA LEU D 317 -36.17 15.60 17.36
C LEU D 317 -35.97 16.64 16.27
N LEU D 318 -34.84 17.34 16.35
CA LEU D 318 -34.43 18.32 15.34
C LEU D 318 -35.45 19.44 15.05
N GLU D 319 -36.27 19.77 16.05
CA GLU D 319 -37.31 20.78 15.86
C GLU D 319 -36.79 22.20 16.09
N ASP D 320 -35.84 22.60 15.25
CA ASP D 320 -35.40 23.97 15.16
C ASP D 320 -36.59 24.89 14.88
N ILE D 321 -36.66 26.00 15.60
CA ILE D 321 -37.59 27.08 15.25
C ILE D 321 -36.79 28.27 14.71
N TYR D 322 -36.97 28.56 13.43
CA TYR D 322 -36.10 29.50 12.72
C TYR D 322 -36.42 30.96 12.92
N THR D 323 -35.35 31.75 12.92
CA THR D 323 -35.44 33.19 13.03
C THR D 323 -35.42 33.83 11.65
N PHE D 324 -35.45 35.15 11.63
CA PHE D 324 -35.46 35.87 10.36
C PHE D 324 -34.10 35.79 9.68
N GLU D 325 -33.04 35.93 10.45
CA GLU D 325 -31.69 35.80 9.88
C GLU D 325 -31.54 34.39 9.28
N ASP D 326 -32.06 33.38 9.98
CA ASP D 326 -32.12 32.04 9.44
C ASP D 326 -32.77 32.04 8.07
N ALA D 327 -33.89 32.75 7.95
CA ALA D 327 -34.54 32.88 6.66
C ALA D 327 -33.63 33.58 5.65
N LEU D 328 -32.73 34.44 6.13
CA LEU D 328 -31.87 35.16 5.20
C LEU D 328 -30.75 34.27 4.65
N LEU D 329 -30.11 33.51 5.54
CA LEU D 329 -29.02 32.66 5.10
C LEU D 329 -29.55 31.61 4.13
N VAL D 330 -30.70 31.03 4.44
CA VAL D 330 -31.37 30.13 3.52
C VAL D 330 -31.49 30.79 2.16
N GLY D 331 -31.90 32.05 2.14
CA GLY D 331 -32.05 32.79 0.89
C GLY D 331 -30.73 32.89 0.15
N LEU D 332 -29.67 33.18 0.91
CA LEU D 332 -28.31 33.30 0.36
C LEU D 332 -27.85 32.00 -0.27
N MET D 333 -28.15 30.91 0.43
CA MET D 333 -27.85 29.56 -0.04
C MET D 333 -28.56 29.24 -1.36
N LEU D 334 -29.86 29.51 -1.44
CA LEU D 334 -30.61 29.28 -2.67
C LEU D 334 -30.00 30.09 -3.81
N ILE D 335 -29.47 31.26 -3.48
CA ILE D 335 -28.86 32.13 -4.46
C ILE D 335 -27.55 31.53 -4.96
N THR D 336 -26.79 30.98 -4.02
CA THR D 336 -25.56 30.28 -4.33
C THR D 336 -25.83 29.04 -5.19
N LEU D 337 -26.87 28.29 -4.85
CA LEU D 337 -27.19 27.09 -5.62
C LEU D 337 -27.53 27.45 -7.06
N MET D 338 -28.32 28.49 -7.25
CA MET D 338 -28.72 28.92 -8.59
C MET D 338 -27.49 29.36 -9.39
N LYS D 339 -26.51 29.96 -8.73
CA LYS D 339 -25.30 30.38 -9.41
C LYS D 339 -24.49 29.18 -9.92
N HIS D 340 -24.81 28.00 -9.42
CA HIS D 340 -24.08 26.79 -9.79
C HIS D 340 -24.91 25.73 -10.50
N ALA D 341 -25.96 26.18 -11.17
CA ALA D 341 -26.93 25.31 -11.83
C ALA D 341 -26.36 24.58 -13.07
N ASP D 342 -25.23 25.05 -13.57
CA ASP D 342 -24.59 24.38 -14.69
C ASP D 342 -24.10 23.00 -14.24
N ARG D 343 -23.74 22.90 -12.96
CA ARG D 343 -23.32 21.64 -12.37
C ARG D 343 -24.28 21.06 -11.33
N ILE D 344 -24.98 21.90 -10.56
CA ILE D 344 -25.91 21.37 -9.53
C ILE D 344 -27.29 21.09 -10.11
N LYS D 345 -27.69 19.83 -10.18
CA LYS D 345 -28.90 19.46 -10.91
C LYS D 345 -29.98 18.90 -9.99
N ILE D 346 -29.59 18.50 -8.79
CA ILE D 346 -30.54 18.10 -7.75
C ILE D 346 -30.09 18.72 -6.44
N ALA D 347 -31.02 19.26 -5.67
CA ALA D 347 -30.69 19.71 -4.33
C ALA D 347 -31.89 19.44 -3.44
N CYS D 348 -31.65 19.19 -2.16
CA CYS D 348 -32.75 18.92 -1.25
C CYS D 348 -32.64 19.74 0.03
N LEU D 349 -33.61 20.64 0.25
CA LEU D 349 -33.65 21.35 1.52
C LEU D 349 -34.00 20.31 2.56
N ALA D 350 -33.20 20.23 3.60
CA ALA D 350 -33.33 19.15 4.57
C ALA D 350 -33.69 19.73 5.91
N GLN D 351 -34.90 19.44 6.42
CA GLN D 351 -35.86 18.53 5.78
C GLN D 351 -37.20 19.22 5.55
N LEU D 352 -38.18 18.47 5.05
CA LEU D 352 -39.47 19.03 4.65
C LEU D 352 -40.46 19.34 5.78
N ILE D 353 -40.62 18.39 6.71
CA ILE D 353 -41.72 18.38 7.69
C ILE D 353 -41.24 18.18 9.14
N ASN D 354 -41.40 19.21 9.96
CA ASN D 354 -41.08 19.17 11.40
C ASN D 354 -39.60 19.13 11.74
N VAL D 355 -38.89 18.21 11.07
CA VAL D 355 -37.45 18.02 11.25
C VAL D 355 -36.67 19.04 10.44
N ILE D 356 -36.00 19.97 11.14
CA ILE D 356 -35.33 21.15 10.54
C ILE D 356 -36.02 21.64 9.27
N ALA D 357 -37.27 22.06 9.43
CA ALA D 357 -38.21 22.12 8.31
C ALA D 357 -38.95 23.44 8.17
N PRO D 358 -39.38 23.76 6.94
CA PRO D 358 -40.08 25.03 6.76
C PRO D 358 -41.59 24.87 7.06
N ILE D 359 -41.99 23.69 7.51
CA ILE D 359 -43.39 23.36 7.71
C ILE D 359 -43.51 22.55 9.02
N VAL D 360 -44.22 23.08 10.01
CA VAL D 360 -44.31 22.44 11.31
C VAL D 360 -45.75 22.08 11.64
N THR D 361 -45.95 20.93 12.29
CA THR D 361 -47.23 20.63 12.90
C THR D 361 -46.99 20.60 14.39
N GLU D 362 -47.93 21.12 15.18
CA GLU D 362 -47.69 21.48 16.58
C GLU D 362 -47.12 20.37 17.46
N ARG D 363 -47.88 19.28 17.61
CA ARG D 363 -47.54 18.14 18.45
C ARG D 363 -48.86 17.52 18.86
N ASN D 364 -48.95 16.21 18.75
CA ASN D 364 -50.16 15.50 19.14
C ASN D 364 -51.41 15.99 18.44
N GLY D 365 -51.31 16.22 17.14
CA GLY D 365 -52.48 16.53 16.33
C GLY D 365 -52.44 17.97 15.85
N GLY D 366 -51.52 18.73 16.43
CA GLY D 366 -51.10 20.01 15.92
C GLY D 366 -52.05 20.91 15.16
N ALA D 367 -51.49 21.66 14.20
CA ALA D 367 -52.26 22.72 13.57
C ALA D 367 -51.65 23.18 12.26
N ALA D 368 -50.32 23.16 12.17
CA ALA D 368 -49.58 23.42 10.91
C ALA D 368 -49.35 24.89 10.52
N TRP D 369 -48.09 25.25 10.34
CA TRP D 369 -47.74 26.60 10.03
C TRP D 369 -46.43 26.69 9.24
N ARG D 370 -46.06 27.90 8.82
CA ARG D 370 -44.88 28.14 8.01
C ARG D 370 -43.78 28.82 8.82
N GLN D 371 -42.57 28.28 8.78
CA GLN D 371 -41.44 28.91 9.44
C GLN D 371 -40.92 30.04 8.58
N THR D 372 -40.09 30.91 9.15
CA THR D 372 -39.50 32.01 8.41
C THR D 372 -38.84 31.56 7.10
N ILE D 373 -38.14 30.42 7.17
CA ILE D 373 -37.38 29.91 6.03
C ILE D 373 -38.26 29.29 4.95
N PHE D 374 -39.56 29.18 5.21
CA PHE D 374 -40.52 28.73 4.19
C PHE D 374 -40.50 29.62 2.94
N TYR D 375 -40.44 30.93 3.15
CA TYR D 375 -40.69 31.89 2.07
C TYR D 375 -39.59 32.09 1.04
N PRO D 376 -38.32 32.22 1.49
CA PRO D 376 -37.25 32.32 0.48
C PRO D 376 -37.22 31.10 -0.45
N PHE D 377 -37.52 29.92 0.09
CA PHE D 377 -37.61 28.73 -0.72
C PHE D 377 -38.77 28.81 -1.69
N MET D 378 -39.94 29.17 -1.17
CA MET D 378 -41.17 29.25 -1.97
C MET D 378 -41.00 30.16 -3.18
N HIS D 379 -40.29 31.27 -2.96
CA HIS D 379 -40.03 32.24 -4.00
C HIS D 379 -39.10 31.68 -5.04
N ALA D 380 -38.03 31.04 -4.56
CA ALA D 380 -37.01 30.45 -5.42
C ALA D 380 -37.62 29.37 -6.29
N SER D 381 -38.44 28.52 -5.68
CA SER D 381 -39.06 27.43 -6.43
C SER D 381 -40.11 27.94 -7.40
N LYS D 382 -40.68 29.11 -7.11
CA LYS D 382 -41.75 29.68 -7.93
C LYS D 382 -41.26 30.49 -9.15
N TYR D 383 -40.31 31.38 -8.93
CA TYR D 383 -39.87 32.32 -9.97
C TYR D 383 -38.50 31.98 -10.58
N GLY D 384 -37.80 31.02 -9.99
CA GLY D 384 -36.44 30.71 -10.41
C GLY D 384 -36.34 29.54 -11.38
N ARG D 385 -37.21 29.53 -12.37
CA ARG D 385 -37.13 28.50 -13.40
C ARG D 385 -36.94 29.15 -14.75
N GLY D 386 -35.90 28.71 -15.47
CA GLY D 386 -35.52 29.32 -16.71
C GLY D 386 -34.01 29.22 -16.81
N ILE D 387 -33.35 30.35 -17.00
CA ILE D 387 -31.92 30.36 -17.27
C ILE D 387 -31.15 31.29 -16.33
N VAL D 388 -30.14 30.75 -15.66
CA VAL D 388 -29.30 31.56 -14.80
C VAL D 388 -28.33 32.39 -15.63
N LEU D 389 -28.30 33.70 -15.35
CA LEU D 389 -27.43 34.62 -16.05
C LEU D 389 -26.25 34.99 -15.18
N GLN D 390 -25.09 35.16 -15.80
CA GLN D 390 -23.89 35.54 -15.06
C GLN D 390 -24.09 36.85 -14.33
N PRO D 391 -23.86 36.82 -13.01
CA PRO D 391 -23.85 38.06 -12.22
C PRO D 391 -22.54 38.82 -12.42
N VAL D 392 -22.53 39.77 -13.35
CA VAL D 392 -21.42 40.70 -13.49
C VAL D 392 -21.72 41.83 -12.54
N ILE D 393 -21.04 41.86 -11.40
CA ILE D 393 -21.51 42.68 -10.31
C ILE D 393 -20.43 43.34 -9.42
N ASN D 394 -20.45 44.67 -9.42
CA ASN D 394 -19.63 45.49 -8.53
C ASN D 394 -20.45 45.92 -7.31
N SER D 395 -20.23 45.24 -6.20
CA SER D 395 -20.93 45.53 -4.95
C SER D 395 -19.94 45.95 -3.88
N PRO D 396 -20.39 46.74 -2.90
CA PRO D 396 -19.56 47.13 -1.76
C PRO D 396 -19.15 45.91 -0.96
N LEU D 397 -18.02 46.03 -0.26
CA LEU D 397 -17.47 44.89 0.49
C LEU D 397 -17.21 45.22 1.96
N HIS D 398 -17.66 44.32 2.84
CA HIS D 398 -17.37 44.44 4.26
C HIS D 398 -16.65 43.19 4.75
N ASP D 399 -15.87 43.33 5.82
CA ASP D 399 -15.32 42.16 6.47
C ASP D 399 -16.23 41.77 7.64
N THR D 400 -16.05 40.57 8.17
CA THR D 400 -16.75 40.18 9.38
C THR D 400 -15.74 39.54 10.31
N SER D 401 -16.21 38.92 11.38
CA SER D 401 -15.31 38.37 12.39
C SER D 401 -14.43 37.22 11.89
N LYS D 402 -14.98 36.36 11.04
CA LYS D 402 -14.23 35.22 10.53
C LYS D 402 -14.20 35.13 9.00
N HIS D 403 -14.60 36.20 8.33
CA HIS D 403 -14.61 36.21 6.87
C HIS D 403 -14.11 37.55 6.38
N GLU D 404 -13.35 37.52 5.29
CA GLU D 404 -12.87 38.74 4.67
C GLU D 404 -13.58 39.04 3.34
N ASP D 405 -13.70 40.33 3.04
CA ASP D 405 -14.24 40.86 1.79
C ASP D 405 -15.55 40.28 1.27
N VAL D 406 -16.51 40.11 2.17
CA VAL D 406 -17.84 39.59 1.84
C VAL D 406 -18.67 40.58 1.03
N THR D 407 -19.25 40.14 -0.10
CA THR D 407 -20.15 41.02 -0.87
C THR D 407 -21.28 41.50 0.01
N ASP D 408 -21.63 42.76 -0.11
CA ASP D 408 -22.78 43.30 0.62
C ASP D 408 -24.05 42.81 -0.04
N ILE D 409 -24.06 42.84 -1.37
CA ILE D 409 -25.18 42.30 -2.11
C ILE D 409 -24.83 40.99 -2.81
N GLU D 410 -25.67 39.98 -2.56
CA GLU D 410 -25.53 38.70 -3.21
C GLU D 410 -26.73 38.56 -4.13
N SER D 411 -26.50 38.50 -5.43
CA SER D 411 -27.59 38.54 -6.39
C SER D 411 -27.44 37.59 -7.60
N VAL D 412 -28.57 37.16 -8.15
CA VAL D 412 -28.59 36.36 -9.39
C VAL D 412 -29.84 36.64 -10.19
N ALA D 413 -29.69 36.69 -11.51
CA ALA D 413 -30.83 36.90 -12.39
C ALA D 413 -31.18 35.63 -13.15
N ILE D 414 -32.44 35.22 -13.09
CA ILE D 414 -32.87 34.10 -13.92
C ILE D 414 -33.96 34.52 -14.93
N TYR D 415 -33.73 34.17 -16.18
CA TYR D 415 -34.59 34.58 -17.30
C TYR D 415 -35.42 33.41 -17.81
N ASN D 416 -36.73 33.62 -17.86
CA ASN D 416 -37.66 32.62 -18.33
C ASN D 416 -38.23 33.04 -19.69
N GLU D 417 -37.84 32.35 -20.75
CA GLU D 417 -38.19 32.76 -22.11
C GLU D 417 -39.68 32.64 -22.43
N GLU D 418 -40.35 31.63 -21.87
CA GLU D 418 -41.75 31.35 -22.23
C GLU D 418 -42.75 32.12 -21.38
N LYS D 419 -42.24 32.86 -20.39
CA LYS D 419 -43.06 33.77 -19.60
C LYS D 419 -42.70 35.21 -19.95
N GLU D 420 -41.50 35.38 -20.53
CA GLU D 420 -40.91 36.67 -20.86
C GLU D 420 -40.66 37.51 -19.61
N GLU D 421 -40.56 36.83 -18.48
CA GLU D 421 -40.19 37.45 -17.20
C GLU D 421 -38.70 37.25 -16.92
N VAL D 422 -38.10 38.17 -16.18
CA VAL D 422 -36.72 37.99 -15.70
C VAL D 422 -36.63 38.32 -14.21
N THR D 423 -36.61 37.28 -13.39
CA THR D 423 -36.65 37.46 -11.94
C THR D 423 -35.25 37.63 -11.36
N ILE D 424 -35.04 38.71 -10.62
CA ILE D 424 -33.77 38.93 -9.89
C ILE D 424 -33.91 38.69 -8.39
N PHE D 425 -33.18 37.69 -7.89
CA PHE D 425 -33.15 37.41 -6.47
C PHE D 425 -31.96 38.16 -5.86
N ALA D 426 -32.23 38.95 -4.82
CA ALA D 426 -31.15 39.68 -4.16
C ALA D 426 -31.29 39.65 -2.65
N VAL D 427 -30.14 39.68 -1.98
CA VAL D 427 -30.08 39.73 -0.53
C VAL D 427 -29.04 40.75 -0.10
N ASN D 428 -29.42 41.60 0.85
CA ASN D 428 -28.47 42.50 1.49
C ASN D 428 -28.05 41.88 2.80
N ARG D 429 -26.77 41.51 2.93
CA ARG D 429 -26.25 40.93 4.17
C ARG D 429 -25.49 41.99 4.95
N ASN D 430 -25.52 43.22 4.45
CA ASN D 430 -25.12 44.36 5.24
C ASN D 430 -26.26 44.61 6.20
N ILE D 431 -26.06 44.10 7.41
CA ILE D 431 -27.06 44.06 8.46
C ILE D 431 -27.50 45.47 8.89
N HIS D 432 -26.65 46.47 8.60
CA HIS D 432 -26.87 47.86 9.04
C HIS D 432 -27.25 48.84 7.92
N GLU D 433 -26.31 49.15 7.03
CA GLU D 433 -26.58 50.13 5.97
C GLU D 433 -27.55 49.60 4.93
N ASP D 434 -28.26 50.50 4.27
CA ASP D 434 -29.06 50.15 3.11
C ASP D 434 -28.22 50.33 1.84
N ILE D 435 -28.55 49.57 0.80
CA ILE D 435 -27.86 49.66 -0.48
C ILE D 435 -28.88 49.80 -1.62
N VAL D 436 -28.56 50.63 -2.60
CA VAL D 436 -29.41 50.74 -3.78
C VAL D 436 -28.80 49.95 -4.93
N LEU D 437 -29.60 49.09 -5.54
CA LEU D 437 -29.12 48.18 -6.57
C LEU D 437 -29.35 48.69 -7.98
N VAL D 438 -28.30 49.23 -8.57
CA VAL D 438 -28.37 49.73 -9.94
C VAL D 438 -28.08 48.60 -10.93
N SER D 439 -29.12 48.17 -11.65
CA SER D 439 -29.02 47.00 -12.53
C SER D 439 -29.16 47.33 -14.02
N ASP D 440 -28.04 47.49 -14.71
CA ASP D 440 -28.03 47.68 -16.16
C ASP D 440 -28.67 46.47 -16.86
N VAL D 441 -29.87 46.65 -17.41
CA VAL D 441 -30.51 45.58 -18.14
C VAL D 441 -30.35 45.76 -19.65
N ARG D 442 -29.37 45.06 -20.22
CA ARG D 442 -29.18 44.99 -21.65
C ARG D 442 -30.11 43.88 -22.16
N GLY D 443 -31.41 44.16 -22.16
CA GLY D 443 -32.42 43.15 -22.40
C GLY D 443 -33.15 43.27 -23.72
N MET D 444 -34.39 43.79 -23.75
CA MET D 444 -35.13 44.39 -22.62
C MET D 444 -34.42 45.56 -21.90
N ARG D 448 -40.36 46.31 -18.96
CA ARG D 448 -41.50 46.52 -18.06
C ARG D 448 -41.42 45.83 -16.68
N LEU D 449 -41.70 46.58 -15.61
CA LEU D 449 -41.57 46.10 -14.22
C LEU D 449 -42.86 45.54 -13.58
N LEU D 450 -42.74 44.37 -12.93
CA LEU D 450 -43.89 43.62 -12.44
C LEU D 450 -44.20 43.79 -10.96
N GLU D 451 -43.26 43.40 -10.08
CA GLU D 451 -43.34 43.69 -8.64
C GLU D 451 -41.98 43.68 -7.95
N HIS D 452 -41.98 43.83 -6.63
CA HIS D 452 -40.75 43.78 -5.84
C HIS D 452 -41.08 43.18 -4.48
N ILE D 453 -41.31 41.86 -4.45
CA ILE D 453 -41.64 41.16 -3.21
C ILE D 453 -40.45 41.22 -2.27
N VAL D 454 -40.73 41.26 -0.97
CA VAL D 454 -39.67 41.50 0.00
C VAL D 454 -39.96 40.70 1.28
N LEU D 455 -38.91 40.44 2.04
CA LEU D 455 -39.01 39.70 3.29
C LEU D 455 -38.16 40.47 4.26
N GLU D 456 -38.77 41.29 5.11
CA GLU D 456 -37.99 42.09 6.04
C GLU D 456 -38.59 42.20 7.44
N HIS D 457 -37.73 42.55 8.39
CA HIS D 457 -38.09 42.65 9.81
C HIS D 457 -36.92 43.28 10.57
N GLN D 458 -37.23 43.83 11.72
CA GLN D 458 -36.27 44.62 12.47
C GLN D 458 -35.67 43.79 13.59
N ASP D 459 -36.39 42.75 13.98
CA ASP D 459 -35.82 41.76 14.90
C ASP D 459 -35.25 40.58 14.08
N LEU D 460 -33.94 40.53 13.96
CA LEU D 460 -33.28 39.47 13.23
C LEU D 460 -33.55 38.11 13.88
N LYS D 461 -33.82 38.13 15.18
CA LYS D 461 -34.16 36.91 15.91
C LYS D 461 -35.67 36.67 16.00
N ILE D 462 -36.47 37.36 15.19
CA ILE D 462 -37.92 37.14 15.25
C ILE D 462 -38.27 35.76 14.72
N ARG D 463 -39.32 35.16 15.25
CA ARG D 463 -39.72 33.83 14.79
C ARG D 463 -41.12 33.83 14.20
N ASN D 464 -41.52 32.65 13.72
CA ASN D 464 -42.90 32.38 13.37
C ASN D 464 -43.42 31.39 14.39
N SER D 465 -44.74 31.15 14.39
CA SER D 465 -45.31 30.16 15.30
C SER D 465 -46.68 29.72 14.82
N VAL D 466 -47.37 28.92 15.65
CA VAL D 466 -48.73 28.56 15.33
C VAL D 466 -49.67 29.77 15.55
N ASN D 467 -49.22 30.73 16.35
CA ASN D 467 -49.98 31.94 16.66
C ASN D 467 -49.70 33.17 15.77
N GLY D 468 -49.18 32.95 14.57
CA GLY D 468 -49.00 34.03 13.61
C GLY D 468 -47.66 34.10 12.89
N GLU D 469 -47.71 34.43 11.60
CA GLU D 469 -46.51 34.60 10.81
C GLU D 469 -45.97 36.03 10.89
N GLU D 470 -44.86 36.21 11.59
CA GLU D 470 -44.21 37.52 11.72
C GLU D 470 -43.36 37.84 10.51
N VAL D 471 -42.82 36.80 9.89
CA VAL D 471 -42.05 36.93 8.65
C VAL D 471 -42.91 36.39 7.53
N TYR D 472 -43.26 37.26 6.59
CA TYR D 472 -44.11 36.87 5.47
C TYR D 472 -43.88 37.86 4.34
N PRO D 473 -44.13 37.41 3.10
CA PRO D 473 -43.86 38.31 1.98
C PRO D 473 -44.84 39.48 1.90
N LYS D 474 -44.27 40.65 1.62
CA LYS D 474 -45.00 41.90 1.48
C LYS D 474 -44.60 42.50 0.15
N ASN D 475 -45.55 43.02 -0.62
CA ASN D 475 -45.24 43.85 -1.78
C ASN D 475 -44.58 45.12 -1.27
N SER D 476 -43.58 45.63 -1.99
CA SER D 476 -42.85 46.82 -1.55
C SER D 476 -41.73 47.15 -2.53
N ASP D 477 -41.62 48.35 -3.10
CA ASP D 477 -42.17 49.65 -2.69
C ASP D 477 -41.24 50.56 -3.46
N LYS D 478 -39.96 50.50 -3.07
CA LYS D 478 -38.85 51.17 -3.73
C LYS D 478 -38.46 50.48 -5.07
N SER D 479 -39.41 50.48 -6.00
CA SER D 479 -39.32 49.72 -7.25
C SER D 479 -38.49 50.39 -8.36
N SER D 480 -39.17 50.98 -9.36
CA SER D 480 -38.57 51.88 -10.39
C SER D 480 -37.67 51.29 -11.49
N PHE D 481 -38.26 50.94 -12.63
CA PHE D 481 -37.52 50.49 -13.82
C PHE D 481 -37.73 51.47 -14.96
N ASP D 482 -36.81 52.42 -15.10
CA ASP D 482 -36.96 53.51 -16.08
C ASP D 482 -36.73 53.06 -17.51
N ASP D 483 -35.55 53.36 -18.03
CA ASP D 483 -35.20 53.08 -19.41
C ASP D 483 -35.03 51.57 -19.63
N GLY D 484 -33.77 51.15 -19.71
CA GLY D 484 -33.44 49.75 -19.65
C GLY D 484 -32.75 49.56 -18.32
N ILE D 485 -32.80 50.61 -17.49
CA ILE D 485 -32.13 50.59 -16.20
C ILE D 485 -33.11 50.28 -15.06
N LEU D 486 -32.69 49.42 -14.15
CA LEU D 486 -33.49 49.03 -13.00
C LEU D 486 -32.77 49.42 -11.71
N THR D 487 -33.29 50.42 -11.02
CA THR D 487 -32.74 50.82 -9.73
C THR D 487 -33.70 50.43 -8.63
N SER D 488 -33.30 49.46 -7.82
CA SER D 488 -34.09 49.07 -6.66
C SER D 488 -33.32 49.33 -5.39
N MET D 489 -34.02 49.77 -4.35
CA MET D 489 -33.41 49.89 -3.04
C MET D 489 -33.58 48.59 -2.29
N LEU D 490 -32.47 48.10 -1.75
CA LEU D 490 -32.48 46.87 -0.98
C LEU D 490 -32.16 47.22 0.48
N ARG D 491 -33.16 47.11 1.34
CA ARG D 491 -32.99 47.45 2.74
C ARG D 491 -31.98 46.51 3.41
N ARG D 492 -31.27 47.00 4.43
CA ARG D 492 -30.38 46.16 5.22
C ARG D 492 -31.09 44.90 5.73
N ALA D 493 -30.37 43.78 5.72
CA ALA D 493 -30.91 42.48 6.18
C ALA D 493 -32.23 42.10 5.51
N SER D 494 -32.26 42.14 4.18
CA SER D 494 -33.49 41.85 3.45
C SER D 494 -33.37 40.82 2.31
N TRP D 495 -34.44 40.05 2.14
CA TRP D 495 -34.57 39.13 1.01
C TRP D 495 -35.43 39.82 -0.04
N ASN D 496 -34.86 40.04 -1.22
CA ASN D 496 -35.55 40.80 -2.26
C ASN D 496 -35.76 40.05 -3.55
N VAL D 497 -37.02 39.86 -3.92
CA VAL D 497 -37.40 39.24 -5.19
C VAL D 497 -38.05 40.26 -6.11
N ILE D 498 -37.43 40.52 -7.26
CA ILE D 498 -37.80 41.62 -8.13
C ILE D 498 -38.08 41.08 -9.54
N ARG D 499 -39.28 41.29 -10.05
CA ARG D 499 -39.67 40.75 -11.37
C ARG D 499 -39.70 41.81 -12.49
N ILE D 500 -39.92 41.38 -13.74
CA ILE D 500 -39.81 42.24 -14.93
C ILE D 500 -40.31 41.50 -16.18
N GLY D 501 -41.07 42.17 -17.04
CA GLY D 501 -41.59 41.54 -18.23
C GLY D 501 -42.12 42.46 -19.32
N LYS E 1 -0.56 18.70 53.83
CA LYS E 1 0.41 18.96 54.89
C LYS E 1 1.24 17.71 55.22
N LYS E 2 0.64 16.54 55.08
CA LYS E 2 1.34 15.29 55.40
C LYS E 2 1.76 14.50 54.15
N ALA E 3 3.04 14.16 54.06
CA ALA E 3 3.57 13.39 52.93
C ALA E 3 4.62 12.37 53.38
N ARG E 4 4.43 11.12 52.97
CA ARG E 4 5.32 10.04 53.41
C ARG E 4 5.83 9.22 52.22
N MET E 5 6.96 8.54 52.44
CA MET E 5 7.67 7.84 51.37
C MET E 5 8.66 6.83 51.94
N THR E 6 8.51 5.58 51.57
CA THR E 6 9.40 4.52 52.05
C THR E 6 10.54 4.20 51.07
N VAL E 7 11.68 3.79 51.62
CA VAL E 7 12.94 3.73 50.89
C VAL E 7 13.70 2.43 51.18
N ASP E 8 13.65 1.46 50.27
CA ASP E 8 14.20 0.13 50.54
C ASP E 8 15.24 -0.32 49.51
N LYS E 9 16.50 -0.46 49.96
CA LYS E 9 17.61 -0.89 49.11
C LYS E 9 17.35 -2.21 48.37
N ASP E 10 16.46 -3.03 48.92
CA ASP E 10 16.07 -4.29 48.29
C ASP E 10 15.08 -4.03 47.16
N TYR E 11 14.49 -2.84 47.16
CA TYR E 11 13.50 -2.48 46.14
C TYR E 11 14.05 -1.51 45.09
N LYS E 12 14.84 -2.06 44.17
CA LYS E 12 15.59 -1.25 43.22
C LYS E 12 14.82 -0.96 41.95
N ILE E 13 15.30 0.02 41.20
CA ILE E 13 14.82 0.28 39.85
C ILE E 13 15.92 -0.04 38.85
N ALA E 14 17.10 0.52 39.05
CA ALA E 14 18.23 0.35 38.15
C ALA E 14 19.49 1.05 38.67
N GLU E 15 20.65 0.64 38.15
CA GLU E 15 21.87 1.42 38.34
C GLU E 15 21.82 2.58 37.38
N ILE E 16 22.10 3.76 37.90
CA ILE E 16 22.14 4.93 37.06
C ILE E 16 23.35 4.86 36.14
N ASP E 17 23.15 5.29 34.90
CA ASP E 17 24.23 5.42 33.92
C ASP E 17 24.57 6.89 33.88
N LYS E 18 25.84 7.22 34.10
CA LYS E 18 26.23 8.63 34.19
C LYS E 18 25.84 9.44 32.94
N ARG E 19 25.66 8.76 31.82
CA ARG E 19 25.31 9.45 30.59
C ARG E 19 23.91 10.09 30.54
N ILE E 20 23.09 9.91 31.59
CA ILE E 20 21.88 10.74 31.69
C ILE E 20 22.20 12.15 32.18
N TYR E 21 23.47 12.42 32.47
CA TYR E 21 23.89 13.75 32.87
C TYR E 21 24.70 14.35 31.72
N GLY E 22 24.40 13.87 30.52
CA GLY E 22 25.02 14.40 29.32
C GLY E 22 24.49 15.78 28.98
N SER E 23 25.08 16.38 27.96
CA SER E 23 24.57 17.63 27.41
C SER E 23 24.88 17.69 25.93
N PHE E 24 24.83 18.90 25.38
CA PHE E 24 24.64 19.07 23.95
C PHE E 24 25.23 20.43 23.55
N VAL E 25 26.04 20.45 22.49
CA VAL E 25 26.48 21.72 21.92
C VAL E 25 26.27 21.72 20.42
N GLU E 26 25.46 22.66 19.92
CA GLU E 26 25.21 22.76 18.48
C GLU E 26 25.86 24.00 17.92
N HIS E 27 26.27 23.95 16.64
CA HIS E 27 26.69 25.14 15.92
C HIS E 27 25.49 26.05 15.71
N LEU E 28 25.02 26.62 16.81
CA LEU E 28 23.84 27.46 16.85
C LEU E 28 24.22 28.68 17.65
N GLY E 29 23.82 29.85 17.18
CA GLY E 29 24.00 31.07 17.93
C GLY E 29 25.40 31.32 18.45
N ARG E 30 25.48 31.61 19.74
CA ARG E 30 26.76 31.89 20.37
C ARG E 30 27.27 30.71 21.20
N ALA E 31 26.70 29.53 20.97
CA ALA E 31 27.12 28.33 21.70
C ALA E 31 28.60 28.11 21.57
N VAL E 32 29.09 28.23 20.34
CA VAL E 32 30.50 27.99 20.07
C VAL E 32 31.24 29.32 19.90
N TYR E 33 30.99 29.99 18.77
CA TYR E 33 31.61 31.28 18.53
C TYR E 33 31.06 32.27 19.53
N ASP E 34 31.98 32.96 20.22
CA ASP E 34 31.61 33.89 21.29
C ASP E 34 30.89 33.14 22.41
N GLY E 35 31.26 31.88 22.59
CA GLY E 35 30.77 31.06 23.68
C GLY E 35 31.95 30.28 24.24
N LEU E 36 31.92 28.97 24.05
CA LEU E 36 33.06 28.15 24.42
C LEU E 36 34.33 28.57 23.69
N TYR E 37 34.22 29.07 22.47
CA TYR E 37 35.39 29.39 21.66
C TYR E 37 35.56 30.89 21.46
N GLN E 38 36.64 31.45 21.98
CA GLN E 38 36.94 32.88 21.89
C GLN E 38 38.45 33.16 21.75
N PRO E 39 39.02 32.90 20.56
CA PRO E 39 40.44 32.93 20.15
C PRO E 39 41.48 33.68 20.98
N GLY E 40 41.41 35.01 21.07
CA GLY E 40 42.46 35.74 21.77
C GLY E 40 42.02 36.56 22.96
N ASN E 41 40.94 36.13 23.61
CA ASN E 41 40.39 36.75 24.80
C ASN E 41 41.30 36.47 26.01
N SER E 42 41.37 37.41 26.96
CA SER E 42 42.20 37.23 28.16
C SER E 42 41.82 36.01 29.02
N LYS E 43 40.54 35.64 28.96
CA LYS E 43 40.05 34.50 29.72
C LYS E 43 40.23 33.13 29.01
N SER E 44 40.90 33.11 27.86
CA SER E 44 41.03 31.89 27.06
C SER E 44 42.45 31.34 26.98
N ASP E 45 42.57 30.03 26.75
CA ASP E 45 43.88 29.41 26.63
C ASP E 45 44.51 29.64 25.25
N GLU E 46 45.62 28.94 24.96
CA GLU E 46 46.31 29.09 23.69
C GLU E 46 45.39 28.72 22.53
N ASP E 47 44.66 27.62 22.73
CA ASP E 47 43.78 27.05 21.72
C ASP E 47 42.56 27.92 21.39
N GLY E 48 42.26 28.90 22.23
CA GLY E 48 41.14 29.78 21.99
C GLY E 48 39.95 29.51 22.90
N PHE E 49 40.03 28.45 23.70
CA PHE E 49 38.93 28.08 24.57
C PHE E 49 38.85 28.95 25.84
N ARG E 50 37.65 29.45 26.12
CA ARG E 50 37.40 30.18 27.36
C ARG E 50 37.52 29.28 28.59
N LYS E 51 38.55 29.57 29.40
CA LYS E 51 38.91 28.73 30.56
C LYS E 51 37.84 28.72 31.65
N ASP E 52 37.16 29.86 31.83
CA ASP E 52 36.13 29.96 32.86
C ASP E 52 34.89 29.14 32.52
N VAL E 53 34.56 29.13 31.24
CA VAL E 53 33.56 28.23 30.68
C VAL E 53 33.96 26.77 30.99
N ILE E 54 35.19 26.42 30.60
CA ILE E 54 35.70 25.08 30.84
C ILE E 54 35.48 24.64 32.28
N GLU E 55 35.76 25.54 33.23
CA GLU E 55 35.57 25.23 34.64
C GLU E 55 34.09 25.03 35.01
N LEU E 56 33.21 25.88 34.48
CA LEU E 56 31.79 25.77 34.77
C LEU E 56 31.22 24.44 34.26
N VAL E 57 31.69 24.00 33.10
CA VAL E 57 31.24 22.72 32.56
C VAL E 57 31.65 21.58 33.52
N LYS E 58 32.88 21.65 34.02
CA LYS E 58 33.35 20.60 34.92
C LYS E 58 32.52 20.52 36.20
N GLU E 59 32.04 21.66 36.69
CA GLU E 59 31.15 21.69 37.85
C GLU E 59 29.83 20.92 37.63
N LEU E 60 29.47 20.64 36.38
CA LEU E 60 28.27 19.86 36.11
C LEU E 60 28.56 18.39 35.88
N ASN E 61 29.84 18.03 35.89
CA ASN E 61 30.26 16.63 35.75
C ASN E 61 29.60 15.97 34.56
N VAL E 62 29.79 16.53 33.37
CA VAL E 62 29.15 16.05 32.17
C VAL E 62 30.03 15.02 31.47
N PRO E 63 29.57 13.78 31.39
CA PRO E 63 30.40 12.70 30.87
C PRO E 63 30.32 12.59 29.35
N ILE E 64 29.32 13.25 28.77
CA ILE E 64 29.04 13.06 27.35
C ILE E 64 28.33 14.28 26.73
N ILE E 65 28.85 14.74 25.61
CA ILE E 65 28.25 15.88 24.91
C ILE E 65 27.89 15.58 23.45
N ALA E 66 26.62 15.74 23.13
CA ALA E 66 26.11 15.62 21.76
C ALA E 66 26.63 16.78 20.93
N TYR E 67 26.96 16.48 19.67
CA TYR E 67 27.60 17.43 18.78
C TYR E 67 27.51 16.84 17.35
N PRO E 68 27.41 17.70 16.32
CA PRO E 68 27.27 19.16 16.33
C PRO E 68 25.82 19.62 16.07
N GLY E 69 24.85 18.72 16.22
CA GLY E 69 23.45 19.10 16.14
C GLY E 69 22.50 17.95 16.42
N GLY E 70 21.19 18.21 16.41
CA GLY E 70 20.67 19.54 16.15
C GLY E 70 20.39 19.79 14.67
N ASN E 71 19.47 20.71 14.37
CA ASN E 71 19.06 20.92 12.98
C ASN E 71 20.26 21.20 12.06
N PHE E 72 21.26 21.86 12.62
CA PHE E 72 22.50 22.18 11.92
C PHE E 72 23.16 21.00 11.16
N VAL E 73 23.15 19.81 11.76
CA VAL E 73 23.88 18.70 11.18
C VAL E 73 23.25 18.23 9.86
N SER E 74 21.94 18.42 9.73
CA SER E 74 21.22 17.87 8.56
C SER E 74 21.64 18.44 7.22
N ASN E 75 22.41 19.53 7.22
CA ASN E 75 22.98 20.07 5.99
C ASN E 75 24.43 20.45 6.20
N TYR E 76 25.06 19.74 7.14
CA TYR E 76 26.47 19.96 7.44
C TYR E 76 27.40 19.02 6.65
N PHE E 77 28.50 19.57 6.14
CA PHE E 77 29.50 18.75 5.48
C PHE E 77 30.78 18.68 6.32
N TRP E 78 30.91 17.62 7.11
CA TRP E 78 32.02 17.49 8.07
C TRP E 78 33.43 17.85 7.54
N GLU E 79 33.73 17.54 6.28
CA GLU E 79 35.03 17.87 5.68
C GLU E 79 35.35 19.38 5.68
N ASP E 80 34.31 20.19 5.81
CA ASP E 80 34.41 21.65 5.88
C ASP E 80 35.06 22.14 7.18
N GLY E 81 34.98 21.34 8.24
CA GLY E 81 35.46 21.75 9.55
C GLY E 81 36.76 21.12 9.99
N VAL E 82 37.46 20.46 9.06
CA VAL E 82 38.73 19.83 9.37
C VAL E 82 39.81 20.26 8.38
N GLY E 83 41.07 19.96 8.73
CA GLY E 83 42.20 20.37 7.93
C GLY E 83 42.61 21.82 8.20
N PRO E 84 43.59 22.32 7.43
CA PRO E 84 44.06 23.71 7.48
C PRO E 84 42.89 24.68 7.55
N VAL E 85 42.85 25.48 8.61
CA VAL E 85 41.73 26.38 8.86
C VAL E 85 41.57 27.44 7.73
N GLU E 86 42.67 27.78 7.06
CA GLU E 86 42.64 28.75 5.96
C GLU E 86 41.86 28.25 4.76
N ASP E 87 41.77 26.92 4.65
CA ASP E 87 41.10 26.26 3.53
C ASP E 87 39.71 25.72 3.85
N ARG E 88 39.13 26.19 4.95
CA ARG E 88 37.77 25.82 5.29
C ARG E 88 36.83 26.89 4.77
N PRO E 89 35.78 26.43 4.06
CA PRO E 89 34.79 27.32 3.45
C PRO E 89 33.89 27.94 4.50
N ARG E 90 33.32 29.08 4.18
CA ARG E 90 32.19 29.57 4.93
C ARG E 90 30.94 28.99 4.28
N ARG E 91 30.02 28.46 5.07
CA ARG E 91 28.83 27.81 4.54
C ARG E 91 27.54 28.45 5.05
N LEU E 92 26.50 28.45 4.22
CA LEU E 92 25.20 28.89 4.73
C LEU E 92 24.69 27.80 5.64
N ASP E 93 24.24 28.17 6.82
CA ASP E 93 23.51 27.24 7.64
C ASP E 93 22.02 27.52 7.49
N LEU E 94 21.30 26.60 6.86
CA LEU E 94 19.90 26.84 6.48
C LEU E 94 19.00 26.71 7.68
N ALA E 95 19.43 25.92 8.65
CA ALA E 95 18.61 25.70 9.84
C ALA E 95 18.45 27.00 10.62
N TRP E 96 19.56 27.70 10.82
CA TRP E 96 19.53 28.89 11.65
C TRP E 96 19.88 30.19 10.93
N LYS E 97 19.79 30.17 9.60
CA LYS E 97 19.88 31.38 8.78
C LYS E 97 21.14 32.19 9.13
N SER E 98 22.24 31.46 9.28
CA SER E 98 23.49 32.04 9.75
C SER E 98 24.62 31.63 8.83
N ILE E 99 25.72 32.36 8.90
CA ILE E 99 26.92 31.97 8.21
C ILE E 99 27.78 31.21 9.18
N GLU E 100 28.12 29.98 8.81
CA GLU E 100 29.02 29.14 9.59
C GLU E 100 30.43 29.22 9.02
N PRO E 101 31.37 29.80 9.78
CA PRO E 101 32.76 29.97 9.36
C PRO E 101 33.61 28.69 9.48
N ASN E 102 33.20 27.75 10.33
CA ASN E 102 33.88 26.46 10.46
C ASN E 102 35.31 26.47 11.03
N GLN E 103 35.63 27.49 11.82
CA GLN E 103 36.90 27.56 12.53
C GLN E 103 36.96 26.46 13.60
N VAL E 104 35.82 26.20 14.24
CA VAL E 104 35.69 25.04 15.10
C VAL E 104 35.01 23.89 14.37
N GLY E 105 35.68 22.74 14.31
CA GLY E 105 35.04 21.56 13.77
C GLY E 105 35.71 20.23 14.05
N ILE E 106 34.98 19.35 14.74
CA ILE E 106 35.45 17.99 15.02
C ILE E 106 36.75 17.96 15.80
N ASN E 107 37.88 18.31 15.17
CA ASN E 107 39.15 18.23 15.88
C ASN E 107 39.28 19.25 17.03
N GLU E 108 38.89 20.50 16.77
CA GLU E 108 38.87 21.51 17.82
C GLU E 108 37.87 21.16 18.93
N PHE E 109 36.71 20.62 18.56
CA PHE E 109 35.71 20.27 19.56
C PHE E 109 36.08 18.98 20.30
N ALA E 110 36.86 18.12 19.64
CA ALA E 110 37.25 16.87 20.29
C ALA E 110 38.22 17.17 21.43
N LYS E 111 39.00 18.24 21.29
CA LYS E 111 39.98 18.55 22.34
C LYS E 111 39.41 19.44 23.43
N TRP E 112 38.34 20.17 23.13
CA TRP E 112 37.59 20.90 24.16
C TRP E 112 36.93 19.90 25.09
N CYS E 113 36.44 18.82 24.51
CA CYS E 113 35.77 17.78 25.28
C CYS E 113 36.73 17.12 26.27
N LYS E 114 38.02 17.05 25.92
CA LYS E 114 39.03 16.52 26.84
C LYS E 114 39.08 17.42 28.06
N LYS E 115 39.35 18.69 27.79
CA LYS E 115 39.45 19.69 28.83
C LYS E 115 38.25 19.77 29.76
N VAL E 116 37.10 19.23 29.35
CA VAL E 116 35.92 19.26 30.22
C VAL E 116 35.55 17.89 30.78
N ASN E 117 36.44 16.91 30.60
CA ASN E 117 36.21 15.54 31.06
C ASN E 117 34.94 14.92 30.47
N ALA E 118 34.85 14.94 29.14
CA ALA E 118 33.66 14.51 28.44
C ALA E 118 33.99 13.86 27.11
N GLU E 119 33.18 12.85 26.76
CA GLU E 119 33.25 12.26 25.45
C GLU E 119 32.22 12.94 24.52
N ILE E 120 32.53 12.96 23.24
CA ILE E 120 31.58 13.36 22.20
C ILE E 120 30.53 12.26 21.92
N MET E 121 29.28 12.67 21.75
CA MET E 121 28.30 11.85 21.02
C MET E 121 28.09 12.48 19.63
N MET E 122 28.56 11.80 18.58
CA MET E 122 28.56 12.40 17.23
C MET E 122 27.30 12.16 16.36
N ALA E 123 26.73 13.24 15.84
CA ALA E 123 25.60 13.18 14.92
C ALA E 123 26.08 13.21 13.48
N VAL E 124 25.42 12.46 12.60
CA VAL E 124 25.81 12.47 11.20
C VAL E 124 24.71 13.04 10.32
N ASN E 125 25.11 13.76 9.28
CA ASN E 125 24.14 14.26 8.31
C ASN E 125 23.45 13.10 7.59
N LEU E 126 22.16 12.95 7.82
CA LEU E 126 21.35 12.02 7.04
C LEU E 126 20.22 12.78 6.36
N GLY E 127 20.45 14.07 6.17
CA GLY E 127 19.50 14.94 5.52
C GLY E 127 19.86 15.12 4.05
N THR E 128 21.02 15.73 3.78
CA THR E 128 21.52 15.90 2.42
C THR E 128 22.64 14.90 2.11
N ARG E 129 23.01 14.09 3.09
CA ARG E 129 24.07 13.09 2.87
C ARG E 129 23.61 11.68 3.30
N GLY E 130 24.42 10.66 3.04
CA GLY E 130 24.00 9.29 3.28
C GLY E 130 25.04 8.32 3.79
N ILE E 131 24.88 7.06 3.43
CA ILE E 131 25.71 5.96 3.93
C ILE E 131 27.23 6.19 3.75
N SER E 132 27.66 6.46 2.53
CA SER E 132 29.08 6.57 2.27
C SER E 132 29.72 7.69 3.08
N ASP E 133 28.97 8.77 3.27
CA ASP E 133 29.50 9.93 3.96
C ASP E 133 29.54 9.71 5.46
N ALA E 134 28.71 8.81 5.97
CA ALA E 134 28.72 8.49 7.38
C ALA E 134 29.82 7.48 7.64
N CYS E 135 30.12 6.68 6.63
CA CYS E 135 31.23 5.75 6.72
C CYS E 135 32.54 6.51 6.81
N ASN E 136 32.73 7.47 5.90
CA ASN E 136 33.97 8.25 5.85
C ASN E 136 34.29 8.89 7.19
N LEU E 137 33.26 9.50 7.79
CA LEU E 137 33.43 10.27 9.01
C LEU E 137 33.80 9.32 10.14
N LEU E 138 33.12 8.17 10.20
CA LEU E 138 33.42 7.16 11.21
C LEU E 138 34.86 6.65 11.02
N GLU E 139 35.27 6.51 9.77
CA GLU E 139 36.59 6.02 9.49
C GLU E 139 37.60 7.05 9.98
N TYR E 140 37.34 8.31 9.63
CA TYR E 140 38.17 9.43 10.06
C TYR E 140 38.34 9.49 11.58
N CYS E 141 37.28 9.20 12.31
CA CYS E 141 37.28 9.39 13.75
C CYS E 141 37.75 8.18 14.49
N ASN E 142 37.44 6.99 13.97
CA ASN E 142 37.61 5.78 14.77
C ASN E 142 38.63 4.78 14.28
N HIS E 143 38.95 4.83 12.99
CA HIS E 143 39.94 3.89 12.48
C HIS E 143 41.35 4.41 12.74
N PRO E 144 42.22 3.56 13.31
CA PRO E 144 43.53 4.01 13.82
C PRO E 144 44.42 4.61 12.73
N GLY E 145 44.55 3.94 11.59
CA GLY E 145 45.37 4.42 10.50
C GLY E 145 45.48 3.40 9.38
N GLY E 146 46.03 3.82 8.24
CA GLY E 146 46.22 2.89 7.15
C GLY E 146 45.15 2.88 6.07
N SER E 147 44.24 3.85 6.10
CA SER E 147 43.23 3.99 5.06
C SER E 147 43.08 5.46 4.71
N LYS E 148 42.37 5.75 3.62
CA LYS E 148 42.19 7.11 3.16
C LYS E 148 41.83 8.09 4.28
N TYR E 149 40.84 7.77 5.10
CA TYR E 149 40.28 8.75 6.03
C TYR E 149 40.95 8.77 7.40
N SER E 150 41.34 7.60 7.88
CA SER E 150 42.20 7.50 9.06
C SER E 150 43.50 8.30 8.86
N ASP E 151 44.24 8.01 7.78
CA ASP E 151 45.45 8.77 7.48
C ASP E 151 45.19 10.26 7.36
N MET E 152 44.03 10.62 6.82
CA MET E 152 43.67 12.03 6.67
C MET E 152 43.61 12.72 8.03
N ARG E 153 43.06 12.02 9.02
CA ARG E 153 42.96 12.57 10.37
C ARG E 153 44.34 12.77 10.98
N ILE E 154 45.23 11.82 10.70
CA ILE E 154 46.61 11.87 11.18
C ILE E 154 47.34 13.04 10.54
N LYS E 155 47.10 13.25 9.25
CA LYS E 155 47.69 14.38 8.55
C LYS E 155 47.15 15.71 9.10
N HIS E 156 45.92 15.69 9.60
CA HIS E 156 45.31 16.92 10.06
C HIS E 156 45.82 17.32 11.44
N GLY E 157 46.56 16.42 12.09
CA GLY E 157 47.18 16.72 13.37
C GLY E 157 46.71 15.94 14.59
N VAL E 158 46.06 14.80 14.37
CA VAL E 158 45.52 13.99 15.47
C VAL E 158 45.90 12.52 15.24
N LYS E 159 46.82 11.99 16.04
CA LYS E 159 47.45 10.72 15.68
C LYS E 159 46.65 9.52 16.14
N GLU E 160 46.10 9.65 17.34
CA GLU E 160 45.20 8.63 17.89
C GLU E 160 43.77 9.02 17.54
N PRO E 161 42.99 8.06 17.01
CA PRO E 161 41.57 8.23 16.72
C PRO E 161 40.79 8.65 17.96
N HIS E 162 39.82 9.54 17.78
CA HIS E 162 38.93 9.98 18.86
C HIS E 162 38.14 8.83 19.47
N ASN E 163 37.96 7.75 18.72
CA ASN E 163 37.24 6.59 19.20
C ASN E 163 35.93 6.98 19.87
N ILE E 164 35.05 7.56 19.07
CA ILE E 164 33.73 8.00 19.52
C ILE E 164 32.78 6.82 19.75
N LYS E 165 32.17 6.76 20.92
CA LYS E 165 31.41 5.57 21.32
C LYS E 165 29.97 5.54 20.82
N VAL E 166 29.29 6.68 20.87
CA VAL E 166 27.89 6.73 20.48
C VAL E 166 27.70 7.65 19.28
N TRP E 167 26.87 7.24 18.31
CA TRP E 167 26.58 8.08 17.16
C TRP E 167 25.07 8.21 16.99
N CYS E 168 24.60 9.40 16.60
CA CYS E 168 23.19 9.60 16.25
C CYS E 168 22.99 9.53 14.74
N LEU E 169 22.00 8.74 14.32
CA LEU E 169 21.70 8.58 12.90
C LEU E 169 20.83 9.72 12.40
N GLY E 170 21.47 10.88 12.16
CA GLY E 170 20.80 12.06 11.68
C GLY E 170 20.17 12.83 12.81
N ASN E 171 19.37 13.84 12.47
CA ASN E 171 18.65 14.58 13.47
C ASN E 171 17.24 14.93 13.08
N GLU E 172 16.26 14.63 13.95
N GLU E 172 16.33 14.62 14.02
CA GLU E 172 14.93 15.22 13.84
CA GLU E 172 14.88 14.71 13.88
C GLU E 172 14.38 15.36 12.43
C GLU E 172 14.43 15.24 12.55
N MET E 173 14.47 14.32 11.60
CA MET E 173 14.07 14.56 10.22
C MET E 173 12.59 14.37 10.00
N ASP E 174 11.83 14.24 11.07
CA ASP E 174 10.40 14.07 10.97
C ASP E 174 9.69 15.42 10.89
N GLY E 175 10.43 16.50 11.09
CA GLY E 175 9.80 17.81 11.10
C GLY E 175 9.97 18.63 9.83
N PRO E 176 8.88 19.29 9.40
CA PRO E 176 8.85 20.19 8.23
C PRO E 176 9.82 21.40 8.28
N TRP E 177 10.47 21.63 9.41
CA TRP E 177 11.45 22.70 9.50
C TRP E 177 12.87 22.24 9.12
N GLN E 178 13.06 20.93 8.94
CA GLN E 178 14.39 20.36 8.74
C GLN E 178 14.79 20.18 7.27
N VAL E 179 16.00 20.57 6.92
CA VAL E 179 16.44 20.31 5.56
C VAL E 179 16.65 18.81 5.48
N GLY E 180 16.15 18.20 4.40
CA GLY E 180 16.27 16.77 4.22
C GLY E 180 15.25 15.99 5.02
N HIS E 181 14.16 16.66 5.38
CA HIS E 181 13.01 16.00 5.97
C HIS E 181 12.71 14.65 5.31
N LYS E 182 12.49 13.61 6.13
CA LYS E 182 12.20 12.26 5.62
C LYS E 182 10.88 11.73 6.19
N THR E 183 10.23 10.83 5.45
CA THR E 183 9.08 10.09 5.97
C THR E 183 9.63 9.03 6.91
N MET E 184 8.78 8.49 7.77
CA MET E 184 9.25 7.46 8.69
C MET E 184 9.79 6.23 7.97
N ASP E 185 9.28 5.95 6.78
CA ASP E 185 9.79 4.81 6.02
C ASP E 185 11.13 5.15 5.41
N GLU E 186 11.23 6.35 4.83
CA GLU E 186 12.48 6.80 4.22
C GLU E 186 13.59 6.79 5.26
N TYR E 187 13.27 7.31 6.44
CA TYR E 187 14.25 7.39 7.50
C TYR E 187 14.56 6.00 8.08
N GLY E 188 13.53 5.19 8.26
CA GLY E 188 13.73 3.82 8.74
C GLY E 188 14.75 3.06 7.89
N ARG E 189 14.54 3.11 6.60
CA ARG E 189 15.44 2.48 5.65
C ARG E 189 16.85 3.05 5.70
N ILE E 190 16.96 4.37 5.77
CA ILE E 190 18.28 5.01 5.72
C ILE E 190 19.06 4.77 7.03
N ALA E 191 18.39 4.84 8.17
CA ALA E 191 19.04 4.61 9.44
C ALA E 191 19.53 3.16 9.49
N GLU E 192 18.68 2.25 9.01
CA GLU E 192 18.99 0.83 8.99
C GLU E 192 20.25 0.56 8.21
N GLU E 193 20.29 1.04 6.97
CA GLU E 193 21.43 0.78 6.11
C GLU E 193 22.72 1.50 6.56
N THR E 194 22.58 2.72 7.04
CA THR E 194 23.71 3.43 7.62
C THR E 194 24.28 2.69 8.85
N ALA E 195 23.38 2.21 9.72
CA ALA E 195 23.78 1.45 10.88
C ALA E 195 24.57 0.20 10.48
N ARG E 196 24.04 -0.53 9.49
CA ARG E 196 24.63 -1.76 9.03
C ARG E 196 26.06 -1.53 8.56
N ALA E 197 26.26 -0.44 7.84
CA ALA E 197 27.56 -0.15 7.26
C ALA E 197 28.56 0.31 8.31
N MET E 198 28.13 1.20 9.19
CA MET E 198 28.98 1.74 10.25
C MET E 198 29.47 0.66 11.21
N LYS E 199 28.58 -0.29 11.52
CA LYS E 199 28.97 -1.40 12.37
C LYS E 199 29.97 -2.34 11.69
N MET E 200 30.12 -2.22 10.38
CA MET E 200 31.13 -3.01 9.70
C MET E 200 32.52 -2.37 9.83
N ILE E 201 32.55 -1.05 9.97
CA ILE E 201 33.82 -0.35 10.16
C ILE E 201 34.28 -0.44 11.62
N ASP E 202 33.33 -0.35 12.55
CA ASP E 202 33.61 -0.35 13.97
C ASP E 202 32.45 -0.98 14.75
N PRO E 203 32.55 -2.29 15.03
CA PRO E 203 31.50 -3.03 15.72
C PRO E 203 31.30 -2.58 17.16
N SER E 204 32.20 -1.75 17.70
CA SER E 204 32.14 -1.46 19.13
C SER E 204 31.32 -0.21 19.46
N ILE E 205 30.85 0.50 18.41
CA ILE E 205 30.00 1.68 18.57
C ILE E 205 28.55 1.35 18.94
N GLU E 206 27.86 2.35 19.45
CA GLU E 206 26.43 2.27 19.68
C GLU E 206 25.73 3.30 18.78
N LEU E 207 24.53 2.97 18.34
CA LEU E 207 23.82 3.88 17.44
C LEU E 207 22.47 4.26 18.00
N VAL E 208 22.19 5.54 17.87
CA VAL E 208 20.90 6.10 18.23
C VAL E 208 20.07 6.38 16.98
N ALA E 209 18.90 5.76 16.91
CA ALA E 209 17.92 6.10 15.88
C ALA E 209 17.07 7.30 16.32
N CYS E 210 16.77 8.19 15.38
CA CYS E 210 15.95 9.35 15.67
C CYS E 210 14.50 8.97 15.96
N GLY E 211 14.01 9.39 17.12
CA GLY E 211 12.60 9.27 17.43
C GLY E 211 11.90 10.51 16.92
N SER E 212 10.67 10.72 17.39
CA SER E 212 9.92 11.90 17.02
C SER E 212 10.55 13.16 17.60
N SER E 213 10.35 14.28 16.91
CA SER E 213 10.81 15.57 17.39
C SER E 213 10.21 15.95 18.74
N SER E 214 8.92 15.65 18.92
CA SER E 214 8.25 15.83 20.20
C SER E 214 7.03 14.91 20.26
N LYS E 215 6.46 14.73 21.45
CA LYS E 215 5.29 13.87 21.55
C LYS E 215 4.03 14.44 20.89
N ASP E 216 4.12 15.62 20.32
CA ASP E 216 2.97 16.30 19.73
C ASP E 216 2.97 16.22 18.22
N MET E 217 4.05 15.67 17.67
CA MET E 217 4.13 15.37 16.25
C MET E 217 3.05 14.35 15.93
N PRO E 218 2.23 14.63 14.90
CA PRO E 218 1.14 13.74 14.49
C PRO E 218 1.60 12.30 14.24
N THR E 219 2.87 12.12 13.90
CA THR E 219 3.41 10.81 13.58
C THR E 219 4.07 10.11 14.76
N PHE E 220 3.96 10.69 15.95
CA PHE E 220 4.34 9.99 17.18
C PHE E 220 3.15 9.15 17.64
N PRO E 221 3.39 7.90 18.08
CA PRO E 221 4.65 7.17 18.18
C PRO E 221 4.84 6.22 17.04
N GLN E 222 4.04 6.34 15.99
CA GLN E 222 4.16 5.48 14.83
C GLN E 222 5.53 5.59 14.14
N TRP E 223 6.12 6.79 14.14
CA TRP E 223 7.48 7.03 13.66
C TRP E 223 8.45 6.10 14.40
N GLU E 224 8.36 6.06 15.72
CA GLU E 224 9.20 5.17 16.52
C GLU E 224 8.99 3.69 16.16
N ALA E 225 7.74 3.25 16.13
CA ALA E 225 7.44 1.86 15.83
C ALA E 225 8.02 1.51 14.46
N THR E 226 7.79 2.40 13.50
CA THR E 226 8.24 2.11 12.15
C THR E 226 9.75 2.08 12.00
N VAL E 227 10.42 3.12 12.49
CA VAL E 227 11.86 3.23 12.38
C VAL E 227 12.54 2.04 13.05
N LEU E 228 12.12 1.72 14.26
CA LEU E 228 12.67 0.57 14.96
C LEU E 228 12.35 -0.75 14.25
N ASP E 229 11.20 -0.86 13.61
CA ASP E 229 10.84 -2.06 12.85
C ASP E 229 11.87 -2.31 11.76
N TYR E 230 12.39 -1.24 11.19
CA TYR E 230 13.44 -1.39 10.20
C TYR E 230 14.81 -1.70 10.82
N ALA E 231 15.21 -0.90 11.81
CA ALA E 231 16.63 -0.83 12.22
C ALA E 231 16.96 -1.51 13.54
N TYR E 232 16.00 -2.23 14.12
CA TYR E 232 16.17 -2.87 15.43
C TYR E 232 17.49 -3.62 15.64
N ASP E 233 17.85 -4.48 14.70
CA ASP E 233 18.99 -5.35 14.89
C ASP E 233 20.31 -4.59 14.77
N TYR E 234 20.27 -3.32 14.36
CA TYR E 234 21.51 -2.57 14.16
C TYR E 234 21.67 -1.33 15.05
N VAL E 235 20.66 -0.98 15.82
CA VAL E 235 20.70 0.20 16.67
C VAL E 235 20.56 -0.14 18.16
N ASP E 236 20.94 0.79 19.03
CA ASP E 236 20.92 0.51 20.46
C ASP E 236 19.94 1.42 21.21
N TYR E 237 19.67 2.60 20.64
CA TYR E 237 18.77 3.55 21.28
C TYR E 237 17.75 4.18 20.34
N ILE E 238 16.68 4.65 20.94
CA ILE E 238 15.74 5.52 20.28
C ILE E 238 15.81 6.88 21.00
N SER E 239 15.83 7.98 20.23
CA SER E 239 15.96 9.31 20.84
C SER E 239 14.62 9.93 21.19
N LEU E 240 14.63 10.77 22.21
CA LEU E 240 13.45 11.53 22.65
C LEU E 240 13.82 12.98 22.86
N HIS E 241 12.92 13.87 22.47
CA HIS E 241 13.12 15.28 22.71
C HIS E 241 11.90 15.78 23.48
N GLN E 242 12.12 16.69 24.42
CA GLN E 242 11.00 17.40 25.06
C GLN E 242 11.43 18.73 25.62
N TYR E 243 10.55 19.72 25.47
CA TYR E 243 10.80 21.08 25.88
C TYR E 243 9.51 21.68 26.44
N TYR E 244 9.61 22.37 27.56
CA TYR E 244 8.43 22.97 28.19
C TYR E 244 8.55 24.49 28.29
N GLY E 245 7.41 25.17 28.31
CA GLY E 245 7.37 26.63 28.35
C GLY E 245 6.22 27.17 29.20
N ASN E 246 6.36 28.40 29.67
CA ASN E 246 5.34 29.00 30.52
C ASN E 246 4.80 30.33 29.99
N LYS E 247 4.31 30.33 28.76
CA LYS E 247 3.75 31.55 28.20
C LYS E 247 2.38 31.86 28.82
N GLU E 248 1.69 30.82 29.27
CA GLU E 248 0.41 30.96 29.94
C GLU E 248 0.57 31.72 31.26
N ASN E 249 1.81 31.80 31.73
CA ASN E 249 2.13 32.32 33.04
C ASN E 249 1.41 31.56 34.16
N ASP E 250 1.23 30.26 33.94
CA ASP E 250 0.54 29.43 34.90
C ASP E 250 1.55 28.56 35.65
N THR E 251 2.19 29.15 36.65
CA THR E 251 3.30 28.49 37.34
C THR E 251 2.94 27.12 37.93
N ALA E 252 1.66 26.91 38.24
CA ALA E 252 1.23 25.65 38.84
C ALA E 252 1.06 24.56 37.79
N ASP E 253 0.42 24.92 36.67
CA ASP E 253 0.30 24.00 35.55
C ASP E 253 1.67 23.65 34.98
N PHE E 254 2.47 24.67 34.70
CA PHE E 254 3.85 24.55 34.25
C PHE E 254 4.64 23.56 35.09
N LEU E 255 4.48 23.62 36.41
CA LEU E 255 5.21 22.71 37.30
C LEU E 255 4.64 21.29 37.28
N ALA E 256 3.58 21.09 36.50
CA ALA E 256 2.94 19.78 36.41
C ALA E 256 3.32 19.08 35.11
N LYS E 257 4.07 19.78 34.27
CA LYS E 257 4.41 19.25 32.95
C LYS E 257 5.48 18.16 33.00
N SER E 258 6.02 17.88 34.18
CA SER E 258 6.92 16.74 34.34
C SER E 258 6.12 15.44 34.34
N ASP E 259 4.80 15.59 34.44
CA ASP E 259 3.90 14.45 34.37
C ASP E 259 3.63 14.06 32.92
N ASP E 260 3.64 15.03 32.02
CA ASP E 260 3.50 14.74 30.60
C ASP E 260 4.79 14.15 30.07
N LEU E 261 5.88 14.39 30.79
CA LEU E 261 7.19 13.89 30.40
C LEU E 261 7.25 12.43 30.78
N ASP E 262 6.78 12.15 31.99
CA ASP E 262 6.71 10.80 32.49
C ASP E 262 5.86 9.94 31.55
N ASP E 263 4.78 10.53 31.04
CA ASP E 263 3.86 9.81 30.18
C ASP E 263 4.49 9.62 28.81
N PHE E 264 5.24 10.63 28.39
CA PHE E 264 5.99 10.58 27.15
C PHE E 264 6.99 9.41 27.18
N ILE E 265 7.79 9.33 28.25
CA ILE E 265 8.76 8.26 28.40
C ILE E 265 8.11 6.88 28.33
N ARG E 266 7.02 6.72 29.07
CA ARG E 266 6.32 5.44 29.14
C ARG E 266 5.84 4.96 27.77
N SER E 267 5.31 5.88 26.97
CA SER E 267 4.83 5.55 25.64
C SER E 267 5.97 5.09 24.72
N VAL E 268 7.12 5.71 24.88
CA VAL E 268 8.24 5.36 24.05
C VAL E 268 8.74 3.97 24.46
N ILE E 269 8.72 3.69 25.77
CA ILE E 269 9.06 2.35 26.27
C ILE E 269 8.08 1.26 25.78
N ALA E 270 6.79 1.53 25.89
CA ALA E 270 5.77 0.62 25.38
C ALA E 270 6.01 0.31 23.90
N THR E 271 6.39 1.33 23.15
CA THR E 271 6.56 1.19 21.70
C THR E 271 7.73 0.28 21.37
N CYS E 272 8.85 0.53 22.04
CA CYS E 272 10.02 -0.33 21.97
C CYS E 272 9.70 -1.77 22.31
N ASP E 273 9.04 -1.97 23.46
CA ASP E 273 8.65 -3.32 23.88
C ASP E 273 7.73 -3.99 22.84
N TYR E 274 6.86 -3.21 22.22
CA TYR E 274 6.00 -3.72 21.16
C TYR E 274 6.83 -4.31 20.01
N ILE E 275 7.74 -3.51 19.46
CA ILE E 275 8.57 -3.98 18.37
C ILE E 275 9.45 -5.17 18.78
N LYS E 276 9.95 -5.12 20.01
CA LYS E 276 10.70 -6.21 20.57
C LYS E 276 9.95 -7.56 20.43
N ALA E 277 8.71 -7.60 20.88
CA ALA E 277 7.87 -8.76 20.71
C ALA E 277 7.69 -9.08 19.23
N LYS E 278 7.52 -8.04 18.42
CA LYS E 278 7.34 -8.27 17.00
C LYS E 278 8.58 -8.94 16.37
N LYS E 279 9.76 -8.54 16.82
CA LYS E 279 11.02 -9.07 16.31
C LYS E 279 11.41 -10.40 16.99
N ARG E 280 10.83 -10.66 18.16
CA ARG E 280 11.23 -11.82 18.98
C ARG E 280 12.71 -11.74 19.33
N SER E 281 13.15 -10.51 19.58
CA SER E 281 14.50 -10.26 20.01
C SER E 281 14.59 -10.38 21.52
N LYS E 282 15.77 -10.77 21.98
CA LYS E 282 16.07 -10.79 23.41
C LYS E 282 16.66 -9.45 23.89
N LYS E 283 16.93 -8.55 22.93
CA LYS E 283 17.48 -7.23 23.22
C LYS E 283 16.43 -6.13 23.49
N ASP E 284 16.69 -5.31 24.51
CA ASP E 284 15.90 -4.09 24.74
C ASP E 284 16.58 -2.91 24.06
N ILE E 285 15.78 -1.96 23.58
CA ILE E 285 16.30 -0.70 23.11
C ILE E 285 16.33 0.22 24.30
N TYR E 286 17.38 1.02 24.44
CA TYR E 286 17.37 2.00 25.50
C TYR E 286 17.00 3.38 24.95
N LEU E 287 16.57 4.27 25.83
CA LEU E 287 16.15 5.59 25.43
C LEU E 287 17.33 6.56 25.61
N SER E 288 17.50 7.43 24.63
CA SER E 288 18.51 8.46 24.67
C SER E 288 17.77 9.77 24.61
N PHE E 289 17.57 10.39 25.76
CA PHE E 289 16.77 11.60 25.81
C PHE E 289 17.62 12.80 25.41
N ASP E 290 18.02 12.86 24.15
CA ASP E 290 19.14 13.72 23.79
C ASP E 290 18.78 15.18 23.50
N GLU E 291 17.60 15.59 23.95
CA GLU E 291 17.20 16.98 23.97
C GLU E 291 16.10 17.18 25.01
N TRP E 292 16.42 17.89 26.08
CA TRP E 292 15.43 18.28 27.07
C TRP E 292 15.86 19.55 27.77
N ASN E 293 14.87 20.41 28.01
CA ASN E 293 15.06 21.65 28.73
C ASN E 293 13.75 22.41 28.91
N VAL E 294 13.86 23.61 29.50
CA VAL E 294 12.82 24.61 29.38
C VAL E 294 13.27 25.53 28.25
N TRP E 295 12.32 25.94 27.40
CA TRP E 295 12.64 26.80 26.26
C TRP E 295 11.38 27.54 25.81
N TYR E 296 11.37 28.87 25.99
CA TYR E 296 10.26 29.72 25.55
C TYR E 296 10.53 31.23 25.57
N HIS E 297 11.43 31.66 26.46
CA HIS E 297 11.65 33.08 26.74
C HIS E 297 12.04 33.93 25.54
N SER E 298 12.92 33.41 24.69
CA SER E 298 13.49 34.22 23.63
C SER E 298 12.82 33.99 22.27
N ASN E 299 11.63 33.40 22.29
CA ASN E 299 10.96 33.06 21.02
C ASN E 299 10.76 34.25 20.08
N ASN E 300 10.10 35.30 20.55
CA ASN E 300 9.88 36.49 19.73
C ASN E 300 11.17 37.11 19.19
N GLU E 301 12.19 37.21 20.03
CA GLU E 301 13.45 37.80 19.58
C GLU E 301 14.12 36.99 18.46
N ASP E 302 14.06 35.67 18.57
CA ASP E 302 14.63 34.79 17.56
C ASP E 302 14.05 35.05 16.16
N ALA E 303 12.73 35.17 16.10
CA ALA E 303 12.01 35.46 14.85
C ALA E 303 12.56 36.73 14.19
N ASN E 304 12.78 37.76 15.00
CA ASN E 304 13.23 39.05 14.48
C ASN E 304 14.58 38.96 13.79
N ILE E 305 15.41 38.00 14.20
CA ILE E 305 16.73 37.88 13.60
C ILE E 305 16.71 37.15 12.24
N MET E 306 15.83 36.16 12.11
CA MET E 306 15.68 35.39 10.87
C MET E 306 14.19 35.38 10.44
N GLN E 307 13.81 36.14 9.42
CA GLN E 307 14.74 36.91 8.60
C GLN E 307 14.76 38.40 8.94
N ASN E 308 14.73 39.23 7.90
CA ASN E 308 15.09 40.65 7.97
C ASN E 308 16.41 41.04 8.70
N GLU E 309 17.19 40.04 9.12
CA GLU E 309 18.58 40.24 9.54
C GLU E 309 19.45 38.96 9.53
N PRO E 310 19.42 38.19 8.41
CA PRO E 310 19.99 36.85 8.38
C PRO E 310 21.43 36.79 7.90
N TRP E 311 22.00 35.58 7.88
CA TRP E 311 23.37 35.36 7.42
C TRP E 311 24.41 36.15 8.22
N ARG E 312 24.19 36.23 9.52
CA ARG E 312 25.18 36.78 10.44
C ARG E 312 26.01 35.63 10.97
N ILE E 313 27.22 35.92 11.45
CA ILE E 313 27.98 34.94 12.17
C ILE E 313 27.62 35.04 13.64
N ALA E 314 27.41 33.90 14.27
CA ALA E 314 27.15 33.84 15.70
C ALA E 314 26.16 34.90 16.19
N PRO E 315 24.92 34.87 15.68
CA PRO E 315 23.90 35.76 16.22
C PRO E 315 23.38 35.20 17.55
N PRO E 316 22.87 36.08 18.43
CA PRO E 316 22.37 35.71 19.76
C PRO E 316 21.01 34.99 19.78
N LEU E 317 20.94 33.79 19.21
CA LEU E 317 19.69 33.04 19.15
C LEU E 317 19.43 32.22 20.42
N LEU E 318 18.16 31.97 20.70
CA LEU E 318 17.74 31.02 21.73
C LEU E 318 18.29 31.37 23.10
N GLU E 319 18.57 32.64 23.31
CA GLU E 319 19.17 33.06 24.56
C GLU E 319 18.14 33.32 25.65
N ASP E 320 17.54 32.25 26.15
CA ASP E 320 16.64 32.34 27.29
C ASP E 320 17.39 32.70 28.58
N ILE E 321 16.82 33.61 29.37
CA ILE E 321 17.29 33.89 30.72
C ILE E 321 16.33 33.24 31.71
N TYR E 322 16.81 32.20 32.39
CA TYR E 322 15.90 31.35 33.16
C TYR E 322 15.52 31.87 34.54
N THR E 323 14.26 31.63 34.88
CA THR E 323 13.68 32.07 36.13
C THR E 323 13.88 31.01 37.19
N PHE E 324 13.26 31.20 38.36
CA PHE E 324 13.38 30.21 39.44
C PHE E 324 12.38 29.07 39.23
N GLU E 325 11.16 29.40 38.82
CA GLU E 325 10.19 28.36 38.47
C GLU E 325 10.78 27.45 37.39
N ASP E 326 11.48 28.07 36.42
CA ASP E 326 12.16 27.34 35.37
C ASP E 326 13.14 26.34 35.96
N ALA E 327 13.83 26.73 37.02
CA ALA E 327 14.75 25.83 37.70
C ALA E 327 14.01 24.67 38.37
N LEU E 328 12.82 24.93 38.87
CA LEU E 328 12.07 23.89 39.58
C LEU E 328 11.67 22.77 38.63
N LEU E 329 11.32 23.15 37.41
CA LEU E 329 10.88 22.18 36.41
C LEU E 329 12.02 21.33 35.91
N VAL E 330 13.20 21.93 35.75
CA VAL E 330 14.39 21.17 35.41
C VAL E 330 14.60 20.09 36.47
N GLY E 331 14.50 20.47 37.73
CA GLY E 331 14.66 19.52 38.80
C GLY E 331 13.61 18.44 38.74
N LEU E 332 12.38 18.86 38.45
CA LEU E 332 11.31 17.91 38.26
C LEU E 332 11.63 16.93 37.13
N MET E 333 12.14 17.47 36.02
CA MET E 333 12.48 16.66 34.85
C MET E 333 13.60 15.68 35.17
N LEU E 334 14.63 16.18 35.85
CA LEU E 334 15.72 15.33 36.32
C LEU E 334 15.19 14.15 37.12
N ILE E 335 14.37 14.45 38.12
CA ILE E 335 13.78 13.42 38.97
C ILE E 335 12.99 12.44 38.13
N THR E 336 12.26 12.96 37.15
CA THR E 336 11.50 12.10 36.25
C THR E 336 12.46 11.23 35.44
N LEU E 337 13.53 11.82 34.92
CA LEU E 337 14.51 11.04 34.17
C LEU E 337 15.02 9.91 35.05
N MET E 338 15.45 10.29 36.25
CA MET E 338 16.00 9.36 37.24
C MET E 338 15.07 8.17 37.54
N LYS E 339 13.77 8.45 37.69
CA LYS E 339 12.77 7.39 37.88
C LYS E 339 12.77 6.34 36.76
N HIS E 340 13.31 6.71 35.61
CA HIS E 340 13.31 5.84 34.45
C HIS E 340 14.72 5.43 34.01
N ALA E 341 15.63 5.36 34.97
CA ALA E 341 17.04 5.10 34.67
C ALA E 341 17.30 3.67 34.21
N ASP E 342 16.26 2.85 34.23
CA ASP E 342 16.39 1.47 33.74
C ASP E 342 16.25 1.37 32.22
N ARG E 343 15.59 2.35 31.62
CA ARG E 343 15.48 2.38 30.18
C ARG E 343 16.16 3.60 29.56
N ILE E 344 16.22 4.70 30.33
CA ILE E 344 16.91 5.89 29.88
C ILE E 344 18.36 5.83 30.35
N LYS E 345 19.28 5.68 29.41
CA LYS E 345 20.70 5.50 29.72
C LYS E 345 21.53 6.67 29.21
N ILE E 346 20.92 7.52 28.38
CA ILE E 346 21.55 8.77 27.95
C ILE E 346 20.54 9.90 27.90
N ALA E 347 20.88 11.03 28.50
CA ALA E 347 20.05 12.22 28.33
C ALA E 347 20.96 13.43 28.15
N CYS E 348 20.52 14.41 27.36
CA CYS E 348 21.29 15.61 27.15
C CYS E 348 20.49 16.86 27.43
N LEU E 349 20.93 17.64 28.42
CA LEU E 349 20.37 18.96 28.65
C LEU E 349 20.72 19.80 27.44
N ALA E 350 19.71 20.36 26.79
CA ALA E 350 19.95 21.15 25.60
C ALA E 350 19.73 22.60 25.95
N GLN E 351 20.75 23.45 25.85
CA GLN E 351 22.09 23.05 25.45
C GLN E 351 23.09 23.48 26.52
N LEU E 352 24.37 23.28 26.26
CA LEU E 352 25.43 23.56 27.24
C LEU E 352 25.76 25.04 27.42
N ILE E 353 26.09 25.72 26.33
CA ILE E 353 26.65 27.06 26.40
C ILE E 353 25.84 28.07 25.61
N ASN E 354 25.38 29.12 26.30
CA ASN E 354 24.64 30.25 25.70
C ASN E 354 23.23 29.94 25.17
N VAL E 355 23.12 28.87 24.39
CA VAL E 355 21.90 28.50 23.71
C VAL E 355 21.02 27.66 24.66
N ILE E 356 19.87 28.21 25.04
CA ILE E 356 19.02 27.66 26.11
C ILE E 356 19.83 26.90 27.17
N ALA E 357 20.75 27.62 27.81
CA ALA E 357 21.86 26.98 28.53
C ALA E 357 21.91 27.32 30.03
N PRO E 358 22.60 26.48 30.80
CA PRO E 358 22.81 26.85 32.21
C PRO E 358 24.06 27.72 32.38
N ILE E 359 24.83 27.85 31.30
CA ILE E 359 26.09 28.58 31.33
C ILE E 359 26.07 29.63 30.21
N VAL E 360 26.30 30.88 30.57
CA VAL E 360 26.17 32.01 29.66
C VAL E 360 27.45 32.84 29.65
N THR E 361 27.82 33.39 28.50
CA THR E 361 28.87 34.41 28.42
C THR E 361 28.27 35.65 27.77
N GLU E 362 28.69 36.84 28.21
CA GLU E 362 27.88 38.04 27.96
C GLU E 362 27.58 38.48 26.52
N ARG E 363 28.62 38.68 25.71
CA ARG E 363 28.52 39.11 24.31
C ARG E 363 29.80 39.85 24.01
N ASN E 364 30.51 39.42 22.97
CA ASN E 364 31.76 40.08 22.58
C ASN E 364 32.80 40.04 23.69
N GLY E 365 33.13 38.85 24.16
CA GLY E 365 34.22 38.71 25.11
C GLY E 365 33.70 38.61 26.52
N GLY E 366 32.45 39.05 26.71
CA GLY E 366 31.62 38.76 27.87
C GLY E 366 32.24 38.50 29.23
N ALA E 367 31.62 37.63 30.02
CA ALA E 367 32.05 37.51 31.40
C ALA E 367 31.89 36.13 32.01
N ALA E 368 30.75 35.48 31.71
CA ALA E 368 30.44 34.12 32.18
C ALA E 368 29.82 33.98 33.57
N TRP E 369 28.67 33.34 33.62
CA TRP E 369 27.92 33.17 34.85
C TRP E 369 26.93 32.01 34.80
N ARG E 370 26.30 31.73 35.94
CA ARG E 370 25.43 30.60 36.10
C ARG E 370 23.96 31.02 36.04
N GLN E 371 23.15 30.24 35.33
CA GLN E 371 21.71 30.50 35.28
C GLN E 371 21.07 29.74 36.42
N THR E 372 19.78 29.96 36.66
CA THR E 372 19.13 29.29 37.78
C THR E 372 19.21 27.79 37.59
N ILE E 373 18.93 27.34 36.37
CA ILE E 373 18.88 25.92 36.04
C ILE E 373 20.21 25.17 36.16
N PHE E 374 21.31 25.90 36.29
CA PHE E 374 22.63 25.31 36.50
C PHE E 374 22.64 24.37 37.71
N TYR E 375 22.02 24.81 38.80
CA TYR E 375 22.17 24.13 40.09
C TYR E 375 21.43 22.81 40.26
N PRO E 376 20.15 22.74 39.85
CA PRO E 376 19.50 21.43 40.03
C PRO E 376 20.26 20.39 39.23
N PHE E 377 20.69 20.76 38.03
CA PHE E 377 21.46 19.84 37.23
C PHE E 377 22.73 19.45 37.97
N MET E 378 23.43 20.44 38.52
CA MET E 378 24.70 20.19 39.21
C MET E 378 24.55 19.19 40.36
N HIS E 379 23.48 19.35 41.13
CA HIS E 379 23.22 18.44 42.23
C HIS E 379 22.92 17.04 41.74
N ALA E 380 21.99 16.96 40.79
CA ALA E 380 21.60 15.67 40.22
C ALA E 380 22.84 14.94 39.69
N SER E 381 23.71 15.65 39.01
CA SER E 381 24.89 15.04 38.39
C SER E 381 25.91 14.57 39.43
N LYS E 382 26.02 15.32 40.52
CA LYS E 382 27.00 15.00 41.57
C LYS E 382 26.49 13.93 42.55
N TYR E 383 25.30 14.14 43.10
CA TYR E 383 24.79 13.24 44.14
C TYR E 383 23.88 12.16 43.55
N GLY E 384 23.82 12.10 42.22
CA GLY E 384 22.93 11.18 41.54
C GLY E 384 23.51 9.91 40.95
N ARG E 385 24.80 9.67 41.12
CA ARG E 385 25.39 8.40 40.69
C ARG E 385 25.13 7.33 41.74
N GLY E 386 24.59 6.19 41.34
CA GLY E 386 24.33 5.10 42.26
C GLY E 386 23.25 4.14 41.78
N ILE E 387 22.22 3.96 42.61
CA ILE E 387 21.15 3.01 42.33
C ILE E 387 19.79 3.57 42.70
N VAL E 388 18.89 3.62 41.73
CA VAL E 388 17.57 4.21 41.94
C VAL E 388 16.60 3.27 42.67
N LEU E 389 15.96 3.79 43.72
CA LEU E 389 15.06 3.01 44.56
C LEU E 389 13.61 3.42 44.30
N GLN E 390 12.73 2.44 44.11
CA GLN E 390 11.34 2.72 43.77
C GLN E 390 10.68 3.77 44.66
N PRO E 391 10.07 4.78 44.03
CA PRO E 391 9.36 5.80 44.79
C PRO E 391 8.07 5.27 45.37
N VAL E 392 8.15 4.59 46.50
CA VAL E 392 6.96 4.22 47.25
C VAL E 392 6.55 5.45 48.03
N ILE E 393 5.55 6.18 47.53
CA ILE E 393 5.25 7.47 48.13
C ILE E 393 3.77 7.78 48.11
N ASN E 394 3.25 8.19 49.25
CA ASN E 394 1.92 8.76 49.32
C ASN E 394 1.99 10.27 49.55
N SER E 395 1.59 11.03 48.53
CA SER E 395 1.69 12.49 48.55
C SER E 395 0.34 13.15 48.32
N PRO E 396 0.10 14.27 49.02
CA PRO E 396 -1.12 15.06 48.77
C PRO E 396 -1.22 15.43 47.30
N LEU E 397 -2.44 15.50 46.77
CA LEU E 397 -2.63 15.87 45.38
C LEU E 397 -3.25 17.25 45.28
N HIS E 398 -3.09 17.84 44.10
CA HIS E 398 -3.73 19.09 43.77
C HIS E 398 -4.04 19.05 42.29
N ASP E 399 -5.12 19.69 41.88
CA ASP E 399 -5.39 19.81 40.45
C ASP E 399 -4.89 21.18 40.01
N THR E 400 -4.70 21.35 38.72
CA THR E 400 -4.28 22.64 38.19
C THR E 400 -5.19 22.97 37.04
N SER E 401 -4.83 24.00 36.28
CA SER E 401 -5.69 24.46 35.20
C SER E 401 -5.91 23.40 34.13
N LYS E 402 -4.89 22.56 33.91
CA LYS E 402 -4.92 21.58 32.82
C LYS E 402 -4.43 20.19 33.23
N HIS E 403 -4.03 20.03 34.48
CA HIS E 403 -3.58 18.73 34.97
C HIS E 403 -4.32 18.34 36.24
N GLU E 404 -5.01 17.22 36.21
CA GLU E 404 -5.64 16.72 37.42
C GLU E 404 -4.65 15.93 38.27
N ASP E 405 -4.94 15.81 39.56
CA ASP E 405 -4.24 14.90 40.46
C ASP E 405 -2.71 14.94 40.40
N VAL E 406 -2.14 16.12 40.18
CA VAL E 406 -0.70 16.31 40.24
C VAL E 406 -0.18 16.08 41.66
N THR E 407 0.95 15.37 41.79
CA THR E 407 1.55 15.16 43.10
C THR E 407 2.03 16.49 43.64
N ASP E 408 1.95 16.67 44.95
CA ASP E 408 2.52 17.85 45.60
C ASP E 408 4.01 17.67 45.68
N ILE E 409 4.43 16.46 46.04
CA ILE E 409 5.84 16.14 46.12
C ILE E 409 6.24 15.12 45.07
N GLU E 410 7.28 15.46 44.32
CA GLU E 410 7.93 14.51 43.43
C GLU E 410 9.29 14.24 44.05
N SER E 411 9.69 12.98 44.11
CA SER E 411 10.89 12.60 44.83
C SER E 411 11.45 11.23 44.46
N VAL E 412 12.77 11.10 44.52
CA VAL E 412 13.46 9.81 44.34
C VAL E 412 14.64 9.68 45.28
N ALA E 413 14.95 8.45 45.65
CA ALA E 413 16.17 8.19 46.40
C ALA E 413 17.15 7.41 45.55
N ILE E 414 18.42 7.82 45.57
CA ILE E 414 19.44 6.99 44.95
C ILE E 414 20.55 6.61 45.94
N TYR E 415 20.95 5.34 45.89
CA TYR E 415 21.84 4.74 46.86
C TYR E 415 23.21 4.39 46.27
N ASN E 416 24.21 5.22 46.56
CA ASN E 416 25.58 4.95 46.15
C ASN E 416 26.30 4.02 47.15
N GLU E 417 26.16 2.72 46.96
CA GLU E 417 26.73 1.70 47.85
C GLU E 417 28.21 1.92 48.17
N GLU E 418 28.96 2.48 47.23
CA GLU E 418 30.38 2.72 47.45
C GLU E 418 30.66 3.78 48.51
N LYS E 419 29.91 4.88 48.46
CA LYS E 419 30.10 6.00 49.39
C LYS E 419 29.28 5.82 50.66
N GLU E 420 28.43 4.79 50.66
CA GLU E 420 27.56 4.47 51.80
C GLU E 420 26.63 5.64 52.13
N GLU E 421 26.17 6.31 51.07
CA GLU E 421 25.24 7.41 51.17
C GLU E 421 23.90 7.08 50.50
N VAL E 422 22.90 7.91 50.73
CA VAL E 422 21.60 7.79 50.08
C VAL E 422 21.08 9.18 49.86
N THR E 423 21.08 9.65 48.62
CA THR E 423 20.62 11.00 48.35
C THR E 423 19.15 10.98 47.98
N ILE E 424 18.39 11.92 48.52
CA ILE E 424 17.00 12.10 48.14
C ILE E 424 16.84 13.42 47.42
N PHE E 425 16.19 13.38 46.26
CA PHE E 425 15.89 14.56 45.49
C PHE E 425 14.40 14.80 45.62
N ALA E 426 14.00 16.04 45.86
CA ALA E 426 12.60 16.34 46.09
C ALA E 426 12.20 17.76 45.73
N VAL E 427 11.02 17.89 45.13
CA VAL E 427 10.50 19.19 44.74
C VAL E 427 9.12 19.38 45.35
N ASN E 428 8.84 20.60 45.80
CA ASN E 428 7.52 20.92 46.28
C ASN E 428 6.74 21.72 45.23
N ARG E 429 6.09 21.00 44.32
CA ARG E 429 5.33 21.63 43.24
C ARG E 429 4.11 22.37 43.76
N ASN E 430 3.82 22.18 45.04
CA ASN E 430 2.79 22.96 45.70
C ASN E 430 3.41 24.29 46.12
N ILE E 431 3.08 25.33 45.36
CA ILE E 431 3.77 26.60 45.47
C ILE E 431 3.26 27.42 46.65
N HIS E 432 2.23 26.91 47.33
CA HIS E 432 1.59 27.64 48.42
C HIS E 432 1.88 27.06 49.81
N GLU E 433 1.51 25.81 50.02
CA GLU E 433 1.71 25.19 51.32
C GLU E 433 3.08 24.52 51.44
N ASP E 434 3.60 24.48 52.65
CA ASP E 434 4.86 23.82 52.94
C ASP E 434 4.58 22.42 53.49
N ILE E 435 5.16 21.40 52.87
CA ILE E 435 4.83 20.01 53.18
C ILE E 435 5.95 19.30 53.92
N VAL E 436 5.59 18.34 54.76
CA VAL E 436 6.58 17.58 55.52
C VAL E 436 6.75 16.14 55.00
N LEU E 437 8.01 15.69 54.97
CA LEU E 437 8.34 14.42 54.35
C LEU E 437 8.80 13.39 55.37
N VAL E 438 7.90 12.47 55.71
CA VAL E 438 8.22 11.39 56.63
C VAL E 438 8.78 10.22 55.83
N SER E 439 10.10 10.10 55.79
CA SER E 439 10.77 9.11 54.95
C SER E 439 11.23 7.86 55.70
N ASP E 440 10.38 6.82 55.71
CA ASP E 440 10.76 5.55 56.33
C ASP E 440 11.95 4.94 55.58
N VAL E 441 13.10 4.82 56.25
CA VAL E 441 14.26 4.19 55.66
C VAL E 441 14.54 2.83 56.29
N ARG E 442 14.25 1.74 55.57
CA ARG E 442 14.63 0.40 56.01
C ARG E 442 16.14 0.22 55.86
N GLY E 443 16.89 1.13 56.48
CA GLY E 443 18.32 1.21 56.30
C GLY E 443 19.09 0.20 57.10
N MET E 444 20.08 0.59 57.91
CA MET E 444 20.55 1.98 58.11
C MET E 444 19.58 2.94 58.78
N ARG E 448 22.37 8.20 59.69
CA ARG E 448 23.06 9.44 60.05
C ARG E 448 22.92 10.53 58.98
N LEU E 449 22.30 11.66 59.35
CA LEU E 449 22.03 12.79 58.43
C LEU E 449 23.26 13.68 58.14
N LEU E 450 23.57 13.87 56.86
CA LEU E 450 24.79 14.59 56.46
C LEU E 450 24.57 16.08 56.26
N GLU E 451 23.54 16.42 55.49
CA GLU E 451 23.18 17.80 55.20
C GLU E 451 21.92 17.81 54.37
N HIS E 452 21.30 18.98 54.28
CA HIS E 452 20.10 19.15 53.49
C HIS E 452 20.34 20.41 52.69
N ILE E 453 20.64 20.26 51.40
CA ILE E 453 20.84 21.40 50.53
C ILE E 453 19.50 21.86 50.00
N VAL E 454 19.36 23.16 49.78
CA VAL E 454 18.09 23.68 49.31
C VAL E 454 18.29 24.74 48.23
N LEU E 455 17.32 24.82 47.33
CA LEU E 455 17.30 25.86 46.32
C LEU E 455 15.93 26.50 46.37
N GLU E 456 15.84 27.66 47.00
CA GLU E 456 14.55 28.31 47.18
C GLU E 456 14.61 29.81 46.95
N HIS E 457 13.46 30.41 46.63
CA HIS E 457 13.40 31.86 46.49
C HIS E 457 11.98 32.40 46.65
N GLN E 458 11.88 33.65 47.10
CA GLN E 458 10.59 34.26 47.41
C GLN E 458 9.85 34.68 46.15
N ASP E 459 10.60 35.04 45.12
CA ASP E 459 10.00 35.41 43.83
C ASP E 459 10.24 34.31 42.79
N LEU E 460 9.16 33.72 42.29
CA LEU E 460 9.25 32.64 41.32
C LEU E 460 9.84 33.11 39.99
N LYS E 461 9.74 34.42 39.71
CA LYS E 461 10.17 34.98 38.42
C LYS E 461 11.57 35.59 38.45
N ILE E 462 12.25 35.46 39.58
CA ILE E 462 13.58 36.05 39.73
C ILE E 462 14.60 35.35 38.80
N ARG E 463 15.51 36.13 38.21
CA ARG E 463 16.51 35.59 37.30
C ARG E 463 17.90 35.62 37.90
N ASN E 464 18.87 35.06 37.19
CA ASN E 464 20.26 35.36 37.47
C ASN E 464 20.72 36.30 36.37
N SER E 465 21.97 36.73 36.47
CA SER E 465 22.53 37.70 35.54
C SER E 465 24.01 37.75 35.79
N VAL E 466 24.74 38.39 34.89
CA VAL E 466 26.18 38.51 35.04
C VAL E 466 26.53 39.21 36.37
N ASN E 467 25.62 40.03 36.88
CA ASN E 467 25.84 40.80 38.10
C ASN E 467 25.71 40.02 39.41
N GLY E 468 25.45 38.72 39.32
CA GLY E 468 25.32 37.91 40.52
C GLY E 468 24.11 36.98 40.53
N GLU E 469 24.16 35.99 41.40
CA GLU E 469 23.14 34.96 41.44
C GLU E 469 22.09 35.25 42.52
N GLU E 470 20.84 35.41 42.09
CA GLU E 470 19.71 35.51 43.00
C GLU E 470 19.22 34.13 43.42
N VAL E 471 19.84 33.10 42.85
CA VAL E 471 19.45 31.72 43.06
C VAL E 471 20.68 30.83 43.17
N TYR E 472 20.96 30.33 44.37
CA TYR E 472 22.13 29.48 44.61
C TYR E 472 21.86 28.48 45.72
N PRO E 473 22.58 27.33 45.72
CA PRO E 473 22.28 26.36 46.78
C PRO E 473 22.68 26.91 48.15
N LYS E 474 21.72 26.94 49.06
CA LYS E 474 21.95 27.34 50.44
C LYS E 474 21.89 26.11 51.34
N ASN E 475 22.89 25.96 52.21
CA ASN E 475 23.06 24.75 53.03
C ASN E 475 22.11 24.70 54.22
N SER E 476 20.84 25.03 53.98
CA SER E 476 19.86 25.31 55.02
C SER E 476 19.14 24.11 55.66
N ASP E 477 18.14 24.42 56.49
CA ASP E 477 17.21 23.44 57.08
C ASP E 477 17.79 22.67 58.31
N LYS E 478 17.01 21.96 59.15
CA LYS E 478 15.55 21.65 59.07
C LYS E 478 15.16 20.53 58.09
N PHE E 481 16.31 13.76 60.95
CA PHE E 481 16.57 12.33 61.10
C PHE E 481 16.51 11.93 62.58
N ASP E 482 16.43 10.64 62.84
CA ASP E 482 16.38 10.11 64.22
C ASP E 482 16.67 8.60 64.26
N ASP E 483 15.64 7.77 64.45
CA ASP E 483 15.80 6.32 64.49
C ASP E 483 16.32 5.82 63.14
N GLY E 484 15.39 5.59 62.24
CA GLY E 484 15.69 5.33 60.84
C GLY E 484 14.70 6.13 60.03
N ILE E 485 13.97 7.02 60.70
CA ILE E 485 12.91 7.80 60.07
C ILE E 485 13.34 9.25 59.83
N LEU E 486 13.50 9.61 58.56
CA LEU E 486 13.89 10.96 58.19
C LEU E 486 12.69 11.86 58.00
N THR E 487 12.73 13.01 58.66
CA THR E 487 11.70 14.03 58.48
C THR E 487 12.33 15.36 58.07
N SER E 488 11.86 15.93 56.97
CA SER E 488 12.34 17.23 56.55
C SER E 488 11.20 18.12 56.05
N MET E 489 11.33 19.42 56.26
CA MET E 489 10.34 20.36 55.75
C MET E 489 10.75 20.87 54.38
N LEU E 490 9.84 20.76 53.42
CA LEU E 490 10.12 21.17 52.06
C LEU E 490 9.32 22.42 51.77
N ARG E 491 10.00 23.56 51.82
CA ARG E 491 9.37 24.84 51.59
C ARG E 491 8.59 24.84 50.28
N ARG E 492 7.43 25.50 50.27
CA ARG E 492 6.63 25.60 49.04
C ARG E 492 7.49 26.09 47.88
N ALA E 493 7.32 25.44 46.72
CA ALA E 493 8.05 25.80 45.50
C ALA E 493 9.57 25.76 45.67
N SER E 494 10.09 24.57 45.93
CA SER E 494 11.53 24.47 46.19
C SER E 494 12.20 23.17 45.71
N TRP E 495 13.50 23.27 45.45
CA TRP E 495 14.34 22.12 45.11
C TRP E 495 15.15 21.66 46.33
N ASN E 496 15.01 20.38 46.69
CA ASN E 496 15.65 19.86 47.88
C ASN E 496 16.59 18.68 47.61
N VAL E 497 17.78 18.72 48.19
CA VAL E 497 18.70 17.59 48.13
C VAL E 497 19.04 17.14 49.57
N ILE E 498 18.39 16.07 50.02
CA ILE E 498 18.55 15.56 51.38
C ILE E 498 19.50 14.36 51.42
N ARG E 499 20.51 14.40 52.29
CA ARG E 499 21.58 13.40 52.25
C ARG E 499 21.79 12.59 53.55
N ILE E 500 22.37 11.40 53.42
CA ILE E 500 22.51 10.44 54.55
C ILE E 500 23.86 9.66 54.55
N GLY E 501 24.45 9.47 55.73
CA GLY E 501 25.68 8.70 55.85
C GLY E 501 25.66 7.59 56.88
N LYS F 1 5.04 -30.43 -48.87
CA LYS F 1 4.84 -31.70 -49.57
C LYS F 1 4.80 -32.91 -48.62
N LYS F 2 5.91 -33.19 -47.96
CA LYS F 2 6.00 -34.32 -47.06
C LYS F 2 6.24 -33.87 -45.62
N ALA F 3 5.69 -34.63 -44.67
CA ALA F 3 5.85 -34.33 -43.24
C ALA F 3 6.16 -35.58 -42.42
N ARG F 4 7.16 -35.47 -41.54
CA ARG F 4 7.63 -36.61 -40.74
C ARG F 4 7.21 -36.52 -39.26
N MET F 5 6.62 -37.60 -38.75
CA MET F 5 6.23 -37.69 -37.34
C MET F 5 6.57 -39.07 -36.79
N THR F 6 7.13 -39.14 -35.58
CA THR F 6 7.50 -40.43 -35.00
C THR F 6 6.76 -40.77 -33.69
N VAL F 7 6.19 -41.96 -33.66
CA VAL F 7 5.32 -42.39 -32.56
C VAL F 7 5.94 -43.50 -31.72
N ASP F 8 6.16 -43.23 -30.44
CA ASP F 8 6.83 -44.18 -29.56
C ASP F 8 6.08 -44.36 -28.24
N LYS F 9 5.58 -45.57 -28.00
CA LYS F 9 4.83 -45.84 -26.77
C LYS F 9 5.64 -45.65 -25.49
N ASP F 10 6.98 -45.64 -25.61
CA ASP F 10 7.85 -45.44 -24.46
C ASP F 10 8.03 -43.96 -24.10
N TYR F 11 7.70 -43.09 -25.05
CA TYR F 11 7.81 -41.64 -24.85
C TYR F 11 6.49 -41.01 -24.40
N LYS F 12 6.15 -41.17 -23.12
CA LYS F 12 4.90 -40.61 -22.60
C LYS F 12 4.90 -39.08 -22.50
N ILE F 13 3.69 -38.53 -22.41
CA ILE F 13 3.48 -37.16 -21.96
C ILE F 13 2.66 -37.25 -20.69
N ALA F 14 1.53 -37.94 -20.77
CA ALA F 14 0.62 -38.09 -19.65
C ALA F 14 -0.47 -39.10 -19.94
N GLU F 15 -1.07 -39.62 -18.89
CA GLU F 15 -2.33 -40.32 -19.05
C GLU F 15 -3.35 -39.21 -19.26
N ILE F 16 -4.30 -39.43 -20.16
CA ILE F 16 -5.34 -38.43 -20.37
C ILE F 16 -6.40 -38.58 -19.31
N ASP F 17 -6.68 -37.50 -18.58
CA ASP F 17 -7.80 -37.49 -17.65
C ASP F 17 -9.04 -37.29 -18.50
N LYS F 18 -10.01 -38.18 -18.34
CA LYS F 18 -11.14 -38.22 -19.25
C LYS F 18 -11.98 -36.95 -19.15
N ARG F 19 -11.73 -36.16 -18.11
CA ARG F 19 -12.46 -34.92 -17.89
C ARG F 19 -12.04 -33.78 -18.84
N ILE F 20 -11.10 -34.02 -19.75
CA ILE F 20 -10.84 -32.97 -20.74
C ILE F 20 -11.88 -33.04 -21.86
N TYR F 21 -12.77 -34.02 -21.79
CA TYR F 21 -13.85 -34.14 -22.75
C TYR F 21 -15.18 -33.73 -22.12
N GLY F 22 -15.08 -32.97 -21.04
CA GLY F 22 -16.26 -32.46 -20.38
C GLY F 22 -16.92 -31.31 -21.15
N SER F 23 -18.07 -30.90 -20.65
CA SER F 23 -18.78 -29.78 -21.26
C SER F 23 -19.56 -28.98 -20.22
N PHE F 24 -20.47 -28.14 -20.71
CA PHE F 24 -20.98 -27.05 -19.93
C PHE F 24 -22.42 -26.70 -20.35
N VAL F 25 -23.33 -26.69 -19.38
CA VAL F 25 -24.67 -26.19 -19.60
C VAL F 25 -24.94 -25.01 -18.66
N GLU F 26 -25.25 -23.85 -19.20
CA GLU F 26 -25.60 -22.67 -18.39
C GLU F 26 -27.10 -22.35 -18.49
N HIS F 27 -27.69 -21.76 -17.47
CA HIS F 27 -29.06 -21.24 -17.66
C HIS F 27 -29.02 -20.01 -18.57
N LEU F 28 -28.94 -20.27 -19.87
CA LEU F 28 -28.68 -19.23 -20.84
C LEU F 28 -29.45 -19.55 -22.12
N GLY F 29 -30.23 -18.58 -22.61
CA GLY F 29 -30.99 -18.77 -23.84
C GLY F 29 -31.79 -20.05 -23.89
N ARG F 30 -31.58 -20.86 -24.93
CA ARG F 30 -32.34 -22.10 -25.07
C ARG F 30 -31.53 -23.35 -24.74
N ALA F 31 -30.58 -23.20 -23.84
CA ALA F 31 -29.75 -24.31 -23.39
C ALA F 31 -30.62 -25.29 -22.66
N VAL F 32 -31.41 -24.77 -21.73
CA VAL F 32 -32.25 -25.60 -20.90
C VAL F 32 -33.71 -25.54 -21.36
N TYR F 33 -34.29 -24.34 -21.26
CA TYR F 33 -35.66 -24.08 -21.69
C TYR F 33 -35.72 -24.04 -23.21
N ASP F 34 -36.62 -24.85 -23.77
CA ASP F 34 -36.67 -25.09 -25.21
C ASP F 34 -35.32 -25.59 -25.67
N GLY F 35 -34.73 -26.44 -24.84
CA GLY F 35 -33.44 -27.04 -25.12
C GLY F 35 -33.45 -28.48 -24.68
N LEU F 36 -32.83 -28.75 -23.54
CA LEU F 36 -32.77 -30.11 -23.04
C LEU F 36 -34.09 -30.42 -22.33
N TYR F 37 -34.88 -29.38 -22.09
CA TYR F 37 -36.12 -29.47 -21.30
C TYR F 37 -37.31 -28.84 -22.01
N GLN F 38 -38.21 -29.72 -22.47
CA GLN F 38 -39.40 -29.34 -23.23
C GLN F 38 -40.50 -30.29 -22.73
N PRO F 39 -41.16 -29.92 -21.64
CA PRO F 39 -42.00 -30.75 -20.77
C PRO F 39 -43.15 -31.54 -21.44
N GLY F 40 -43.90 -30.86 -22.31
CA GLY F 40 -45.07 -31.47 -22.92
C GLY F 40 -44.83 -31.90 -24.36
N ASN F 41 -43.56 -32.02 -24.72
CA ASN F 41 -43.16 -32.39 -26.07
C ASN F 41 -43.22 -33.90 -26.25
N SER F 42 -43.51 -34.33 -27.47
CA SER F 42 -43.69 -35.75 -27.79
C SER F 42 -42.36 -36.49 -27.81
N LYS F 43 -41.27 -35.74 -28.01
CA LYS F 43 -39.93 -36.33 -28.04
C LYS F 43 -39.37 -36.49 -26.63
N SER F 44 -39.99 -35.80 -25.67
CA SER F 44 -39.50 -35.70 -24.30
C SER F 44 -40.06 -36.76 -23.34
N ASP F 45 -39.21 -37.28 -22.47
CA ASP F 45 -39.60 -38.30 -21.49
C ASP F 45 -40.51 -37.78 -20.38
N GLU F 46 -40.66 -38.60 -19.35
CA GLU F 46 -41.52 -38.28 -18.22
C GLU F 46 -41.03 -37.01 -17.52
N ASP F 47 -39.72 -36.92 -17.31
CA ASP F 47 -39.12 -35.78 -16.65
C ASP F 47 -39.30 -34.48 -17.45
N GLY F 48 -39.29 -34.61 -18.78
CA GLY F 48 -39.50 -33.48 -19.67
C GLY F 48 -38.29 -33.26 -20.57
N PHE F 49 -37.45 -34.29 -20.65
CA PHE F 49 -36.18 -34.19 -21.35
C PHE F 49 -36.24 -34.76 -22.77
N ARG F 50 -35.99 -33.91 -23.75
CA ARG F 50 -35.79 -34.39 -25.12
C ARG F 50 -34.88 -35.64 -25.19
N LYS F 51 -35.48 -36.80 -25.44
CA LYS F 51 -34.76 -38.08 -25.55
C LYS F 51 -33.80 -38.14 -26.75
N ASP F 52 -34.10 -37.37 -27.79
CA ASP F 52 -33.20 -37.24 -28.94
C ASP F 52 -31.91 -36.56 -28.53
N VAL F 53 -32.06 -35.48 -27.75
CA VAL F 53 -30.93 -34.72 -27.19
C VAL F 53 -30.07 -35.60 -26.26
N ILE F 54 -30.72 -36.35 -25.38
CA ILE F 54 -30.01 -37.29 -24.52
C ILE F 54 -29.08 -38.25 -25.28
N GLU F 55 -29.55 -38.82 -26.39
CA GLU F 55 -28.71 -39.76 -27.14
C GLU F 55 -27.60 -39.02 -27.85
N LEU F 56 -27.89 -37.79 -28.25
CA LEU F 56 -26.89 -36.97 -28.94
C LEU F 56 -25.73 -36.57 -28.01
N VAL F 57 -26.05 -36.41 -26.73
CA VAL F 57 -25.04 -36.10 -25.73
C VAL F 57 -24.25 -37.36 -25.38
N LYS F 58 -24.95 -38.49 -25.26
CA LYS F 58 -24.29 -39.76 -24.98
C LYS F 58 -23.31 -40.12 -26.08
N GLU F 59 -23.60 -39.66 -27.30
CA GLU F 59 -22.70 -39.90 -28.42
C GLU F 59 -21.36 -39.20 -28.21
N LEU F 60 -21.39 -38.04 -27.56
CA LEU F 60 -20.19 -37.26 -27.34
C LEU F 60 -19.39 -37.75 -26.14
N ASN F 61 -19.99 -38.63 -25.34
CA ASN F 61 -19.31 -39.24 -24.20
C ASN F 61 -18.68 -38.27 -23.21
N VAL F 62 -19.48 -37.31 -22.78
CA VAL F 62 -19.06 -36.28 -21.86
C VAL F 62 -19.14 -36.79 -20.43
N PRO F 63 -17.99 -36.91 -19.77
CA PRO F 63 -17.98 -37.45 -18.40
C PRO F 63 -18.34 -36.40 -17.36
N ILE F 64 -18.11 -35.12 -17.66
CA ILE F 64 -18.34 -34.10 -16.66
C ILE F 64 -18.96 -32.83 -17.23
N ILE F 65 -20.00 -32.32 -16.55
CA ILE F 65 -20.67 -31.13 -17.06
C ILE F 65 -20.75 -29.97 -16.07
N ALA F 66 -20.10 -28.88 -16.40
CA ALA F 66 -20.16 -27.66 -15.59
C ALA F 66 -21.58 -27.08 -15.56
N TYR F 67 -22.01 -26.67 -14.36
CA TYR F 67 -23.36 -26.21 -14.15
C TYR F 67 -23.38 -25.32 -12.89
N PRO F 68 -24.15 -24.22 -12.90
CA PRO F 68 -25.06 -23.75 -13.93
C PRO F 68 -24.59 -22.49 -14.63
N GLY F 69 -23.33 -22.10 -14.46
CA GLY F 69 -22.75 -20.94 -15.12
C GLY F 69 -21.23 -20.93 -14.94
N GLY F 70 -20.54 -19.98 -15.55
CA GLY F 70 -21.15 -18.99 -16.43
C GLY F 70 -21.72 -17.81 -15.68
N ASN F 71 -21.84 -16.69 -16.39
CA ASN F 71 -22.28 -15.43 -15.80
C ASN F 71 -23.52 -15.58 -14.93
N PHE F 72 -24.44 -16.44 -15.37
CA PHE F 72 -25.62 -16.79 -14.59
C PHE F 72 -25.38 -17.01 -13.10
N VAL F 73 -24.35 -17.78 -12.75
CA VAL F 73 -24.22 -18.22 -11.37
C VAL F 73 -23.95 -17.05 -10.43
N SER F 74 -23.36 -15.99 -10.96
CA SER F 74 -22.90 -14.88 -10.14
C SER F 74 -24.00 -14.11 -9.38
N ASN F 75 -25.26 -14.26 -9.80
CA ASN F 75 -26.38 -13.65 -9.06
C ASN F 75 -27.54 -14.61 -8.90
N TYR F 76 -27.21 -15.88 -8.76
CA TYR F 76 -28.18 -16.95 -8.64
C TYR F 76 -28.38 -17.31 -7.17
N PHE F 77 -29.56 -17.81 -6.84
CA PHE F 77 -29.85 -18.21 -5.47
C PHE F 77 -30.41 -19.62 -5.46
N TRP F 78 -29.50 -20.59 -5.36
CA TRP F 78 -29.79 -22.00 -5.58
C TRP F 78 -31.10 -22.51 -4.96
N GLU F 79 -31.54 -21.89 -3.86
CA GLU F 79 -32.77 -22.32 -3.20
C GLU F 79 -33.99 -22.16 -4.09
N ASP F 80 -33.92 -21.15 -4.96
CA ASP F 80 -34.98 -20.85 -5.93
C ASP F 80 -35.27 -21.98 -6.92
N GLY F 81 -34.37 -22.96 -7.01
CA GLY F 81 -34.48 -23.96 -8.05
C GLY F 81 -34.62 -25.35 -7.50
N VAL F 82 -34.95 -25.41 -6.21
CA VAL F 82 -35.23 -26.69 -5.59
C VAL F 82 -36.53 -26.64 -4.79
N GLY F 83 -37.01 -27.80 -4.38
CA GLY F 83 -38.25 -27.87 -3.67
C GLY F 83 -39.42 -27.87 -4.65
N PRO F 84 -40.65 -27.97 -4.11
CA PRO F 84 -41.92 -28.04 -4.85
C PRO F 84 -41.99 -26.97 -5.93
N VAL F 85 -42.02 -27.41 -7.18
CA VAL F 85 -41.92 -26.53 -8.33
C VAL F 85 -42.91 -25.34 -8.30
N GLU F 86 -44.06 -25.54 -7.66
CA GLU F 86 -45.04 -24.48 -7.50
C GLU F 86 -44.54 -23.37 -6.57
N ASP F 87 -43.52 -23.67 -5.78
CA ASP F 87 -43.00 -22.71 -4.83
C ASP F 87 -41.75 -21.98 -5.34
N ARG F 88 -41.20 -22.45 -6.45
CA ARG F 88 -40.04 -21.82 -7.01
C ARG F 88 -40.38 -20.50 -7.71
N PRO F 89 -39.80 -19.39 -7.24
CA PRO F 89 -40.05 -18.05 -7.80
C PRO F 89 -39.47 -17.89 -9.19
N ARG F 90 -39.96 -16.91 -9.93
CA ARG F 90 -39.28 -16.47 -11.14
C ARG F 90 -38.33 -15.34 -10.75
N ARG F 91 -37.16 -15.27 -11.40
CA ARG F 91 -36.14 -14.29 -11.00
C ARG F 91 -35.53 -13.54 -12.16
N LEU F 92 -35.21 -12.27 -11.96
CA LEU F 92 -34.45 -11.54 -12.97
C LEU F 92 -33.05 -12.16 -13.08
N ASP F 93 -32.65 -12.54 -14.28
CA ASP F 93 -31.28 -12.91 -14.55
C ASP F 93 -30.60 -11.76 -15.23
N LEU F 94 -29.70 -11.09 -14.50
CA LEU F 94 -29.14 -9.84 -14.98
C LEU F 94 -28.05 -10.03 -16.02
N ALA F 95 -27.35 -11.16 -15.94
CA ALA F 95 -26.30 -11.50 -16.91
C ALA F 95 -26.87 -11.39 -18.33
N TRP F 96 -28.00 -12.05 -18.54
CA TRP F 96 -28.54 -12.25 -19.88
C TRP F 96 -29.93 -11.64 -20.08
N LYS F 97 -30.21 -10.59 -19.31
CA LYS F 97 -31.49 -9.87 -19.34
C LYS F 97 -32.72 -10.74 -19.60
N SER F 98 -32.83 -11.86 -18.89
CA SER F 98 -33.88 -12.82 -19.14
C SER F 98 -34.68 -13.04 -17.87
N ILE F 99 -35.81 -13.73 -17.98
CA ILE F 99 -36.53 -14.14 -16.79
C ILE F 99 -36.23 -15.59 -16.56
N GLU F 100 -35.80 -15.92 -15.34
CA GLU F 100 -35.48 -17.30 -15.02
C GLU F 100 -36.61 -17.93 -14.23
N PRO F 101 -37.29 -18.91 -14.85
CA PRO F 101 -38.44 -19.60 -14.27
C PRO F 101 -38.06 -20.63 -13.23
N ASN F 102 -36.83 -21.14 -13.28
CA ASN F 102 -36.30 -22.06 -12.26
C ASN F 102 -36.99 -23.44 -12.18
N GLN F 103 -37.63 -23.86 -13.27
CA GLN F 103 -38.28 -25.17 -13.27
C GLN F 103 -37.22 -26.28 -13.29
N VAL F 104 -36.08 -25.97 -13.90
CA VAL F 104 -34.91 -26.83 -13.77
C VAL F 104 -33.95 -26.23 -12.76
N GLY F 105 -33.64 -27.01 -11.75
CA GLY F 105 -32.72 -26.58 -10.72
C GLY F 105 -32.12 -27.76 -9.98
N ILE F 106 -30.82 -27.88 -10.12
CA ILE F 106 -30.00 -28.86 -9.40
C ILE F 106 -30.56 -30.28 -9.43
N ASN F 107 -31.54 -30.57 -8.58
CA ASN F 107 -32.15 -31.91 -8.56
C ASN F 107 -32.62 -32.40 -9.92
N GLU F 108 -33.22 -31.52 -10.71
CA GLU F 108 -33.58 -31.86 -12.08
C GLU F 108 -32.34 -32.04 -12.97
N PHE F 109 -31.42 -31.09 -12.92
CA PHE F 109 -30.24 -31.20 -13.78
C PHE F 109 -29.40 -32.42 -13.40
N ALA F 110 -29.45 -32.79 -12.11
CA ALA F 110 -28.78 -33.99 -11.64
C ALA F 110 -29.36 -35.24 -12.32
N LYS F 111 -30.68 -35.35 -12.37
CA LYS F 111 -31.32 -36.47 -13.06
C LYS F 111 -30.87 -36.55 -14.51
N TRP F 112 -30.96 -35.41 -15.20
CA TRP F 112 -30.55 -35.34 -16.60
C TRP F 112 -29.12 -35.85 -16.79
N CYS F 113 -28.21 -35.40 -15.93
CA CYS F 113 -26.81 -35.82 -16.01
C CYS F 113 -26.66 -37.33 -15.84
N LYS F 114 -27.42 -37.91 -14.91
CA LYS F 114 -27.45 -39.37 -14.81
C LYS F 114 -27.82 -39.98 -16.17
N LYS F 115 -28.78 -39.36 -16.86
CA LYS F 115 -29.26 -39.88 -18.12
C LYS F 115 -28.33 -39.65 -19.31
N VAL F 116 -27.23 -38.93 -19.12
CA VAL F 116 -26.26 -38.77 -20.22
C VAL F 116 -24.90 -39.33 -19.82
N ASN F 117 -24.89 -40.04 -18.71
CA ASN F 117 -23.68 -40.66 -18.19
C ASN F 117 -22.62 -39.61 -17.84
N ALA F 118 -23.04 -38.61 -17.07
CA ALA F 118 -22.17 -37.50 -16.71
C ALA F 118 -22.33 -37.13 -15.24
N GLU F 119 -21.34 -36.42 -14.73
CA GLU F 119 -21.41 -35.83 -13.40
C GLU F 119 -21.61 -34.32 -13.53
N ILE F 120 -22.18 -33.71 -12.51
CA ILE F 120 -22.15 -32.26 -12.43
C ILE F 120 -20.81 -31.77 -11.84
N MET F 121 -20.19 -30.79 -12.48
CA MET F 121 -19.21 -29.93 -11.81
C MET F 121 -19.91 -28.61 -11.44
N MET F 122 -20.19 -28.39 -10.15
CA MET F 122 -21.03 -27.28 -9.68
C MET F 122 -20.31 -25.97 -9.41
N ALA F 123 -20.87 -24.87 -9.92
CA ALA F 123 -20.40 -23.53 -9.61
C ALA F 123 -21.28 -22.94 -8.51
N VAL F 124 -20.66 -22.25 -7.54
CA VAL F 124 -21.43 -21.57 -6.48
C VAL F 124 -21.41 -20.06 -6.72
N ASN F 125 -22.45 -19.37 -6.26
CA ASN F 125 -22.49 -17.91 -6.37
C ASN F 125 -21.43 -17.25 -5.47
N LEU F 126 -20.46 -16.56 -6.05
CA LEU F 126 -19.53 -15.74 -5.26
C LEU F 126 -19.54 -14.24 -5.66
N GLY F 127 -20.51 -13.86 -6.49
CA GLY F 127 -20.70 -12.46 -6.82
C GLY F 127 -21.54 -11.73 -5.78
N THR F 128 -22.74 -12.23 -5.51
CA THR F 128 -23.64 -11.62 -4.53
C THR F 128 -23.87 -12.49 -3.30
N ARG F 129 -23.29 -13.68 -3.29
CA ARG F 129 -23.33 -14.51 -2.10
C ARG F 129 -21.92 -14.92 -1.66
N GLY F 130 -21.81 -15.61 -0.54
CA GLY F 130 -20.50 -15.94 -0.01
C GLY F 130 -20.38 -17.29 0.61
N ILE F 131 -19.71 -17.31 1.77
CA ILE F 131 -19.20 -18.56 2.34
C ILE F 131 -20.30 -19.48 2.83
N SER F 132 -21.18 -18.95 3.66
CA SER F 132 -22.19 -19.80 4.28
C SER F 132 -23.16 -20.37 3.23
N ASP F 133 -23.41 -19.62 2.18
CA ASP F 133 -24.23 -20.09 1.08
C ASP F 133 -23.53 -21.17 0.29
N ALA F 134 -22.21 -21.10 0.22
CA ALA F 134 -21.49 -22.18 -0.43
C ALA F 134 -21.60 -23.42 0.44
N CYS F 135 -21.45 -23.21 1.75
CA CYS F 135 -21.52 -24.30 2.69
C CYS F 135 -22.87 -24.97 2.62
N ASN F 136 -23.94 -24.16 2.55
CA ASN F 136 -25.30 -24.68 2.46
C ASN F 136 -25.46 -25.56 1.22
N LEU F 137 -25.05 -25.05 0.07
CA LEU F 137 -25.20 -25.79 -1.17
C LEU F 137 -24.38 -27.07 -1.12
N LEU F 138 -23.22 -27.01 -0.45
CA LEU F 138 -22.38 -28.20 -0.34
C LEU F 138 -23.03 -29.24 0.57
N GLU F 139 -23.45 -28.85 1.76
CA GLU F 139 -24.12 -29.74 2.70
C GLU F 139 -25.30 -30.45 2.03
N TYR F 140 -26.19 -29.66 1.42
CA TYR F 140 -27.32 -30.14 0.63
C TYR F 140 -26.93 -31.18 -0.43
N CYS F 141 -25.90 -30.90 -1.20
CA CYS F 141 -25.51 -31.80 -2.27
C CYS F 141 -24.72 -33.04 -1.83
N ASN F 142 -23.88 -32.94 -0.80
CA ASN F 142 -22.90 -34.01 -0.50
C ASN F 142 -22.99 -34.68 0.87
N HIS F 143 -23.76 -34.10 1.77
CA HIS F 143 -23.87 -34.67 3.10
C HIS F 143 -25.06 -35.64 3.14
N PRO F 144 -24.82 -36.87 3.63
CA PRO F 144 -25.77 -38.00 3.69
C PRO F 144 -27.14 -37.63 4.27
N GLY F 145 -27.16 -37.21 5.52
CA GLY F 145 -28.40 -36.80 6.13
C GLY F 145 -28.13 -36.52 7.58
N GLY F 146 -29.17 -36.19 8.35
CA GLY F 146 -29.02 -36.01 9.77
C GLY F 146 -28.62 -34.59 10.12
N SER F 147 -28.66 -33.73 9.10
CA SER F 147 -28.37 -32.32 9.27
C SER F 147 -29.38 -31.53 8.46
N LYS F 148 -29.42 -30.21 8.65
CA LYS F 148 -30.49 -29.39 8.11
C LYS F 148 -30.62 -29.42 6.58
N TYR F 149 -29.53 -29.17 5.87
CA TYR F 149 -29.60 -29.05 4.42
C TYR F 149 -29.53 -30.39 3.73
N SER F 150 -28.95 -31.36 4.40
CA SER F 150 -28.92 -32.72 3.87
C SER F 150 -30.35 -33.26 3.91
N ASP F 151 -31.02 -33.06 5.05
CA ASP F 151 -32.39 -33.50 5.23
C ASP F 151 -33.31 -32.77 4.26
N MET F 152 -33.10 -31.46 4.12
CA MET F 152 -33.91 -30.66 3.22
C MET F 152 -33.92 -31.25 1.79
N ARG F 153 -32.80 -31.86 1.39
CA ARG F 153 -32.70 -32.47 0.07
C ARG F 153 -33.53 -33.74 0.03
N ILE F 154 -33.45 -34.53 1.10
CA ILE F 154 -34.21 -35.76 1.18
C ILE F 154 -35.72 -35.45 1.07
N LYS F 155 -36.15 -34.44 1.82
CA LYS F 155 -37.53 -33.99 1.78
C LYS F 155 -37.86 -33.51 0.38
N HIS F 156 -36.85 -33.09 -0.36
CA HIS F 156 -37.09 -32.57 -1.70
C HIS F 156 -37.24 -33.70 -2.72
N GLY F 157 -36.92 -34.92 -2.31
CA GLY F 157 -37.11 -36.06 -3.20
C GLY F 157 -35.89 -36.88 -3.56
N VAL F 158 -34.70 -36.41 -3.16
CA VAL F 158 -33.47 -37.14 -3.45
C VAL F 158 -32.85 -37.73 -2.18
N LYS F 159 -32.84 -39.06 -2.05
CA LYS F 159 -32.39 -39.68 -0.80
C LYS F 159 -30.89 -39.74 -0.67
N GLU F 160 -30.23 -40.06 -1.78
CA GLU F 160 -28.78 -40.21 -1.78
C GLU F 160 -28.15 -38.90 -2.23
N PRO F 161 -27.11 -38.45 -1.51
CA PRO F 161 -26.40 -37.22 -1.85
C PRO F 161 -25.87 -37.29 -3.25
N HIS F 162 -25.80 -36.17 -3.96
CA HIS F 162 -25.26 -36.17 -5.30
C HIS F 162 -23.77 -36.46 -5.31
N ASN F 163 -23.14 -36.44 -4.13
CA ASN F 163 -21.67 -36.46 -3.99
C ASN F 163 -20.97 -35.84 -5.20
N ILE F 164 -21.22 -34.55 -5.37
CA ILE F 164 -20.60 -33.78 -6.44
C ILE F 164 -19.11 -33.61 -6.15
N LYS F 165 -18.29 -34.04 -7.11
CA LYS F 165 -16.86 -34.14 -6.90
C LYS F 165 -16.07 -32.84 -7.11
N VAL F 166 -16.46 -32.01 -8.06
CA VAL F 166 -15.70 -30.79 -8.31
C VAL F 166 -16.56 -29.53 -8.27
N TRP F 167 -16.10 -28.51 -7.57
CA TRP F 167 -16.84 -27.24 -7.49
C TRP F 167 -16.05 -26.04 -8.00
N CYS F 168 -16.74 -25.09 -8.63
CA CYS F 168 -16.07 -23.86 -9.07
C CYS F 168 -16.38 -22.76 -8.11
N LEU F 169 -15.32 -22.10 -7.63
CA LEU F 169 -15.46 -21.00 -6.68
C LEU F 169 -15.85 -19.72 -7.42
N GLY F 170 -17.13 -19.61 -7.75
CA GLY F 170 -17.65 -18.46 -8.47
C GLY F 170 -17.34 -18.55 -9.93
N ASN F 171 -17.74 -17.54 -10.69
CA ASN F 171 -17.45 -17.47 -12.11
C ASN F 171 -16.72 -16.19 -12.44
N GLU F 172 -15.89 -16.22 -13.47
N GLU F 172 -15.95 -16.19 -13.51
CA GLU F 172 -14.97 -15.14 -13.79
CA GLU F 172 -15.19 -15.03 -13.98
C GLU F 172 -15.43 -13.73 -13.47
C GLU F 172 -15.58 -13.66 -13.43
N MET F 173 -14.96 -13.26 -12.33
CA MET F 173 -15.34 -12.00 -11.75
C MET F 173 -14.36 -10.88 -12.02
N ASP F 174 -13.33 -11.13 -12.83
CA ASP F 174 -12.44 -10.03 -13.21
C ASP F 174 -13.10 -9.04 -14.16
N GLY F 175 -14.20 -9.44 -14.78
CA GLY F 175 -14.82 -8.62 -15.81
C GLY F 175 -15.81 -7.56 -15.34
N PRO F 176 -15.84 -6.42 -16.03
CA PRO F 176 -16.81 -5.36 -15.73
C PRO F 176 -18.25 -5.66 -16.17
N TRP F 177 -18.48 -6.81 -16.81
CA TRP F 177 -19.83 -7.24 -17.18
C TRP F 177 -20.46 -8.15 -16.12
N GLN F 178 -19.65 -8.66 -15.20
CA GLN F 178 -20.13 -9.62 -14.20
C GLN F 178 -20.85 -8.90 -13.06
N VAL F 179 -21.97 -9.41 -12.58
CA VAL F 179 -22.50 -8.83 -11.35
C VAL F 179 -21.69 -9.41 -10.18
N GLY F 180 -21.30 -8.54 -9.26
CA GLY F 180 -20.45 -8.93 -8.15
C GLY F 180 -18.99 -9.02 -8.57
N HIS F 181 -18.62 -8.28 -9.63
CA HIS F 181 -17.23 -8.15 -10.04
C HIS F 181 -16.29 -7.88 -8.84
N LYS F 182 -15.11 -8.52 -8.85
CA LYS F 182 -14.14 -8.36 -7.75
C LYS F 182 -12.73 -8.04 -8.22
N THR F 183 -11.96 -7.35 -7.38
CA THR F 183 -10.53 -7.21 -7.66
C THR F 183 -9.85 -8.56 -7.37
N MET F 184 -8.64 -8.74 -7.88
CA MET F 184 -7.93 -9.99 -7.64
C MET F 184 -7.70 -10.28 -6.15
N ASP F 185 -7.48 -9.25 -5.33
CA ASP F 185 -7.37 -9.49 -3.90
C ASP F 185 -8.67 -9.90 -3.24
N GLU F 186 -9.78 -9.30 -3.66
CA GLU F 186 -11.05 -9.62 -3.04
C GLU F 186 -11.41 -11.05 -3.45
N TYR F 187 -11.21 -11.36 -4.73
CA TYR F 187 -11.54 -12.73 -5.15
C TYR F 187 -10.65 -13.75 -4.44
N GLY F 188 -9.34 -13.49 -4.41
CA GLY F 188 -8.37 -14.34 -3.73
C GLY F 188 -8.80 -14.67 -2.31
N ARG F 189 -9.20 -13.66 -1.58
CA ARG F 189 -9.59 -13.87 -0.19
C ARG F 189 -10.89 -14.66 -0.08
N ILE F 190 -11.84 -14.40 -0.96
CA ILE F 190 -13.13 -15.06 -0.88
C ILE F 190 -12.98 -16.52 -1.36
N ALA F 191 -12.19 -16.72 -2.42
CA ALA F 191 -11.89 -18.07 -2.88
C ALA F 191 -11.19 -18.86 -1.78
N GLU F 192 -10.18 -18.24 -1.18
CA GLU F 192 -9.45 -18.91 -0.11
C GLU F 192 -10.37 -19.36 1.02
N GLU F 193 -11.17 -18.43 1.53
CA GLU F 193 -12.01 -18.73 2.69
C GLU F 193 -13.17 -19.69 2.41
N THR F 194 -13.77 -19.57 1.21
CA THR F 194 -14.83 -20.48 0.80
C THR F 194 -14.28 -21.90 0.70
N ALA F 195 -13.12 -22.03 0.05
CA ALA F 195 -12.47 -23.33 -0.08
C ALA F 195 -12.25 -23.90 1.30
N ARG F 196 -11.66 -23.09 2.17
CA ARG F 196 -11.33 -23.52 3.53
C ARG F 196 -12.56 -24.13 4.16
N ALA F 197 -13.66 -23.39 4.10
CA ALA F 197 -14.90 -23.80 4.74
C ALA F 197 -15.46 -25.06 4.09
N MET F 198 -15.54 -25.08 2.77
CA MET F 198 -16.13 -26.21 2.05
C MET F 198 -15.40 -27.51 2.38
N LYS F 199 -14.09 -27.47 2.42
CA LYS F 199 -13.32 -28.68 2.68
C LYS F 199 -13.49 -29.24 4.09
N MET F 200 -13.92 -28.40 5.03
CA MET F 200 -14.25 -28.89 6.37
C MET F 200 -15.53 -29.69 6.33
N ILE F 201 -16.36 -29.40 5.33
CA ILE F 201 -17.64 -30.07 5.22
C ILE F 201 -17.47 -31.39 4.49
N ASP F 202 -16.69 -31.35 3.40
CA ASP F 202 -16.37 -32.53 2.61
C ASP F 202 -14.93 -32.44 2.08
N PRO F 203 -13.99 -33.09 2.78
CA PRO F 203 -12.57 -33.05 2.45
C PRO F 203 -12.28 -33.72 1.11
N SER F 204 -13.25 -34.43 0.58
CA SER F 204 -12.98 -35.22 -0.62
C SER F 204 -13.23 -34.47 -1.93
N ILE F 205 -13.82 -33.28 -1.86
CA ILE F 205 -14.06 -32.53 -3.09
C ILE F 205 -12.77 -31.89 -3.59
N GLU F 206 -12.77 -31.53 -4.86
CA GLU F 206 -11.72 -30.73 -5.45
C GLU F 206 -12.36 -29.37 -5.74
N LEU F 207 -11.56 -28.31 -5.75
CA LEU F 207 -12.07 -26.97 -5.95
C LEU F 207 -11.32 -26.28 -7.07
N VAL F 208 -12.05 -25.55 -7.92
CA VAL F 208 -11.44 -24.74 -8.96
C VAL F 208 -11.54 -23.24 -8.65
N ALA F 209 -10.44 -22.54 -8.81
CA ALA F 209 -10.42 -21.10 -8.60
C ALA F 209 -10.43 -20.42 -9.96
N CYS F 210 -11.13 -19.28 -10.03
CA CYS F 210 -11.30 -18.57 -11.30
C CYS F 210 -10.03 -17.95 -11.79
N GLY F 211 -9.70 -18.22 -13.04
CA GLY F 211 -8.60 -17.55 -13.71
C GLY F 211 -9.13 -16.25 -14.28
N SER F 212 -8.35 -15.65 -15.15
CA SER F 212 -8.76 -14.48 -15.88
C SER F 212 -9.88 -14.88 -16.84
N SER F 213 -10.74 -13.93 -17.20
CA SER F 213 -11.80 -14.21 -18.17
C SER F 213 -11.21 -14.63 -19.52
N SER F 214 -10.19 -13.91 -19.96
CA SER F 214 -9.41 -14.33 -21.10
C SER F 214 -7.98 -13.84 -20.90
N LYS F 215 -7.09 -14.27 -21.76
CA LYS F 215 -5.72 -13.80 -21.78
C LYS F 215 -5.62 -12.34 -22.25
N ASP F 216 -6.70 -11.81 -22.81
CA ASP F 216 -6.68 -10.43 -23.28
C ASP F 216 -6.92 -9.45 -22.13
N MET F 217 -7.42 -9.98 -21.01
CA MET F 217 -7.64 -9.16 -19.80
C MET F 217 -6.35 -8.51 -19.29
N PRO F 218 -6.40 -7.21 -18.99
CA PRO F 218 -5.21 -6.50 -18.50
C PRO F 218 -4.70 -7.13 -17.20
N THR F 219 -5.58 -7.74 -16.41
CA THR F 219 -5.14 -8.31 -15.15
C THR F 219 -4.62 -9.74 -15.29
N PHE F 220 -4.42 -10.20 -16.53
CA PHE F 220 -3.80 -11.49 -16.78
C PHE F 220 -2.32 -11.30 -17.05
N PRO F 221 -1.46 -12.13 -16.44
CA PRO F 221 -1.72 -13.26 -15.56
C PRO F 221 -1.60 -12.95 -14.06
N GLN F 222 -1.50 -11.66 -13.71
CA GLN F 222 -1.37 -11.31 -12.31
C GLN F 222 -2.56 -11.73 -11.43
N TRP F 223 -3.77 -11.71 -12.01
CA TRP F 223 -4.94 -12.29 -11.38
C TRP F 223 -4.61 -13.70 -10.92
N GLU F 224 -4.13 -14.51 -11.85
CA GLU F 224 -3.80 -15.90 -11.59
C GLU F 224 -2.75 -16.05 -10.48
N ALA F 225 -1.70 -15.23 -10.56
CA ALA F 225 -0.63 -15.24 -9.56
C ALA F 225 -1.19 -14.89 -8.18
N THR F 226 -1.92 -13.79 -8.11
CA THR F 226 -2.49 -13.29 -6.87
C THR F 226 -3.48 -14.26 -6.22
N VAL F 227 -4.44 -14.73 -7.01
CA VAL F 227 -5.45 -15.66 -6.52
C VAL F 227 -4.84 -16.94 -5.99
N LEU F 228 -3.90 -17.51 -6.74
CA LEU F 228 -3.24 -18.75 -6.33
C LEU F 228 -2.44 -18.55 -5.04
N ASP F 229 -1.74 -17.42 -4.97
CA ASP F 229 -1.02 -17.00 -3.78
C ASP F 229 -1.91 -17.04 -2.54
N TYR F 230 -3.16 -16.61 -2.67
CA TYR F 230 -4.08 -16.64 -1.54
C TYR F 230 -4.53 -18.04 -1.21
N ALA F 231 -4.94 -18.79 -2.22
CA ALA F 231 -5.76 -19.97 -1.97
C ALA F 231 -5.07 -21.30 -2.28
N TYR F 232 -3.80 -21.24 -2.62
CA TYR F 232 -2.97 -22.39 -3.00
C TYR F 232 -3.25 -23.71 -2.28
N ASP F 233 -3.31 -23.66 -0.96
CA ASP F 233 -3.41 -24.86 -0.14
C ASP F 233 -4.80 -25.44 -0.14
N TYR F 234 -5.76 -24.64 -0.56
CA TYR F 234 -7.14 -25.05 -0.44
C TYR F 234 -7.80 -25.33 -1.80
N VAL F 235 -7.10 -25.08 -2.90
CA VAL F 235 -7.68 -25.31 -4.23
C VAL F 235 -6.85 -26.27 -5.09
N ASP F 236 -7.48 -26.81 -6.12
CA ASP F 236 -6.87 -27.89 -6.91
C ASP F 236 -6.60 -27.51 -8.34
N TYR F 237 -7.35 -26.54 -8.86
CA TYR F 237 -7.18 -26.08 -10.23
C TYR F 237 -7.35 -24.58 -10.35
N ILE F 238 -6.77 -24.05 -11.41
CA ILE F 238 -7.02 -22.69 -11.83
C ILE F 238 -7.76 -22.85 -13.18
N SER F 239 -8.76 -22.01 -13.43
CA SER F 239 -9.50 -22.11 -14.69
C SER F 239 -8.92 -21.24 -15.79
N LEU F 240 -9.16 -21.64 -17.04
CA LEU F 240 -8.83 -20.81 -18.21
C LEU F 240 -10.05 -20.72 -19.08
N HIS F 241 -10.19 -19.61 -19.80
CA HIS F 241 -11.26 -19.47 -20.79
C HIS F 241 -10.65 -18.98 -22.13
N GLN F 242 -11.05 -19.61 -23.24
CA GLN F 242 -10.67 -19.09 -24.56
C GLN F 242 -11.75 -19.30 -25.62
N TYR F 243 -12.03 -18.26 -26.41
CA TYR F 243 -12.91 -18.37 -27.54
C TYR F 243 -12.25 -17.71 -28.76
N TYR F 244 -12.45 -18.26 -29.95
CA TYR F 244 -11.99 -17.60 -31.17
C TYR F 244 -13.11 -17.38 -32.18
N GLY F 245 -12.86 -16.47 -33.11
CA GLY F 245 -13.81 -16.14 -34.15
C GLY F 245 -13.10 -15.79 -35.45
N ASN F 246 -13.87 -15.72 -36.52
CA ASN F 246 -13.32 -15.36 -37.83
C ASN F 246 -14.04 -14.16 -38.43
N LYS F 247 -14.39 -13.19 -37.58
CA LYS F 247 -14.96 -11.93 -38.04
C LYS F 247 -14.05 -11.28 -39.06
N GLU F 248 -12.74 -11.51 -38.93
CA GLU F 248 -11.80 -10.93 -39.88
C GLU F 248 -11.86 -11.64 -41.24
N ASN F 249 -12.50 -12.80 -41.26
CA ASN F 249 -12.66 -13.60 -42.48
C ASN F 249 -11.34 -13.94 -43.18
N ASP F 250 -10.47 -14.66 -42.49
CA ASP F 250 -9.14 -15.01 -43.00
C ASP F 250 -8.80 -16.43 -42.56
N THR F 251 -9.44 -17.41 -43.20
CA THR F 251 -9.37 -18.81 -42.79
C THR F 251 -7.98 -19.35 -42.38
N ALA F 252 -6.92 -18.93 -43.07
CA ALA F 252 -5.58 -19.41 -42.75
C ALA F 252 -5.16 -18.92 -41.36
N ASP F 253 -5.30 -17.62 -41.15
CA ASP F 253 -5.00 -17.00 -39.86
C ASP F 253 -5.91 -17.51 -38.76
N PHE F 254 -7.17 -17.76 -39.12
CA PHE F 254 -8.14 -18.28 -38.17
C PHE F 254 -7.69 -19.64 -37.62
N LEU F 255 -7.15 -20.48 -38.49
CA LEU F 255 -6.73 -21.82 -38.12
C LEU F 255 -5.36 -21.85 -37.43
N ALA F 256 -4.62 -20.75 -37.53
CA ALA F 256 -3.34 -20.64 -36.84
C ALA F 256 -3.55 -20.31 -35.35
N LYS F 257 -4.79 -20.05 -34.96
CA LYS F 257 -5.06 -19.57 -33.61
C LYS F 257 -4.94 -20.60 -32.47
N SER F 258 -4.75 -21.88 -32.81
CA SER F 258 -4.44 -22.87 -31.79
C SER F 258 -3.01 -22.72 -31.26
N ASP F 259 -2.16 -22.00 -32.00
CA ASP F 259 -0.81 -21.66 -31.55
C ASP F 259 -0.88 -20.74 -30.34
N ASP F 260 -1.83 -19.81 -30.38
CA ASP F 260 -2.05 -18.87 -29.29
C ASP F 260 -2.62 -19.55 -28.06
N LEU F 261 -3.43 -20.58 -28.29
CA LEU F 261 -4.04 -21.32 -27.21
C LEU F 261 -2.91 -22.01 -26.41
N ASP F 262 -1.97 -22.54 -27.16
CA ASP F 262 -0.80 -23.21 -26.61
C ASP F 262 0.03 -22.25 -25.76
N ASP F 263 0.26 -21.06 -26.29
CA ASP F 263 1.02 -20.04 -25.58
C ASP F 263 0.30 -19.66 -24.30
N PHE F 264 -1.01 -19.52 -24.41
CA PHE F 264 -1.88 -19.19 -23.30
C PHE F 264 -1.71 -20.24 -22.18
N ILE F 265 -1.76 -21.51 -22.58
CA ILE F 265 -1.59 -22.60 -21.64
C ILE F 265 -0.23 -22.54 -20.97
N ARG F 266 0.81 -22.28 -21.76
CA ARG F 266 2.17 -22.25 -21.22
C ARG F 266 2.36 -21.12 -20.21
N SER F 267 1.66 -20.03 -20.44
CA SER F 267 1.79 -18.87 -19.57
C SER F 267 1.17 -19.14 -18.23
N VAL F 268 0.09 -19.91 -18.24
CA VAL F 268 -0.63 -20.17 -17.04
C VAL F 268 0.16 -21.17 -16.21
N ILE F 269 0.78 -22.12 -16.91
CA ILE F 269 1.59 -23.14 -16.27
C ILE F 269 2.81 -22.49 -15.62
N ALA F 270 3.41 -21.56 -16.35
CA ALA F 270 4.55 -20.82 -15.81
C ALA F 270 4.11 -20.03 -14.58
N THR F 271 2.93 -19.42 -14.64
CA THR F 271 2.40 -18.69 -13.48
C THR F 271 2.22 -19.62 -12.27
N CYS F 272 1.60 -20.77 -12.49
CA CYS F 272 1.42 -21.77 -11.46
C CYS F 272 2.76 -22.20 -10.85
N ASP F 273 3.73 -22.51 -11.72
CA ASP F 273 5.04 -22.92 -11.27
C ASP F 273 5.73 -21.82 -10.45
N TYR F 274 5.51 -20.56 -10.80
CA TYR F 274 6.14 -19.47 -10.05
C TYR F 274 5.59 -19.44 -8.62
N ILE F 275 4.27 -19.54 -8.50
CA ILE F 275 3.68 -19.53 -7.19
C ILE F 275 4.11 -20.78 -6.41
N LYS F 276 4.27 -21.89 -7.11
CA LYS F 276 4.68 -23.14 -6.48
C LYS F 276 6.05 -22.92 -5.83
N ALA F 277 6.93 -22.23 -6.54
CA ALA F 277 8.24 -21.92 -5.99
C ALA F 277 8.12 -20.94 -4.84
N LYS F 278 7.29 -19.91 -5.00
CA LYS F 278 7.05 -18.94 -3.92
C LYS F 278 6.62 -19.62 -2.63
N LYS F 279 5.82 -20.69 -2.77
CA LYS F 279 5.22 -21.36 -1.61
C LYS F 279 6.06 -22.53 -1.06
N ARG F 280 7.08 -22.93 -1.82
CA ARG F 280 7.89 -24.10 -1.47
C ARG F 280 6.99 -25.32 -1.32
N SER F 281 5.96 -25.39 -2.15
CA SER F 281 5.00 -26.48 -2.11
C SER F 281 5.47 -27.64 -3.00
N LYS F 282 5.05 -28.84 -2.64
CA LYS F 282 5.33 -30.02 -3.45
C LYS F 282 4.21 -30.20 -4.47
N LYS F 283 3.09 -29.53 -4.22
CA LYS F 283 1.88 -29.69 -5.01
C LYS F 283 1.91 -28.87 -6.30
N ASP F 284 1.42 -29.47 -7.38
CA ASP F 284 1.17 -28.70 -8.58
C ASP F 284 -0.29 -28.28 -8.66
N ILE F 285 -0.55 -27.08 -9.13
CA ILE F 285 -1.92 -26.72 -9.43
C ILE F 285 -2.20 -27.26 -10.82
N TYR F 286 -3.38 -27.82 -11.03
CA TYR F 286 -3.71 -28.29 -12.37
C TYR F 286 -4.61 -27.31 -13.11
N LEU F 287 -4.74 -27.53 -14.39
CA LEU F 287 -5.51 -26.61 -15.19
C LEU F 287 -6.92 -27.13 -15.46
N SER F 288 -7.90 -26.23 -15.32
CA SER F 288 -9.28 -26.54 -15.70
C SER F 288 -9.71 -25.61 -16.81
N PHE F 289 -9.75 -26.11 -18.05
CA PHE F 289 -10.09 -25.26 -19.19
C PHE F 289 -11.61 -25.24 -19.40
N ASP F 290 -12.33 -24.70 -18.41
CA ASP F 290 -13.77 -24.88 -18.35
C ASP F 290 -14.65 -23.98 -19.26
N GLU F 291 -14.00 -23.19 -20.12
CA GLU F 291 -14.70 -22.56 -21.24
C GLU F 291 -13.80 -22.46 -22.48
N TRP F 292 -14.06 -23.30 -23.48
CA TRP F 292 -13.43 -23.13 -24.79
C TRP F 292 -14.40 -23.44 -25.93
N ASN F 293 -14.22 -22.71 -27.04
CA ASN F 293 -14.96 -22.92 -28.28
C ASN F 293 -14.63 -21.90 -29.35
N VAL F 294 -15.31 -22.05 -30.48
CA VAL F 294 -15.43 -20.98 -31.45
C VAL F 294 -16.70 -20.20 -31.08
N TRP F 295 -16.65 -18.87 -31.16
CA TRP F 295 -17.78 -18.01 -30.81
C TRP F 295 -17.70 -16.62 -31.45
N TYR F 296 -18.59 -16.33 -32.39
CA TYR F 296 -18.64 -15.02 -33.05
C TYR F 296 -19.88 -14.79 -33.93
N HIS F 297 -20.42 -15.87 -34.48
CA HIS F 297 -21.50 -15.80 -35.48
C HIS F 297 -22.77 -15.06 -35.00
N SER F 298 -23.22 -15.37 -33.79
CA SER F 298 -24.48 -14.83 -33.27
C SER F 298 -24.35 -13.45 -32.61
N ASN F 299 -23.17 -12.85 -32.72
CA ASN F 299 -22.84 -11.60 -32.03
C ASN F 299 -23.86 -10.50 -32.30
N ASN F 300 -23.82 -9.96 -33.53
CA ASN F 300 -24.80 -9.00 -34.00
C ASN F 300 -26.22 -9.31 -33.56
N GLU F 301 -26.69 -10.52 -33.86
CA GLU F 301 -28.01 -10.92 -33.41
C GLU F 301 -28.22 -10.82 -31.89
N ASP F 302 -27.29 -11.36 -31.10
CA ASP F 302 -27.44 -11.33 -29.64
C ASP F 302 -27.57 -9.90 -29.13
N ALA F 303 -26.86 -8.98 -29.79
CA ALA F 303 -26.87 -7.58 -29.42
C ALA F 303 -28.28 -7.01 -29.49
N ASN F 304 -28.95 -7.28 -30.61
CA ASN F 304 -30.31 -6.78 -30.84
C ASN F 304 -31.23 -7.13 -29.69
N ILE F 305 -31.23 -8.39 -29.29
CA ILE F 305 -32.19 -8.91 -28.31
C ILE F 305 -32.14 -8.18 -26.95
N MET F 306 -31.24 -7.19 -26.83
CA MET F 306 -31.09 -6.33 -25.65
C MET F 306 -30.24 -5.08 -25.99
N GLN F 307 -30.85 -3.90 -26.08
CA GLN F 307 -32.27 -3.67 -25.83
C GLN F 307 -33.13 -3.78 -27.09
N ASN F 308 -34.27 -4.44 -26.88
CA ASN F 308 -35.25 -4.73 -27.91
C ASN F 308 -36.28 -5.49 -27.12
N GLU F 309 -35.91 -6.71 -26.73
CA GLU F 309 -36.83 -7.60 -26.03
C GLU F 309 -36.22 -8.20 -24.76
N PRO F 310 -36.01 -7.35 -23.74
CA PRO F 310 -35.47 -7.89 -22.49
C PRO F 310 -36.56 -8.64 -21.71
N TRP F 311 -36.12 -9.51 -20.83
CA TRP F 311 -36.99 -10.20 -19.89
C TRP F 311 -37.93 -11.20 -20.56
N ARG F 312 -37.42 -11.87 -21.58
CA ARG F 312 -38.11 -13.00 -22.16
C ARG F 312 -37.65 -14.20 -21.39
N ILE F 313 -38.45 -15.26 -21.37
CA ILE F 313 -37.96 -16.58 -20.99
C ILE F 313 -37.36 -17.24 -22.23
N ALA F 314 -36.12 -17.69 -22.12
CA ALA F 314 -35.47 -18.46 -23.18
C ALA F 314 -35.29 -17.77 -24.52
N PRO F 315 -34.74 -16.57 -24.53
CA PRO F 315 -34.48 -15.97 -25.85
C PRO F 315 -33.42 -16.75 -26.63
N PRO F 316 -33.51 -16.74 -27.97
CA PRO F 316 -32.50 -17.46 -28.75
C PRO F 316 -31.15 -16.75 -28.69
N LEU F 317 -30.41 -16.97 -27.61
CA LEU F 317 -29.09 -16.35 -27.44
C LEU F 317 -27.92 -17.24 -27.88
N LEU F 318 -26.88 -16.60 -28.42
CA LEU F 318 -25.62 -17.28 -28.74
C LEU F 318 -25.77 -18.46 -29.70
N GLU F 319 -26.77 -18.38 -30.58
CA GLU F 319 -27.05 -19.50 -31.46
C GLU F 319 -26.13 -19.46 -32.68
N ASP F 320 -24.84 -19.53 -32.43
CA ASP F 320 -23.84 -19.66 -33.49
C ASP F 320 -24.13 -20.90 -34.35
N ILE F 321 -24.15 -20.71 -35.66
CA ILE F 321 -24.27 -21.82 -36.59
C ILE F 321 -22.91 -22.09 -37.21
N TYR F 322 -22.33 -23.25 -36.90
CA TYR F 322 -20.95 -23.49 -37.24
C TYR F 322 -20.69 -23.94 -38.67
N THR F 323 -19.68 -23.30 -39.26
CA THR F 323 -19.14 -23.67 -40.56
C THR F 323 -18.20 -24.86 -40.44
N PHE F 324 -17.52 -25.19 -41.53
CA PHE F 324 -16.60 -26.33 -41.55
C PHE F 324 -15.25 -25.91 -40.99
N GLU F 325 -14.82 -24.72 -41.36
CA GLU F 325 -13.57 -24.16 -40.87
C GLU F 325 -13.59 -24.08 -39.33
N ASP F 326 -14.75 -23.75 -38.76
CA ASP F 326 -14.94 -23.76 -37.32
C ASP F 326 -14.54 -25.13 -36.76
N ALA F 327 -15.04 -26.20 -37.38
CA ALA F 327 -14.81 -27.53 -36.85
C ALA F 327 -13.34 -27.94 -36.97
N LEU F 328 -12.61 -27.31 -37.88
CA LEU F 328 -11.19 -27.55 -38.00
C LEU F 328 -10.47 -26.94 -36.80
N LEU F 329 -10.87 -25.71 -36.43
CA LEU F 329 -10.22 -25.02 -35.33
C LEU F 329 -10.54 -25.73 -34.02
N VAL F 330 -11.78 -26.19 -33.92
CA VAL F 330 -12.21 -26.95 -32.77
C VAL F 330 -11.35 -28.18 -32.63
N GLY F 331 -11.05 -28.83 -33.75
CA GLY F 331 -10.26 -30.05 -33.74
C GLY F 331 -8.79 -29.78 -33.49
N LEU F 332 -8.31 -28.62 -33.97
CA LEU F 332 -6.97 -28.16 -33.68
C LEU F 332 -6.85 -27.83 -32.19
N MET F 333 -7.94 -27.33 -31.61
CA MET F 333 -7.94 -26.96 -30.20
C MET F 333 -7.86 -28.21 -29.31
N LEU F 334 -8.61 -29.25 -29.67
CA LEU F 334 -8.54 -30.51 -28.93
C LEU F 334 -7.11 -31.08 -28.95
N ILE F 335 -6.54 -31.18 -30.15
CA ILE F 335 -5.19 -31.68 -30.28
C ILE F 335 -4.25 -30.92 -29.34
N THR F 336 -4.43 -29.61 -29.25
CA THR F 336 -3.64 -28.77 -28.35
C THR F 336 -3.92 -29.09 -26.88
N LEU F 337 -5.19 -29.34 -26.55
CA LEU F 337 -5.52 -29.72 -25.18
C LEU F 337 -4.86 -31.05 -24.85
N MET F 338 -4.93 -31.98 -25.79
CA MET F 338 -4.35 -33.31 -25.62
C MET F 338 -2.84 -33.21 -25.41
N LYS F 339 -2.21 -32.29 -26.13
CA LYS F 339 -0.79 -32.03 -26.01
C LYS F 339 -0.35 -31.57 -24.61
N HIS F 340 -1.29 -31.09 -23.80
CA HIS F 340 -0.98 -30.56 -22.46
C HIS F 340 -1.76 -31.29 -21.39
N ALA F 341 -2.04 -32.56 -21.64
CA ALA F 341 -2.77 -33.40 -20.70
C ALA F 341 -1.99 -33.61 -19.40
N ASP F 342 -0.72 -33.20 -19.38
CA ASP F 342 0.05 -33.32 -18.15
C ASP F 342 -0.42 -32.31 -17.09
N ARG F 343 -0.84 -31.11 -17.51
CA ARG F 343 -1.40 -30.11 -16.59
C ARG F 343 -2.91 -29.88 -16.72
N ILE F 344 -3.46 -30.05 -17.92
CA ILE F 344 -4.88 -29.85 -18.12
C ILE F 344 -5.67 -31.13 -17.84
N LYS F 345 -6.43 -31.13 -16.75
CA LYS F 345 -7.07 -32.34 -16.26
C LYS F 345 -8.57 -32.26 -16.43
N ILE F 346 -9.08 -31.04 -16.60
CA ILE F 346 -10.51 -30.81 -16.80
C ILE F 346 -10.71 -29.76 -17.88
N ALA F 347 -11.61 -30.05 -18.82
CA ALA F 347 -11.91 -29.08 -19.88
C ALA F 347 -13.38 -29.13 -20.31
N CYS F 348 -13.94 -27.96 -20.59
CA CYS F 348 -15.36 -27.85 -20.95
C CYS F 348 -15.57 -27.11 -22.26
N LEU F 349 -16.05 -27.84 -23.26
CA LEU F 349 -16.51 -27.22 -24.50
C LEU F 349 -17.70 -26.37 -24.13
N ALA F 350 -17.63 -25.07 -24.44
CA ALA F 350 -18.72 -24.16 -24.09
C ALA F 350 -19.50 -23.79 -25.34
N GLN F 351 -20.76 -24.24 -25.45
CA GLN F 351 -21.44 -25.07 -24.45
C GLN F 351 -22.08 -26.28 -25.14
N LEU F 352 -22.90 -27.01 -24.40
CA LEU F 352 -23.42 -28.31 -24.82
C LEU F 352 -24.66 -28.26 -25.74
N ILE F 353 -25.62 -27.40 -25.39
CA ILE F 353 -26.91 -27.36 -26.04
C ILE F 353 -27.31 -25.94 -26.47
N ASN F 354 -27.60 -25.80 -27.77
CA ASN F 354 -28.01 -24.55 -28.39
C ASN F 354 -27.07 -23.38 -28.28
N VAL F 355 -26.53 -23.18 -27.09
CA VAL F 355 -25.68 -22.04 -26.82
C VAL F 355 -24.25 -22.39 -27.24
N ILE F 356 -23.76 -21.70 -28.27
CA ILE F 356 -22.50 -22.05 -28.93
C ILE F 356 -22.19 -23.56 -28.84
N ALA F 357 -23.14 -24.34 -29.35
CA ALA F 357 -23.19 -25.76 -29.04
C ALA F 357 -22.98 -26.62 -30.28
N PRO F 358 -22.63 -27.90 -30.08
CA PRO F 358 -22.54 -28.83 -31.20
C PRO F 358 -23.87 -29.56 -31.42
N ILE F 359 -24.83 -29.37 -30.51
CA ILE F 359 -26.15 -29.95 -30.59
C ILE F 359 -27.19 -28.83 -30.56
N VAL F 360 -28.08 -28.80 -31.54
CA VAL F 360 -29.09 -27.75 -31.65
C VAL F 360 -30.49 -28.33 -31.71
N THR F 361 -31.47 -27.65 -31.13
CA THR F 361 -32.88 -27.94 -31.41
C THR F 361 -33.52 -26.69 -31.99
N GLU F 362 -34.47 -26.86 -32.90
CA GLU F 362 -34.80 -25.78 -33.85
C GLU F 362 -35.37 -24.46 -33.31
N ARG F 363 -36.41 -24.57 -32.49
CA ARG F 363 -37.14 -23.42 -31.90
C ARG F 363 -38.58 -23.86 -31.74
N ASN F 364 -39.11 -23.73 -30.53
CA ASN F 364 -40.51 -24.05 -30.27
C ASN F 364 -40.85 -25.48 -30.68
N GLY F 365 -40.20 -26.44 -30.04
CA GLY F 365 -40.49 -27.84 -30.28
C GLY F 365 -39.41 -28.48 -31.12
N GLY F 366 -38.85 -27.70 -32.04
CA GLY F 366 -37.60 -28.03 -32.70
C GLY F 366 -37.45 -29.44 -33.23
N ALA F 367 -36.22 -29.86 -33.51
CA ALA F 367 -36.05 -31.18 -34.12
C ALA F 367 -34.74 -31.88 -33.76
N ALA F 368 -33.67 -31.09 -33.62
CA ALA F 368 -32.37 -31.60 -33.12
C ALA F 368 -31.39 -32.16 -34.16
N TRP F 369 -30.22 -31.52 -34.26
CA TRP F 369 -29.21 -31.91 -35.24
C TRP F 369 -27.75 -31.67 -34.79
N ARG F 370 -26.81 -32.36 -35.42
CA ARG F 370 -25.41 -32.26 -35.07
C ARG F 370 -24.71 -31.19 -35.91
N GLN F 371 -24.21 -30.14 -35.26
CA GLN F 371 -23.44 -29.09 -35.94
C GLN F 371 -22.10 -29.60 -36.41
N THR F 372 -21.40 -28.82 -37.23
CA THR F 372 -20.09 -29.27 -37.72
C THR F 372 -19.18 -29.63 -36.57
N ILE F 373 -19.10 -28.75 -35.57
CA ILE F 373 -18.18 -28.97 -34.46
C ILE F 373 -18.43 -30.27 -33.68
N PHE F 374 -19.65 -30.80 -33.74
CA PHE F 374 -19.99 -32.07 -33.08
C PHE F 374 -18.99 -33.22 -33.33
N TYR F 375 -18.44 -33.30 -34.55
CA TYR F 375 -17.66 -34.49 -34.92
C TYR F 375 -16.21 -34.61 -34.43
N PRO F 376 -15.37 -33.55 -34.62
CA PRO F 376 -14.00 -33.63 -34.07
C PRO F 376 -14.05 -33.92 -32.57
N PHE F 377 -15.01 -33.32 -31.89
CA PHE F 377 -15.19 -33.60 -30.47
C PHE F 377 -15.47 -35.08 -30.23
N MET F 378 -16.56 -35.56 -30.81
CA MET F 378 -16.99 -36.95 -30.65
C MET F 378 -15.86 -37.95 -30.86
N HIS F 379 -15.06 -37.74 -31.90
CA HIS F 379 -13.89 -38.55 -32.18
C HIS F 379 -12.93 -38.49 -30.98
N ALA F 380 -12.54 -37.27 -30.61
CA ALA F 380 -11.59 -37.06 -29.52
C ALA F 380 -12.05 -37.71 -28.23
N SER F 381 -13.32 -37.52 -27.89
CA SER F 381 -13.82 -38.11 -26.66
C SER F 381 -13.88 -39.65 -26.74
N LYS F 382 -14.07 -40.18 -27.95
CA LYS F 382 -14.30 -41.63 -28.13
C LYS F 382 -12.99 -42.40 -28.29
N TYR F 383 -12.17 -41.98 -29.24
CA TYR F 383 -10.91 -42.66 -29.50
C TYR F 383 -9.77 -41.97 -28.78
N GLY F 384 -10.06 -41.44 -27.59
CA GLY F 384 -9.14 -40.51 -26.95
C GLY F 384 -8.76 -40.80 -25.51
N ARG F 385 -9.39 -41.80 -24.91
CA ARG F 385 -8.97 -42.26 -23.60
C ARG F 385 -7.71 -43.11 -23.78
N GLY F 386 -6.68 -42.83 -23.00
CA GLY F 386 -5.44 -43.58 -23.05
C GLY F 386 -4.25 -42.81 -22.55
N ILE F 387 -3.17 -42.82 -23.32
CA ILE F 387 -1.94 -42.13 -22.95
C ILE F 387 -1.45 -41.29 -24.10
N VAL F 388 -1.36 -39.98 -23.87
CA VAL F 388 -0.79 -39.11 -24.88
C VAL F 388 0.68 -39.45 -25.02
N LEU F 389 1.12 -39.77 -26.22
CA LEU F 389 2.53 -40.00 -26.43
C LEU F 389 3.17 -38.70 -26.88
N GLN F 390 4.47 -38.57 -26.64
CA GLN F 390 5.18 -37.37 -27.05
C GLN F 390 5.11 -37.25 -28.57
N PRO F 391 4.62 -36.11 -29.05
CA PRO F 391 4.65 -35.88 -30.50
C PRO F 391 6.06 -35.50 -30.94
N VAL F 392 6.74 -36.41 -31.64
CA VAL F 392 8.00 -36.05 -32.26
C VAL F 392 7.75 -35.89 -33.74
N ILE F 393 7.73 -34.63 -34.19
CA ILE F 393 7.16 -34.32 -35.48
C ILE F 393 7.88 -33.16 -36.19
N ASN F 394 8.16 -33.35 -37.47
CA ASN F 394 8.69 -32.28 -38.30
C ASN F 394 7.78 -31.99 -39.48
N SER F 395 7.28 -30.76 -39.55
CA SER F 395 6.27 -30.41 -40.52
C SER F 395 6.72 -29.19 -41.29
N PRO F 396 6.30 -29.09 -42.55
CA PRO F 396 6.50 -27.85 -43.30
C PRO F 396 5.83 -26.75 -42.51
N LEU F 397 6.31 -25.52 -42.65
CA LEU F 397 5.67 -24.41 -41.97
C LEU F 397 4.99 -23.49 -42.97
N HIS F 398 4.47 -22.37 -42.48
CA HIS F 398 3.94 -21.31 -43.34
C HIS F 398 3.67 -20.04 -42.54
N ASP F 399 3.58 -18.92 -43.23
CA ASP F 399 3.13 -17.69 -42.61
C ASP F 399 1.64 -17.50 -42.87
N THR F 400 1.05 -16.60 -42.09
CA THR F 400 -0.31 -16.13 -42.36
C THR F 400 -0.28 -14.62 -42.16
N SER F 401 -1.44 -13.97 -42.23
CA SER F 401 -1.46 -12.51 -42.12
C SER F 401 -0.90 -12.04 -40.79
N LYS F 402 -1.25 -12.75 -39.71
CA LYS F 402 -0.90 -12.33 -38.35
C LYS F 402 -0.10 -13.36 -37.54
N HIS F 403 0.27 -14.47 -38.18
CA HIS F 403 1.07 -15.48 -37.50
C HIS F 403 2.31 -15.82 -38.29
N GLU F 404 3.30 -16.40 -37.62
CA GLU F 404 4.52 -16.79 -38.29
C GLU F 404 4.94 -18.21 -37.95
N ASP F 405 5.44 -18.91 -38.96
CA ASP F 405 6.01 -20.24 -38.79
C ASP F 405 5.00 -21.23 -38.24
N VAL F 406 3.73 -21.02 -38.59
CA VAL F 406 2.67 -21.98 -38.30
C VAL F 406 2.91 -23.32 -38.98
N THR F 407 2.89 -24.40 -38.21
CA THR F 407 3.01 -25.72 -38.81
C THR F 407 1.84 -25.98 -39.74
N ASP F 408 2.07 -26.61 -40.88
CA ASP F 408 0.98 -26.96 -41.76
C ASP F 408 0.21 -28.14 -41.17
N ILE F 409 0.94 -29.06 -40.55
CA ILE F 409 0.32 -30.20 -39.90
C ILE F 409 0.44 -30.08 -38.37
N GLU F 410 -0.58 -30.51 -37.66
CA GLU F 410 -0.56 -30.54 -36.20
C GLU F 410 -1.12 -31.88 -35.79
N SER F 411 -0.38 -32.63 -34.97
CA SER F 411 -0.77 -34.00 -34.68
C SER F 411 -0.40 -34.48 -33.27
N VAL F 412 -1.16 -35.45 -32.78
CA VAL F 412 -0.88 -36.14 -31.51
C VAL F 412 -1.36 -37.60 -31.57
N ALA F 413 -0.57 -38.51 -31.02
CA ALA F 413 -0.98 -39.90 -30.88
C ALA F 413 -1.31 -40.25 -29.44
N ILE F 414 -2.42 -40.94 -29.23
CA ILE F 414 -2.76 -41.42 -27.89
C ILE F 414 -3.04 -42.94 -27.91
N TYR F 415 -2.56 -43.63 -26.87
CA TYR F 415 -2.47 -45.09 -26.89
C TYR F 415 -3.24 -45.80 -25.78
N ASN F 416 -4.27 -46.56 -26.18
CA ASN F 416 -5.08 -47.34 -25.27
C ASN F 416 -4.56 -48.78 -25.15
N GLU F 417 -3.78 -49.03 -24.10
CA GLU F 417 -3.19 -50.34 -23.85
C GLU F 417 -4.23 -51.43 -23.61
N GLU F 418 -5.41 -51.04 -23.14
CA GLU F 418 -6.48 -51.99 -22.89
C GLU F 418 -7.29 -52.24 -24.18
N LYS F 419 -6.76 -51.77 -25.30
CA LYS F 419 -7.40 -51.97 -26.60
C LYS F 419 -6.35 -52.34 -27.66
N GLU F 420 -5.08 -52.24 -27.28
CA GLU F 420 -3.96 -52.40 -28.21
C GLU F 420 -4.08 -51.50 -29.44
N GLU F 421 -4.75 -50.35 -29.27
CA GLU F 421 -4.91 -49.37 -30.34
C GLU F 421 -4.05 -48.13 -30.08
N VAL F 422 -3.67 -47.43 -31.16
CA VAL F 422 -3.02 -46.13 -31.05
C VAL F 422 -3.64 -45.19 -32.05
N THR F 423 -4.53 -44.33 -31.59
CA THR F 423 -5.22 -43.41 -32.49
C THR F 423 -4.39 -42.15 -32.74
N ILE F 424 -4.43 -41.66 -33.97
CA ILE F 424 -3.75 -40.41 -34.29
C ILE F 424 -4.74 -39.34 -34.72
N PHE F 425 -4.66 -38.18 -34.07
CA PHE F 425 -5.49 -37.04 -34.43
C PHE F 425 -4.64 -36.04 -35.20
N ALA F 426 -4.98 -35.78 -36.46
CA ALA F 426 -4.19 -34.85 -37.25
C ALA F 426 -5.03 -33.86 -38.03
N VAL F 427 -4.59 -32.61 -38.03
CA VAL F 427 -5.25 -31.60 -38.85
C VAL F 427 -4.24 -31.01 -39.81
N ASN F 428 -4.61 -30.93 -41.08
CA ASN F 428 -3.83 -30.19 -42.06
C ASN F 428 -4.39 -28.77 -42.24
N ARG F 429 -3.80 -27.80 -41.54
CA ARG F 429 -4.25 -26.42 -41.64
C ARG F 429 -3.56 -25.69 -42.80
N ASN F 430 -2.91 -26.44 -43.66
CA ASN F 430 -2.61 -25.91 -44.99
C ASN F 430 -3.89 -26.02 -45.79
N ILE F 431 -4.42 -24.86 -46.12
CA ILE F 431 -5.74 -24.71 -46.68
C ILE F 431 -5.66 -24.87 -48.21
N HIS F 432 -4.43 -24.77 -48.73
CA HIS F 432 -4.18 -24.78 -50.17
C HIS F 432 -3.65 -26.12 -50.73
N GLU F 433 -2.75 -26.76 -49.99
CA GLU F 433 -2.06 -27.97 -50.47
C GLU F 433 -2.38 -29.21 -49.66
N ASP F 434 -2.47 -30.36 -50.33
CA ASP F 434 -2.52 -31.64 -49.64
C ASP F 434 -1.12 -31.99 -49.16
N ILE F 435 -1.03 -32.70 -48.04
CA ILE F 435 0.26 -33.11 -47.49
C ILE F 435 0.20 -34.57 -47.04
N VAL F 436 1.30 -35.28 -47.22
CA VAL F 436 1.40 -36.67 -46.81
C VAL F 436 2.02 -36.79 -45.42
N LEU F 437 1.41 -37.63 -44.58
CA LEU F 437 1.93 -37.84 -43.24
C LEU F 437 2.55 -39.23 -43.07
N VAL F 438 3.86 -39.24 -42.96
CA VAL F 438 4.61 -40.47 -42.77
C VAL F 438 4.95 -40.63 -41.30
N SER F 439 4.47 -41.71 -40.71
CA SER F 439 4.52 -41.89 -39.26
C SER F 439 5.38 -43.07 -38.83
N ASP F 440 6.66 -42.79 -38.55
CA ASP F 440 7.57 -43.82 -38.04
C ASP F 440 7.12 -44.31 -36.66
N VAL F 441 6.30 -45.35 -36.62
CA VAL F 441 5.92 -45.97 -35.36
C VAL F 441 6.99 -46.98 -34.92
N ARG F 442 7.82 -46.58 -33.95
CA ARG F 442 8.82 -47.46 -33.36
C ARG F 442 8.16 -48.23 -32.22
N GLY F 443 7.06 -48.90 -32.54
CA GLY F 443 6.20 -49.53 -31.56
C GLY F 443 6.45 -51.02 -31.33
N MET F 444 5.90 -51.93 -32.14
CA MET F 444 5.08 -51.70 -33.36
C MET F 444 5.79 -50.91 -34.48
N ARG F 448 -0.67 -52.73 -37.23
CA ARG F 448 -1.71 -53.13 -38.16
C ARG F 448 -2.83 -52.07 -38.33
N LEU F 449 -2.90 -51.46 -39.51
CA LEU F 449 -3.95 -50.45 -39.83
C LEU F 449 -5.39 -50.92 -39.55
N LEU F 450 -6.25 -50.02 -39.09
CA LEU F 450 -7.62 -50.36 -38.70
C LEU F 450 -8.66 -49.51 -39.43
N GLU F 451 -8.40 -48.21 -39.53
CA GLU F 451 -9.17 -47.28 -40.38
C GLU F 451 -8.54 -45.89 -40.47
N HIS F 452 -9.26 -44.97 -41.09
CA HIS F 452 -8.79 -43.59 -41.22
C HIS F 452 -10.02 -42.71 -41.46
N ILE F 453 -10.75 -42.42 -40.38
CA ILE F 453 -11.88 -41.50 -40.46
C ILE F 453 -11.39 -40.13 -40.86
N VAL F 454 -12.16 -39.47 -41.73
CA VAL F 454 -11.76 -38.17 -42.23
C VAL F 454 -12.93 -37.22 -42.01
N LEU F 455 -12.63 -35.92 -42.05
CA LEU F 455 -13.68 -34.90 -42.02
C LEU F 455 -13.25 -33.77 -42.95
N GLU F 456 -13.82 -33.76 -44.15
CA GLU F 456 -13.40 -32.81 -45.17
C GLU F 456 -14.59 -32.24 -45.95
N HIS F 457 -14.29 -31.17 -46.67
CA HIS F 457 -15.28 -30.53 -47.54
C HIS F 457 -14.59 -29.45 -48.38
N GLN F 458 -15.10 -29.24 -49.59
CA GLN F 458 -14.51 -28.28 -50.52
C GLN F 458 -14.86 -26.86 -50.12
N ASP F 459 -16.07 -26.69 -49.57
CA ASP F 459 -16.54 -25.38 -49.13
C ASP F 459 -16.21 -25.14 -47.65
N LEU F 460 -15.43 -24.10 -47.40
CA LEU F 460 -14.96 -23.83 -46.04
C LEU F 460 -16.01 -23.15 -45.19
N LYS F 461 -17.07 -22.64 -45.82
CA LYS F 461 -18.11 -21.89 -45.11
C LYS F 461 -19.38 -22.71 -44.93
N ILE F 462 -19.39 -23.91 -45.47
CA ILE F 462 -20.61 -24.72 -45.44
C ILE F 462 -20.96 -25.07 -44.00
N ARG F 463 -22.26 -25.12 -43.72
CA ARG F 463 -22.79 -25.35 -42.38
C ARG F 463 -23.68 -26.58 -42.38
N ASN F 464 -24.15 -26.95 -41.20
CA ASN F 464 -25.14 -28.01 -41.06
C ASN F 464 -26.48 -27.34 -40.80
N SER F 465 -27.53 -28.16 -40.76
CA SER F 465 -28.89 -27.69 -40.56
C SER F 465 -29.76 -28.84 -40.14
N VAL F 466 -31.01 -28.54 -39.81
CA VAL F 466 -31.99 -29.57 -39.48
C VAL F 466 -32.35 -30.38 -40.76
N ASN F 467 -32.04 -29.80 -41.93
CA ASN F 467 -32.33 -30.41 -43.25
C ASN F 467 -31.32 -31.48 -43.64
N GLY F 468 -30.29 -31.63 -42.82
CA GLY F 468 -29.25 -32.62 -43.07
C GLY F 468 -27.84 -32.10 -42.87
N GLU F 469 -26.89 -33.02 -42.71
CA GLU F 469 -25.52 -32.68 -42.36
C GLU F 469 -24.59 -32.62 -43.57
N GLU F 470 -24.22 -31.42 -43.99
CA GLU F 470 -23.23 -31.26 -45.07
C GLU F 470 -21.81 -31.67 -44.68
N VAL F 471 -21.56 -31.77 -43.38
CA VAL F 471 -20.26 -32.20 -42.84
C VAL F 471 -20.48 -33.36 -41.88
N TYR F 472 -19.80 -34.46 -42.13
CA TYR F 472 -20.02 -35.68 -41.35
C TYR F 472 -18.84 -36.60 -41.61
N PRO F 473 -18.53 -37.48 -40.64
CA PRO F 473 -17.39 -38.38 -40.84
C PRO F 473 -17.63 -39.30 -42.04
N LYS F 474 -16.78 -39.16 -43.05
CA LYS F 474 -16.74 -40.08 -44.19
C LYS F 474 -15.61 -41.06 -43.92
N ASN F 475 -15.91 -42.35 -44.07
CA ASN F 475 -14.97 -43.42 -43.73
C ASN F 475 -13.82 -43.53 -44.72
N SER F 476 -13.56 -42.44 -45.43
CA SER F 476 -12.63 -42.39 -46.56
C SER F 476 -11.21 -42.82 -46.25
N ASP F 477 -10.36 -42.69 -47.27
CA ASP F 477 -8.92 -42.93 -47.18
C ASP F 477 -8.52 -44.41 -47.20
N LYS F 478 -7.43 -44.81 -47.88
CA LYS F 478 -6.39 -43.94 -48.49
C LYS F 478 -5.61 -43.07 -47.48
N PHE F 481 -0.24 -48.53 -43.91
CA PHE F 481 0.60 -49.25 -42.95
C PHE F 481 1.16 -50.54 -43.56
N ASP F 482 2.43 -50.81 -43.32
CA ASP F 482 3.10 -51.99 -43.88
C ASP F 482 4.05 -52.68 -42.89
N ASP F 483 5.28 -52.16 -42.78
CA ASP F 483 6.26 -52.68 -41.83
C ASP F 483 6.09 -51.97 -40.49
N GLY F 484 6.97 -51.01 -40.23
CA GLY F 484 6.84 -50.16 -39.07
C GLY F 484 6.61 -48.73 -39.49
N ILE F 485 6.11 -48.55 -40.72
CA ILE F 485 5.85 -47.22 -41.26
C ILE F 485 4.41 -47.05 -41.79
N LEU F 486 3.69 -46.08 -41.23
CA LEU F 486 2.32 -45.79 -41.64
C LEU F 486 2.27 -44.63 -42.62
N THR F 487 1.53 -44.82 -43.71
CA THR F 487 1.43 -43.78 -44.72
C THR F 487 0.00 -43.25 -44.83
N SER F 488 -0.13 -41.92 -44.85
CA SER F 488 -1.45 -41.29 -44.85
C SER F 488 -1.52 -40.01 -45.67
N MET F 489 -2.44 -39.99 -46.63
CA MET F 489 -2.74 -38.76 -47.36
C MET F 489 -3.55 -37.85 -46.45
N LEU F 490 -3.01 -36.69 -46.11
CA LEU F 490 -3.78 -35.71 -45.37
C LEU F 490 -4.20 -34.57 -46.31
N ARG F 491 -5.49 -34.51 -46.58
CA ARG F 491 -6.05 -33.50 -47.47
C ARG F 491 -5.84 -32.09 -46.92
N ARG F 492 -5.72 -31.10 -47.81
CA ARG F 492 -5.77 -29.69 -47.42
C ARG F 492 -7.07 -29.42 -46.66
N ALA F 493 -6.98 -28.61 -45.61
CA ALA F 493 -8.12 -28.28 -44.75
C ALA F 493 -8.93 -29.50 -44.25
N SER F 494 -8.28 -30.41 -43.53
CA SER F 494 -8.96 -31.61 -43.08
C SER F 494 -8.69 -31.99 -41.63
N TRP F 495 -9.58 -32.81 -41.08
CA TRP F 495 -9.44 -33.39 -39.77
C TRP F 495 -9.34 -34.89 -39.97
N ASN F 496 -8.25 -35.50 -39.47
CA ASN F 496 -8.05 -36.92 -39.69
C ASN F 496 -7.85 -37.71 -38.42
N VAL F 497 -8.52 -38.85 -38.36
CA VAL F 497 -8.39 -39.78 -37.25
C VAL F 497 -7.90 -41.12 -37.80
N ILE F 498 -6.69 -41.50 -37.41
CA ILE F 498 -6.03 -42.67 -37.97
C ILE F 498 -5.76 -43.71 -36.87
N ARG F 499 -6.39 -44.87 -36.96
CA ARG F 499 -6.27 -45.90 -35.92
C ARG F 499 -5.34 -47.07 -36.28
N ILE F 500 -5.18 -48.02 -35.35
CA ILE F 500 -4.10 -49.01 -35.41
C ILE F 500 -4.32 -50.21 -34.46
N GLY F 501 -3.92 -51.41 -34.88
CA GLY F 501 -4.04 -52.61 -34.05
C GLY F 501 -2.83 -53.52 -34.11
C1 DIO G . -10.49 -23.28 23.40
C2 DIO G . -10.75 -25.40 22.60
C1' DIO G . -9.44 -23.14 22.29
C2' DIO G . -10.93 -24.55 21.35
O1 DIO G . -10.84 -24.61 23.76
O1' DIO G . -9.71 -23.87 21.11
C1 DIO H . -28.27 15.06 9.09
C2 DIO H . -29.54 13.21 8.36
C1' DIO H . -29.68 15.61 9.29
C2' DIO H . -30.54 14.22 7.76
O1 DIO H . -28.23 13.75 8.53
O1' DIO H . -30.39 15.60 8.07
C1 DIO I . 16.61 20.80 17.64
C2 DIO I . 18.37 22.29 17.08
C1' DIO I . 16.13 21.93 18.57
C2' DIO I . 18.00 23.12 18.32
O1 DIO I . 17.92 20.94 17.09
O1' DIO I . 17.22 22.46 19.30
C1 DIO J . -19.69 -16.98 -19.52
C2 DIO J . -21.43 -17.54 -21.00
C1' DIO J . -19.23 -16.18 -20.72
C2' DIO J . -20.30 -17.88 -21.98
O1 DIO J . -21.07 -17.34 -19.62
O1' DIO J . -19.15 -17.06 -21.84
#